data_1JZU
#
_entry.id   1JZU
#
_cell.length_a   ?
_cell.length_b   ?
_cell.length_c   ?
_cell.angle_alpha   ?
_cell.angle_beta   ?
_cell.angle_gamma   ?
#
_entity_poly.entity_id   1
_entity_poly.type   'polypeptide(L)'
_entity_poly.pdbx_seq_one_letter_code
;MTVPDRSEIAGKWYVVALASNTEFFLREKDKMKMAMARISFLGEDELKVSYAVPKPNGCRKWETTFKKTSDDGEVYYSEE
AKKKVEVLDTDYKSYAVIYATRVKDGRTLHMMRLYSRSPEVSPAATAIFRKLAGERNYTDEMVAMLPRQEECTVDEV
;
_entity_poly.pdbx_strand_id   A
#
# COMPACT_ATOMS: atom_id res chain seq x y z
N MET A 1 -8.93 20.17 1.98
CA MET A 1 -10.12 20.65 1.20
C MET A 1 -10.08 22.17 1.04
N THR A 2 -10.35 22.63 -0.18
CA THR A 2 -10.35 24.06 -0.48
C THR A 2 -10.73 24.31 -1.93
N VAL A 3 -10.15 23.53 -2.84
CA VAL A 3 -10.44 23.67 -4.26
C VAL A 3 -10.12 22.38 -5.01
N PRO A 4 -11.00 21.96 -5.95
CA PRO A 4 -10.80 20.74 -6.73
C PRO A 4 -9.48 20.74 -7.48
N ASP A 5 -8.85 19.57 -7.56
CA ASP A 5 -7.58 19.45 -8.26
C ASP A 5 -7.14 17.98 -8.34
N ARG A 6 -6.89 17.52 -9.57
CA ARG A 6 -6.47 16.15 -9.79
C ARG A 6 -5.09 15.90 -9.17
N SER A 7 -4.25 16.93 -9.20
CA SER A 7 -2.91 16.84 -8.64
C SER A 7 -2.94 16.28 -7.22
N GLU A 8 -3.99 16.62 -6.46
CA GLU A 8 -4.12 16.15 -5.10
C GLU A 8 -3.72 14.68 -4.97
N ILE A 9 -4.21 13.86 -5.90
CA ILE A 9 -3.89 12.44 -5.90
C ILE A 9 -2.51 12.21 -6.51
N ALA A 10 -2.21 12.92 -7.59
CA ALA A 10 -0.92 12.80 -8.27
C ALA A 10 0.20 13.34 -7.41
N GLY A 11 1.28 12.56 -7.25
CA GLY A 11 2.40 13.00 -6.46
C GLY A 11 3.29 11.87 -5.99
N LYS A 12 3.85 12.02 -4.78
CA LYS A 12 4.73 11.00 -4.23
C LYS A 12 4.02 10.19 -3.15
N TRP A 13 4.09 8.87 -3.28
CA TRP A 13 3.46 7.95 -2.33
C TRP A 13 4.53 7.12 -1.62
N TYR A 14 4.50 7.07 -0.29
CA TYR A 14 5.47 6.30 0.46
C TYR A 14 4.83 5.09 1.14
N VAL A 15 5.18 3.90 0.68
CA VAL A 15 4.65 2.68 1.27
C VAL A 15 5.53 2.18 2.42
N VAL A 16 4.94 2.17 3.61
CA VAL A 16 5.64 1.76 4.83
C VAL A 16 4.75 0.84 5.68
N ALA A 17 3.47 1.21 5.78
CA ALA A 17 2.52 0.41 6.55
C ALA A 17 1.93 -0.71 5.69
N LEU A 18 1.73 -1.88 6.29
CA LEU A 18 1.19 -3.01 5.55
C LEU A 18 0.41 -3.93 6.51
N ALA A 19 -0.63 -4.59 6.00
CA ALA A 19 -1.43 -5.50 6.82
C ALA A 19 -1.89 -6.69 5.98
N SER A 20 -1.61 -7.91 6.44
CA SER A 20 -1.98 -9.08 5.62
C SER A 20 -2.35 -10.32 6.42
N ASN A 21 -2.78 -11.33 5.67
CA ASN A 21 -3.14 -12.63 6.22
C ASN A 21 -2.83 -13.69 5.17
N THR A 22 -1.91 -14.59 5.49
CA THR A 22 -1.51 -15.64 4.57
C THR A 22 -0.71 -16.73 5.27
N GLU A 23 -0.97 -17.98 4.91
CA GLU A 23 -0.25 -19.11 5.50
C GLU A 23 1.24 -18.97 5.23
N PHE A 24 1.58 -18.41 4.07
CA PHE A 24 2.97 -18.20 3.69
C PHE A 24 3.53 -16.91 4.31
N PHE A 25 2.82 -16.36 5.28
CA PHE A 25 3.24 -15.12 5.93
C PHE A 25 4.68 -15.24 6.45
N LEU A 26 5.01 -16.42 6.95
CA LEU A 26 6.35 -16.67 7.47
C LEU A 26 7.41 -16.45 6.38
N ARG A 27 7.15 -17.01 5.20
CA ARG A 27 8.07 -16.89 4.08
C ARG A 27 8.15 -15.44 3.60
N GLU A 28 7.05 -14.71 3.75
CA GLU A 28 6.98 -13.32 3.32
C GLU A 28 7.80 -12.37 4.21
N LYS A 29 8.52 -12.91 5.18
CA LYS A 29 9.32 -12.07 6.08
C LYS A 29 10.58 -11.57 5.36
N ASP A 30 11.20 -12.45 4.59
CA ASP A 30 12.41 -12.10 3.85
C ASP A 30 12.13 -11.04 2.79
N LYS A 31 11.06 -11.23 2.03
CA LYS A 31 10.69 -10.30 0.95
C LYS A 31 10.51 -8.88 1.48
N MET A 32 10.21 -8.75 2.78
CA MET A 32 9.99 -7.44 3.38
C MET A 32 11.16 -6.49 3.10
N LYS A 33 10.81 -5.26 2.71
CA LYS A 33 11.81 -4.23 2.41
C LYS A 33 11.14 -2.85 2.43
N MET A 34 11.94 -1.79 2.49
CA MET A 34 11.39 -0.44 2.49
C MET A 34 10.70 -0.21 1.15
N ALA A 35 9.61 0.58 1.12
CA ALA A 35 8.92 0.78 -0.14
C ALA A 35 8.55 2.24 -0.38
N MET A 36 8.80 2.67 -1.60
CA MET A 36 8.48 4.02 -2.04
C MET A 36 7.59 3.92 -3.28
N ALA A 37 6.78 4.94 -3.54
CA ALA A 37 5.90 4.89 -4.70
C ALA A 37 5.51 6.27 -5.22
N ARG A 38 5.09 6.30 -6.48
CA ARG A 38 4.68 7.54 -7.13
C ARG A 38 3.45 7.28 -8.00
N ILE A 39 2.39 8.05 -7.81
CA ILE A 39 1.17 7.87 -8.58
C ILE A 39 1.06 8.89 -9.72
N SER A 40 0.56 8.42 -10.86
CA SER A 40 0.39 9.27 -12.04
C SER A 40 -0.66 8.67 -12.98
N PHE A 41 -1.51 9.53 -13.55
CA PHE A 41 -2.57 9.08 -14.45
C PHE A 41 -2.04 8.84 -15.87
N LEU A 42 -2.18 7.60 -16.35
CA LEU A 42 -1.74 7.25 -17.69
C LEU A 42 -2.76 7.70 -18.73
N GLY A 43 -2.33 8.56 -19.64
CA GLY A 43 -3.23 9.08 -20.67
C GLY A 43 -3.68 8.05 -21.69
N GLU A 44 -4.32 6.99 -21.21
CA GLU A 44 -4.82 5.93 -22.08
C GLU A 44 -5.90 5.13 -21.37
N ASP A 45 -6.70 5.81 -20.58
CA ASP A 45 -7.78 5.17 -19.82
C ASP A 45 -7.20 4.25 -18.76
N GLU A 46 -6.06 4.65 -18.18
CA GLU A 46 -5.42 3.85 -17.14
C GLU A 46 -4.62 4.72 -16.18
N LEU A 47 -4.65 4.34 -14.91
CA LEU A 47 -3.92 5.06 -13.88
C LEU A 47 -2.85 4.14 -13.30
N LYS A 48 -1.62 4.63 -13.15
CA LYS A 48 -0.53 3.79 -12.66
C LYS A 48 0.23 4.43 -11.50
N VAL A 49 0.80 3.57 -10.66
CA VAL A 49 1.60 4.01 -9.53
C VAL A 49 2.83 3.12 -9.41
N SER A 50 4.00 3.72 -9.61
CA SER A 50 5.26 2.99 -9.54
C SER A 50 5.78 2.99 -8.11
N TYR A 51 6.34 1.87 -7.68
CA TYR A 51 6.88 1.78 -6.34
C TYR A 51 8.27 1.17 -6.34
N ALA A 52 9.21 1.87 -5.72
CA ALA A 52 10.60 1.41 -5.66
C ALA A 52 10.96 0.97 -4.24
N VAL A 53 11.08 -0.34 -4.06
CA VAL A 53 11.44 -0.88 -2.75
C VAL A 53 12.95 -1.07 -2.61
N PRO A 54 13.61 -0.25 -1.77
CA PRO A 54 15.04 -0.31 -1.52
C PRO A 54 15.40 -1.15 -0.29
N LYS A 55 16.59 -1.74 -0.34
CA LYS A 55 17.10 -2.58 0.74
C LYS A 55 18.48 -3.13 0.38
N PRO A 56 19.42 -2.24 0.02
CA PRO A 56 20.79 -2.65 -0.36
C PRO A 56 21.50 -3.41 0.74
N ASN A 57 21.43 -2.90 1.96
CA ASN A 57 22.07 -3.55 3.10
C ASN A 57 21.25 -4.75 3.56
N GLY A 58 20.91 -5.63 2.62
CA GLY A 58 20.12 -6.81 2.95
C GLY A 58 19.81 -7.66 1.73
N CYS A 59 19.42 -7.00 0.64
CA CYS A 59 19.08 -7.72 -0.59
C CYS A 59 19.34 -6.87 -1.82
N ARG A 60 18.52 -5.84 -2.02
CA ARG A 60 18.66 -4.95 -3.18
C ARG A 60 17.52 -3.94 -3.23
N LYS A 61 16.93 -3.73 -4.41
CA LYS A 61 15.83 -2.80 -4.57
C LYS A 61 14.98 -3.20 -5.77
N TRP A 62 13.66 -3.02 -5.67
CA TRP A 62 12.78 -3.40 -6.78
C TRP A 62 11.79 -2.30 -7.14
N GLU A 63 11.46 -2.25 -8.43
CA GLU A 63 10.51 -1.26 -8.92
C GLU A 63 9.49 -1.92 -9.85
N THR A 64 8.24 -1.51 -9.74
CA THR A 64 7.17 -2.08 -10.56
C THR A 64 6.02 -1.10 -10.74
N THR A 65 5.52 -1.02 -11.96
CA THR A 65 4.42 -0.12 -12.28
C THR A 65 3.10 -0.87 -12.40
N PHE A 66 2.18 -0.61 -11.49
CA PHE A 66 0.86 -1.23 -11.52
C PHE A 66 -0.16 -0.23 -12.03
N LYS A 67 -1.05 -0.66 -12.92
CA LYS A 67 -2.05 0.24 -13.48
C LYS A 67 -3.27 -0.50 -14.03
N LYS A 68 -4.38 0.24 -14.12
CA LYS A 68 -5.63 -0.32 -14.63
C LYS A 68 -6.74 0.75 -14.60
N THR A 69 -7.78 0.57 -13.77
CA THR A 69 -8.86 1.55 -13.69
C THR A 69 -8.98 2.13 -12.28
N SER A 70 -9.67 3.28 -12.15
CA SER A 70 -9.83 3.94 -10.85
C SER A 70 -11.22 4.55 -10.70
N ASP A 71 -11.74 4.52 -9.46
CA ASP A 71 -13.07 5.05 -9.16
C ASP A 71 -13.01 6.53 -8.76
N ASP A 72 -14.13 7.23 -8.91
CA ASP A 72 -14.21 8.65 -8.56
C ASP A 72 -14.43 8.85 -7.07
N GLY A 73 -14.82 10.07 -6.67
CA GLY A 73 -15.04 10.37 -5.26
C GLY A 73 -13.75 10.25 -4.47
N GLU A 74 -13.25 9.02 -4.37
CA GLU A 74 -11.99 8.74 -3.68
C GLU A 74 -11.05 8.09 -4.69
N VAL A 75 -10.32 7.04 -4.31
CA VAL A 75 -9.45 6.38 -5.24
C VAL A 75 -9.42 4.87 -5.02
N TYR A 76 -10.02 4.14 -5.95
CA TYR A 76 -10.07 2.68 -5.89
C TYR A 76 -9.79 2.11 -7.27
N TYR A 77 -8.67 1.43 -7.43
CA TYR A 77 -8.30 0.91 -8.73
C TYR A 77 -8.39 -0.61 -8.80
N SER A 78 -9.04 -1.09 -9.84
CA SER A 78 -9.17 -2.52 -10.08
C SER A 78 -8.03 -2.98 -10.99
N GLU A 79 -7.69 -4.26 -10.91
CA GLU A 79 -6.60 -4.80 -11.72
C GLU A 79 -6.71 -6.31 -11.82
N GLU A 80 -7.87 -6.78 -12.27
CA GLU A 80 -8.14 -8.21 -12.40
C GLU A 80 -8.04 -8.89 -11.04
N ALA A 81 -8.79 -9.97 -10.86
CA ALA A 81 -8.79 -10.70 -9.59
C ALA A 81 -7.41 -10.75 -8.97
N LYS A 82 -6.43 -11.20 -9.74
CA LYS A 82 -5.06 -11.28 -9.28
C LYS A 82 -4.66 -10.01 -8.52
N LYS A 83 -5.01 -8.86 -9.06
CA LYS A 83 -4.69 -7.60 -8.41
C LYS A 83 -5.91 -6.72 -8.23
N LYS A 84 -6.23 -6.44 -6.98
CA LYS A 84 -7.36 -5.59 -6.61
C LYS A 84 -7.00 -4.81 -5.38
N VAL A 85 -7.02 -3.48 -5.49
CA VAL A 85 -6.64 -2.64 -4.36
C VAL A 85 -7.38 -1.29 -4.40
N GLU A 86 -7.70 -0.77 -3.22
CA GLU A 86 -8.44 0.50 -3.12
C GLU A 86 -7.70 1.54 -2.28
N VAL A 87 -7.54 2.74 -2.83
CA VAL A 87 -6.90 3.83 -2.11
C VAL A 87 -7.93 4.61 -1.30
N LEU A 88 -7.81 4.51 0.03
CA LEU A 88 -8.74 5.20 0.93
C LEU A 88 -7.98 6.21 1.82
N ASP A 89 -8.55 6.52 2.99
CA ASP A 89 -7.94 7.47 3.92
C ASP A 89 -8.01 8.91 3.38
N THR A 90 -6.88 9.51 3.01
CA THR A 90 -6.90 10.88 2.50
C THR A 90 -5.75 11.16 1.52
N ASP A 91 -5.81 10.55 0.34
CA ASP A 91 -4.79 10.78 -0.68
C ASP A 91 -5.02 12.13 -1.37
N TYR A 92 -5.39 13.15 -0.60
CA TYR A 92 -5.66 14.46 -1.16
C TYR A 92 -4.74 15.54 -0.58
N LYS A 93 -4.29 15.37 0.66
CA LYS A 93 -3.44 16.39 1.29
C LYS A 93 -2.07 15.87 1.73
N SER A 94 -1.96 14.65 2.28
CA SER A 94 -0.65 14.18 2.72
C SER A 94 -0.60 12.71 3.15
N TYR A 95 -1.71 12.15 3.59
CA TYR A 95 -1.69 10.76 4.04
C TYR A 95 -2.83 9.92 3.46
N ALA A 96 -2.47 8.73 2.98
CA ALA A 96 -3.43 7.82 2.38
C ALA A 96 -3.10 6.38 2.73
N VAL A 97 -4.13 5.56 2.84
CA VAL A 97 -3.96 4.14 3.14
C VAL A 97 -4.70 3.33 2.09
N ILE A 98 -4.07 2.28 1.60
CA ILE A 98 -4.68 1.47 0.56
C ILE A 98 -4.58 -0.03 0.86
N TYR A 99 -5.73 -0.70 0.81
CA TYR A 99 -5.79 -2.15 1.05
C TYR A 99 -5.75 -2.93 -0.26
N ALA A 100 -4.90 -3.94 -0.31
CA ALA A 100 -4.76 -4.76 -1.50
C ALA A 100 -5.27 -6.18 -1.29
N THR A 101 -5.91 -6.72 -2.32
CA THR A 101 -6.46 -8.08 -2.28
C THR A 101 -6.11 -8.83 -3.56
N ARG A 102 -5.36 -9.91 -3.42
CA ARG A 102 -4.95 -10.70 -4.58
C ARG A 102 -5.85 -11.92 -4.78
N VAL A 103 -6.10 -12.25 -6.05
CA VAL A 103 -6.93 -13.38 -6.41
C VAL A 103 -6.46 -14.00 -7.72
N LYS A 104 -5.85 -15.18 -7.63
CA LYS A 104 -5.33 -15.87 -8.81
C LYS A 104 -5.29 -17.37 -8.61
N ASP A 105 -5.48 -18.12 -9.69
CA ASP A 105 -5.48 -19.58 -9.65
C ASP A 105 -6.26 -20.10 -8.45
N GLY A 106 -7.38 -19.44 -8.14
CA GLY A 106 -8.20 -19.85 -7.02
C GLY A 106 -7.49 -19.73 -5.69
N ARG A 107 -6.87 -18.57 -5.45
CA ARG A 107 -6.16 -18.35 -4.19
C ARG A 107 -6.46 -16.95 -3.68
N THR A 108 -6.83 -16.85 -2.41
CA THR A 108 -7.16 -15.57 -1.81
C THR A 108 -6.17 -15.20 -0.71
N LEU A 109 -5.63 -13.99 -0.79
CA LEU A 109 -4.68 -13.50 0.20
C LEU A 109 -4.90 -12.02 0.44
N HIS A 110 -4.86 -11.60 1.70
CA HIS A 110 -5.09 -10.20 2.01
C HIS A 110 -3.79 -9.47 2.37
N MET A 111 -3.66 -8.24 1.88
CA MET A 111 -2.48 -7.41 2.13
C MET A 111 -2.83 -5.93 1.98
N MET A 112 -2.51 -5.15 3.00
CA MET A 112 -2.76 -3.72 3.02
C MET A 112 -1.48 -2.96 2.68
N ARG A 113 -1.64 -1.74 2.18
CA ARG A 113 -0.49 -0.90 1.84
C ARG A 113 -0.81 0.55 2.16
N LEU A 114 0.11 1.24 2.84
CA LEU A 114 -0.11 2.62 3.22
C LEU A 114 0.86 3.57 2.52
N TYR A 115 0.30 4.47 1.72
CA TYR A 115 1.12 5.45 1.02
C TYR A 115 1.09 6.80 1.75
N SER A 116 2.25 7.27 2.16
CA SER A 116 2.34 8.55 2.87
C SER A 116 3.15 9.56 2.08
N ARG A 117 2.59 10.76 1.91
CA ARG A 117 3.27 11.83 1.18
C ARG A 117 4.55 12.24 1.89
N SER A 118 4.47 12.38 3.21
CA SER A 118 5.63 12.77 4.01
C SER A 118 5.79 11.85 5.21
N PRO A 119 7.03 11.64 5.67
CA PRO A 119 7.32 10.77 6.82
C PRO A 119 6.40 11.05 8.01
N GLU A 120 6.13 12.32 8.26
CA GLU A 120 5.27 12.74 9.37
C GLU A 120 3.82 12.35 9.12
N VAL A 121 3.52 11.06 9.20
CA VAL A 121 2.16 10.57 8.99
C VAL A 121 1.23 11.03 10.11
N SER A 122 0.11 11.64 9.74
CA SER A 122 -0.88 12.12 10.70
C SER A 122 -1.48 10.96 11.49
N PRO A 123 -1.85 11.20 12.77
CA PRO A 123 -2.44 10.17 13.62
C PRO A 123 -3.64 9.49 12.96
N ALA A 124 -4.40 10.26 12.18
CA ALA A 124 -5.57 9.73 11.49
C ALA A 124 -5.19 8.65 10.49
N ALA A 125 -4.21 8.95 9.66
CA ALA A 125 -3.76 8.02 8.65
C ALA A 125 -3.41 6.66 9.26
N THR A 126 -2.62 6.69 10.33
CA THR A 126 -2.22 5.46 11.01
C THR A 126 -3.35 4.91 11.88
N ALA A 127 -3.94 5.78 12.69
CA ALA A 127 -5.03 5.37 13.58
C ALA A 127 -6.26 4.94 12.79
N ILE A 128 -6.71 5.78 11.87
CA ILE A 128 -7.88 5.44 11.06
C ILE A 128 -7.65 4.17 10.27
N PHE A 129 -6.43 3.98 9.79
CA PHE A 129 -6.09 2.77 9.04
C PHE A 129 -6.23 1.57 9.97
N ARG A 130 -5.67 1.69 11.16
CA ARG A 130 -5.74 0.63 12.16
C ARG A 130 -7.18 0.48 12.63
N LYS A 131 -7.82 1.61 12.89
CA LYS A 131 -9.21 1.63 13.34
C LYS A 131 -10.11 1.02 12.26
N LEU A 132 -9.87 1.44 11.02
CA LEU A 132 -10.62 0.95 9.88
C LEU A 132 -10.33 -0.53 9.68
N ALA A 133 -9.09 -0.93 9.95
CA ALA A 133 -8.68 -2.32 9.82
C ALA A 133 -9.59 -3.21 10.66
N GLY A 134 -9.91 -2.75 11.87
CA GLY A 134 -10.79 -3.50 12.74
C GLY A 134 -12.18 -3.62 12.18
N GLU A 135 -12.70 -2.52 11.65
CA GLU A 135 -14.04 -2.51 11.07
C GLU A 135 -14.16 -3.60 10.03
N ARG A 136 -13.09 -3.83 9.28
CA ARG A 136 -13.06 -4.85 8.24
C ARG A 136 -13.08 -6.24 8.88
N ASN A 137 -12.29 -6.41 9.92
CA ASN A 137 -12.20 -7.70 10.61
C ASN A 137 -11.40 -7.56 11.90
N TYR A 138 -10.20 -6.99 11.79
CA TYR A 138 -9.34 -6.79 12.96
C TYR A 138 -8.01 -6.17 12.53
N THR A 139 -7.09 -5.99 13.47
CA THR A 139 -5.79 -5.41 13.15
C THR A 139 -4.69 -6.48 13.12
N ASP A 140 -4.35 -7.05 14.28
CA ASP A 140 -3.32 -8.10 14.34
C ASP A 140 -3.69 -9.26 13.43
N GLU A 141 -4.98 -9.58 13.38
CA GLU A 141 -5.47 -10.65 12.51
C GLU A 141 -4.93 -10.42 11.11
N MET A 142 -4.89 -9.13 10.73
CA MET A 142 -4.40 -8.71 9.42
C MET A 142 -3.45 -7.53 9.59
N VAL A 143 -2.29 -7.77 10.21
CA VAL A 143 -1.30 -6.71 10.46
C VAL A 143 0.02 -6.95 9.73
N ALA A 144 0.81 -5.87 9.62
CA ALA A 144 2.14 -5.90 9.01
C ALA A 144 2.81 -4.54 9.20
N MET A 145 4.11 -4.52 9.48
CA MET A 145 4.79 -3.25 9.70
C MET A 145 6.14 -3.19 8.99
N LEU A 146 6.44 -2.03 8.39
CA LEU A 146 7.69 -1.81 7.67
C LEU A 146 8.83 -2.58 8.33
N PRO A 147 9.56 -3.38 7.56
CA PRO A 147 10.67 -4.17 8.08
C PRO A 147 11.76 -3.29 8.70
N ARG A 148 12.34 -3.75 9.80
CA ARG A 148 13.37 -2.99 10.50
C ARG A 148 14.14 -3.88 11.49
N GLN A 149 14.78 -4.93 10.97
CA GLN A 149 15.55 -5.84 11.81
C GLN A 149 16.88 -6.22 11.14
N GLU A 150 17.31 -7.48 11.28
CA GLU A 150 18.55 -7.96 10.67
C GLU A 150 18.65 -7.50 9.22
N GLU A 151 18.80 -8.42 8.27
CA GLU A 151 18.86 -8.05 6.88
C GLU A 151 17.45 -7.70 6.39
N CYS A 152 16.94 -8.42 5.39
CA CYS A 152 15.60 -8.17 4.86
C CYS A 152 14.54 -8.86 5.71
N THR A 153 14.25 -8.27 6.88
CA THR A 153 13.27 -8.87 7.80
C THR A 153 12.66 -7.84 8.74
N VAL A 154 11.37 -8.03 9.04
CA VAL A 154 10.64 -7.13 9.93
C VAL A 154 10.97 -7.37 11.40
N ASP A 155 11.00 -6.29 12.17
CA ASP A 155 11.29 -6.37 13.60
C ASP A 155 10.33 -7.33 14.31
N GLU A 156 10.87 -8.13 15.22
CA GLU A 156 10.07 -9.10 15.96
C GLU A 156 10.91 -9.82 17.00
N VAL A 157 10.38 -9.92 18.21
CA VAL A 157 11.08 -10.59 19.30
C VAL A 157 12.39 -9.90 19.61
N MET A 1 -13.81 24.50 -1.05
CA MET A 1 -14.82 24.14 -2.10
C MET A 1 -14.25 23.10 -3.06
N THR A 2 -15.05 22.09 -3.37
CA THR A 2 -14.64 21.04 -4.29
C THR A 2 -14.31 21.60 -5.67
N VAL A 3 -13.20 21.16 -6.23
CA VAL A 3 -12.77 21.63 -7.55
C VAL A 3 -11.81 20.64 -8.20
N PRO A 4 -11.97 20.37 -9.51
CA PRO A 4 -11.11 19.43 -10.24
C PRO A 4 -9.64 19.84 -10.16
N ASP A 5 -8.77 18.82 -10.07
CA ASP A 5 -7.33 19.07 -9.99
C ASP A 5 -6.56 17.77 -10.07
N ARG A 6 -5.55 17.73 -10.92
CA ARG A 6 -4.72 16.54 -11.09
C ARG A 6 -3.93 16.24 -9.83
N SER A 7 -3.58 17.29 -9.09
CA SER A 7 -2.82 17.16 -7.85
C SER A 7 -3.44 16.11 -6.92
N GLU A 8 -4.76 15.98 -6.98
CA GLU A 8 -5.49 15.02 -6.16
C GLU A 8 -4.79 13.67 -6.15
N ILE A 9 -4.10 13.36 -7.25
CA ILE A 9 -3.37 12.11 -7.38
C ILE A 9 -2.05 12.35 -8.11
N ALA A 10 -1.20 13.21 -7.54
CA ALA A 10 0.09 13.54 -8.14
C ALA A 10 1.11 13.94 -7.08
N GLY A 11 2.27 13.28 -7.08
CA GLY A 11 3.30 13.59 -6.11
C GLY A 11 4.15 12.39 -5.74
N LYS A 12 4.36 12.20 -4.44
CA LYS A 12 5.17 11.08 -3.95
C LYS A 12 4.42 10.27 -2.89
N TRP A 13 4.47 8.94 -3.03
CA TRP A 13 3.80 8.03 -2.09
C TRP A 13 4.79 7.25 -1.23
N TYR A 14 4.66 7.35 0.09
CA TYR A 14 5.54 6.61 1.00
C TYR A 14 4.82 5.39 1.57
N VAL A 15 5.37 4.19 1.35
CA VAL A 15 4.78 2.97 1.88
C VAL A 15 5.56 2.47 3.09
N VAL A 16 4.90 2.53 4.24
CA VAL A 16 5.47 2.12 5.52
C VAL A 16 4.56 1.12 6.24
N ALA A 17 3.27 1.48 6.35
CA ALA A 17 2.31 0.61 7.00
C ALA A 17 1.77 -0.40 6.01
N LEU A 18 2.12 -1.67 6.20
CA LEU A 18 1.65 -2.73 5.32
C LEU A 18 0.90 -3.80 6.11
N ALA A 19 0.48 -4.82 5.40
CA ALA A 19 -0.24 -5.94 6.00
C ALA A 19 -0.46 -7.00 4.95
N SER A 20 -0.06 -8.23 5.23
CA SER A 20 -0.20 -9.28 4.22
C SER A 20 -0.06 -10.67 4.80
N ASN A 21 -0.77 -11.61 4.18
CA ASN A 21 -0.75 -13.00 4.57
C ASN A 21 -1.47 -13.86 3.54
N THR A 22 -1.09 -15.14 3.51
CA THR A 22 -1.66 -16.10 2.58
C THR A 22 -1.28 -17.52 2.99
N GLU A 23 -0.05 -17.67 3.45
CA GLU A 23 0.47 -18.95 3.89
C GLU A 23 1.65 -18.73 4.83
N PHE A 24 1.52 -19.21 6.06
CA PHE A 24 2.57 -19.04 7.06
C PHE A 24 3.90 -19.62 6.59
N PHE A 25 3.84 -20.80 5.98
CA PHE A 25 5.04 -21.48 5.50
C PHE A 25 5.88 -20.58 4.58
N LEU A 26 5.23 -20.00 3.57
CA LEU A 26 5.93 -19.14 2.61
C LEU A 26 6.02 -17.70 3.09
N ARG A 27 4.91 -17.16 3.58
CA ARG A 27 4.87 -15.78 4.04
C ARG A 27 5.87 -15.51 5.16
N GLU A 28 6.03 -16.47 6.08
CA GLU A 28 6.95 -16.30 7.20
C GLU A 28 8.27 -15.65 6.77
N LYS A 29 8.87 -16.21 5.73
CA LYS A 29 10.14 -15.68 5.21
C LYS A 29 9.90 -14.49 4.29
N ASP A 30 8.78 -14.51 3.57
CA ASP A 30 8.43 -13.45 2.64
C ASP A 30 8.22 -12.11 3.35
N LYS A 31 8.09 -12.14 4.68
CA LYS A 31 7.88 -10.90 5.44
C LYS A 31 9.05 -9.94 5.23
N MET A 32 9.25 -9.01 6.17
CA MET A 32 10.33 -8.03 6.06
C MET A 32 10.24 -7.31 4.72
N LYS A 33 9.79 -6.06 4.75
CA LYS A 33 9.67 -5.29 3.52
C LYS A 33 9.36 -3.82 3.79
N MET A 34 10.07 -2.97 3.08
CA MET A 34 9.87 -1.52 3.20
C MET A 34 9.76 -0.92 1.81
N ALA A 35 9.19 0.26 1.67
CA ALA A 35 9.05 0.81 0.34
C ALA A 35 8.85 2.32 0.27
N MET A 36 9.30 2.88 -0.85
CA MET A 36 9.17 4.30 -1.15
C MET A 36 8.46 4.40 -2.50
N ALA A 37 7.61 5.39 -2.70
CA ALA A 37 6.87 5.48 -3.97
C ALA A 37 6.66 6.90 -4.47
N ARG A 38 6.49 7.00 -5.80
CA ARG A 38 6.24 8.27 -6.47
C ARG A 38 5.02 8.09 -7.40
N ILE A 39 4.05 9.01 -7.34
CA ILE A 39 2.84 8.91 -8.14
C ILE A 39 2.88 9.79 -9.40
N SER A 40 2.35 9.25 -10.50
CA SER A 40 2.28 9.96 -11.77
C SER A 40 1.00 9.57 -12.52
N PHE A 41 0.34 10.55 -13.13
CA PHE A 41 -0.91 10.32 -13.85
C PHE A 41 -0.65 9.80 -15.26
N LEU A 42 -1.20 8.61 -15.58
CA LEU A 42 -1.03 8.04 -16.92
C LEU A 42 -2.24 8.38 -17.81
N GLY A 43 -1.96 9.09 -18.89
CA GLY A 43 -3.00 9.49 -19.82
C GLY A 43 -3.62 8.34 -20.60
N GLU A 44 -4.17 7.37 -19.88
CA GLU A 44 -4.80 6.21 -20.49
C GLU A 44 -5.77 5.57 -19.52
N ASP A 45 -6.55 6.41 -18.84
CA ASP A 45 -7.50 5.93 -17.84
C ASP A 45 -6.76 5.11 -16.80
N GLU A 46 -5.58 5.60 -16.41
CA GLU A 46 -4.77 4.90 -15.43
C GLU A 46 -3.83 5.85 -14.69
N LEU A 47 -3.60 5.54 -13.43
CA LEU A 47 -2.70 6.33 -12.59
C LEU A 47 -1.68 5.39 -11.96
N LYS A 48 -0.41 5.54 -12.35
CA LYS A 48 0.65 4.66 -11.85
C LYS A 48 1.46 5.27 -10.71
N VAL A 49 1.99 4.39 -9.86
CA VAL A 49 2.81 4.79 -8.73
C VAL A 49 4.00 3.83 -8.60
N SER A 50 5.20 4.32 -8.97
CA SER A 50 6.40 3.51 -8.90
C SER A 50 6.93 3.49 -7.48
N TYR A 51 7.48 2.36 -7.04
CA TYR A 51 7.99 2.26 -5.68
C TYR A 51 9.17 1.28 -5.59
N ALA A 52 10.15 1.64 -4.77
CA ALA A 52 11.31 0.81 -4.53
C ALA A 52 11.07 0.00 -3.26
N VAL A 53 11.39 -1.29 -3.27
CA VAL A 53 11.11 -2.10 -2.09
C VAL A 53 12.16 -3.18 -1.82
N PRO A 54 12.89 -3.07 -0.69
CA PRO A 54 13.88 -4.07 -0.26
C PRO A 54 13.18 -5.22 0.46
N LYS A 55 13.65 -6.45 0.20
CA LYS A 55 13.06 -7.64 0.81
C LYS A 55 14.10 -8.73 1.09
N PRO A 56 13.78 -9.64 2.04
CA PRO A 56 14.64 -10.75 2.43
C PRO A 56 15.51 -11.30 1.31
N ASN A 57 14.93 -11.45 0.11
CA ASN A 57 15.67 -11.97 -1.05
C ASN A 57 17.00 -11.22 -1.18
N GLY A 58 18.01 -11.71 -0.47
CA GLY A 58 19.31 -11.06 -0.50
C GLY A 58 19.20 -9.60 -0.11
N CYS A 59 18.18 -9.30 0.70
CA CYS A 59 17.93 -7.93 1.15
C CYS A 59 17.99 -6.97 -0.03
N ARG A 60 17.41 -7.40 -1.15
CA ARG A 60 17.40 -6.61 -2.38
C ARG A 60 16.08 -5.85 -2.54
N LYS A 61 16.16 -4.66 -3.12
CA LYS A 61 14.97 -3.84 -3.35
C LYS A 61 14.50 -3.95 -4.79
N TRP A 62 13.18 -4.03 -4.98
CA TRP A 62 12.62 -4.14 -6.32
C TRP A 62 11.79 -2.92 -6.68
N GLU A 63 12.02 -2.36 -7.86
CA GLU A 63 11.27 -1.21 -8.33
C GLU A 63 10.26 -1.64 -9.39
N THR A 64 9.02 -1.19 -9.25
CA THR A 64 7.98 -1.55 -10.21
C THR A 64 6.88 -0.50 -10.26
N THR A 65 6.40 -0.23 -11.47
CA THR A 65 5.35 0.75 -11.67
C THR A 65 3.98 0.09 -11.70
N PHE A 66 3.13 0.44 -10.73
CA PHE A 66 1.78 -0.12 -10.68
C PHE A 66 0.75 0.89 -11.16
N LYS A 67 0.10 0.59 -12.28
CA LYS A 67 -0.92 1.46 -12.84
C LYS A 67 -2.30 0.84 -12.69
N LYS A 68 -3.29 1.64 -12.37
CA LYS A 68 -4.64 1.13 -12.16
C LYS A 68 -5.69 2.23 -12.18
N THR A 69 -6.95 1.83 -12.03
CA THR A 69 -8.07 2.78 -12.03
C THR A 69 -8.51 3.09 -10.61
N SER A 70 -8.98 4.31 -10.37
CA SER A 70 -9.47 4.71 -9.06
C SER A 70 -10.77 5.50 -9.19
N ASP A 71 -11.81 5.03 -8.52
CA ASP A 71 -13.11 5.68 -8.59
C ASP A 71 -13.69 5.90 -7.19
N ASP A 72 -14.73 6.75 -7.11
CA ASP A 72 -15.40 7.07 -5.85
C ASP A 72 -14.75 8.28 -5.20
N GLY A 73 -15.50 8.98 -4.34
CA GLY A 73 -14.95 10.14 -3.66
C GLY A 73 -13.53 9.88 -3.21
N GLU A 74 -13.34 8.73 -2.58
CA GLU A 74 -12.02 8.31 -2.12
C GLU A 74 -11.31 7.57 -3.26
N VAL A 75 -10.68 6.42 -2.99
CA VAL A 75 -10.01 5.70 -4.06
C VAL A 75 -10.04 4.18 -3.87
N TYR A 76 -10.50 3.51 -4.92
CA TYR A 76 -10.56 2.05 -4.98
C TYR A 76 -10.01 1.67 -6.35
N TYR A 77 -8.91 0.91 -6.39
CA TYR A 77 -8.31 0.60 -7.67
C TYR A 77 -8.41 -0.86 -8.08
N SER A 78 -8.60 -1.03 -9.38
CA SER A 78 -8.71 -2.34 -10.00
C SER A 78 -7.48 -2.57 -10.89
N GLU A 79 -7.01 -3.82 -10.92
CA GLU A 79 -5.83 -4.17 -11.71
C GLU A 79 -5.61 -5.69 -11.71
N GLU A 80 -4.65 -6.16 -12.52
CA GLU A 80 -4.35 -7.59 -12.61
C GLU A 80 -5.58 -8.39 -13.02
N ALA A 81 -5.46 -9.70 -13.00
CA ALA A 81 -6.56 -10.58 -13.38
C ALA A 81 -7.79 -10.32 -12.52
N LYS A 82 -7.74 -10.77 -11.26
CA LYS A 82 -8.84 -10.59 -10.34
C LYS A 82 -8.39 -9.89 -9.05
N LYS A 83 -7.73 -8.74 -9.20
CA LYS A 83 -7.25 -8.01 -8.03
C LYS A 83 -8.16 -6.80 -7.75
N LYS A 84 -8.87 -6.86 -6.64
CA LYS A 84 -9.75 -5.77 -6.23
C LYS A 84 -9.20 -5.14 -4.95
N VAL A 85 -9.15 -3.81 -4.91
CA VAL A 85 -8.60 -3.14 -3.74
C VAL A 85 -9.28 -1.81 -3.45
N GLU A 86 -9.36 -1.46 -2.17
CA GLU A 86 -9.98 -0.21 -1.75
C GLU A 86 -8.99 0.68 -0.98
N VAL A 87 -8.66 1.82 -1.56
CA VAL A 87 -7.75 2.76 -0.91
C VAL A 87 -8.54 3.70 0.00
N LEU A 88 -8.39 3.48 1.31
CA LEU A 88 -9.10 4.26 2.32
C LEU A 88 -8.40 5.60 2.58
N ASP A 89 -8.77 6.25 3.68
CA ASP A 89 -8.20 7.54 4.07
C ASP A 89 -8.52 8.61 3.00
N THR A 90 -7.53 9.40 2.58
CA THR A 90 -7.78 10.44 1.57
C THR A 90 -6.50 10.91 0.91
N ASP A 91 -6.21 10.36 -0.27
CA ASP A 91 -5.02 10.73 -1.04
C ASP A 91 -5.26 12.00 -1.86
N TYR A 92 -6.24 12.79 -1.48
CA TYR A 92 -6.54 14.03 -2.21
C TYR A 92 -5.99 15.25 -1.48
N LYS A 93 -5.74 15.11 -0.19
CA LYS A 93 -5.21 16.22 0.60
C LYS A 93 -3.74 16.03 0.93
N SER A 94 -3.35 14.81 1.34
CA SER A 94 -1.95 14.56 1.70
C SER A 94 -1.70 13.11 2.12
N TYR A 95 -2.43 12.66 3.13
CA TYR A 95 -2.27 11.31 3.65
C TYR A 95 -3.34 10.35 3.14
N ALA A 96 -2.93 9.11 2.88
CA ALA A 96 -3.85 8.09 2.39
C ALA A 96 -3.43 6.71 2.87
N VAL A 97 -4.40 5.81 2.98
CA VAL A 97 -4.13 4.46 3.41
C VAL A 97 -4.78 3.47 2.44
N ILE A 98 -3.97 2.57 1.88
CA ILE A 98 -4.49 1.62 0.90
C ILE A 98 -4.50 0.17 1.39
N TYR A 99 -5.60 -0.52 1.05
CA TYR A 99 -5.79 -1.92 1.40
C TYR A 99 -6.09 -2.68 0.10
N ALA A 100 -5.34 -3.76 -0.16
CA ALA A 100 -5.52 -4.50 -1.40
C ALA A 100 -5.60 -6.01 -1.21
N THR A 101 -6.60 -6.61 -1.85
CA THR A 101 -6.79 -8.05 -1.81
C THR A 101 -6.72 -8.60 -3.24
N ARG A 102 -5.64 -9.32 -3.54
CA ARG A 102 -5.44 -9.86 -4.89
C ARG A 102 -6.00 -11.27 -5.03
N VAL A 103 -6.45 -11.59 -6.25
CA VAL A 103 -6.97 -12.91 -6.53
C VAL A 103 -6.50 -13.39 -7.91
N LYS A 104 -5.96 -14.60 -7.94
CA LYS A 104 -5.46 -15.18 -9.18
C LYS A 104 -5.37 -16.70 -9.07
N ASP A 105 -5.88 -17.39 -10.09
CA ASP A 105 -5.86 -18.85 -10.09
C ASP A 105 -6.71 -19.37 -8.91
N GLY A 106 -6.21 -20.38 -8.19
CA GLY A 106 -6.95 -20.90 -7.06
C GLY A 106 -6.28 -20.53 -5.75
N ARG A 107 -5.83 -19.29 -5.67
CA ARG A 107 -5.16 -18.80 -4.46
C ARG A 107 -5.49 -17.33 -4.23
N THR A 108 -5.78 -17.00 -2.98
CA THR A 108 -6.13 -15.64 -2.60
C THR A 108 -5.15 -15.10 -1.56
N LEU A 109 -4.77 -13.84 -1.74
CA LEU A 109 -3.84 -13.19 -0.82
C LEU A 109 -4.26 -11.75 -0.60
N HIS A 110 -4.10 -11.28 0.63
CA HIS A 110 -4.48 -9.90 0.94
C HIS A 110 -3.28 -9.11 1.45
N MET A 111 -3.20 -7.84 1.07
CA MET A 111 -2.09 -7.00 1.49
C MET A 111 -2.48 -5.54 1.54
N MET A 112 -2.14 -4.89 2.64
CA MET A 112 -2.42 -3.48 2.83
C MET A 112 -1.14 -2.65 2.66
N ARG A 113 -1.33 -1.36 2.41
CA ARG A 113 -0.21 -0.43 2.23
C ARG A 113 -0.65 0.97 2.65
N LEU A 114 0.23 1.70 3.33
CA LEU A 114 -0.10 3.05 3.78
C LEU A 114 0.72 4.09 3.02
N TYR A 115 0.00 5.01 2.37
CA TYR A 115 0.63 6.07 1.60
C TYR A 115 0.73 7.35 2.43
N SER A 116 1.95 7.86 2.58
CA SER A 116 2.18 9.09 3.31
C SER A 116 2.97 10.07 2.44
N ARG A 117 2.31 11.18 2.09
CA ARG A 117 2.91 12.20 1.22
C ARG A 117 4.28 12.69 1.71
N SER A 118 4.36 13.18 2.94
CA SER A 118 5.60 13.72 3.48
C SER A 118 5.84 13.23 4.90
N PRO A 119 7.09 13.31 5.39
CA PRO A 119 7.45 12.88 6.73
C PRO A 119 6.43 13.29 7.78
N GLU A 120 5.84 14.48 7.60
CA GLU A 120 4.84 14.99 8.53
C GLU A 120 3.55 14.17 8.46
N VAL A 121 3.65 12.89 8.79
CA VAL A 121 2.49 12.01 8.75
C VAL A 121 1.44 12.47 9.74
N SER A 122 0.28 12.87 9.21
CA SER A 122 -0.83 13.34 10.03
C SER A 122 -1.41 12.19 10.86
N PRO A 123 -1.96 12.51 12.05
CA PRO A 123 -2.56 11.50 12.92
C PRO A 123 -3.54 10.62 12.14
N ALA A 124 -4.29 11.26 11.24
CA ALA A 124 -5.26 10.54 10.42
C ALA A 124 -4.58 9.49 9.55
N ALA A 125 -3.48 9.88 8.93
CA ALA A 125 -2.75 8.97 8.07
C ALA A 125 -2.49 7.64 8.78
N THR A 126 -1.78 7.71 9.88
CA THR A 126 -1.48 6.52 10.66
C THR A 126 -2.70 5.99 11.41
N ALA A 127 -3.42 6.89 12.07
CA ALA A 127 -4.60 6.51 12.84
C ALA A 127 -5.70 5.95 11.96
N ILE A 128 -5.97 6.58 10.81
CA ILE A 128 -7.02 6.11 9.92
C ILE A 128 -6.74 4.68 9.46
N PHE A 129 -5.50 4.41 9.03
CA PHE A 129 -5.16 3.06 8.58
C PHE A 129 -5.33 2.08 9.74
N ARG A 130 -4.78 2.45 10.89
CA ARG A 130 -4.86 1.62 12.09
C ARG A 130 -6.30 1.53 12.58
N LYS A 131 -6.98 2.67 12.56
CA LYS A 131 -8.38 2.74 12.99
C LYS A 131 -9.24 1.84 12.12
N LEU A 132 -9.12 2.02 10.80
CA LEU A 132 -9.87 1.21 9.86
C LEU A 132 -9.42 -0.24 9.96
N ALA A 133 -8.10 -0.43 10.10
CA ALA A 133 -7.53 -1.76 10.24
C ALA A 133 -8.05 -2.42 11.50
N GLY A 134 -8.14 -1.63 12.57
CA GLY A 134 -8.63 -2.14 13.83
C GLY A 134 -10.02 -2.72 13.71
N GLU A 135 -10.85 -2.08 12.89
CA GLU A 135 -12.22 -2.53 12.66
C GLU A 135 -12.22 -4.01 12.26
N ARG A 136 -11.29 -4.37 11.41
CA ARG A 136 -11.17 -5.75 10.94
C ARG A 136 -10.27 -6.58 11.86
N ASN A 137 -10.28 -6.25 13.14
CA ASN A 137 -9.47 -6.97 14.13
C ASN A 137 -7.98 -6.89 13.78
N TYR A 138 -7.20 -6.32 14.68
CA TYR A 138 -5.75 -6.19 14.48
C TYR A 138 -5.05 -7.55 14.57
N THR A 139 -5.47 -8.48 13.72
CA THR A 139 -4.90 -9.82 13.71
C THR A 139 -3.70 -9.93 12.77
N ASP A 140 -2.70 -10.70 13.17
CA ASP A 140 -1.52 -10.91 12.35
C ASP A 140 -1.94 -11.49 10.99
N GLU A 141 -3.11 -12.12 10.95
CA GLU A 141 -3.62 -12.71 9.72
C GLU A 141 -3.53 -11.70 8.56
N MET A 142 -3.46 -10.41 8.89
CA MET A 142 -3.35 -9.36 7.89
C MET A 142 -2.55 -8.20 8.46
N VAL A 143 -1.29 -8.46 8.80
CA VAL A 143 -0.43 -7.44 9.39
C VAL A 143 0.98 -7.43 8.78
N ALA A 144 1.56 -6.23 8.79
CA ALA A 144 2.91 -6.00 8.30
C ALA A 144 3.36 -4.58 8.67
N MET A 145 4.56 -4.46 9.22
CA MET A 145 5.06 -3.15 9.65
C MET A 145 6.43 -2.83 9.06
N LEU A 146 6.62 -1.57 8.70
CA LEU A 146 7.89 -1.11 8.14
C LEU A 146 9.05 -1.51 9.06
N PRO A 147 10.11 -2.09 8.49
CA PRO A 147 11.29 -2.53 9.25
C PRO A 147 11.89 -1.41 10.10
N ARG A 148 12.57 -1.81 11.18
CA ARG A 148 13.20 -0.85 12.08
C ARG A 148 14.48 -0.27 11.48
N GLN A 149 14.76 -0.61 10.22
CA GLN A 149 15.96 -0.12 9.54
C GLN A 149 15.69 0.02 8.05
N GLU A 150 16.39 0.95 7.43
CA GLU A 150 16.24 1.20 6.00
C GLU A 150 16.70 0.02 5.14
N GLU A 151 17.23 -1.04 5.76
CA GLU A 151 17.70 -2.20 5.02
C GLU A 151 16.63 -3.29 4.93
N CYS A 152 16.56 -4.14 5.96
CA CYS A 152 15.60 -5.25 6.00
C CYS A 152 15.64 -5.93 7.37
N THR A 153 14.80 -5.46 8.29
CA THR A 153 14.78 -6.01 9.64
C THR A 153 13.52 -5.57 10.41
N VAL A 154 12.38 -6.12 10.05
CA VAL A 154 11.12 -5.79 10.71
C VAL A 154 10.95 -6.57 12.01
N ASP A 155 10.27 -5.97 12.98
CA ASP A 155 10.04 -6.61 14.27
C ASP A 155 9.14 -7.83 14.11
N GLU A 156 9.63 -8.84 13.41
CA GLU A 156 8.88 -10.07 13.17
C GLU A 156 9.69 -11.04 12.31
N VAL A 157 9.68 -12.32 12.70
CA VAL A 157 10.41 -13.36 11.98
C VAL A 157 11.82 -12.91 11.65
N MET A 1 -18.50 21.78 -15.76
CA MET A 1 -17.16 22.41 -16.01
C MET A 1 -16.27 22.33 -14.78
N THR A 2 -16.84 22.65 -13.62
CA THR A 2 -16.10 22.61 -12.36
C THR A 2 -15.56 21.22 -12.09
N VAL A 3 -14.31 21.14 -11.67
CA VAL A 3 -13.67 19.86 -11.37
C VAL A 3 -12.46 20.06 -10.47
N PRO A 4 -12.29 19.18 -9.46
CA PRO A 4 -11.16 19.25 -8.52
C PRO A 4 -9.82 19.35 -9.27
N ASP A 5 -8.96 18.33 -9.13
CA ASP A 5 -7.66 18.35 -9.80
C ASP A 5 -6.97 17.00 -9.66
N ARG A 6 -6.57 16.42 -10.79
CA ARG A 6 -5.89 15.13 -10.79
C ARG A 6 -4.51 15.27 -10.14
N SER A 7 -3.89 16.43 -10.34
CA SER A 7 -2.58 16.70 -9.77
C SER A 7 -2.53 16.40 -8.29
N GLU A 8 -3.66 16.62 -7.61
CA GLU A 8 -3.76 16.37 -6.17
C GLU A 8 -3.13 15.02 -5.82
N ILE A 9 -3.48 14.01 -6.59
CA ILE A 9 -2.94 12.66 -6.38
C ILE A 9 -1.49 12.56 -6.84
N ALA A 10 -1.17 13.21 -7.95
CA ALA A 10 0.18 13.19 -8.49
C ALA A 10 1.18 13.69 -7.46
N GLY A 11 2.19 12.87 -7.16
CA GLY A 11 3.19 13.27 -6.18
C GLY A 11 4.04 12.12 -5.68
N LYS A 12 4.36 12.13 -4.39
CA LYS A 12 5.17 11.08 -3.78
C LYS A 12 4.44 10.39 -2.63
N TRP A 13 4.30 9.08 -2.73
CA TRP A 13 3.63 8.28 -1.72
C TRP A 13 4.68 7.49 -0.91
N TYR A 14 4.58 7.53 0.41
CA TYR A 14 5.55 6.81 1.25
C TYR A 14 4.91 5.62 1.97
N VAL A 15 5.29 4.41 1.56
CA VAL A 15 4.77 3.19 2.19
C VAL A 15 5.68 2.75 3.33
N VAL A 16 5.09 2.69 4.53
CA VAL A 16 5.83 2.31 5.74
C VAL A 16 5.07 1.26 6.58
N ALA A 17 3.78 1.51 6.84
CA ALA A 17 2.97 0.58 7.61
C ALA A 17 2.34 -0.48 6.72
N LEU A 18 2.28 -1.71 7.19
CA LEU A 18 1.70 -2.81 6.42
C LEU A 18 0.92 -3.77 7.30
N ALA A 19 0.29 -4.75 6.66
CA ALA A 19 -0.50 -5.78 7.37
C ALA A 19 -0.94 -6.86 6.39
N SER A 20 -0.36 -8.06 6.47
CA SER A 20 -0.70 -9.11 5.50
C SER A 20 -0.86 -10.52 6.08
N ASN A 21 -1.53 -11.36 5.30
CA ASN A 21 -1.75 -12.76 5.61
C ASN A 21 -1.51 -13.59 4.35
N THR A 22 -0.67 -14.62 4.44
CA THR A 22 -0.36 -15.47 3.29
C THR A 22 0.68 -16.54 3.67
N GLU A 23 1.47 -16.98 2.70
CA GLU A 23 2.50 -17.99 2.97
C GLU A 23 3.52 -17.44 3.95
N PHE A 24 3.82 -18.22 4.98
CA PHE A 24 4.78 -17.81 6.01
C PHE A 24 6.23 -17.92 5.53
N PHE A 25 6.48 -18.85 4.61
CA PHE A 25 7.83 -19.07 4.11
C PHE A 25 8.16 -18.23 2.86
N LEU A 26 7.32 -18.33 1.84
CA LEU A 26 7.56 -17.60 0.59
C LEU A 26 6.97 -16.19 0.60
N ARG A 27 5.65 -16.12 0.54
CA ARG A 27 4.96 -14.83 0.51
C ARG A 27 5.37 -13.91 1.66
N GLU A 28 5.43 -14.47 2.86
CA GLU A 28 5.79 -13.68 4.04
C GLU A 28 7.24 -13.20 3.96
N LYS A 29 8.14 -14.10 3.57
CA LYS A 29 9.56 -13.76 3.47
C LYS A 29 9.83 -12.83 2.29
N ASP A 30 9.13 -13.05 1.18
CA ASP A 30 9.31 -12.23 -0.02
C ASP A 30 8.99 -10.76 0.25
N LYS A 31 7.80 -10.49 0.78
CA LYS A 31 7.39 -9.12 1.06
C LYS A 31 8.07 -8.58 2.32
N MET A 32 7.39 -7.70 3.06
CA MET A 32 7.96 -7.11 4.26
C MET A 32 9.26 -6.40 3.92
N LYS A 33 9.19 -5.09 3.72
CA LYS A 33 10.37 -4.31 3.37
C LYS A 33 10.07 -2.81 3.39
N MET A 34 11.12 -2.00 3.31
CA MET A 34 10.96 -0.54 3.29
C MET A 34 10.46 -0.12 1.91
N ALA A 35 9.58 0.88 1.83
CA ALA A 35 9.08 1.25 0.51
C ALA A 35 8.75 2.73 0.36
N MET A 36 9.14 3.26 -0.80
CA MET A 36 8.89 4.64 -1.19
C MET A 36 8.15 4.60 -2.52
N ALA A 37 7.25 5.55 -2.78
CA ALA A 37 6.50 5.51 -4.02
C ALA A 37 6.20 6.89 -4.62
N ARG A 38 5.88 6.86 -5.92
CA ARG A 38 5.54 8.07 -6.67
C ARG A 38 4.42 7.73 -7.65
N ILE A 39 3.30 8.44 -7.56
CA ILE A 39 2.15 8.16 -8.42
C ILE A 39 2.04 9.14 -9.59
N SER A 40 1.59 8.62 -10.74
CA SER A 40 1.40 9.42 -11.96
C SER A 40 0.25 8.84 -12.80
N PHE A 41 -0.51 9.72 -13.45
CA PHE A 41 -1.65 9.31 -14.27
C PHE A 41 -1.23 8.81 -15.67
N LEU A 42 -1.91 7.75 -16.17
CA LEU A 42 -1.58 7.19 -17.48
C LEU A 42 -2.81 7.10 -18.41
N GLY A 43 -2.71 7.72 -19.59
CA GLY A 43 -3.79 7.68 -20.58
C GLY A 43 -5.19 7.64 -19.97
N GLU A 44 -5.38 8.34 -18.85
CA GLU A 44 -6.69 8.40 -18.19
C GLU A 44 -7.17 7.03 -17.71
N ASP A 45 -7.43 6.13 -18.65
CA ASP A 45 -7.94 4.80 -18.34
C ASP A 45 -7.10 4.09 -17.27
N GLU A 46 -5.84 4.49 -17.13
CA GLU A 46 -4.97 3.85 -16.15
C GLU A 46 -4.02 4.84 -15.48
N LEU A 47 -3.68 4.54 -14.23
CA LEU A 47 -2.75 5.35 -13.45
C LEU A 47 -1.77 4.40 -12.78
N LYS A 48 -0.57 4.86 -12.44
CA LYS A 48 0.42 3.98 -11.84
C LYS A 48 1.27 4.66 -10.77
N VAL A 49 1.72 3.88 -9.80
CA VAL A 49 2.56 4.38 -8.72
C VAL A 49 3.84 3.54 -8.59
N SER A 50 4.97 4.13 -8.98
CA SER A 50 6.25 3.43 -8.91
C SER A 50 6.80 3.52 -7.49
N TYR A 51 7.33 2.41 -6.98
CA TYR A 51 7.86 2.40 -5.63
C TYR A 51 9.14 1.58 -5.51
N ALA A 52 10.11 2.13 -4.79
CA ALA A 52 11.38 1.46 -4.56
C ALA A 52 11.31 0.74 -3.23
N VAL A 53 11.82 -0.49 -3.17
CA VAL A 53 11.77 -1.25 -1.93
C VAL A 53 13.01 -2.12 -1.73
N PRO A 54 13.74 -1.90 -0.60
CA PRO A 54 14.93 -2.64 -0.25
C PRO A 54 14.63 -3.74 0.78
N LYS A 55 15.25 -4.92 0.56
CA LYS A 55 15.11 -6.10 1.41
C LYS A 55 14.73 -7.35 0.61
N PRO A 56 13.70 -7.28 -0.24
CA PRO A 56 13.27 -8.44 -1.04
C PRO A 56 14.35 -8.92 -2.00
N ASN A 57 14.35 -10.22 -2.28
CA ASN A 57 15.33 -10.84 -3.18
C ASN A 57 16.71 -10.89 -2.52
N GLY A 58 16.77 -11.45 -1.33
CA GLY A 58 18.03 -11.56 -0.61
C GLY A 58 18.56 -10.22 -0.15
N CYS A 59 17.71 -9.45 0.53
CA CYS A 59 18.10 -8.14 1.03
C CYS A 59 18.48 -7.22 -0.14
N ARG A 60 17.59 -7.14 -1.13
CA ARG A 60 17.83 -6.30 -2.31
C ARG A 60 16.67 -5.35 -2.55
N LYS A 61 16.96 -4.22 -3.21
CA LYS A 61 15.95 -3.22 -3.53
C LYS A 61 15.36 -3.44 -4.91
N TRP A 62 14.04 -3.28 -5.05
CA TRP A 62 13.39 -3.47 -6.35
C TRP A 62 12.26 -2.46 -6.57
N GLU A 63 12.15 -1.97 -7.80
CA GLU A 63 11.11 -1.02 -8.16
C GLU A 63 10.01 -1.71 -8.97
N THR A 64 8.77 -1.30 -8.77
CA THR A 64 7.65 -1.90 -9.49
C THR A 64 6.51 -0.91 -9.69
N THR A 65 5.90 -0.96 -10.87
CA THR A 65 4.80 -0.08 -11.23
C THR A 65 3.45 -0.74 -10.92
N PHE A 66 2.66 -0.09 -10.07
CA PHE A 66 1.34 -0.61 -9.70
C PHE A 66 0.26 0.17 -10.46
N LYS A 67 -0.18 -0.37 -11.59
CA LYS A 67 -1.17 0.31 -12.42
C LYS A 67 -2.54 -0.40 -12.44
N LYS A 68 -3.59 0.38 -12.21
CA LYS A 68 -4.97 -0.12 -12.21
C LYS A 68 -5.96 1.03 -12.45
N THR A 69 -7.21 0.87 -12.00
CA THR A 69 -8.24 1.92 -12.15
C THR A 69 -8.63 2.46 -10.78
N SER A 70 -9.16 3.69 -10.74
CA SER A 70 -9.53 4.30 -9.46
C SER A 70 -10.94 4.90 -9.48
N ASP A 71 -11.67 4.67 -8.38
CA ASP A 71 -13.03 5.19 -8.23
C ASP A 71 -13.04 6.58 -7.57
N ASP A 72 -14.13 7.32 -7.77
CA ASP A 72 -14.25 8.67 -7.19
C ASP A 72 -14.55 8.63 -5.69
N GLY A 73 -15.06 9.75 -5.16
CA GLY A 73 -15.37 9.84 -3.74
C GLY A 73 -14.12 9.69 -2.88
N GLU A 74 -13.57 8.49 -2.86
CA GLU A 74 -12.36 8.18 -2.13
C GLU A 74 -11.36 7.60 -3.13
N VAL A 75 -10.67 6.50 -2.82
CA VAL A 75 -9.76 5.92 -3.78
C VAL A 75 -9.68 4.41 -3.62
N TYR A 76 -10.02 3.72 -4.70
CA TYR A 76 -10.00 2.27 -4.75
C TYR A 76 -9.34 1.83 -6.04
N TYR A 77 -8.25 1.08 -5.92
CA TYR A 77 -7.52 0.62 -7.08
C TYR A 77 -7.78 -0.86 -7.36
N SER A 78 -8.01 -1.19 -8.63
CA SER A 78 -8.28 -2.56 -9.02
C SER A 78 -8.18 -2.72 -10.55
N GLU A 79 -7.65 -3.86 -11.00
CA GLU A 79 -7.50 -4.13 -12.43
C GLU A 79 -7.20 -5.60 -12.70
N GLU A 80 -7.71 -6.09 -13.85
CA GLU A 80 -7.54 -7.48 -14.27
C GLU A 80 -8.21 -8.43 -13.29
N ALA A 81 -7.66 -8.47 -12.08
CA ALA A 81 -8.15 -9.32 -11.00
C ALA A 81 -7.08 -9.37 -9.93
N LYS A 82 -5.99 -10.06 -10.25
CA LYS A 82 -4.84 -10.19 -9.35
C LYS A 82 -4.59 -8.87 -8.62
N LYS A 83 -4.91 -7.74 -9.26
CA LYS A 83 -4.70 -6.45 -8.63
C LYS A 83 -6.01 -5.86 -8.13
N LYS A 84 -6.15 -5.79 -6.81
CA LYS A 84 -7.35 -5.24 -6.18
C LYS A 84 -6.95 -4.63 -4.84
N VAL A 85 -7.21 -3.34 -4.68
CA VAL A 85 -6.85 -2.64 -3.44
C VAL A 85 -7.77 -1.46 -3.18
N GLU A 86 -8.05 -1.20 -1.90
CA GLU A 86 -8.90 -0.08 -1.51
C GLU A 86 -8.09 0.98 -0.78
N VAL A 87 -8.05 2.18 -1.34
CA VAL A 87 -7.30 3.28 -0.73
C VAL A 87 -8.20 4.12 0.17
N LEU A 88 -7.97 3.98 1.48
CA LEU A 88 -8.73 4.70 2.49
C LEU A 88 -7.96 5.90 3.02
N ASP A 89 -8.39 6.43 4.15
CA ASP A 89 -7.74 7.59 4.78
C ASP A 89 -7.67 8.78 3.81
N THR A 90 -6.51 9.44 3.71
CA THR A 90 -6.38 10.58 2.80
C THR A 90 -5.21 10.40 1.83
N ASP A 91 -5.54 10.13 0.58
CA ASP A 91 -4.52 9.93 -0.44
C ASP A 91 -4.30 11.22 -1.23
N TYR A 92 -4.34 12.35 -0.54
CA TYR A 92 -4.16 13.65 -1.19
C TYR A 92 -2.94 14.39 -0.65
N LYS A 93 -3.13 15.25 0.35
CA LYS A 93 -2.02 16.02 0.91
C LYS A 93 -1.97 15.93 2.43
N SER A 94 -1.44 14.82 2.93
CA SER A 94 -1.31 14.60 4.37
C SER A 94 -0.84 13.17 4.67
N TYR A 95 -1.80 12.25 4.73
CA TYR A 95 -1.50 10.84 5.02
C TYR A 95 -2.57 9.94 4.41
N ALA A 96 -2.16 8.81 3.85
CA ALA A 96 -3.10 7.89 3.23
C ALA A 96 -2.86 6.45 3.66
N VAL A 97 -3.92 5.65 3.62
CA VAL A 97 -3.83 4.25 3.97
C VAL A 97 -4.51 3.44 2.88
N ILE A 98 -3.83 2.43 2.38
CA ILE A 98 -4.39 1.61 1.32
C ILE A 98 -3.97 0.15 1.48
N TYR A 99 -4.95 -0.72 1.61
CA TYR A 99 -4.68 -2.14 1.74
C TYR A 99 -4.85 -2.84 0.41
N ALA A 100 -3.86 -3.61 0.02
CA ALA A 100 -3.91 -4.32 -1.26
C ALA A 100 -4.30 -5.78 -1.08
N THR A 101 -5.11 -6.27 -2.02
CA THR A 101 -5.56 -7.65 -2.00
C THR A 101 -5.47 -8.23 -3.41
N ARG A 102 -4.80 -9.37 -3.54
CA ARG A 102 -4.63 -10.00 -4.84
C ARG A 102 -5.59 -11.16 -5.07
N VAL A 103 -6.05 -11.27 -6.31
CA VAL A 103 -6.97 -12.34 -6.70
C VAL A 103 -6.63 -12.84 -8.11
N LYS A 104 -6.24 -14.11 -8.18
CA LYS A 104 -5.86 -14.73 -9.46
C LYS A 104 -5.90 -16.24 -9.37
N ASP A 105 -6.43 -16.88 -10.41
CA ASP A 105 -6.53 -18.34 -10.44
C ASP A 105 -7.18 -18.85 -9.16
N GLY A 106 -8.13 -18.09 -8.65
CA GLY A 106 -8.83 -18.48 -7.44
C GLY A 106 -7.93 -18.49 -6.22
N ARG A 107 -7.15 -17.43 -6.04
CA ARG A 107 -6.25 -17.33 -4.89
C ARG A 107 -6.39 -15.96 -4.24
N THR A 108 -6.51 -15.93 -2.91
CA THR A 108 -6.67 -14.68 -2.18
C THR A 108 -5.43 -14.34 -1.36
N LEU A 109 -5.08 -13.05 -1.35
CA LEU A 109 -3.94 -12.56 -0.60
C LEU A 109 -4.30 -11.26 0.11
N HIS A 110 -4.01 -11.17 1.40
CA HIS A 110 -4.33 -9.97 2.14
C HIS A 110 -3.07 -9.20 2.54
N MET A 111 -3.09 -7.89 2.33
CA MET A 111 -1.94 -7.06 2.67
C MET A 111 -2.33 -5.58 2.72
N MET A 112 -1.94 -4.92 3.81
CA MET A 112 -2.23 -3.50 4.00
C MET A 112 -1.03 -2.66 3.62
N ARG A 113 -1.29 -1.47 3.07
CA ARG A 113 -0.23 -0.57 2.66
C ARG A 113 -0.55 0.86 3.11
N LEU A 114 0.45 1.54 3.67
CA LEU A 114 0.27 2.89 4.17
C LEU A 114 1.11 3.90 3.40
N TYR A 115 0.46 4.80 2.68
CA TYR A 115 1.17 5.82 1.92
C TYR A 115 1.02 7.19 2.58
N SER A 116 2.11 7.70 3.15
CA SER A 116 2.08 9.00 3.80
C SER A 116 2.66 10.07 2.87
N ARG A 117 1.95 11.18 2.70
CA ARG A 117 2.43 12.26 1.85
C ARG A 117 3.69 12.88 2.44
N SER A 118 3.68 13.03 3.75
CA SER A 118 4.82 13.62 4.46
C SER A 118 5.12 12.84 5.74
N PRO A 119 6.39 12.85 6.17
CA PRO A 119 6.85 12.14 7.37
C PRO A 119 5.96 12.42 8.59
N GLU A 120 5.29 13.57 8.59
CA GLU A 120 4.42 13.98 9.69
C GLU A 120 3.21 13.06 9.84
N VAL A 121 3.46 11.78 10.06
CA VAL A 121 2.36 10.82 10.23
C VAL A 121 1.72 10.98 11.60
N SER A 122 0.52 11.56 11.61
CA SER A 122 -0.23 11.80 12.84
C SER A 122 -0.66 10.49 13.49
N PRO A 123 -0.83 10.49 14.84
CA PRO A 123 -1.27 9.29 15.56
C PRO A 123 -2.49 8.69 14.88
N ALA A 124 -3.37 9.56 14.39
CA ALA A 124 -4.56 9.11 13.69
C ALA A 124 -4.18 8.37 12.43
N ALA A 125 -3.15 8.85 11.75
CA ALA A 125 -2.69 8.21 10.53
C ALA A 125 -2.47 6.73 10.75
N THR A 126 -1.58 6.41 11.68
CA THR A 126 -1.28 5.03 11.99
C THR A 126 -2.43 4.36 12.76
N ALA A 127 -2.97 5.06 13.75
CA ALA A 127 -4.06 4.50 14.56
C ALA A 127 -5.34 4.33 13.74
N ILE A 128 -5.78 5.38 13.07
CA ILE A 128 -7.00 5.32 12.27
C ILE A 128 -6.96 4.14 11.31
N PHE A 129 -5.84 3.94 10.63
CA PHE A 129 -5.73 2.82 9.70
C PHE A 129 -5.90 1.51 10.45
N ARG A 130 -5.29 1.43 11.63
CA ARG A 130 -5.38 0.23 12.45
C ARG A 130 -6.79 0.04 13.01
N LYS A 131 -7.31 1.07 13.66
CA LYS A 131 -8.66 1.00 14.22
C LYS A 131 -9.67 0.78 13.10
N LEU A 132 -9.50 1.52 12.00
CA LEU A 132 -10.37 1.39 10.83
C LEU A 132 -10.32 -0.06 10.35
N ALA A 133 -9.12 -0.63 10.41
CA ALA A 133 -8.91 -2.02 10.01
C ALA A 133 -9.67 -2.95 10.96
N GLY A 134 -9.67 -2.59 12.24
CA GLY A 134 -10.36 -3.39 13.23
C GLY A 134 -11.86 -3.42 13.01
N GLU A 135 -12.40 -2.29 12.54
CA GLU A 135 -13.83 -2.18 12.29
C GLU A 135 -14.32 -3.33 11.42
N ARG A 136 -13.44 -3.82 10.56
CA ARG A 136 -13.77 -4.93 9.67
C ARG A 136 -13.94 -6.23 10.46
N ASN A 137 -12.94 -6.58 11.27
CA ASN A 137 -13.03 -7.80 12.06
C ASN A 137 -11.82 -7.94 12.99
N TYR A 138 -10.62 -7.90 12.40
CA TYR A 138 -9.38 -8.03 13.19
C TYR A 138 -8.22 -7.32 12.52
N THR A 139 -7.52 -6.45 13.26
CA THR A 139 -6.36 -5.77 12.69
C THR A 139 -5.14 -6.69 12.80
N ASP A 140 -4.95 -7.28 13.99
CA ASP A 140 -3.82 -8.20 14.22
C ASP A 140 -3.91 -9.36 13.23
N GLU A 141 -5.13 -9.68 12.78
CA GLU A 141 -5.35 -10.76 11.81
C GLU A 141 -4.21 -10.78 10.78
N MET A 142 -3.80 -9.58 10.39
CA MET A 142 -2.70 -9.41 9.44
C MET A 142 -1.85 -8.22 9.88
N VAL A 143 -0.55 -8.43 9.88
CA VAL A 143 0.39 -7.39 10.28
C VAL A 143 1.66 -7.42 9.44
N ALA A 144 2.29 -6.25 9.33
CA ALA A 144 3.52 -6.09 8.58
C ALA A 144 4.06 -4.67 8.82
N MET A 145 5.23 -4.54 9.41
CA MET A 145 5.79 -3.23 9.73
C MET A 145 7.12 -2.95 9.05
N LEU A 146 7.31 -1.68 8.68
CA LEU A 146 8.53 -1.22 8.04
C LEU A 146 9.77 -1.78 8.72
N PRO A 147 10.83 -2.07 7.94
CA PRO A 147 12.07 -2.61 8.48
C PRO A 147 12.86 -1.57 9.27
N ARG A 148 13.38 -1.97 10.42
CA ARG A 148 14.15 -1.06 11.27
C ARG A 148 15.65 -1.10 10.92
N GLN A 149 16.00 -1.78 9.85
CA GLN A 149 17.40 -1.88 9.43
C GLN A 149 17.50 -2.30 7.97
N GLU A 150 18.58 -1.90 7.31
CA GLU A 150 18.79 -2.26 5.92
C GLU A 150 18.94 -3.78 5.77
N GLU A 151 19.15 -4.48 6.88
CA GLU A 151 19.30 -5.94 6.88
C GLU A 151 17.94 -6.64 6.94
N CYS A 152 17.84 -7.77 6.26
CA CYS A 152 16.61 -8.57 6.25
C CYS A 152 16.20 -8.96 7.67
N THR A 153 15.39 -8.11 8.31
CA THR A 153 14.92 -8.37 9.67
C THR A 153 13.73 -7.47 10.03
N VAL A 154 12.62 -7.68 9.34
CA VAL A 154 11.40 -6.90 9.55
C VAL A 154 10.74 -7.22 10.89
N ASP A 155 10.14 -6.20 11.53
CA ASP A 155 9.47 -6.38 12.81
C ASP A 155 8.34 -7.40 12.69
N GLU A 156 8.23 -8.27 13.69
CA GLU A 156 7.20 -9.30 13.70
C GLU A 156 7.25 -10.12 14.99
N VAL A 157 6.08 -10.42 15.55
CA VAL A 157 6.00 -11.19 16.79
C VAL A 157 6.62 -10.42 17.95
N MET A 1 9.09 -20.63 -15.73
CA MET A 1 7.80 -20.91 -15.04
C MET A 1 6.74 -19.89 -15.42
N THR A 2 7.12 -18.62 -15.45
CA THR A 2 6.20 -17.54 -15.80
C THR A 2 4.94 -17.61 -14.93
N VAL A 3 3.77 -17.31 -15.52
CA VAL A 3 2.51 -17.35 -14.79
C VAL A 3 1.33 -17.47 -15.74
N PRO A 4 0.34 -18.32 -15.41
CA PRO A 4 -0.86 -18.54 -16.24
C PRO A 4 -1.54 -17.21 -16.62
N ASP A 5 -2.76 -16.99 -16.14
CA ASP A 5 -3.50 -15.77 -16.45
C ASP A 5 -2.70 -14.53 -16.05
N ARG A 6 -2.31 -13.73 -17.04
CA ARG A 6 -1.54 -12.51 -16.78
C ARG A 6 -2.39 -11.49 -16.03
N SER A 7 -3.69 -11.46 -16.34
CA SER A 7 -4.62 -10.54 -15.71
C SER A 7 -4.53 -10.60 -14.18
N GLU A 8 -4.18 -11.78 -13.67
CA GLU A 8 -4.04 -11.97 -12.23
C GLU A 8 -3.27 -10.83 -11.59
N ILE A 9 -2.31 -10.30 -12.33
CA ILE A 9 -1.49 -9.18 -11.87
C ILE A 9 -1.45 -8.08 -12.93
N ALA A 10 -2.63 -7.62 -13.33
CA ALA A 10 -2.75 -6.57 -14.33
C ALA A 10 -4.13 -5.95 -14.29
N GLY A 11 -4.19 -4.66 -13.97
CA GLY A 11 -5.47 -3.98 -13.91
C GLY A 11 -5.45 -2.73 -13.04
N LYS A 12 -6.45 -2.61 -12.17
CA LYS A 12 -6.55 -1.45 -11.28
C LYS A 12 -6.51 -1.84 -9.80
N TRP A 13 -5.56 -1.23 -9.09
CA TRP A 13 -5.39 -1.47 -7.65
C TRP A 13 -5.77 -0.21 -6.88
N TYR A 14 -6.54 -0.36 -5.81
CA TYR A 14 -6.95 0.81 -5.01
C TYR A 14 -6.40 0.75 -3.59
N VAL A 15 -5.52 1.70 -3.26
CA VAL A 15 -4.96 1.78 -1.91
C VAL A 15 -5.79 2.72 -1.04
N VAL A 16 -6.52 2.10 -0.10
CA VAL A 16 -7.39 2.85 0.81
C VAL A 16 -7.31 2.29 2.24
N ALA A 17 -7.20 0.97 2.36
CA ALA A 17 -7.09 0.32 3.67
C ALA A 17 -5.61 0.22 4.08
N LEU A 18 -5.24 0.83 5.21
CA LEU A 18 -3.84 0.80 5.66
C LEU A 18 -3.70 0.61 7.17
N ALA A 19 -2.45 0.67 7.62
CA ALA A 19 -2.09 0.55 9.04
C ALA A 19 -0.62 0.90 9.23
N SER A 20 -0.35 2.13 9.69
CA SER A 20 1.04 2.58 9.83
C SER A 20 1.50 2.84 11.27
N ASN A 21 2.74 2.42 11.55
CA ASN A 21 3.38 2.65 12.85
C ASN A 21 4.74 3.28 12.61
N THR A 22 5.00 4.43 13.21
CA THR A 22 6.28 5.11 13.03
C THR A 22 6.38 6.36 13.89
N GLU A 23 5.31 7.15 13.93
CA GLU A 23 5.29 8.38 14.71
C GLU A 23 3.85 8.86 14.91
N PHE A 24 3.57 9.41 16.09
CA PHE A 24 2.23 9.87 16.42
C PHE A 24 1.78 11.09 15.61
N PHE A 25 2.34 12.26 15.92
CA PHE A 25 1.92 13.49 15.24
C PHE A 25 3.00 14.09 14.34
N LEU A 26 4.26 14.03 14.77
CA LEU A 26 5.35 14.61 13.99
C LEU A 26 5.30 14.19 12.52
N ARG A 27 5.55 12.91 12.25
CA ARG A 27 5.54 12.41 10.87
C ARG A 27 4.13 12.39 10.29
N GLU A 28 3.15 12.15 11.15
CA GLU A 28 1.75 12.10 10.72
C GLU A 28 1.44 13.28 9.80
N LYS A 29 2.03 14.43 10.10
CA LYS A 29 1.83 15.64 9.30
C LYS A 29 2.52 15.52 7.94
N ASP A 30 3.74 14.99 7.95
CA ASP A 30 4.49 14.82 6.71
C ASP A 30 3.86 13.71 5.87
N LYS A 31 3.69 12.54 6.47
CA LYS A 31 3.10 11.42 5.77
C LYS A 31 1.58 11.52 5.77
N MET A 32 1.03 11.93 4.64
CA MET A 32 -0.41 12.06 4.47
C MET A 32 -0.76 12.00 3.00
N LYS A 33 -1.58 11.00 2.63
CA LYS A 33 -1.96 10.82 1.24
C LYS A 33 -2.84 9.59 1.05
N MET A 34 -3.29 9.41 -0.19
CA MET A 34 -4.12 8.27 -0.59
C MET A 34 -3.77 7.90 -2.00
N ALA A 35 -4.31 6.81 -2.55
CA ALA A 35 -3.92 6.48 -3.91
C ALA A 35 -4.76 5.42 -4.61
N MET A 36 -4.67 5.48 -5.94
CA MET A 36 -5.32 4.56 -6.86
C MET A 36 -4.23 4.12 -7.83
N ALA A 37 -4.17 2.85 -8.21
CA ALA A 37 -3.08 2.41 -9.09
C ALA A 37 -3.48 1.44 -10.18
N ARG A 38 -2.57 1.29 -11.13
CA ARG A 38 -2.71 0.37 -12.25
C ARG A 38 -1.41 -0.43 -12.35
N ILE A 39 -1.50 -1.75 -12.19
CA ILE A 39 -0.30 -2.57 -12.23
C ILE A 39 -0.04 -3.17 -13.61
N SER A 40 1.26 -3.26 -13.93
CA SER A 40 1.74 -3.82 -15.19
C SER A 40 3.19 -4.29 -15.05
N PHE A 41 3.57 -5.30 -15.83
CA PHE A 41 4.93 -5.85 -15.76
C PHE A 41 5.94 -5.01 -16.54
N LEU A 42 7.10 -4.76 -15.93
CA LEU A 42 8.16 -3.99 -16.59
C LEU A 42 9.24 -4.92 -17.11
N GLY A 43 9.57 -4.77 -18.40
CA GLY A 43 10.57 -5.61 -19.04
C GLY A 43 11.98 -5.44 -18.50
N GLU A 44 12.15 -5.69 -17.21
CA GLU A 44 13.45 -5.57 -16.56
C GLU A 44 13.45 -6.34 -15.25
N ASP A 45 12.86 -7.53 -15.28
CA ASP A 45 12.76 -8.35 -14.08
C ASP A 45 12.08 -7.56 -12.97
N GLU A 46 11.05 -6.79 -13.34
CA GLU A 46 10.33 -5.97 -12.36
C GLU A 46 8.94 -5.61 -12.86
N LEU A 47 7.95 -5.75 -11.98
CA LEU A 47 6.59 -5.40 -12.31
C LEU A 47 6.26 -4.08 -11.60
N LYS A 48 5.79 -3.09 -12.35
CA LYS A 48 5.51 -1.79 -11.76
C LYS A 48 4.02 -1.46 -11.69
N VAL A 49 3.67 -0.56 -10.76
CA VAL A 49 2.28 -0.14 -10.58
C VAL A 49 2.20 1.37 -10.41
N SER A 50 1.63 2.05 -11.39
CA SER A 50 1.47 3.50 -11.35
C SER A 50 0.26 3.86 -10.51
N TYR A 51 0.34 4.94 -9.75
CA TYR A 51 -0.78 5.33 -8.90
C TYR A 51 -0.91 6.85 -8.75
N ALA A 52 -2.16 7.32 -8.68
CA ALA A 52 -2.43 8.73 -8.47
C ALA A 52 -2.49 8.98 -6.97
N VAL A 53 -1.76 9.99 -6.49
CA VAL A 53 -1.75 10.24 -5.05
C VAL A 53 -2.01 11.69 -4.68
N PRO A 54 -3.14 11.96 -3.97
CA PRO A 54 -3.50 13.28 -3.50
C PRO A 54 -3.01 13.51 -2.08
N LYS A 55 -2.68 14.76 -1.75
CA LYS A 55 -2.20 15.10 -0.41
C LYS A 55 -2.66 16.50 0.01
N PRO A 56 -2.92 16.70 1.31
CA PRO A 56 -3.38 17.99 1.84
C PRO A 56 -2.49 19.17 1.45
N ASN A 57 -2.56 20.24 2.23
CA ASN A 57 -1.78 21.44 1.96
C ASN A 57 -2.11 21.98 0.57
N GLY A 58 -3.36 21.80 0.16
CA GLY A 58 -3.79 22.26 -1.15
C GLY A 58 -4.72 21.28 -1.84
N CYS A 59 -4.73 20.03 -1.37
CA CYS A 59 -5.57 18.99 -1.95
C CYS A 59 -5.08 18.67 -3.37
N ARG A 60 -3.76 18.60 -3.54
CA ARG A 60 -3.16 18.32 -4.84
C ARG A 60 -3.16 16.82 -5.14
N LYS A 61 -2.34 16.42 -6.13
CA LYS A 61 -2.23 15.02 -6.53
C LYS A 61 -0.91 14.77 -7.25
N TRP A 62 -0.38 13.55 -7.11
CA TRP A 62 0.88 13.19 -7.75
C TRP A 62 0.93 11.70 -8.09
N GLU A 63 1.43 11.41 -9.29
CA GLU A 63 1.55 10.03 -9.75
C GLU A 63 2.99 9.56 -9.68
N THR A 64 3.18 8.28 -9.35
CA THR A 64 4.52 7.70 -9.26
C THR A 64 4.49 6.22 -9.62
N THR A 65 5.52 5.78 -10.34
CA THR A 65 5.62 4.39 -10.76
C THR A 65 6.56 3.59 -9.86
N PHE A 66 6.03 2.56 -9.21
CA PHE A 66 6.82 1.71 -8.34
C PHE A 66 7.07 0.36 -9.00
N LYS A 67 8.31 -0.13 -8.93
CA LYS A 67 8.67 -1.41 -9.53
C LYS A 67 9.54 -2.24 -8.60
N LYS A 68 9.25 -3.54 -8.51
CA LYS A 68 10.02 -4.43 -7.63
C LYS A 68 9.91 -5.89 -8.09
N THR A 69 10.05 -6.83 -7.15
CA THR A 69 9.97 -8.26 -7.44
C THR A 69 8.71 -8.86 -6.82
N SER A 70 8.19 -9.92 -7.46
CA SER A 70 6.97 -10.59 -6.98
C SER A 70 7.16 -12.11 -6.87
N ASP A 71 6.63 -12.69 -5.80
CA ASP A 71 6.72 -14.13 -5.56
C ASP A 71 5.54 -14.90 -6.17
N ASP A 72 5.77 -16.20 -6.42
CA ASP A 72 4.74 -17.08 -7.00
C ASP A 72 3.82 -17.65 -5.91
N GLY A 73 2.68 -18.20 -6.33
CA GLY A 73 1.71 -18.75 -5.39
C GLY A 73 0.82 -17.67 -4.81
N GLU A 74 1.45 -16.71 -4.14
CA GLU A 74 0.76 -15.59 -3.56
C GLU A 74 1.39 -14.33 -4.14
N VAL A 75 1.50 -13.24 -3.38
CA VAL A 75 2.15 -12.07 -3.93
C VAL A 75 3.00 -11.37 -2.87
N TYR A 76 4.30 -11.31 -3.16
CA TYR A 76 5.27 -10.70 -2.26
C TYR A 76 6.12 -9.68 -3.03
N TYR A 77 5.99 -8.41 -2.66
CA TYR A 77 6.70 -7.32 -3.32
C TYR A 77 7.87 -6.85 -2.46
N SER A 78 9.06 -6.67 -3.06
CA SER A 78 10.24 -6.23 -2.31
C SER A 78 11.30 -5.55 -3.19
N GLU A 79 11.96 -4.52 -2.64
CA GLU A 79 13.00 -3.79 -3.38
C GLU A 79 13.96 -3.03 -2.44
N GLU A 80 14.67 -2.04 -3.01
CA GLU A 80 15.63 -1.23 -2.25
C GLU A 80 16.56 -2.07 -1.39
N ALA A 81 17.36 -1.39 -0.56
CA ALA A 81 18.31 -2.05 0.31
C ALA A 81 17.62 -3.10 1.19
N LYS A 82 17.00 -2.66 2.27
CA LYS A 82 16.29 -3.57 3.16
C LYS A 82 14.80 -3.32 3.15
N LYS A 83 14.25 -3.08 1.96
CA LYS A 83 12.82 -2.84 1.83
C LYS A 83 12.14 -4.09 1.29
N LYS A 84 11.06 -4.49 1.94
CA LYS A 84 10.31 -5.68 1.54
C LYS A 84 8.88 -5.58 2.02
N VAL A 85 7.95 -6.10 1.21
CA VAL A 85 6.54 -6.05 1.56
C VAL A 85 5.85 -7.35 1.13
N GLU A 86 4.91 -7.82 1.95
CA GLU A 86 4.21 -9.08 1.63
C GLU A 86 2.76 -8.81 1.26
N VAL A 87 2.40 -9.19 0.03
CA VAL A 87 1.03 -9.01 -0.44
C VAL A 87 0.17 -10.24 -0.15
N LEU A 88 -0.78 -10.04 0.76
CA LEU A 88 -1.72 -11.06 1.19
C LEU A 88 -3.10 -10.79 0.59
N ASP A 89 -4.05 -11.69 0.81
CA ASP A 89 -5.40 -11.54 0.28
C ASP A 89 -5.41 -11.89 -1.22
N THR A 90 -4.52 -11.24 -1.98
CA THR A 90 -4.34 -11.49 -3.42
C THR A 90 -5.16 -10.56 -4.33
N ASP A 91 -4.46 -9.90 -5.24
CA ASP A 91 -5.10 -9.03 -6.22
C ASP A 91 -5.30 -9.81 -7.52
N TYR A 92 -5.49 -11.12 -7.37
CA TYR A 92 -5.66 -12.00 -8.51
C TYR A 92 -7.13 -12.27 -8.80
N LYS A 93 -7.97 -12.23 -7.77
CA LYS A 93 -9.39 -12.49 -7.96
C LYS A 93 -10.26 -11.25 -7.75
N SER A 94 -10.01 -10.47 -6.69
CA SER A 94 -10.83 -9.28 -6.45
C SER A 94 -10.28 -8.38 -5.33
N TYR A 95 -9.76 -8.98 -4.28
CA TYR A 95 -9.25 -8.20 -3.15
C TYR A 95 -7.85 -8.63 -2.72
N ALA A 96 -6.97 -7.64 -2.51
CA ALA A 96 -5.60 -7.90 -2.10
C ALA A 96 -5.17 -6.96 -0.98
N VAL A 97 -4.42 -7.48 -0.04
CA VAL A 97 -3.92 -6.69 1.08
C VAL A 97 -2.42 -6.86 1.22
N ILE A 98 -1.68 -5.78 1.07
CA ILE A 98 -0.23 -5.82 1.15
C ILE A 98 0.33 -4.81 2.14
N TYR A 99 1.07 -5.30 3.14
CA TYR A 99 1.68 -4.44 4.13
C TYR A 99 3.12 -4.16 3.74
N ALA A 100 3.50 -2.88 3.76
CA ALA A 100 4.84 -2.49 3.37
C ALA A 100 5.75 -2.23 4.58
N THR A 101 7.00 -2.67 4.45
CA THR A 101 8.01 -2.50 5.48
C THR A 101 9.32 -2.09 4.82
N ARG A 102 10.01 -1.09 5.39
CA ARG A 102 11.26 -0.62 4.82
C ARG A 102 12.33 -0.40 5.88
N VAL A 103 13.57 -0.66 5.51
CA VAL A 103 14.70 -0.48 6.40
C VAL A 103 15.92 0.02 5.64
N LYS A 104 16.64 0.97 6.24
CA LYS A 104 17.82 1.54 5.61
C LYS A 104 18.84 1.97 6.66
N ASP A 105 19.81 1.07 6.90
CA ASP A 105 20.90 1.28 7.86
C ASP A 105 20.67 2.46 8.80
N GLY A 106 19.51 2.53 9.45
CA GLY A 106 19.25 3.63 10.35
C GLY A 106 17.83 3.68 10.87
N ARG A 107 16.85 3.49 10.01
CA ARG A 107 15.45 3.57 10.45
C ARG A 107 14.56 2.51 9.82
N THR A 108 13.57 2.07 10.59
CA THR A 108 12.61 1.07 10.15
C THR A 108 11.20 1.63 10.19
N LEU A 109 10.37 1.25 9.21
CA LEU A 109 9.00 1.73 9.14
C LEU A 109 8.03 0.59 8.87
N HIS A 110 6.87 0.63 9.51
CA HIS A 110 5.86 -0.39 9.32
C HIS A 110 4.54 0.23 8.86
N MET A 111 3.96 -0.32 7.82
CA MET A 111 2.71 0.22 7.30
C MET A 111 1.98 -0.80 6.42
N MET A 112 0.65 -0.84 6.58
CA MET A 112 -0.19 -1.75 5.83
C MET A 112 -0.79 -1.07 4.60
N ARG A 113 -0.92 -1.81 3.51
CA ARG A 113 -1.50 -1.29 2.27
C ARG A 113 -2.50 -2.30 1.72
N LEU A 114 -3.65 -1.82 1.25
CA LEU A 114 -4.67 -2.73 0.71
C LEU A 114 -5.10 -2.31 -0.69
N TYR A 115 -4.96 -3.23 -1.64
CA TYR A 115 -5.36 -2.96 -3.01
C TYR A 115 -6.68 -3.65 -3.34
N SER A 116 -7.63 -2.89 -3.86
CA SER A 116 -8.93 -3.43 -4.24
C SER A 116 -9.23 -3.14 -5.71
N ARG A 117 -9.65 -4.18 -6.43
CA ARG A 117 -9.96 -4.05 -7.86
C ARG A 117 -11.17 -3.15 -8.06
N SER A 118 -12.18 -3.31 -7.22
CA SER A 118 -13.40 -2.52 -7.31
C SER A 118 -13.70 -1.85 -5.98
N PRO A 119 -14.42 -0.71 -6.01
CA PRO A 119 -14.80 0.02 -4.79
C PRO A 119 -15.22 -0.90 -3.65
N GLU A 120 -15.93 -1.97 -4.00
CA GLU A 120 -16.40 -2.94 -3.02
C GLU A 120 -15.27 -3.83 -2.53
N VAL A 121 -15.32 -4.23 -1.26
CA VAL A 121 -14.31 -5.09 -0.68
C VAL A 121 -14.94 -6.11 0.24
N SER A 122 -14.69 -7.39 -0.05
CA SER A 122 -15.23 -8.48 0.75
C SER A 122 -14.87 -8.33 2.22
N PRO A 123 -15.77 -8.74 3.14
CA PRO A 123 -15.53 -8.66 4.58
C PRO A 123 -14.19 -9.28 4.95
N ALA A 124 -13.82 -10.34 4.25
CA ALA A 124 -12.56 -11.03 4.51
C ALA A 124 -11.37 -10.13 4.20
N ALA A 125 -11.38 -9.53 3.02
CA ALA A 125 -10.31 -8.65 2.61
C ALA A 125 -10.05 -7.57 3.67
N THR A 126 -11.12 -6.93 4.13
CA THR A 126 -11.01 -5.89 5.14
C THR A 126 -10.76 -6.46 6.52
N ALA A 127 -11.58 -7.44 6.91
CA ALA A 127 -11.46 -8.07 8.22
C ALA A 127 -10.17 -8.89 8.35
N ILE A 128 -9.93 -9.77 7.39
CA ILE A 128 -8.74 -10.60 7.42
C ILE A 128 -7.48 -9.75 7.46
N PHE A 129 -7.44 -8.70 6.66
CA PHE A 129 -6.28 -7.83 6.64
C PHE A 129 -6.16 -7.11 7.98
N ARG A 130 -7.29 -6.61 8.47
CA ARG A 130 -7.33 -5.92 9.75
C ARG A 130 -6.94 -6.87 10.87
N LYS A 131 -7.60 -8.04 10.92
CA LYS A 131 -7.29 -9.04 11.93
C LYS A 131 -5.84 -9.47 11.76
N LEU A 132 -5.43 -9.62 10.50
CA LEU A 132 -4.06 -9.99 10.17
C LEU A 132 -3.12 -8.92 10.74
N ALA A 133 -3.50 -7.67 10.57
CA ALA A 133 -2.72 -6.55 11.07
C ALA A 133 -2.67 -6.59 12.60
N GLY A 134 -3.78 -6.97 13.21
CA GLY A 134 -3.85 -7.05 14.66
C GLY A 134 -3.02 -8.20 15.21
N GLU A 135 -3.20 -9.39 14.65
CA GLU A 135 -2.47 -10.57 15.09
C GLU A 135 -0.97 -10.39 14.88
N ARG A 136 -0.62 -9.54 13.91
CA ARG A 136 0.77 -9.26 13.59
C ARG A 136 1.45 -8.52 14.74
N ASN A 137 0.76 -7.52 15.29
CA ASN A 137 1.30 -6.74 16.39
C ASN A 137 0.20 -5.98 17.12
N TYR A 138 -0.64 -5.28 16.36
CA TYR A 138 -1.75 -4.50 16.91
C TYR A 138 -2.22 -3.44 15.91
N THR A 139 -3.50 -3.46 15.57
CA THR A 139 -4.05 -2.47 14.65
C THR A 139 -4.32 -1.18 15.41
N ASP A 140 -4.85 -1.31 16.62
CA ASP A 140 -5.14 -0.16 17.46
C ASP A 140 -3.88 0.66 17.68
N GLU A 141 -2.74 -0.02 17.69
CA GLU A 141 -1.43 0.60 17.89
C GLU A 141 -1.26 1.86 17.04
N MET A 142 -1.03 1.67 15.75
CA MET A 142 -0.90 2.79 14.82
C MET A 142 -1.34 2.33 13.44
N VAL A 143 -2.60 2.60 13.13
CA VAL A 143 -3.19 2.18 11.85
C VAL A 143 -3.23 3.36 10.86
N ALA A 144 -3.90 3.16 9.73
CA ALA A 144 -4.06 4.17 8.70
C ALA A 144 -5.25 3.79 7.81
N MET A 145 -6.31 4.60 7.83
CA MET A 145 -7.51 4.29 7.06
C MET A 145 -7.94 5.41 6.12
N LEU A 146 -8.65 5.02 5.06
CA LEU A 146 -9.17 5.95 4.05
C LEU A 146 -9.72 7.23 4.69
N PRO A 147 -9.57 8.38 4.03
CA PRO A 147 -10.02 9.68 4.52
C PRO A 147 -11.47 9.99 4.13
N ARG A 148 -11.79 11.28 4.04
CA ARG A 148 -13.13 11.72 3.66
C ARG A 148 -13.25 11.79 2.12
N GLN A 149 -13.65 12.96 1.59
CA GLN A 149 -13.80 13.12 0.14
C GLN A 149 -12.45 13.17 -0.57
N GLU A 150 -12.47 12.99 -1.88
CA GLU A 150 -11.26 13.00 -2.69
C GLU A 150 -10.63 14.39 -2.82
N GLU A 151 -10.43 15.04 -1.68
CA GLU A 151 -9.80 16.35 -1.64
C GLU A 151 -8.48 16.23 -0.89
N CYS A 152 -8.33 16.91 0.25
CA CYS A 152 -7.11 16.79 1.04
C CYS A 152 -7.16 15.50 1.86
N THR A 153 -6.32 14.55 1.47
CA THR A 153 -6.27 13.22 2.10
C THR A 153 -5.73 13.22 3.53
N VAL A 154 -6.15 12.21 4.29
CA VAL A 154 -5.74 12.02 5.68
C VAL A 154 -4.33 11.43 5.77
N ASP A 155 -3.72 11.51 6.96
CA ASP A 155 -2.37 10.99 7.18
C ASP A 155 -2.21 9.56 6.64
N GLU A 156 -1.01 9.27 6.13
CA GLU A 156 -0.69 7.96 5.58
C GLU A 156 0.76 7.90 5.12
N VAL A 157 1.41 6.76 5.34
CA VAL A 157 2.80 6.59 4.94
C VAL A 157 3.02 6.98 3.48
N MET A 1 -18.13 25.75 -10.66
CA MET A 1 -17.55 24.47 -11.14
C MET A 1 -16.03 24.49 -11.07
N THR A 2 -15.44 23.41 -10.55
CA THR A 2 -13.99 23.32 -10.43
C THR A 2 -13.55 21.86 -10.29
N VAL A 3 -12.55 21.47 -11.07
CA VAL A 3 -12.04 20.10 -11.04
C VAL A 3 -11.15 19.87 -9.80
N PRO A 4 -11.32 18.71 -9.14
CA PRO A 4 -10.53 18.37 -7.94
C PRO A 4 -9.03 18.43 -8.20
N ASP A 5 -8.28 18.88 -7.20
CA ASP A 5 -6.82 19.00 -7.31
C ASP A 5 -6.20 17.66 -7.69
N ARG A 6 -5.65 17.59 -8.91
CA ARG A 6 -5.01 16.36 -9.38
C ARG A 6 -3.75 16.06 -8.60
N SER A 7 -3.02 17.11 -8.22
CA SER A 7 -1.78 16.96 -7.46
C SER A 7 -1.99 16.05 -6.26
N GLU A 8 -3.18 16.12 -5.66
CA GLU A 8 -3.50 15.31 -4.49
C GLU A 8 -2.98 13.88 -4.66
N ILE A 9 -3.14 13.34 -5.85
CA ILE A 9 -2.68 12.00 -6.16
C ILE A 9 -1.28 12.02 -6.77
N ALA A 10 -0.98 13.05 -7.55
CA ALA A 10 0.33 13.17 -8.19
C ALA A 10 1.44 13.43 -7.19
N GLY A 11 2.50 12.61 -7.23
CA GLY A 11 3.62 12.80 -6.32
C GLY A 11 4.31 11.51 -5.91
N LYS A 12 4.88 11.52 -4.70
CA LYS A 12 5.58 10.35 -4.17
C LYS A 12 4.84 9.77 -2.96
N TRP A 13 4.57 8.46 -3.00
CA TRP A 13 3.86 7.79 -1.93
C TRP A 13 4.81 6.91 -1.11
N TYR A 14 4.79 7.09 0.21
CA TYR A 14 5.64 6.30 1.10
C TYR A 14 4.85 5.19 1.77
N VAL A 15 5.42 3.98 1.76
CA VAL A 15 4.76 2.83 2.38
C VAL A 15 5.62 2.21 3.47
N VAL A 16 4.99 2.00 4.63
CA VAL A 16 5.65 1.43 5.79
C VAL A 16 4.71 0.51 6.59
N ALA A 17 3.46 0.92 6.76
CA ALA A 17 2.48 0.11 7.50
C ALA A 17 1.77 -0.88 6.57
N LEU A 18 1.50 -2.09 7.07
CA LEU A 18 0.84 -3.12 6.26
C LEU A 18 0.12 -4.17 7.11
N ALA A 19 -0.40 -5.19 6.44
CA ALA A 19 -1.12 -6.29 7.09
C ALA A 19 -1.51 -7.33 6.04
N SER A 20 -1.01 -8.56 6.15
CA SER A 20 -1.32 -9.56 5.13
C SER A 20 -1.31 -11.01 5.62
N ASN A 21 -2.03 -11.83 4.87
CA ASN A 21 -2.12 -13.27 5.11
C ASN A 21 -2.18 -14.00 3.76
N THR A 22 -1.37 -15.06 3.63
CA THR A 22 -1.30 -15.83 2.40
C THR A 22 -0.14 -16.83 2.47
N GLU A 23 1.03 -16.33 2.88
CA GLU A 23 2.23 -17.14 3.00
C GLU A 23 3.38 -16.29 3.50
N PHE A 24 4.09 -16.79 4.50
CA PHE A 24 5.21 -16.05 5.09
C PHE A 24 6.50 -16.28 4.30
N PHE A 25 6.84 -17.54 4.06
CA PHE A 25 8.06 -17.88 3.33
C PHE A 25 8.20 -17.12 2.02
N LEU A 26 7.12 -17.06 1.25
CA LEU A 26 7.14 -16.37 -0.04
C LEU A 26 7.38 -14.88 0.12
N ARG A 27 6.62 -14.25 1.02
CA ARG A 27 6.73 -12.82 1.25
C ARG A 27 8.12 -12.43 1.76
N GLU A 28 8.68 -13.25 2.64
CA GLU A 28 10.00 -12.96 3.21
C GLU A 28 11.06 -12.78 2.13
N LYS A 29 11.20 -13.75 1.25
CA LYS A 29 12.19 -13.67 0.18
C LYS A 29 11.71 -12.82 -1.00
N ASP A 30 10.43 -12.88 -1.29
CA ASP A 30 9.87 -12.13 -2.42
C ASP A 30 9.82 -10.62 -2.16
N LYS A 31 9.09 -10.20 -1.13
CA LYS A 31 8.97 -8.78 -0.83
C LYS A 31 9.28 -8.49 0.64
N MET A 32 8.55 -7.55 1.25
CA MET A 32 8.75 -7.17 2.66
C MET A 32 10.08 -6.42 2.85
N LYS A 33 10.04 -5.12 2.60
CA LYS A 33 11.21 -4.24 2.74
C LYS A 33 10.74 -2.80 2.82
N MET A 34 11.67 -1.85 2.96
CA MET A 34 11.28 -0.44 2.99
C MET A 34 10.65 -0.10 1.65
N ALA A 35 9.59 0.72 1.63
CA ALA A 35 8.95 1.00 0.35
C ALA A 35 8.67 2.47 0.10
N MET A 36 8.96 2.88 -1.13
CA MET A 36 8.72 4.24 -1.62
C MET A 36 7.89 4.14 -2.87
N ALA A 37 7.23 5.21 -3.29
CA ALA A 37 6.41 5.14 -4.48
C ALA A 37 6.26 6.47 -5.20
N ARG A 38 6.03 6.39 -6.51
CA ARG A 38 5.85 7.56 -7.36
C ARG A 38 4.66 7.33 -8.30
N ILE A 39 3.58 8.09 -8.12
CA ILE A 39 2.38 7.92 -8.92
C ILE A 39 2.17 9.02 -9.95
N SER A 40 1.63 8.61 -11.11
CA SER A 40 1.35 9.51 -12.22
C SER A 40 0.26 8.91 -13.12
N PHE A 41 -0.71 9.74 -13.51
CA PHE A 41 -1.82 9.28 -14.35
C PHE A 41 -1.39 9.00 -15.79
N LEU A 42 -1.84 7.87 -16.34
CA LEU A 42 -1.51 7.49 -17.71
C LEU A 42 -2.73 7.68 -18.63
N GLY A 43 -2.47 8.29 -19.79
CA GLY A 43 -3.52 8.55 -20.76
C GLY A 43 -4.12 7.29 -21.36
N GLU A 44 -4.70 6.45 -20.51
CA GLU A 44 -5.31 5.21 -20.96
C GLU A 44 -6.29 4.74 -19.89
N ASP A 45 -7.02 5.69 -19.31
CA ASP A 45 -7.97 5.37 -18.27
C ASP A 45 -7.27 4.61 -17.15
N GLU A 46 -6.05 5.03 -16.80
CA GLU A 46 -5.32 4.33 -15.76
C GLU A 46 -4.12 5.12 -15.24
N LEU A 47 -4.04 5.23 -13.91
CA LEU A 47 -2.95 5.93 -13.25
C LEU A 47 -2.03 4.90 -12.59
N LYS A 48 -0.72 5.12 -12.69
CA LYS A 48 0.23 4.17 -12.12
C LYS A 48 1.13 4.78 -11.04
N VAL A 49 1.55 3.93 -10.10
CA VAL A 49 2.43 4.34 -9.00
C VAL A 49 3.56 3.33 -8.86
N SER A 50 4.79 3.77 -9.07
CA SER A 50 5.95 2.88 -9.00
C SER A 50 6.50 2.80 -7.58
N TYR A 51 6.37 1.64 -6.95
CA TYR A 51 6.88 1.44 -5.61
C TYR A 51 8.31 0.91 -5.65
N ALA A 52 9.25 1.67 -5.09
CA ALA A 52 10.65 1.23 -5.05
C ALA A 52 11.00 0.79 -3.63
N VAL A 53 11.08 -0.52 -3.41
CA VAL A 53 11.39 -1.05 -2.10
C VAL A 53 12.86 -1.42 -1.92
N PRO A 54 13.62 -0.60 -1.15
CA PRO A 54 15.03 -0.81 -0.87
C PRO A 54 15.26 -1.36 0.54
N LYS A 55 16.44 -1.96 0.76
CA LYS A 55 16.81 -2.51 2.07
C LYS A 55 18.15 -3.24 1.99
N PRO A 56 19.23 -2.63 2.54
CA PRO A 56 20.58 -3.20 2.53
C PRO A 56 20.70 -4.42 3.44
N ASN A 57 21.66 -5.29 3.11
CA ASN A 57 21.90 -6.51 3.88
C ASN A 57 20.69 -7.43 3.83
N GLY A 58 20.92 -8.68 3.43
CA GLY A 58 19.84 -9.65 3.34
C GLY A 58 18.83 -9.28 2.26
N CYS A 59 18.17 -8.14 2.44
CA CYS A 59 17.19 -7.67 1.47
C CYS A 59 17.89 -7.12 0.22
N ARG A 60 17.40 -6.01 -0.33
CA ARG A 60 18.01 -5.43 -1.53
C ARG A 60 17.20 -4.22 -2.03
N LYS A 61 16.58 -4.34 -3.21
CA LYS A 61 15.78 -3.27 -3.78
C LYS A 61 14.88 -3.79 -4.88
N TRP A 62 13.64 -3.30 -4.94
CA TRP A 62 12.71 -3.76 -5.98
C TRP A 62 11.71 -2.68 -6.37
N GLU A 63 11.36 -2.65 -7.65
CA GLU A 63 10.41 -1.66 -8.16
C GLU A 63 9.31 -2.34 -8.98
N THR A 64 8.09 -1.85 -8.86
CA THR A 64 6.96 -2.39 -9.59
C THR A 64 5.92 -1.31 -9.87
N THR A 65 5.38 -1.32 -11.08
CA THR A 65 4.41 -0.33 -11.49
C THR A 65 2.97 -0.85 -11.47
N PHE A 66 2.18 -0.32 -10.54
CA PHE A 66 0.77 -0.67 -10.44
C PHE A 66 -0.02 0.34 -11.26
N LYS A 67 -0.86 -0.14 -12.19
CA LYS A 67 -1.60 0.78 -13.04
C LYS A 67 -2.99 0.26 -13.40
N LYS A 68 -3.99 1.12 -13.20
CA LYS A 68 -5.38 0.79 -13.53
C LYS A 68 -6.33 1.92 -13.08
N THR A 69 -7.40 1.60 -12.34
CA THR A 69 -8.35 2.63 -11.91
C THR A 69 -8.47 2.69 -10.39
N SER A 70 -9.00 3.81 -9.90
CA SER A 70 -9.19 4.02 -8.47
C SER A 70 -10.50 4.75 -8.22
N ASP A 71 -11.62 4.05 -8.42
CA ASP A 71 -12.95 4.64 -8.24
C ASP A 71 -13.80 3.85 -7.26
N ASP A 72 -14.58 4.57 -6.45
CA ASP A 72 -15.48 3.99 -5.45
C ASP A 72 -15.93 5.07 -4.48
N GLY A 73 -16.98 4.81 -3.69
CA GLY A 73 -17.45 5.81 -2.74
C GLY A 73 -16.29 6.55 -2.13
N GLU A 74 -15.25 5.79 -1.77
CA GLU A 74 -14.03 6.34 -1.22
C GLU A 74 -12.96 6.29 -2.34
N VAL A 75 -11.85 5.58 -2.12
CA VAL A 75 -10.86 5.47 -3.19
C VAL A 75 -10.42 4.02 -3.33
N TYR A 76 -11.03 3.32 -4.29
CA TYR A 76 -10.76 1.91 -4.54
C TYR A 76 -9.97 1.71 -5.82
N TYR A 77 -8.77 1.13 -5.69
CA TYR A 77 -7.89 0.90 -6.84
C TYR A 77 -7.75 -0.59 -7.19
N SER A 78 -8.28 -0.98 -8.34
CA SER A 78 -8.19 -2.36 -8.81
C SER A 78 -7.39 -2.42 -10.10
N GLU A 79 -6.70 -3.54 -10.33
CA GLU A 79 -5.90 -3.68 -11.55
C GLU A 79 -5.73 -5.12 -12.02
N GLU A 80 -6.09 -5.34 -13.30
CA GLU A 80 -5.96 -6.64 -13.96
C GLU A 80 -6.41 -7.80 -13.09
N ALA A 81 -6.81 -8.89 -13.74
CA ALA A 81 -7.20 -10.09 -13.03
C ALA A 81 -5.94 -10.70 -12.43
N LYS A 82 -5.42 -10.03 -11.42
CA LYS A 82 -4.20 -10.45 -10.76
C LYS A 82 -4.15 -9.88 -9.34
N LYS A 83 -4.64 -8.64 -9.16
CA LYS A 83 -4.67 -8.06 -7.82
C LYS A 83 -5.52 -6.79 -7.75
N LYS A 84 -6.43 -6.77 -6.77
CA LYS A 84 -7.31 -5.63 -6.53
C LYS A 84 -6.84 -4.91 -5.27
N VAL A 85 -7.06 -3.60 -5.19
CA VAL A 85 -6.61 -2.84 -4.03
C VAL A 85 -7.58 -1.72 -3.65
N GLU A 86 -7.97 -1.67 -2.39
CA GLU A 86 -8.89 -0.63 -1.91
C GLU A 86 -8.14 0.41 -1.08
N VAL A 87 -8.26 1.67 -1.48
CA VAL A 87 -7.61 2.77 -0.77
C VAL A 87 -8.55 3.40 0.26
N LEU A 88 -8.07 3.44 1.50
CA LEU A 88 -8.82 4.00 2.61
C LEU A 88 -8.19 5.32 3.10
N ASP A 89 -8.54 5.73 4.32
CA ASP A 89 -8.00 6.96 4.89
C ASP A 89 -8.33 8.16 4.00
N THR A 90 -7.32 8.96 3.61
CA THR A 90 -7.56 10.12 2.76
C THR A 90 -6.55 10.18 1.62
N ASP A 91 -6.89 9.54 0.51
CA ASP A 91 -6.02 9.52 -0.66
C ASP A 91 -6.22 10.76 -1.53
N TYR A 92 -6.68 11.85 -0.91
CA TYR A 92 -6.92 13.11 -1.62
C TYR A 92 -6.55 14.30 -0.74
N LYS A 93 -5.55 14.15 0.12
CA LYS A 93 -5.14 15.24 1.00
C LYS A 93 -3.66 15.14 1.37
N SER A 94 -3.35 14.45 2.47
CA SER A 94 -1.96 14.33 2.92
C SER A 94 -1.64 12.93 3.44
N TYR A 95 -2.65 12.17 3.85
CA TYR A 95 -2.43 10.83 4.37
C TYR A 95 -3.45 9.83 3.81
N ALA A 96 -2.95 8.70 3.31
CA ALA A 96 -3.80 7.67 2.74
C ALA A 96 -3.31 6.28 3.12
N VAL A 97 -4.25 5.38 3.37
CA VAL A 97 -3.91 4.01 3.71
C VAL A 97 -4.59 3.08 2.72
N ILE A 98 -3.79 2.33 1.98
CA ILE A 98 -4.32 1.45 0.94
C ILE A 98 -3.91 -0.01 1.14
N TYR A 99 -4.90 -0.90 1.16
CA TYR A 99 -4.62 -2.33 1.31
C TYR A 99 -4.80 -3.04 -0.02
N ALA A 100 -3.76 -3.75 -0.45
CA ALA A 100 -3.79 -4.47 -1.72
C ALA A 100 -4.09 -5.96 -1.52
N THR A 101 -4.91 -6.50 -2.42
CA THR A 101 -5.29 -7.92 -2.37
C THR A 101 -5.15 -8.54 -3.75
N ARG A 102 -4.49 -9.69 -3.82
CA ARG A 102 -4.30 -10.37 -5.09
C ARG A 102 -5.57 -11.09 -5.54
N VAL A 103 -5.78 -11.12 -6.85
CA VAL A 103 -6.95 -11.76 -7.45
C VAL A 103 -6.62 -12.22 -8.87
N LYS A 104 -6.42 -13.53 -9.03
CA LYS A 104 -6.08 -14.10 -10.33
C LYS A 104 -6.76 -15.45 -10.55
N ASP A 105 -7.97 -15.40 -11.12
CA ASP A 105 -8.76 -16.60 -11.43
C ASP A 105 -8.17 -17.88 -10.82
N GLY A 106 -7.99 -17.89 -9.50
CA GLY A 106 -7.42 -19.08 -8.87
C GLY A 106 -7.05 -18.88 -7.42
N ARG A 107 -6.40 -17.77 -7.10
CA ARG A 107 -5.98 -17.52 -5.73
C ARG A 107 -6.19 -16.07 -5.30
N THR A 108 -6.45 -15.89 -4.00
CA THR A 108 -6.67 -14.57 -3.42
C THR A 108 -5.65 -14.29 -2.33
N LEU A 109 -5.27 -13.03 -2.20
CA LEU A 109 -4.29 -12.63 -1.19
C LEU A 109 -4.73 -11.35 -0.49
N HIS A 110 -4.56 -11.28 0.83
CA HIS A 110 -4.94 -10.09 1.57
C HIS A 110 -3.69 -9.38 2.10
N MET A 111 -3.60 -8.07 1.85
CA MET A 111 -2.45 -7.31 2.30
C MET A 111 -2.76 -5.81 2.40
N MET A 112 -2.29 -5.20 3.50
CA MET A 112 -2.49 -3.77 3.74
C MET A 112 -1.24 -2.98 3.42
N ARG A 113 -1.41 -1.74 2.95
CA ARG A 113 -0.28 -0.89 2.61
C ARG A 113 -0.55 0.57 2.99
N LEU A 114 0.45 1.22 3.60
CA LEU A 114 0.32 2.62 4.02
C LEU A 114 0.81 3.58 2.95
N TYR A 115 0.34 4.82 3.01
CA TYR A 115 0.75 5.86 2.06
C TYR A 115 0.73 7.24 2.71
N SER A 116 1.87 7.93 2.62
CA SER A 116 2.01 9.28 3.16
C SER A 116 2.75 10.15 2.15
N ARG A 117 2.15 11.29 1.82
CA ARG A 117 2.76 12.21 0.85
C ARG A 117 4.06 12.80 1.38
N SER A 118 4.08 13.15 2.66
CA SER A 118 5.27 13.74 3.27
C SER A 118 5.70 12.95 4.50
N PRO A 119 7.02 12.92 4.78
CA PRO A 119 7.57 12.20 5.93
C PRO A 119 6.75 12.44 7.20
N GLU A 120 6.24 13.65 7.34
CA GLU A 120 5.44 14.03 8.50
C GLU A 120 4.12 13.25 8.55
N VAL A 121 4.21 11.95 8.79
CA VAL A 121 3.02 11.12 8.86
C VAL A 121 2.12 11.56 10.01
N SER A 122 1.03 12.23 9.66
CA SER A 122 0.08 12.73 10.65
C SER A 122 -0.52 11.57 11.45
N PRO A 123 -0.89 11.82 12.71
CA PRO A 123 -1.49 10.79 13.57
C PRO A 123 -2.62 10.07 12.85
N ALA A 124 -3.40 10.82 12.07
CA ALA A 124 -4.52 10.27 11.32
C ALA A 124 -4.05 9.21 10.35
N ALA A 125 -3.01 9.51 9.59
CA ALA A 125 -2.48 8.58 8.62
C ALA A 125 -2.23 7.21 9.26
N THR A 126 -1.33 7.18 10.24
CA THR A 126 -1.01 5.94 10.93
C THR A 126 -2.15 5.47 11.81
N ALA A 127 -2.71 6.39 12.59
CA ALA A 127 -3.80 6.06 13.51
C ALA A 127 -5.07 5.63 12.79
N ILE A 128 -5.40 6.29 11.69
CA ILE A 128 -6.61 5.94 10.95
C ILE A 128 -6.55 4.50 10.46
N PHE A 129 -5.46 4.12 9.78
CA PHE A 129 -5.33 2.75 9.31
C PHE A 129 -5.50 1.79 10.49
N ARG A 130 -4.79 2.10 11.57
CA ARG A 130 -4.85 1.31 12.79
C ARG A 130 -6.24 1.42 13.40
N LYS A 131 -6.83 2.61 13.30
CA LYS A 131 -8.15 2.88 13.84
C LYS A 131 -9.16 1.92 13.21
N LEU A 132 -9.01 1.71 11.91
CA LEU A 132 -9.88 0.79 11.19
C LEU A 132 -9.77 -0.59 11.83
N ALA A 133 -8.54 -0.97 12.15
CA ALA A 133 -8.27 -2.24 12.80
C ALA A 133 -8.70 -2.20 14.26
N GLY A 134 -8.52 -1.04 14.88
CA GLY A 134 -8.89 -0.88 16.28
C GLY A 134 -10.39 -0.90 16.49
N GLU A 135 -11.12 -0.11 15.71
CA GLU A 135 -12.57 -0.06 15.82
C GLU A 135 -13.15 -1.47 15.73
N ARG A 136 -12.59 -2.28 14.82
CA ARG A 136 -13.00 -3.68 14.68
C ARG A 136 -12.10 -4.57 15.53
N ASN A 137 -11.51 -3.99 16.57
CA ASN A 137 -10.63 -4.72 17.47
C ASN A 137 -9.43 -5.25 16.69
N TYR A 138 -8.22 -4.99 17.18
CA TYR A 138 -7.02 -5.47 16.49
C TYR A 138 -7.15 -6.97 16.24
N THR A 139 -7.16 -7.34 14.96
CA THR A 139 -7.31 -8.73 14.57
C THR A 139 -5.97 -9.42 14.37
N ASP A 140 -5.82 -10.58 14.99
CA ASP A 140 -4.60 -11.37 14.83
C ASP A 140 -4.54 -11.88 13.39
N GLU A 141 -5.69 -11.83 12.72
CA GLU A 141 -5.83 -12.28 11.34
C GLU A 141 -4.60 -11.95 10.51
N MET A 142 -4.58 -10.76 9.90
CA MET A 142 -3.44 -10.37 9.08
C MET A 142 -2.77 -9.08 9.56
N VAL A 143 -1.49 -9.22 9.87
CA VAL A 143 -0.67 -8.10 10.29
C VAL A 143 0.59 -8.08 9.44
N ALA A 144 1.19 -6.92 9.24
CA ALA A 144 2.40 -6.85 8.43
C ALA A 144 3.08 -5.51 8.57
N MET A 145 4.41 -5.53 8.57
CA MET A 145 5.18 -4.31 8.69
C MET A 145 6.20 -4.23 7.55
N LEU A 146 6.29 -3.04 6.97
CA LEU A 146 7.15 -2.74 5.83
C LEU A 146 8.29 -3.75 5.59
N PRO A 147 9.20 -3.97 6.55
CA PRO A 147 10.33 -4.89 6.38
C PRO A 147 9.95 -6.36 6.50
N ARG A 148 10.92 -7.24 6.24
CA ARG A 148 10.72 -8.68 6.34
C ARG A 148 11.18 -9.21 7.71
N GLN A 149 11.93 -10.33 7.74
CA GLN A 149 12.37 -10.90 9.01
C GLN A 149 13.88 -11.18 9.02
N GLU A 150 14.30 -12.21 9.79
CA GLU A 150 15.72 -12.60 9.93
C GLU A 150 16.56 -12.19 8.71
N GLU A 151 16.93 -10.91 8.69
CA GLU A 151 17.72 -10.31 7.61
C GLU A 151 17.34 -8.83 7.50
N CYS A 152 16.11 -8.53 7.89
CA CYS A 152 15.56 -7.16 7.88
C CYS A 152 14.38 -7.11 8.86
N THR A 153 14.63 -6.61 10.06
CA THR A 153 13.61 -6.53 11.10
C THR A 153 12.34 -5.80 10.63
N VAL A 154 11.20 -6.43 10.91
CA VAL A 154 9.89 -5.89 10.54
C VAL A 154 9.41 -4.82 11.55
N ASP A 155 10.13 -3.70 11.59
CA ASP A 155 9.84 -2.59 12.51
C ASP A 155 8.34 -2.24 12.57
N GLU A 156 7.96 -1.55 13.67
CA GLU A 156 6.59 -1.11 13.91
C GLU A 156 5.72 -2.23 14.47
N VAL A 157 4.94 -1.90 15.50
CA VAL A 157 4.06 -2.87 16.16
C VAL A 157 4.78 -4.18 16.43
N MET A 1 -17.80 22.71 -2.41
CA MET A 1 -17.24 21.63 -1.55
C MET A 1 -15.72 21.55 -1.68
N THR A 2 -15.23 21.62 -2.92
CA THR A 2 -13.79 21.56 -3.16
C THR A 2 -13.49 21.70 -4.65
N VAL A 3 -12.53 22.57 -4.98
CA VAL A 3 -12.14 22.78 -6.36
C VAL A 3 -11.28 21.65 -6.90
N PRO A 4 -11.53 21.19 -8.14
CA PRO A 4 -10.76 20.10 -8.74
C PRO A 4 -9.27 20.40 -8.78
N ASP A 5 -8.46 19.36 -8.61
CA ASP A 5 -7.01 19.52 -8.62
C ASP A 5 -6.32 18.20 -8.99
N ARG A 6 -5.47 18.25 -10.02
CA ARG A 6 -4.75 17.06 -10.46
C ARG A 6 -3.77 16.60 -9.38
N SER A 7 -3.20 17.57 -8.66
CA SER A 7 -2.24 17.29 -7.60
C SER A 7 -2.78 16.24 -6.61
N GLU A 8 -4.09 16.25 -6.43
CA GLU A 8 -4.75 15.30 -5.52
C GLU A 8 -4.20 13.90 -5.71
N ILE A 9 -3.79 13.59 -6.93
CA ILE A 9 -3.23 12.29 -7.27
C ILE A 9 -2.02 12.45 -8.19
N ALA A 10 -1.04 13.22 -7.76
CA ALA A 10 0.16 13.45 -8.53
C ALA A 10 1.29 13.99 -7.65
N GLY A 11 2.23 13.12 -7.30
CA GLY A 11 3.34 13.53 -6.47
C GLY A 11 4.14 12.36 -5.92
N LYS A 12 4.62 12.52 -4.69
CA LYS A 12 5.42 11.47 -4.04
C LYS A 12 4.64 10.76 -2.94
N TRP A 13 4.63 9.43 -3.03
CA TRP A 13 3.96 8.57 -2.05
C TRP A 13 5.00 7.70 -1.34
N TYR A 14 4.92 7.64 -0.01
CA TYR A 14 5.88 6.83 0.76
C TYR A 14 5.16 5.73 1.55
N VAL A 15 5.32 4.49 1.11
CA VAL A 15 4.69 3.36 1.79
C VAL A 15 5.55 2.86 2.95
N VAL A 16 4.95 2.83 4.14
CA VAL A 16 5.64 2.37 5.34
C VAL A 16 4.73 1.51 6.22
N ALA A 17 3.46 1.89 6.34
CA ALA A 17 2.50 1.12 7.13
C ALA A 17 1.97 -0.05 6.30
N LEU A 18 1.97 -1.26 6.85
CA LEU A 18 1.49 -2.44 6.12
C LEU A 18 0.59 -3.34 6.97
N ALA A 19 0.01 -4.33 6.29
CA ALA A 19 -0.88 -5.31 6.94
C ALA A 19 -1.13 -6.48 5.98
N SER A 20 -0.62 -7.67 6.32
CA SER A 20 -0.79 -8.83 5.43
C SER A 20 -1.21 -10.11 6.16
N ASN A 21 -1.65 -11.07 5.34
CA ASN A 21 -2.08 -12.39 5.82
C ASN A 21 -2.19 -13.35 4.65
N THR A 22 -1.80 -14.60 4.86
CA THR A 22 -1.82 -15.59 3.80
C THR A 22 -1.40 -16.97 4.31
N GLU A 23 -1.60 -17.99 3.47
CA GLU A 23 -1.25 -19.36 3.82
C GLU A 23 0.25 -19.61 3.65
N PHE A 24 0.64 -20.26 2.55
CA PHE A 24 2.05 -20.57 2.29
C PHE A 24 2.90 -19.30 2.22
N PHE A 25 2.37 -18.26 1.58
CA PHE A 25 3.09 -17.01 1.46
C PHE A 25 3.43 -16.44 2.83
N LEU A 26 2.73 -16.92 3.86
CA LEU A 26 2.94 -16.48 5.23
C LEU A 26 4.41 -16.42 5.59
N ARG A 27 5.16 -17.45 5.19
CA ARG A 27 6.60 -17.51 5.47
C ARG A 27 7.29 -16.20 5.10
N GLU A 28 6.86 -15.59 3.99
CA GLU A 28 7.45 -14.34 3.54
C GLU A 28 6.85 -13.13 4.25
N LYS A 29 6.14 -13.35 5.35
CA LYS A 29 5.54 -12.25 6.10
C LYS A 29 6.60 -11.55 6.95
N ASP A 30 7.56 -12.33 7.42
CA ASP A 30 8.63 -11.80 8.24
C ASP A 30 9.46 -10.78 7.46
N LYS A 31 9.66 -11.05 6.18
CA LYS A 31 10.43 -10.15 5.32
C LYS A 31 9.60 -8.99 4.79
N MET A 32 8.95 -8.26 5.69
CA MET A 32 8.13 -7.11 5.30
C MET A 32 8.92 -6.16 4.43
N LYS A 33 8.53 -6.08 3.16
CA LYS A 33 9.20 -5.23 2.18
C LYS A 33 8.80 -3.76 2.32
N MET A 34 9.80 -2.88 2.28
CA MET A 34 9.56 -1.43 2.36
C MET A 34 9.15 -0.92 0.98
N ALA A 35 8.40 0.17 0.89
CA ALA A 35 7.99 0.65 -0.42
C ALA A 35 7.75 2.15 -0.51
N MET A 36 8.28 2.74 -1.57
CA MET A 36 8.14 4.15 -1.87
C MET A 36 7.55 4.27 -3.28
N ALA A 37 6.56 5.13 -3.47
CA ALA A 37 5.93 5.24 -4.79
C ALA A 37 5.63 6.67 -5.22
N ARG A 38 5.50 6.85 -6.53
CA ARG A 38 5.16 8.14 -7.13
C ARG A 38 3.91 7.93 -8.00
N ILE A 39 2.88 8.71 -7.77
CA ILE A 39 1.63 8.53 -8.52
C ILE A 39 1.49 9.52 -9.69
N SER A 40 0.96 9.00 -10.82
CA SER A 40 0.77 9.78 -12.04
C SER A 40 -0.21 9.07 -12.98
N PHE A 41 -1.12 9.82 -13.61
CA PHE A 41 -2.12 9.25 -14.52
C PHE A 41 -1.55 8.96 -15.92
N LEU A 42 -1.85 7.77 -16.46
CA LEU A 42 -1.37 7.38 -17.80
C LEU A 42 -2.48 7.50 -18.86
N GLY A 43 -2.21 8.29 -19.90
CA GLY A 43 -3.16 8.45 -21.00
C GLY A 43 -4.62 8.43 -20.58
N GLU A 44 -4.92 8.96 -19.39
CA GLU A 44 -6.29 9.01 -18.87
C GLU A 44 -6.86 7.63 -18.59
N ASP A 45 -6.95 6.80 -19.62
CA ASP A 45 -7.52 5.46 -19.49
C ASP A 45 -6.98 4.71 -18.26
N GLU A 46 -5.69 4.86 -17.97
CA GLU A 46 -5.09 4.17 -16.82
C GLU A 46 -4.18 5.08 -16.00
N LEU A 47 -4.18 4.86 -14.68
CA LEU A 47 -3.32 5.62 -13.79
C LEU A 47 -2.25 4.69 -13.22
N LYS A 48 -1.01 5.17 -13.14
CA LYS A 48 0.10 4.34 -12.68
C LYS A 48 0.88 4.94 -11.51
N VAL A 49 1.50 4.06 -10.72
CA VAL A 49 2.32 4.47 -9.60
C VAL A 49 3.58 3.62 -9.53
N SER A 50 4.73 4.23 -9.80
CA SER A 50 6.01 3.54 -9.77
C SER A 50 6.52 3.50 -8.33
N TYR A 51 6.97 2.34 -7.86
CA TYR A 51 7.45 2.26 -6.50
C TYR A 51 8.64 1.32 -6.34
N ALA A 52 9.59 1.78 -5.52
CA ALA A 52 10.79 1.04 -5.20
C ALA A 52 10.55 0.21 -3.95
N VAL A 53 11.00 -1.03 -3.95
CA VAL A 53 10.79 -1.90 -2.80
C VAL A 53 11.99 -2.79 -2.52
N PRO A 54 12.62 -2.62 -1.32
CA PRO A 54 13.77 -3.40 -0.89
C PRO A 54 13.37 -4.57 0.02
N LYS A 55 14.06 -5.71 -0.15
CA LYS A 55 13.83 -6.94 0.62
C LYS A 55 13.19 -8.05 -0.23
N PRO A 56 12.14 -7.73 -1.02
CA PRO A 56 11.48 -8.74 -1.88
C PRO A 56 12.46 -9.59 -2.68
N ASN A 57 12.04 -10.80 -2.99
CA ASN A 57 12.86 -11.73 -3.76
C ASN A 57 14.09 -12.16 -2.95
N GLY A 58 13.88 -12.43 -1.67
CA GLY A 58 14.97 -12.85 -0.81
C GLY A 58 15.47 -11.73 0.08
N CYS A 59 16.01 -10.68 -0.52
CA CYS A 59 16.53 -9.53 0.22
C CYS A 59 17.11 -8.48 -0.71
N ARG A 60 16.30 -7.99 -1.64
CA ARG A 60 16.75 -6.96 -2.59
C ARG A 60 15.59 -6.09 -3.02
N LYS A 61 15.90 -4.94 -3.63
CA LYS A 61 14.87 -4.00 -4.06
C LYS A 61 14.46 -4.19 -5.52
N TRP A 62 13.19 -3.87 -5.80
CA TRP A 62 12.66 -3.98 -7.16
C TRP A 62 11.71 -2.84 -7.50
N GLU A 63 11.80 -2.34 -8.72
CA GLU A 63 10.94 -1.26 -9.19
C GLU A 63 9.86 -1.82 -10.10
N THR A 64 8.63 -1.31 -9.97
CA THR A 64 7.54 -1.78 -10.83
C THR A 64 6.44 -0.75 -10.98
N THR A 65 5.87 -0.68 -12.18
CA THR A 65 4.80 0.27 -12.48
C THR A 65 3.44 -0.40 -12.46
N PHE A 66 2.64 -0.09 -11.44
CA PHE A 66 1.30 -0.65 -11.34
C PHE A 66 0.28 0.37 -11.86
N LYS A 67 -0.64 -0.09 -12.72
CA LYS A 67 -1.62 0.83 -13.28
C LYS A 67 -2.79 0.11 -13.96
N LYS A 68 -3.93 0.79 -13.98
CA LYS A 68 -5.16 0.27 -14.60
C LYS A 68 -6.31 1.26 -14.37
N THR A 69 -7.34 0.88 -13.60
CA THR A 69 -8.47 1.79 -13.36
C THR A 69 -8.69 2.04 -11.87
N SER A 70 -9.30 3.19 -11.53
CA SER A 70 -9.57 3.55 -10.14
C SER A 70 -11.01 4.03 -9.93
N ASP A 71 -11.54 3.80 -8.73
CA ASP A 71 -12.91 4.20 -8.40
C ASP A 71 -12.96 5.60 -7.76
N ASP A 72 -14.15 6.20 -7.77
CA ASP A 72 -14.34 7.54 -7.19
C ASP A 72 -14.40 7.48 -5.67
N GLY A 73 -14.92 8.56 -5.05
CA GLY A 73 -15.01 8.63 -3.60
C GLY A 73 -13.64 8.59 -2.96
N GLU A 74 -13.02 7.43 -3.02
CA GLU A 74 -11.67 7.21 -2.53
C GLU A 74 -10.82 6.80 -3.72
N VAL A 75 -9.89 5.86 -3.58
CA VAL A 75 -9.12 5.47 -4.76
C VAL A 75 -8.75 4.00 -4.76
N TYR A 76 -9.65 3.19 -5.30
CA TYR A 76 -9.48 1.75 -5.43
C TYR A 76 -9.13 1.38 -6.86
N TYR A 77 -7.88 0.94 -7.09
CA TYR A 77 -7.48 0.58 -8.44
C TYR A 77 -7.15 -0.91 -8.57
N SER A 78 -7.72 -1.52 -9.61
CA SER A 78 -7.51 -2.93 -9.88
C SER A 78 -6.82 -3.09 -11.24
N GLU A 79 -5.98 -4.13 -11.38
CA GLU A 79 -5.25 -4.35 -12.64
C GLU A 79 -5.00 -5.85 -12.93
N GLU A 80 -5.44 -6.27 -14.12
CA GLU A 80 -5.29 -7.66 -14.57
C GLU A 80 -5.99 -8.63 -13.63
N ALA A 81 -5.42 -8.76 -12.44
CA ALA A 81 -5.93 -9.65 -11.41
C ALA A 81 -4.87 -9.76 -10.32
N LYS A 82 -3.78 -10.42 -10.68
CA LYS A 82 -2.64 -10.58 -9.78
C LYS A 82 -2.40 -9.29 -9.00
N LYS A 83 -2.68 -8.15 -9.63
CA LYS A 83 -2.49 -6.87 -8.99
C LYS A 83 -3.82 -6.11 -8.83
N LYS A 84 -4.20 -5.88 -7.59
CA LYS A 84 -5.44 -5.16 -7.26
C LYS A 84 -5.27 -4.51 -5.90
N VAL A 85 -5.59 -3.22 -5.77
CA VAL A 85 -5.41 -2.54 -4.50
C VAL A 85 -6.42 -1.42 -4.28
N GLU A 86 -6.94 -1.35 -3.05
CA GLU A 86 -7.91 -0.32 -2.67
C GLU A 86 -7.27 0.69 -1.72
N VAL A 87 -7.36 1.97 -2.07
CA VAL A 87 -6.77 3.01 -1.24
C VAL A 87 -7.80 3.57 -0.24
N LEU A 88 -7.55 3.28 1.04
CA LEU A 88 -8.39 3.74 2.13
C LEU A 88 -7.92 5.09 2.67
N ASP A 89 -8.41 5.46 3.86
CA ASP A 89 -8.04 6.73 4.50
C ASP A 89 -8.37 7.92 3.59
N THR A 90 -7.38 8.77 3.29
CA THR A 90 -7.61 9.94 2.45
C THR A 90 -6.45 10.15 1.48
N ASP A 91 -6.58 9.61 0.27
CA ASP A 91 -5.53 9.75 -0.73
C ASP A 91 -5.79 10.96 -1.63
N TYR A 92 -6.32 12.02 -1.03
CA TYR A 92 -6.61 13.25 -1.77
C TYR A 92 -6.20 14.49 -0.96
N LYS A 93 -5.67 14.29 0.25
CA LYS A 93 -5.26 15.40 1.09
C LYS A 93 -3.75 15.38 1.38
N SER A 94 -3.34 14.70 2.44
CA SER A 94 -1.92 14.66 2.82
C SER A 94 -1.48 13.27 3.28
N TYR A 95 -2.42 12.40 3.63
CA TYR A 95 -2.08 11.06 4.09
C TYR A 95 -3.15 10.04 3.67
N ALA A 96 -2.70 8.89 3.16
CA ALA A 96 -3.61 7.85 2.71
C ALA A 96 -3.09 6.46 3.01
N VAL A 97 -4.01 5.53 3.23
CA VAL A 97 -3.64 4.15 3.52
C VAL A 97 -4.29 3.24 2.46
N ILE A 98 -3.45 2.58 1.67
CA ILE A 98 -3.95 1.72 0.59
C ILE A 98 -3.59 0.26 0.79
N TYR A 99 -4.59 -0.62 0.74
CA TYR A 99 -4.33 -2.05 0.88
C TYR A 99 -4.26 -2.72 -0.48
N ALA A 100 -3.18 -3.45 -0.71
CA ALA A 100 -2.98 -4.13 -1.98
C ALA A 100 -3.26 -5.62 -1.86
N THR A 101 -4.09 -6.13 -2.77
CA THR A 101 -4.44 -7.53 -2.79
C THR A 101 -4.16 -8.14 -4.16
N ARG A 102 -3.37 -9.20 -4.17
CA ARG A 102 -3.02 -9.86 -5.42
C ARG A 102 -3.92 -11.07 -5.64
N VAL A 103 -4.27 -11.32 -6.90
CA VAL A 103 -5.14 -12.44 -7.22
C VAL A 103 -4.75 -13.13 -8.54
N LYS A 104 -4.64 -14.45 -8.45
CA LYS A 104 -4.29 -15.30 -9.58
C LYS A 104 -5.05 -16.61 -9.47
N ASP A 105 -5.36 -17.21 -10.61
CA ASP A 105 -6.10 -18.46 -10.64
C ASP A 105 -5.32 -19.57 -9.94
N GLY A 106 -5.12 -19.44 -8.63
CA GLY A 106 -4.39 -20.44 -7.89
C GLY A 106 -4.07 -20.03 -6.46
N ARG A 107 -3.78 -18.75 -6.24
CA ARG A 107 -3.44 -18.28 -4.90
C ARG A 107 -3.98 -16.87 -4.64
N THR A 108 -4.33 -16.63 -3.38
CA THR A 108 -4.86 -15.34 -2.95
C THR A 108 -4.03 -14.81 -1.78
N LEU A 109 -3.65 -13.54 -1.84
CA LEU A 109 -2.85 -12.94 -0.78
C LEU A 109 -3.27 -11.50 -0.51
N HIS A 110 -3.26 -11.13 0.77
CA HIS A 110 -3.64 -9.79 1.18
C HIS A 110 -2.46 -9.05 1.79
N MET A 111 -2.37 -7.76 1.50
CA MET A 111 -1.29 -6.92 2.01
C MET A 111 -1.70 -5.46 1.99
N MET A 112 -1.44 -4.75 3.08
CA MET A 112 -1.79 -3.35 3.21
C MET A 112 -0.58 -2.45 3.05
N ARG A 113 -0.80 -1.27 2.48
CA ARG A 113 0.26 -0.29 2.25
C ARG A 113 -0.23 1.12 2.60
N LEU A 114 0.60 1.92 3.26
CA LEU A 114 0.22 3.28 3.64
C LEU A 114 1.17 4.32 3.06
N TYR A 115 0.70 5.09 2.09
CA TYR A 115 1.52 6.11 1.47
C TYR A 115 1.29 7.48 2.09
N SER A 116 2.37 8.07 2.60
CA SER A 116 2.30 9.39 3.21
C SER A 116 2.98 10.40 2.28
N ARG A 117 2.28 11.51 2.00
CA ARG A 117 2.82 12.53 1.13
C ARG A 117 3.98 13.28 1.80
N SER A 118 3.85 13.53 3.09
CA SER A 118 4.89 14.24 3.84
C SER A 118 5.32 13.45 5.07
N PRO A 119 6.61 13.48 5.42
CA PRO A 119 7.15 12.76 6.58
C PRO A 119 6.28 12.94 7.82
N GLU A 120 5.78 14.16 8.00
CA GLU A 120 4.94 14.47 9.16
C GLU A 120 3.59 13.76 9.07
N VAL A 121 3.62 12.43 9.04
CA VAL A 121 2.40 11.64 8.96
C VAL A 121 1.43 12.01 10.08
N SER A 122 0.22 12.41 9.69
CA SER A 122 -0.82 12.80 10.63
C SER A 122 -1.32 11.60 11.43
N PRO A 123 -1.76 11.83 12.69
CA PRO A 123 -2.29 10.76 13.54
C PRO A 123 -3.37 9.97 12.81
N ALA A 124 -4.16 10.66 12.00
CA ALA A 124 -5.23 10.02 11.25
C ALA A 124 -4.67 8.99 10.29
N ALA A 125 -3.61 9.35 9.58
CA ALA A 125 -2.99 8.43 8.64
C ALA A 125 -2.71 7.09 9.30
N THR A 126 -1.92 7.13 10.37
CA THR A 126 -1.56 5.92 11.09
C THR A 126 -2.74 5.39 11.92
N ALA A 127 -3.41 6.29 12.61
CA ALA A 127 -4.53 5.91 13.46
C ALA A 127 -5.73 5.41 12.66
N ILE A 128 -6.06 6.10 11.57
CA ILE A 128 -7.20 5.70 10.74
C ILE A 128 -7.00 4.29 10.19
N PHE A 129 -5.86 4.03 9.57
CA PHE A 129 -5.60 2.69 9.04
C PHE A 129 -5.81 1.67 10.16
N ARG A 130 -5.22 1.96 11.30
CA ARG A 130 -5.34 1.12 12.47
C ARG A 130 -6.77 1.17 13.00
N LYS A 131 -7.42 2.31 12.83
CA LYS A 131 -8.77 2.52 13.28
C LYS A 131 -9.73 1.59 12.54
N LEU A 132 -9.54 1.49 11.22
CA LEU A 132 -10.38 0.61 10.42
C LEU A 132 -10.24 -0.81 10.96
N ALA A 133 -9.00 -1.17 11.32
CA ALA A 133 -8.72 -2.47 11.89
C ALA A 133 -9.22 -2.52 13.32
N GLY A 134 -9.15 -1.39 14.01
CA GLY A 134 -9.61 -1.32 15.38
C GLY A 134 -11.07 -1.71 15.51
N GLU A 135 -11.86 -1.36 14.49
CA GLU A 135 -13.28 -1.69 14.47
C GLU A 135 -13.47 -3.12 14.91
N ARG A 136 -12.62 -3.99 14.41
CA ARG A 136 -12.63 -5.40 14.78
C ARG A 136 -11.71 -5.61 15.97
N ASN A 137 -10.50 -5.06 15.86
CA ASN A 137 -9.46 -5.13 16.91
C ASN A 137 -8.10 -5.31 16.25
N TYR A 138 -7.08 -4.61 16.74
CA TYR A 138 -5.73 -4.73 16.18
C TYR A 138 -5.33 -6.20 16.12
N THR A 139 -5.67 -6.84 15.01
CA THR A 139 -5.40 -8.25 14.82
C THR A 139 -4.22 -8.53 13.92
N ASP A 140 -3.40 -9.50 14.31
CA ASP A 140 -2.27 -9.91 13.50
C ASP A 140 -2.81 -10.46 12.18
N GLU A 141 -4.09 -10.85 12.17
CA GLU A 141 -4.75 -11.36 10.97
C GLU A 141 -4.43 -10.48 9.77
N MET A 142 -4.06 -9.22 10.02
CA MET A 142 -3.70 -8.28 8.98
C MET A 142 -2.75 -7.24 9.54
N VAL A 143 -1.53 -7.69 9.83
CA VAL A 143 -0.51 -6.81 10.40
C VAL A 143 0.81 -6.90 9.62
N ALA A 144 1.46 -5.76 9.45
CA ALA A 144 2.75 -5.69 8.76
C ALA A 144 3.39 -4.31 8.93
N MET A 145 4.67 -4.28 9.27
CA MET A 145 5.37 -3.01 9.48
C MET A 145 6.64 -2.89 8.65
N LEU A 146 6.91 -1.68 8.18
CA LEU A 146 8.10 -1.40 7.36
C LEU A 146 9.36 -1.88 8.07
N PRO A 147 10.34 -2.37 7.30
CA PRO A 147 11.61 -2.88 7.83
C PRO A 147 12.51 -1.77 8.37
N ARG A 148 12.21 -1.30 9.59
CA ARG A 148 13.01 -0.26 10.22
C ARG A 148 14.30 -0.82 10.82
N GLN A 149 14.43 -2.15 10.84
CA GLN A 149 15.62 -2.80 11.39
C GLN A 149 16.68 -3.06 10.33
N GLU A 150 17.95 -3.23 10.77
CA GLU A 150 19.11 -3.48 9.89
C GLU A 150 18.69 -3.61 8.41
N GLU A 151 19.09 -4.69 7.74
CA GLU A 151 18.71 -4.87 6.36
C GLU A 151 17.29 -5.49 6.31
N CYS A 152 17.16 -6.68 5.73
CA CYS A 152 15.87 -7.36 5.64
C CYS A 152 15.61 -8.19 6.89
N THR A 153 15.08 -7.55 7.93
CA THR A 153 14.80 -8.23 9.20
C THR A 153 13.84 -7.43 10.09
N VAL A 154 12.60 -7.27 9.64
CA VAL A 154 11.60 -6.52 10.40
C VAL A 154 11.00 -7.35 11.53
N ASP A 155 11.72 -7.47 12.65
CA ASP A 155 11.22 -8.24 13.79
C ASP A 155 9.88 -7.71 14.28
N GLU A 156 8.96 -8.62 14.61
CA GLU A 156 7.64 -8.24 15.09
C GLU A 156 6.82 -9.48 15.48
N VAL A 157 6.11 -9.38 16.61
CA VAL A 157 5.29 -10.48 17.08
C VAL A 157 6.15 -11.68 17.47
N MET A 1 -14.73 22.49 0.44
CA MET A 1 -13.62 21.57 0.81
C MET A 1 -13.52 20.41 -0.17
N THR A 2 -13.58 20.71 -1.47
CA THR A 2 -13.49 19.69 -2.50
C THR A 2 -13.26 20.34 -3.87
N VAL A 3 -12.34 19.76 -4.63
CA VAL A 3 -12.01 20.27 -5.96
C VAL A 3 -11.33 19.20 -6.81
N PRO A 4 -11.71 19.09 -8.10
CA PRO A 4 -11.13 18.10 -9.01
C PRO A 4 -9.60 18.15 -9.02
N ASP A 5 -8.99 18.62 -10.11
CA ASP A 5 -7.54 18.70 -10.21
C ASP A 5 -6.91 17.32 -10.17
N ARG A 6 -6.12 17.00 -11.18
CA ARG A 6 -5.45 15.71 -11.25
C ARG A 6 -4.42 15.56 -10.13
N SER A 7 -3.89 16.69 -9.67
CA SER A 7 -2.88 16.71 -8.60
C SER A 7 -3.31 15.86 -7.41
N GLU A 8 -4.62 15.77 -7.19
CA GLU A 8 -5.16 15.01 -6.08
C GLU A 8 -4.41 13.69 -5.90
N ILE A 9 -3.96 13.11 -7.01
CA ILE A 9 -3.20 11.87 -6.98
C ILE A 9 -1.97 11.94 -7.88
N ALA A 10 -1.09 12.89 -7.57
CA ALA A 10 0.15 13.09 -8.34
C ALA A 10 1.29 13.55 -7.43
N GLY A 11 2.45 12.92 -7.58
CA GLY A 11 3.61 13.29 -6.77
C GLY A 11 4.41 12.08 -6.31
N LYS A 12 4.61 11.96 -4.99
CA LYS A 12 5.39 10.85 -4.42
C LYS A 12 4.61 10.09 -3.35
N TRP A 13 4.69 8.76 -3.42
CA TRP A 13 4.04 7.89 -2.45
C TRP A 13 5.08 7.16 -1.60
N TYR A 14 4.88 7.13 -0.28
CA TYR A 14 5.84 6.45 0.60
C TYR A 14 5.17 5.27 1.29
N VAL A 15 5.71 4.07 1.05
CA VAL A 15 5.15 2.86 1.67
C VAL A 15 6.00 2.38 2.84
N VAL A 16 5.30 2.19 3.97
CA VAL A 16 5.91 1.75 5.22
C VAL A 16 4.92 0.90 6.04
N ALA A 17 3.68 1.38 6.14
CA ALA A 17 2.63 0.67 6.87
C ALA A 17 1.94 -0.35 5.96
N LEU A 18 1.73 -1.56 6.47
CA LEU A 18 1.08 -2.62 5.69
C LEU A 18 0.30 -3.59 6.57
N ALA A 19 -0.25 -4.61 5.94
CA ALA A 19 -1.03 -5.64 6.62
C ALA A 19 -1.28 -6.79 5.67
N SER A 20 -0.79 -7.98 6.00
CA SER A 20 -0.97 -9.12 5.10
C SER A 20 -0.86 -10.47 5.79
N ASN A 21 -1.49 -11.45 5.17
CA ASN A 21 -1.47 -12.82 5.64
C ASN A 21 -1.87 -13.75 4.50
N THR A 22 -1.09 -14.81 4.31
CA THR A 22 -1.33 -15.77 3.25
C THR A 22 -0.56 -17.06 3.51
N GLU A 23 -1.08 -18.17 3.02
CA GLU A 23 -0.45 -19.47 3.21
C GLU A 23 0.91 -19.56 2.51
N PHE A 24 0.92 -20.01 1.26
CA PHE A 24 2.17 -20.14 0.50
C PHE A 24 2.75 -18.78 0.11
N PHE A 25 1.88 -17.84 -0.21
CA PHE A 25 2.31 -16.51 -0.61
C PHE A 25 3.16 -15.83 0.47
N LEU A 26 3.04 -16.31 1.71
CA LEU A 26 3.79 -15.74 2.82
C LEU A 26 5.25 -15.49 2.46
N ARG A 27 5.80 -16.32 1.56
CA ARG A 27 7.19 -16.17 1.15
C ARG A 27 7.49 -14.74 0.72
N GLU A 28 6.58 -14.17 -0.07
CA GLU A 28 6.72 -12.80 -0.54
C GLU A 28 6.50 -11.80 0.59
N LYS A 29 5.74 -12.22 1.60
CA LYS A 29 5.45 -11.37 2.74
C LYS A 29 6.69 -11.15 3.61
N ASP A 30 7.50 -12.20 3.75
CA ASP A 30 8.71 -12.14 4.56
C ASP A 30 9.73 -11.13 4.02
N LYS A 31 9.88 -11.07 2.71
CA LYS A 31 10.84 -10.16 2.08
C LYS A 31 10.45 -8.68 2.24
N MET A 32 10.23 -8.25 3.49
CA MET A 32 9.87 -6.87 3.76
C MET A 32 11.11 -5.99 3.88
N LYS A 33 11.02 -4.78 3.32
CA LYS A 33 12.13 -3.82 3.36
C LYS A 33 11.58 -2.41 3.38
N MET A 34 12.44 -1.40 3.25
CA MET A 34 11.96 -0.03 3.21
C MET A 34 11.25 0.17 1.89
N ALA A 35 10.13 0.89 1.85
CA ALA A 35 9.43 1.05 0.59
C ALA A 35 9.16 2.51 0.23
N MET A 36 9.50 2.84 -1.01
CA MET A 36 9.28 4.17 -1.55
C MET A 36 8.38 4.05 -2.77
N ALA A 37 7.78 5.16 -3.21
CA ALA A 37 6.87 5.08 -4.37
C ALA A 37 6.60 6.45 -5.00
N ARG A 38 6.34 6.44 -6.31
CA ARG A 38 6.07 7.65 -7.07
C ARG A 38 4.75 7.50 -7.84
N ILE A 39 3.85 8.47 -7.65
CA ILE A 39 2.53 8.45 -8.30
C ILE A 39 2.52 9.22 -9.64
N SER A 40 1.91 8.60 -10.66
CA SER A 40 1.81 9.19 -11.99
C SER A 40 0.67 8.56 -12.80
N PHE A 41 -0.18 9.39 -13.40
CA PHE A 41 -1.32 8.89 -14.21
C PHE A 41 -0.88 8.41 -15.58
N LEU A 42 -1.08 7.11 -15.85
CA LEU A 42 -0.69 6.51 -17.13
C LEU A 42 -1.84 6.57 -18.15
N GLY A 43 -1.52 7.07 -19.35
CA GLY A 43 -2.49 7.15 -20.44
C GLY A 43 -3.94 7.20 -19.99
N GLU A 44 -4.21 8.04 -18.98
CA GLU A 44 -5.56 8.23 -18.43
C GLU A 44 -6.27 6.92 -18.05
N ASP A 45 -6.41 6.00 -18.99
CA ASP A 45 -7.08 4.73 -18.73
C ASP A 45 -6.50 4.01 -17.51
N GLU A 46 -5.24 4.29 -17.17
CA GLU A 46 -4.62 3.65 -16.02
C GLU A 46 -3.72 4.60 -15.24
N LEU A 47 -3.84 4.60 -13.93
CA LEU A 47 -2.99 5.42 -13.08
C LEU A 47 -1.97 4.51 -12.40
N LYS A 48 -0.69 4.83 -12.52
CA LYS A 48 0.35 3.96 -11.96
C LYS A 48 1.21 4.64 -10.91
N VAL A 49 1.79 3.82 -10.04
CA VAL A 49 2.68 4.28 -8.97
C VAL A 49 3.89 3.36 -8.87
N SER A 50 5.07 3.87 -9.21
CA SER A 50 6.28 3.07 -9.15
C SER A 50 6.88 3.09 -7.75
N TYR A 51 6.88 1.94 -7.08
CA TYR A 51 7.43 1.85 -5.74
C TYR A 51 8.80 1.16 -5.77
N ALA A 52 9.75 1.72 -5.03
CA ALA A 52 11.09 1.16 -4.98
C ALA A 52 11.54 0.91 -3.55
N VAL A 53 11.55 -0.36 -3.16
CA VAL A 53 11.96 -0.73 -1.80
C VAL A 53 13.48 -0.85 -1.69
N PRO A 54 14.12 0.07 -0.95
CA PRO A 54 15.57 0.09 -0.77
C PRO A 54 16.06 -0.64 0.48
N LYS A 55 17.35 -0.99 0.45
CA LYS A 55 18.03 -1.68 1.55
C LYS A 55 19.42 -2.12 1.09
N PRO A 56 20.28 -1.13 0.75
CA PRO A 56 21.66 -1.41 0.29
C PRO A 56 22.57 -1.96 1.39
N ASN A 57 22.08 -2.98 2.09
CA ASN A 57 22.84 -3.61 3.17
C ASN A 57 22.02 -4.70 3.83
N GLY A 58 21.29 -5.46 3.01
CA GLY A 58 20.46 -6.54 3.51
C GLY A 58 19.75 -7.29 2.41
N CYS A 59 19.12 -6.56 1.49
CA CYS A 59 18.41 -7.17 0.37
C CYS A 59 18.36 -6.22 -0.83
N ARG A 60 19.37 -5.36 -0.96
CA ARG A 60 19.47 -4.41 -2.06
C ARG A 60 18.23 -3.53 -2.15
N LYS A 61 17.59 -3.46 -3.33
CA LYS A 61 16.41 -2.63 -3.52
C LYS A 61 15.57 -3.14 -4.68
N TRP A 62 14.25 -3.11 -4.52
CA TRP A 62 13.36 -3.59 -5.58
C TRP A 62 12.41 -2.49 -6.05
N GLU A 63 12.11 -2.48 -7.35
CA GLU A 63 11.22 -1.48 -7.90
C GLU A 63 10.22 -2.12 -8.86
N THR A 64 8.97 -1.65 -8.81
CA THR A 64 7.92 -2.19 -9.67
C THR A 64 6.82 -1.15 -9.90
N THR A 65 6.37 -1.04 -11.15
CA THR A 65 5.33 -0.08 -11.51
C THR A 65 3.94 -0.69 -11.43
N PHE A 66 3.13 -0.20 -10.50
CA PHE A 66 1.76 -0.68 -10.34
C PHE A 66 0.80 0.25 -11.07
N LYS A 67 -0.11 -0.32 -11.86
CA LYS A 67 -1.06 0.49 -12.62
C LYS A 67 -2.41 -0.19 -12.72
N LYS A 68 -3.47 0.55 -12.41
CA LYS A 68 -4.83 0.02 -12.46
C LYS A 68 -5.86 1.14 -12.64
N THR A 69 -7.14 0.81 -12.45
CA THR A 69 -8.22 1.80 -12.58
C THR A 69 -8.53 2.41 -11.21
N SER A 70 -9.15 3.59 -11.20
CA SER A 70 -9.49 4.26 -9.93
C SER A 70 -10.94 4.73 -9.88
N ASP A 71 -11.60 4.47 -8.76
CA ASP A 71 -13.00 4.89 -8.57
C ASP A 71 -13.09 6.27 -7.91
N ASP A 72 -14.20 6.96 -8.14
CA ASP A 72 -14.44 8.29 -7.58
C ASP A 72 -14.80 8.22 -6.09
N GLY A 73 -14.73 9.37 -5.42
CA GLY A 73 -15.06 9.43 -3.99
C GLY A 73 -13.85 9.22 -3.11
N GLU A 74 -13.13 8.14 -3.37
CA GLU A 74 -11.93 7.80 -2.62
C GLU A 74 -10.89 7.27 -3.61
N VAL A 75 -10.02 6.35 -3.19
CA VAL A 75 -9.04 5.81 -4.10
C VAL A 75 -9.09 4.29 -4.06
N TYR A 76 -9.45 3.69 -5.19
CA TYR A 76 -9.58 2.25 -5.33
C TYR A 76 -9.03 1.78 -6.66
N TYR A 77 -7.91 1.06 -6.63
CA TYR A 77 -7.32 0.56 -7.86
C TYR A 77 -7.57 -0.93 -8.05
N SER A 78 -8.01 -1.31 -9.25
CA SER A 78 -8.32 -2.70 -9.55
C SER A 78 -7.89 -3.09 -10.97
N GLU A 79 -7.40 -4.33 -11.12
CA GLU A 79 -6.94 -4.83 -12.42
C GLU A 79 -6.87 -6.36 -12.41
N GLU A 80 -7.53 -6.98 -13.40
CA GLU A 80 -7.55 -8.44 -13.56
C GLU A 80 -7.61 -9.14 -12.20
N ALA A 81 -8.50 -10.13 -12.08
CA ALA A 81 -8.67 -10.88 -10.83
C ALA A 81 -7.50 -10.68 -9.87
N LYS A 82 -6.44 -11.47 -10.05
CA LYS A 82 -5.23 -11.40 -9.20
C LYS A 82 -5.05 -10.04 -8.50
N LYS A 83 -5.21 -8.94 -9.24
CA LYS A 83 -5.02 -7.63 -8.62
C LYS A 83 -6.35 -6.93 -8.30
N LYS A 84 -6.54 -6.62 -7.02
CA LYS A 84 -7.73 -5.93 -6.53
C LYS A 84 -7.35 -5.17 -5.27
N VAL A 85 -7.48 -3.85 -5.29
CA VAL A 85 -7.09 -3.05 -4.14
C VAL A 85 -7.94 -1.80 -3.96
N GLU A 86 -8.33 -1.54 -2.71
CA GLU A 86 -9.11 -0.37 -2.38
C GLU A 86 -8.32 0.50 -1.40
N VAL A 87 -7.94 1.69 -1.86
CA VAL A 87 -7.18 2.60 -1.03
C VAL A 87 -8.09 3.46 -0.16
N LEU A 88 -7.95 3.26 1.15
CA LEU A 88 -8.74 3.97 2.15
C LEU A 88 -8.12 5.32 2.52
N ASP A 89 -8.64 5.93 3.60
CA ASP A 89 -8.15 7.22 4.07
C ASP A 89 -8.45 8.30 3.03
N THR A 90 -7.46 9.10 2.64
CA THR A 90 -7.67 10.15 1.65
C THR A 90 -6.45 10.33 0.77
N ASP A 91 -6.54 9.84 -0.47
CA ASP A 91 -5.45 9.96 -1.42
C ASP A 91 -5.65 11.21 -2.27
N TYR A 92 -6.17 12.27 -1.66
CA TYR A 92 -6.42 13.52 -2.36
C TYR A 92 -5.92 14.72 -1.54
N LYS A 93 -5.07 14.45 -0.56
CA LYS A 93 -4.53 15.52 0.27
C LYS A 93 -3.04 15.28 0.57
N SER A 94 -2.70 14.79 1.77
CA SER A 94 -1.30 14.57 2.11
C SER A 94 -1.05 13.18 2.69
N TYR A 95 -2.09 12.47 3.08
CA TYR A 95 -1.92 11.14 3.65
C TYR A 95 -3.02 10.19 3.20
N ALA A 96 -2.62 8.99 2.78
CA ALA A 96 -3.55 7.98 2.31
C ALA A 96 -3.11 6.59 2.73
N VAL A 97 -4.08 5.72 3.00
CA VAL A 97 -3.81 4.36 3.40
C VAL A 97 -4.44 3.41 2.39
N ILE A 98 -3.67 2.43 1.91
CA ILE A 98 -4.19 1.52 0.90
C ILE A 98 -4.28 0.08 1.42
N TYR A 99 -5.30 -0.62 0.95
CA TYR A 99 -5.52 -2.02 1.31
C TYR A 99 -5.67 -2.86 0.04
N ALA A 100 -4.69 -3.72 -0.20
CA ALA A 100 -4.69 -4.57 -1.39
C ALA A 100 -5.22 -5.97 -1.10
N THR A 101 -5.90 -6.54 -2.08
CA THR A 101 -6.44 -7.89 -1.99
C THR A 101 -6.24 -8.63 -3.30
N ARG A 102 -5.65 -9.81 -3.22
CA ARG A 102 -5.39 -10.61 -4.41
C ARG A 102 -6.47 -11.67 -4.60
N VAL A 103 -6.79 -11.96 -5.86
CA VAL A 103 -7.79 -12.97 -6.16
C VAL A 103 -7.41 -13.76 -7.41
N LYS A 104 -7.32 -15.08 -7.25
CA LYS A 104 -6.96 -15.97 -8.34
C LYS A 104 -7.45 -17.39 -8.06
N ASP A 105 -8.04 -18.02 -9.07
CA ASP A 105 -8.56 -19.39 -8.92
C ASP A 105 -9.32 -19.53 -7.61
N GLY A 106 -10.15 -18.53 -7.30
CA GLY A 106 -10.91 -18.56 -6.07
C GLY A 106 -10.01 -18.53 -4.85
N ARG A 107 -8.93 -17.76 -4.94
CA ARG A 107 -7.97 -17.62 -3.85
C ARG A 107 -8.03 -16.20 -3.28
N THR A 108 -7.88 -16.07 -1.97
CA THR A 108 -7.93 -14.77 -1.32
C THR A 108 -6.63 -14.49 -0.57
N LEU A 109 -6.12 -13.27 -0.72
CA LEU A 109 -4.88 -12.85 -0.06
C LEU A 109 -5.02 -11.45 0.50
N HIS A 110 -4.50 -11.24 1.71
CA HIS A 110 -4.57 -9.92 2.33
C HIS A 110 -3.23 -9.22 2.31
N MET A 111 -3.25 -7.93 1.98
CA MET A 111 -2.03 -7.12 1.92
C MET A 111 -2.36 -5.64 1.84
N MET A 112 -1.96 -4.88 2.87
CA MET A 112 -2.20 -3.45 2.93
C MET A 112 -0.91 -2.67 2.72
N ARG A 113 -1.06 -1.43 2.28
CA ARG A 113 0.09 -0.56 2.06
C ARG A 113 -0.30 0.90 2.31
N LEU A 114 0.51 1.59 3.11
CA LEU A 114 0.24 2.98 3.45
C LEU A 114 1.12 3.93 2.64
N TYR A 115 0.49 4.84 1.90
CA TYR A 115 1.22 5.81 1.09
C TYR A 115 1.15 7.21 1.69
N SER A 116 2.30 7.71 2.14
CA SER A 116 2.35 9.06 2.71
C SER A 116 2.93 10.01 1.66
N ARG A 117 2.23 11.12 1.42
CA ARG A 117 2.66 12.09 0.44
C ARG A 117 3.83 12.92 0.96
N SER A 118 3.83 13.18 2.26
CA SER A 118 4.90 13.96 2.88
C SER A 118 5.55 13.18 4.03
N PRO A 119 6.85 13.40 4.28
CA PRO A 119 7.57 12.73 5.36
C PRO A 119 6.75 12.67 6.65
N GLU A 120 6.10 13.77 6.97
CA GLU A 120 5.26 13.85 8.17
C GLU A 120 3.93 13.17 7.93
N VAL A 121 3.55 12.26 8.83
CA VAL A 121 2.29 11.56 8.71
C VAL A 121 1.33 11.94 9.84
N SER A 122 0.17 12.46 9.47
CA SER A 122 -0.83 12.89 10.45
C SER A 122 -1.30 11.72 11.29
N PRO A 123 -1.74 11.99 12.53
CA PRO A 123 -2.23 10.95 13.44
C PRO A 123 -3.34 10.13 12.78
N ALA A 124 -4.19 10.80 12.01
CA ALA A 124 -5.28 10.14 11.32
C ALA A 124 -4.76 9.12 10.32
N ALA A 125 -3.78 9.52 9.53
CA ALA A 125 -3.20 8.64 8.53
C ALA A 125 -2.81 7.30 9.14
N THR A 126 -1.98 7.36 10.17
CA THR A 126 -1.52 6.15 10.86
C THR A 126 -2.62 5.55 11.73
N ALA A 127 -3.29 6.40 12.51
CA ALA A 127 -4.35 5.94 13.41
C ALA A 127 -5.56 5.42 12.64
N ILE A 128 -6.00 6.16 11.62
CA ILE A 128 -7.15 5.74 10.82
C ILE A 128 -6.93 4.36 10.21
N PHE A 129 -5.76 4.12 9.63
CA PHE A 129 -5.48 2.82 9.03
C PHE A 129 -5.68 1.73 10.08
N ARG A 130 -5.20 2.00 11.28
CA ARG A 130 -5.34 1.07 12.40
C ARG A 130 -6.77 1.11 12.93
N LYS A 131 -7.35 2.29 12.92
CA LYS A 131 -8.72 2.51 13.38
C LYS A 131 -9.70 1.76 12.49
N LEU A 132 -9.58 1.96 11.17
CA LEU A 132 -10.44 1.28 10.22
C LEU A 132 -10.19 -0.21 10.30
N ALA A 133 -8.94 -0.59 10.51
CA ALA A 133 -8.57 -1.98 10.64
C ALA A 133 -9.22 -2.57 11.89
N GLY A 134 -9.23 -1.77 12.96
CA GLY A 134 -9.83 -2.21 14.21
C GLY A 134 -11.30 -2.53 14.04
N GLU A 135 -11.97 -1.75 13.20
CA GLU A 135 -13.40 -1.94 12.96
C GLU A 135 -13.68 -3.41 12.64
N ARG A 136 -12.89 -3.97 11.72
CA ARG A 136 -13.05 -5.37 11.34
C ARG A 136 -12.31 -6.26 12.34
N ASN A 137 -11.01 -5.98 12.52
CA ASN A 137 -10.18 -6.74 13.46
C ASN A 137 -8.72 -6.34 13.33
N TYR A 138 -8.13 -5.86 14.42
CA TYR A 138 -6.73 -5.45 14.44
C TYR A 138 -5.84 -6.61 14.89
N THR A 139 -6.12 -7.80 14.36
CA THR A 139 -5.36 -9.00 14.69
C THR A 139 -4.25 -9.25 13.70
N ASP A 140 -3.23 -9.98 14.13
CA ASP A 140 -2.11 -10.33 13.26
C ASP A 140 -2.62 -10.93 11.96
N GLU A 141 -3.83 -11.50 12.01
CA GLU A 141 -4.43 -12.12 10.82
C GLU A 141 -4.31 -11.18 9.61
N MET A 142 -4.19 -9.88 9.86
CA MET A 142 -4.05 -8.90 8.79
C MET A 142 -3.20 -7.73 9.28
N VAL A 143 -1.96 -8.04 9.65
CA VAL A 143 -1.03 -7.04 10.14
C VAL A 143 0.33 -7.13 9.45
N ALA A 144 0.97 -5.97 9.32
CA ALA A 144 2.30 -5.88 8.71
C ALA A 144 2.90 -4.51 9.00
N MET A 145 4.13 -4.49 9.50
CA MET A 145 4.79 -3.23 9.84
C MET A 145 6.18 -3.14 9.23
N LEU A 146 6.52 -1.95 8.71
CA LEU A 146 7.82 -1.72 8.11
C LEU A 146 8.92 -2.43 8.91
N PRO A 147 9.84 -3.10 8.22
CA PRO A 147 10.94 -3.83 8.88
C PRO A 147 11.89 -2.91 9.61
N ARG A 148 12.22 -3.26 10.85
CA ARG A 148 13.12 -2.45 11.66
C ARG A 148 14.51 -3.09 11.74
N GLN A 149 15.04 -3.52 10.60
CA GLN A 149 16.37 -4.13 10.55
C GLN A 149 16.99 -4.00 9.16
N GLU A 150 18.27 -4.33 9.05
CA GLU A 150 18.96 -4.22 7.77
C GLU A 150 19.19 -5.58 7.11
N GLU A 151 18.10 -6.26 6.78
CA GLU A 151 18.18 -7.58 6.13
C GLU A 151 16.87 -7.91 5.40
N CYS A 152 16.04 -8.78 5.98
CA CYS A 152 14.78 -9.18 5.37
C CYS A 152 13.92 -9.94 6.37
N THR A 153 13.23 -9.18 7.22
CA THR A 153 12.36 -9.74 8.25
C THR A 153 11.46 -8.65 8.83
N VAL A 154 10.38 -9.06 9.49
CA VAL A 154 9.45 -8.10 10.07
C VAL A 154 8.87 -8.62 11.39
N ASP A 155 9.61 -8.39 12.48
CA ASP A 155 9.17 -8.82 13.80
C ASP A 155 7.80 -8.24 14.15
N GLU A 156 6.93 -9.08 14.68
CA GLU A 156 5.58 -8.66 15.06
C GLU A 156 4.84 -9.79 15.77
N VAL A 157 5.52 -10.44 16.71
CA VAL A 157 4.93 -11.55 17.45
C VAL A 157 5.67 -11.77 18.77
N MET A 1 -11.80 24.51 -10.92
CA MET A 1 -13.07 24.88 -10.25
C MET A 1 -14.08 23.74 -10.31
N THR A 2 -14.73 23.48 -9.19
CA THR A 2 -15.72 22.40 -9.10
C THR A 2 -15.15 21.08 -9.58
N VAL A 3 -13.91 20.79 -9.18
CA VAL A 3 -13.25 19.55 -9.57
C VAL A 3 -12.11 19.23 -8.60
N PRO A 4 -12.07 18.00 -8.04
CA PRO A 4 -11.03 17.58 -7.11
C PRO A 4 -9.63 17.71 -7.69
N ASP A 5 -9.55 17.71 -9.03
CA ASP A 5 -8.27 17.83 -9.73
C ASP A 5 -7.42 16.59 -9.51
N ARG A 6 -7.01 15.96 -10.60
CA ARG A 6 -6.19 14.75 -10.52
C ARG A 6 -4.82 15.07 -9.90
N SER A 7 -4.40 16.33 -10.02
CA SER A 7 -3.11 16.77 -9.49
C SER A 7 -2.94 16.42 -8.01
N GLU A 8 -4.01 16.56 -7.21
CA GLU A 8 -3.91 16.28 -5.79
C GLU A 8 -3.34 14.88 -5.54
N ILE A 9 -3.78 13.89 -6.32
CA ILE A 9 -3.27 12.54 -6.17
C ILE A 9 -1.83 12.45 -6.64
N ALA A 10 -1.50 13.17 -7.70
CA ALA A 10 -0.14 13.18 -8.23
C ALA A 10 0.84 13.67 -7.18
N GLY A 11 1.90 12.89 -6.94
CA GLY A 11 2.88 13.28 -5.94
C GLY A 11 3.77 12.14 -5.50
N LYS A 12 4.12 12.14 -4.21
CA LYS A 12 4.97 11.08 -3.65
C LYS A 12 4.24 10.25 -2.62
N TRP A 13 4.28 8.94 -2.80
CA TRP A 13 3.66 8.00 -1.88
C TRP A 13 4.73 7.23 -1.11
N TYR A 14 4.56 7.09 0.20
CA TYR A 14 5.55 6.37 1.00
C TYR A 14 4.94 5.15 1.70
N VAL A 15 5.35 3.95 1.27
CA VAL A 15 4.85 2.72 1.87
C VAL A 15 5.74 2.24 3.02
N VAL A 16 5.11 2.12 4.19
CA VAL A 16 5.76 1.70 5.43
C VAL A 16 4.85 0.80 6.26
N ALA A 17 3.63 1.26 6.49
CA ALA A 17 2.65 0.48 7.25
C ALA A 17 1.95 -0.53 6.35
N LEU A 18 1.89 -1.79 6.78
CA LEU A 18 1.23 -2.82 5.98
C LEU A 18 0.59 -3.89 6.88
N ALA A 19 -0.19 -4.77 6.28
CA ALA A 19 -0.84 -5.86 7.00
C ALA A 19 -1.35 -6.89 6.03
N SER A 20 -0.83 -8.12 6.09
CA SER A 20 -1.26 -9.14 5.14
C SER A 20 -1.08 -10.56 5.63
N ASN A 21 -1.95 -11.44 5.12
CA ASN A 21 -1.92 -12.87 5.40
C ASN A 21 -2.24 -13.64 4.14
N THR A 22 -1.52 -14.74 3.92
CA THR A 22 -1.72 -15.56 2.75
C THR A 22 -0.96 -16.88 2.89
N GLU A 23 0.29 -16.77 3.34
CA GLU A 23 1.14 -17.93 3.56
C GLU A 23 2.27 -17.57 4.52
N PHE A 24 2.24 -18.16 5.70
CA PHE A 24 3.26 -17.89 6.72
C PHE A 24 4.65 -18.24 6.22
N PHE A 25 4.77 -19.35 5.52
CA PHE A 25 6.06 -19.80 5.01
C PHE A 25 6.58 -18.89 3.90
N LEU A 26 5.75 -18.61 2.92
CA LEU A 26 6.15 -17.78 1.78
C LEU A 26 6.16 -16.29 2.14
N ARG A 27 5.07 -15.80 2.73
CA ARG A 27 4.97 -14.39 3.08
C ARG A 27 6.06 -13.97 4.06
N GLU A 28 6.34 -14.80 5.06
CA GLU A 28 7.35 -14.48 6.06
C GLU A 28 8.68 -14.10 5.40
N LYS A 29 9.15 -14.94 4.49
CA LYS A 29 10.41 -14.69 3.79
C LYS A 29 10.23 -13.64 2.70
N ASP A 30 9.09 -13.69 2.03
CA ASP A 30 8.78 -12.74 0.95
C ASP A 30 8.67 -11.31 1.48
N LYS A 31 7.98 -11.14 2.60
CA LYS A 31 7.78 -9.81 3.17
C LYS A 31 9.12 -9.19 3.57
N MET A 32 9.13 -8.34 4.59
CA MET A 32 10.35 -7.69 5.05
C MET A 32 10.93 -6.83 3.94
N LYS A 33 10.52 -5.56 3.89
CA LYS A 33 11.01 -4.67 2.84
C LYS A 33 10.49 -3.25 2.99
N MET A 34 11.38 -2.27 2.89
CA MET A 34 10.99 -0.86 2.97
C MET A 34 10.61 -0.42 1.57
N ALA A 35 9.76 0.60 1.42
CA ALA A 35 9.39 1.00 0.07
C ALA A 35 8.84 2.42 -0.04
N MET A 36 9.20 3.05 -1.14
CA MET A 36 8.76 4.41 -1.45
C MET A 36 8.01 4.34 -2.78
N ALA A 37 7.18 5.33 -3.07
CA ALA A 37 6.42 5.29 -4.32
C ALA A 37 6.07 6.66 -4.84
N ARG A 38 5.84 6.73 -6.15
CA ARG A 38 5.47 7.97 -6.83
C ARG A 38 4.29 7.69 -7.75
N ILE A 39 3.20 8.44 -7.58
CA ILE A 39 2.01 8.21 -8.39
C ILE A 39 1.84 9.27 -9.48
N SER A 40 1.34 8.81 -10.64
CA SER A 40 1.12 9.68 -11.78
C SER A 40 0.09 9.04 -12.73
N PHE A 41 -0.77 9.87 -13.32
CA PHE A 41 -1.81 9.37 -14.22
C PHE A 41 -1.26 9.04 -15.61
N LEU A 42 -1.52 7.81 -16.06
CA LEU A 42 -1.07 7.35 -17.37
C LEU A 42 -2.19 7.53 -18.40
N GLY A 43 -1.84 8.08 -19.55
CA GLY A 43 -2.82 8.33 -20.61
C GLY A 43 -3.68 7.12 -20.90
N GLU A 44 -4.81 7.38 -21.58
CA GLU A 44 -5.78 6.34 -21.98
C GLU A 44 -6.87 6.18 -20.93
N ASP A 45 -6.54 5.51 -19.83
CA ASP A 45 -7.48 5.29 -18.75
C ASP A 45 -6.82 4.47 -17.65
N GLU A 46 -5.68 4.93 -17.19
CA GLU A 46 -4.95 4.20 -16.16
C GLU A 46 -3.98 5.13 -15.41
N LEU A 47 -4.06 5.07 -14.08
CA LEU A 47 -3.16 5.86 -13.24
C LEU A 47 -2.18 4.91 -12.57
N LYS A 48 -0.88 5.14 -12.78
CA LYS A 48 0.13 4.27 -12.23
C LYS A 48 0.90 4.89 -11.07
N VAL A 49 1.46 4.02 -10.25
CA VAL A 49 2.25 4.44 -9.12
C VAL A 49 3.47 3.54 -9.01
N SER A 50 4.66 4.14 -9.13
CA SER A 50 5.90 3.40 -9.05
C SER A 50 6.33 3.27 -7.60
N TYR A 51 7.02 2.18 -7.27
CA TYR A 51 7.46 1.98 -5.90
C TYR A 51 8.88 1.43 -5.86
N ALA A 52 9.73 2.08 -5.06
CA ALA A 52 11.11 1.66 -4.90
C ALA A 52 11.31 1.00 -3.55
N VAL A 53 11.51 -0.31 -3.56
CA VAL A 53 11.69 -1.07 -2.34
C VAL A 53 13.17 -1.37 -2.06
N PRO A 54 13.77 -0.67 -1.07
CA PRO A 54 15.16 -0.87 -0.69
C PRO A 54 15.32 -1.93 0.41
N LYS A 55 16.43 -2.68 0.32
CA LYS A 55 16.76 -3.73 1.29
C LYS A 55 18.24 -4.10 1.15
N PRO A 56 18.99 -4.07 2.26
CA PRO A 56 20.42 -4.38 2.26
C PRO A 56 20.73 -5.88 2.20
N ASN A 57 21.71 -6.24 1.37
CA ASN A 57 22.15 -7.62 1.22
C ASN A 57 21.04 -8.53 0.70
N GLY A 58 21.35 -9.28 -0.36
CA GLY A 58 20.41 -10.22 -0.95
C GLY A 58 19.13 -9.56 -1.45
N CYS A 59 18.33 -9.02 -0.53
CA CYS A 59 17.08 -8.38 -0.88
C CYS A 59 17.30 -7.25 -1.89
N ARG A 60 18.29 -6.41 -1.63
CA ARG A 60 18.61 -5.29 -2.51
C ARG A 60 17.41 -4.33 -2.67
N LYS A 61 17.38 -3.59 -3.79
CA LYS A 61 16.30 -2.65 -4.04
C LYS A 61 15.43 -3.13 -5.21
N TRP A 62 14.15 -2.77 -5.18
CA TRP A 62 13.24 -3.16 -6.26
C TRP A 62 12.35 -2.00 -6.68
N GLU A 63 12.09 -1.92 -7.98
CA GLU A 63 11.24 -0.86 -8.52
C GLU A 63 10.30 -1.43 -9.56
N THR A 64 9.03 -1.05 -9.47
CA THR A 64 8.02 -1.53 -10.40
C THR A 64 6.82 -0.58 -10.45
N THR A 65 6.36 -0.32 -11.67
CA THR A 65 5.23 0.57 -11.88
C THR A 65 3.96 -0.23 -12.17
N PHE A 66 2.93 -0.05 -11.34
CA PHE A 66 1.67 -0.74 -11.57
C PHE A 66 0.54 0.25 -11.82
N LYS A 67 -0.10 0.11 -12.98
CA LYS A 67 -1.19 1.02 -13.38
C LYS A 67 -2.54 0.32 -13.29
N LYS A 68 -3.61 1.11 -13.20
CA LYS A 68 -4.95 0.55 -13.11
C LYS A 68 -6.02 1.64 -13.11
N THR A 69 -7.25 1.29 -12.73
CA THR A 69 -8.35 2.25 -12.69
C THR A 69 -8.78 2.51 -11.25
N SER A 70 -9.62 3.53 -11.04
CA SER A 70 -10.07 3.87 -9.68
C SER A 70 -11.55 4.21 -9.61
N ASP A 71 -12.16 3.85 -8.48
CA ASP A 71 -13.59 4.11 -8.23
C ASP A 71 -13.78 5.45 -7.53
N ASP A 72 -14.96 6.06 -7.73
CA ASP A 72 -15.28 7.35 -7.13
C ASP A 72 -15.53 7.24 -5.61
N GLY A 73 -16.25 8.21 -5.04
CA GLY A 73 -16.54 8.20 -3.62
C GLY A 73 -15.29 8.39 -2.77
N GLU A 74 -14.41 7.40 -2.84
CA GLU A 74 -13.14 7.45 -2.12
C GLU A 74 -12.03 7.15 -3.10
N VAL A 75 -11.05 6.32 -2.73
CA VAL A 75 -10.00 5.99 -3.65
C VAL A 75 -9.81 4.47 -3.68
N TYR A 76 -9.94 3.90 -4.87
CA TYR A 76 -9.83 2.47 -5.06
C TYR A 76 -9.09 2.17 -6.34
N TYR A 77 -8.32 1.10 -6.36
CA TYR A 77 -7.58 0.73 -7.56
C TYR A 77 -7.61 -0.77 -7.76
N SER A 78 -7.90 -1.20 -8.98
CA SER A 78 -7.98 -2.61 -9.32
C SER A 78 -7.58 -2.82 -10.78
N GLU A 79 -6.99 -3.98 -11.08
CA GLU A 79 -6.56 -4.27 -12.44
C GLU A 79 -6.29 -5.77 -12.69
N GLU A 80 -6.72 -6.22 -13.88
CA GLU A 80 -6.54 -7.61 -14.34
C GLU A 80 -6.87 -8.62 -13.27
N ALA A 81 -7.04 -9.86 -13.70
CA ALA A 81 -7.29 -10.95 -12.78
C ALA A 81 -5.97 -11.25 -12.09
N LYS A 82 -5.52 -10.28 -11.30
CA LYS A 82 -4.27 -10.36 -10.59
C LYS A 82 -4.41 -9.77 -9.20
N LYS A 83 -5.00 -8.57 -9.10
CA LYS A 83 -5.17 -7.97 -7.78
C LYS A 83 -6.06 -6.73 -7.78
N LYS A 84 -7.07 -6.78 -6.90
CA LYS A 84 -8.00 -5.67 -6.71
C LYS A 84 -7.60 -4.94 -5.45
N VAL A 85 -7.72 -3.62 -5.42
CA VAL A 85 -7.31 -2.87 -4.25
C VAL A 85 -8.22 -1.69 -3.93
N GLU A 86 -8.42 -1.49 -2.62
CA GLU A 86 -9.26 -0.40 -2.13
C GLU A 86 -8.40 0.58 -1.33
N VAL A 87 -8.42 1.85 -1.72
CA VAL A 87 -7.62 2.86 -1.04
C VAL A 87 -8.47 3.65 -0.04
N LEU A 88 -8.07 3.59 1.23
CA LEU A 88 -8.79 4.26 2.31
C LEU A 88 -8.10 5.55 2.75
N ASP A 89 -8.59 6.11 3.86
CA ASP A 89 -8.06 7.35 4.42
C ASP A 89 -8.18 8.50 3.41
N THR A 90 -7.09 9.24 3.18
CA THR A 90 -7.13 10.36 2.25
C THR A 90 -5.96 10.30 1.28
N ASP A 91 -6.22 9.84 0.07
CA ASP A 91 -5.18 9.76 -0.95
C ASP A 91 -5.23 10.99 -1.84
N TYR A 92 -5.59 12.13 -1.24
CA TYR A 92 -5.68 13.40 -1.97
C TYR A 92 -5.29 14.56 -1.05
N LYS A 93 -4.38 14.30 -0.12
CA LYS A 93 -3.92 15.33 0.83
C LYS A 93 -2.45 15.14 1.19
N SER A 94 -2.17 14.64 2.39
CA SER A 94 -0.79 14.44 2.84
C SER A 94 -0.57 13.03 3.38
N TYR A 95 -1.64 12.36 3.79
CA TYR A 95 -1.52 11.00 4.32
C TYR A 95 -2.67 10.14 3.83
N ALA A 96 -2.35 8.92 3.41
CA ALA A 96 -3.36 7.99 2.90
C ALA A 96 -3.05 6.55 3.29
N VAL A 97 -4.09 5.75 3.40
CA VAL A 97 -3.94 4.34 3.75
C VAL A 97 -4.65 3.50 2.71
N ILE A 98 -3.93 2.57 2.12
CA ILE A 98 -4.48 1.72 1.08
C ILE A 98 -4.12 0.26 1.29
N TYR A 99 -5.14 -0.59 1.33
CA TYR A 99 -4.93 -2.02 1.50
C TYR A 99 -5.15 -2.74 0.18
N ALA A 100 -4.14 -3.48 -0.25
CA ALA A 100 -4.22 -4.21 -1.52
C ALA A 100 -4.59 -5.67 -1.32
N THR A 101 -5.44 -6.17 -2.21
CA THR A 101 -5.88 -7.56 -2.17
C THR A 101 -5.66 -8.22 -3.52
N ARG A 102 -4.99 -9.36 -3.52
CA ARG A 102 -4.70 -10.07 -4.77
C ARG A 102 -5.90 -10.87 -5.24
N VAL A 103 -6.07 -10.93 -6.55
CA VAL A 103 -7.18 -11.67 -7.15
C VAL A 103 -6.76 -12.21 -8.51
N LYS A 104 -6.63 -13.53 -8.59
CA LYS A 104 -6.21 -14.20 -9.82
C LYS A 104 -6.58 -15.68 -9.77
N ASP A 105 -6.91 -16.24 -10.92
CA ASP A 105 -7.29 -17.65 -11.02
C ASP A 105 -8.24 -18.03 -9.88
N GLY A 106 -9.07 -17.06 -9.47
CA GLY A 106 -10.02 -17.30 -8.40
C GLY A 106 -9.36 -17.53 -7.05
N ARG A 107 -8.47 -16.62 -6.64
CA ARG A 107 -7.80 -16.74 -5.36
C ARG A 107 -7.61 -15.35 -4.74
N THR A 108 -7.94 -15.24 -3.45
CA THR A 108 -7.85 -13.96 -2.75
C THR A 108 -6.70 -13.90 -1.74
N LEU A 109 -6.11 -12.73 -1.61
CA LEU A 109 -5.01 -12.48 -0.68
C LEU A 109 -5.25 -11.16 0.04
N HIS A 110 -4.91 -11.09 1.32
CA HIS A 110 -5.13 -9.85 2.06
C HIS A 110 -3.83 -9.12 2.35
N MET A 111 -3.82 -7.82 2.08
CA MET A 111 -2.63 -7.01 2.33
C MET A 111 -2.99 -5.53 2.48
N MET A 112 -2.39 -4.90 3.48
CA MET A 112 -2.61 -3.49 3.77
C MET A 112 -1.37 -2.68 3.42
N ARG A 113 -1.58 -1.40 3.15
CA ARG A 113 -0.46 -0.51 2.80
C ARG A 113 -0.80 0.94 3.15
N LEU A 114 0.20 1.67 3.61
CA LEU A 114 0.00 3.07 4.01
C LEU A 114 0.93 3.99 3.23
N TYR A 115 0.35 4.87 2.42
CA TYR A 115 1.14 5.80 1.61
C TYR A 115 1.12 7.20 2.22
N SER A 116 2.29 7.66 2.66
CA SER A 116 2.40 8.99 3.25
C SER A 116 3.18 9.92 2.32
N ARG A 117 2.64 11.11 2.09
CA ARG A 117 3.26 12.09 1.22
C ARG A 117 4.63 12.52 1.73
N SER A 118 4.72 12.73 3.04
CA SER A 118 5.98 13.15 3.65
C SER A 118 6.30 12.28 4.87
N PRO A 119 7.59 12.17 5.24
CA PRO A 119 8.02 11.37 6.39
C PRO A 119 7.11 11.57 7.58
N GLU A 120 6.70 12.81 7.80
CA GLU A 120 5.79 13.14 8.91
C GLU A 120 4.39 12.67 8.57
N VAL A 121 3.76 11.94 9.49
CA VAL A 121 2.40 11.45 9.28
C VAL A 121 1.47 11.88 10.40
N SER A 122 0.32 12.41 10.01
CA SER A 122 -0.68 12.85 10.97
C SER A 122 -1.16 11.69 11.84
N PRO A 123 -1.49 11.94 13.12
CA PRO A 123 -1.96 10.91 14.04
C PRO A 123 -3.13 10.13 13.47
N ALA A 124 -4.01 10.83 12.73
CA ALA A 124 -5.18 10.21 12.13
C ALA A 124 -4.79 9.17 11.10
N ALA A 125 -3.89 9.53 10.20
CA ALA A 125 -3.46 8.62 9.15
C ALA A 125 -2.99 7.29 9.73
N THR A 126 -2.10 7.35 10.71
CA THR A 126 -1.58 6.14 11.35
C THR A 126 -2.59 5.53 12.31
N ALA A 127 -3.20 6.36 13.14
CA ALA A 127 -4.16 5.88 14.12
C ALA A 127 -5.46 5.40 13.47
N ILE A 128 -5.99 6.17 12.53
CA ILE A 128 -7.22 5.80 11.87
C ILE A 128 -7.06 4.50 11.08
N PHE A 129 -5.96 4.34 10.36
CA PHE A 129 -5.76 3.11 9.60
C PHE A 129 -5.80 1.94 10.57
N ARG A 130 -5.09 2.10 11.69
CA ARG A 130 -5.07 1.10 12.74
C ARG A 130 -6.46 1.02 13.36
N LYS A 131 -7.11 2.19 13.46
CA LYS A 131 -8.45 2.30 14.01
C LYS A 131 -9.40 1.39 13.24
N LEU A 132 -9.27 1.42 11.91
CA LEU A 132 -10.08 0.57 11.05
C LEU A 132 -9.88 -0.88 11.45
N ALA A 133 -8.62 -1.22 11.73
CA ALA A 133 -8.27 -2.57 12.15
C ALA A 133 -8.75 -2.80 13.58
N GLY A 134 -8.69 -1.74 14.39
CA GLY A 134 -9.12 -1.84 15.77
C GLY A 134 -10.57 -2.26 15.87
N GLU A 135 -11.43 -1.69 15.03
CA GLU A 135 -12.84 -2.01 15.03
C GLU A 135 -13.03 -3.53 15.10
N ARG A 136 -12.19 -4.25 14.35
CA ARG A 136 -12.23 -5.70 14.32
C ARG A 136 -11.26 -6.28 15.36
N ASN A 137 -11.19 -5.63 16.53
CA ASN A 137 -10.30 -6.06 17.61
C ASN A 137 -8.93 -6.47 17.08
N TYR A 138 -8.44 -5.72 16.10
CA TYR A 138 -7.14 -6.01 15.49
C TYR A 138 -7.07 -7.47 15.08
N THR A 139 -7.26 -7.73 13.79
CA THR A 139 -7.25 -9.09 13.26
C THR A 139 -5.88 -9.47 12.71
N ASP A 140 -5.38 -10.63 13.13
CA ASP A 140 -4.11 -11.12 12.62
C ASP A 140 -4.22 -11.32 11.12
N GLU A 141 -5.46 -11.50 10.64
CA GLU A 141 -5.76 -11.70 9.23
C GLU A 141 -4.86 -10.81 8.35
N MET A 142 -4.44 -9.68 8.88
CA MET A 142 -3.58 -8.76 8.16
C MET A 142 -2.68 -8.03 9.13
N VAL A 143 -1.38 -8.33 9.06
CA VAL A 143 -0.41 -7.71 9.95
C VAL A 143 0.94 -7.54 9.25
N ALA A 144 1.52 -6.34 9.38
CA ALA A 144 2.83 -6.06 8.79
C ALA A 144 3.35 -4.70 9.27
N MET A 145 4.64 -4.63 9.59
CA MET A 145 5.22 -3.38 10.07
C MET A 145 6.57 -3.12 9.42
N LEU A 146 6.72 -1.93 8.85
CA LEU A 146 7.98 -1.55 8.20
C LEU A 146 9.17 -2.01 9.03
N PRO A 147 10.12 -2.74 8.42
CA PRO A 147 11.30 -3.24 9.11
C PRO A 147 11.94 -2.19 10.01
N ARG A 148 12.24 -2.59 11.24
CA ARG A 148 12.84 -1.68 12.22
C ARG A 148 14.37 -1.70 12.16
N GLN A 149 14.94 -2.32 11.13
CA GLN A 149 16.39 -2.40 11.00
C GLN A 149 16.81 -2.54 9.55
N GLU A 150 17.97 -1.98 9.20
CA GLU A 150 18.49 -2.07 7.85
C GLU A 150 18.90 -3.52 7.51
N GLU A 151 17.92 -4.42 7.60
CA GLU A 151 18.13 -5.84 7.32
C GLU A 151 16.80 -6.55 7.09
N CYS A 152 16.78 -7.45 6.11
CA CYS A 152 15.57 -8.21 5.77
C CYS A 152 15.03 -8.95 7.00
N THR A 153 14.43 -8.20 7.93
CA THR A 153 13.88 -8.79 9.17
C THR A 153 12.76 -7.94 9.74
N VAL A 154 11.53 -8.20 9.27
CA VAL A 154 10.36 -7.48 9.72
C VAL A 154 9.89 -7.96 11.09
N ASP A 155 9.38 -7.03 11.90
CA ASP A 155 8.88 -7.37 13.23
C ASP A 155 7.81 -8.45 13.13
N GLU A 156 7.85 -9.41 14.05
CA GLU A 156 6.88 -10.50 14.06
C GLU A 156 7.00 -11.36 12.80
N VAL A 157 7.04 -12.68 12.98
CA VAL A 157 7.15 -13.61 11.87
C VAL A 157 5.95 -13.50 10.93
N MET A 1 -9.58 30.87 -5.73
CA MET A 1 -9.10 29.47 -5.83
C MET A 1 -10.19 28.56 -6.41
N THR A 2 -11.42 28.72 -5.93
CA THR A 2 -12.55 27.93 -6.40
C THR A 2 -12.42 26.47 -5.98
N VAL A 3 -11.34 25.82 -6.40
CA VAL A 3 -11.10 24.42 -6.06
C VAL A 3 -9.61 24.08 -6.18
N PRO A 4 -9.07 23.31 -5.23
CA PRO A 4 -7.66 22.90 -5.23
C PRO A 4 -7.24 22.30 -6.58
N ASP A 5 -6.88 21.03 -6.61
CA ASP A 5 -6.47 20.39 -7.86
C ASP A 5 -6.29 18.88 -7.67
N ARG A 6 -6.94 18.10 -8.52
CA ARG A 6 -6.85 16.65 -8.46
C ARG A 6 -5.44 16.19 -8.82
N SER A 7 -4.80 16.94 -9.69
CA SER A 7 -3.44 16.61 -10.13
C SER A 7 -2.50 16.44 -8.95
N GLU A 8 -2.81 17.11 -7.84
CA GLU A 8 -1.99 17.03 -6.64
C GLU A 8 -1.65 15.59 -6.28
N ILE A 9 -2.62 14.70 -6.48
CA ILE A 9 -2.43 13.29 -6.18
C ILE A 9 -1.15 12.75 -6.81
N ALA A 10 -0.81 13.30 -7.98
CA ALA A 10 0.40 12.89 -8.68
C ALA A 10 1.64 13.35 -7.90
N GLY A 11 2.56 12.43 -7.62
CA GLY A 11 3.77 12.78 -6.90
C GLY A 11 4.51 11.57 -6.37
N LYS A 12 5.03 11.69 -5.15
CA LYS A 12 5.77 10.59 -4.53
C LYS A 12 5.05 10.08 -3.29
N TRP A 13 4.77 8.79 -3.26
CA TRP A 13 4.09 8.15 -2.14
C TRP A 13 5.04 7.26 -1.36
N TYR A 14 5.08 7.42 -0.04
CA TYR A 14 5.96 6.61 0.80
C TYR A 14 5.22 5.44 1.42
N VAL A 15 5.72 4.23 1.20
CA VAL A 15 5.10 3.03 1.76
C VAL A 15 5.96 2.41 2.85
N VAL A 16 5.35 2.26 4.02
CA VAL A 16 6.01 1.69 5.19
C VAL A 16 5.02 0.88 6.05
N ALA A 17 3.77 1.33 6.09
CA ALA A 17 2.73 0.66 6.84
C ALA A 17 2.02 -0.37 5.95
N LEU A 18 2.03 -1.63 6.35
CA LEU A 18 1.40 -2.69 5.57
C LEU A 18 0.62 -3.65 6.47
N ALA A 19 0.04 -4.66 5.85
CA ALA A 19 -0.73 -5.68 6.56
C ALA A 19 -1.06 -6.83 5.63
N SER A 20 -0.56 -8.02 5.95
CA SER A 20 -0.80 -9.18 5.08
C SER A 20 -0.94 -10.48 5.84
N ASN A 21 -1.54 -11.45 5.15
CA ASN A 21 -1.74 -12.79 5.69
C ASN A 21 -1.87 -13.78 4.55
N THR A 22 -1.00 -14.79 4.57
CA THR A 22 -0.96 -15.81 3.54
C THR A 22 0.11 -16.84 3.88
N GLU A 23 1.33 -16.37 4.10
CA GLU A 23 2.46 -17.22 4.45
C GLU A 23 3.58 -16.40 5.08
N PHE A 24 4.12 -16.90 6.19
CA PHE A 24 5.19 -16.21 6.89
C PHE A 24 6.53 -16.33 6.16
N PHE A 25 6.84 -17.52 5.68
CA PHE A 25 8.10 -17.76 4.99
C PHE A 25 8.09 -17.18 3.57
N LEU A 26 7.05 -17.49 2.80
CA LEU A 26 6.95 -17.03 1.43
C LEU A 26 6.89 -15.50 1.35
N ARG A 27 6.04 -14.90 2.18
CA ARG A 27 5.90 -13.44 2.18
C ARG A 27 7.16 -12.75 2.69
N GLU A 28 7.87 -13.40 3.61
CA GLU A 28 9.08 -12.83 4.18
C GLU A 28 10.01 -12.33 3.08
N LYS A 29 10.19 -13.14 2.04
CA LYS A 29 11.05 -12.76 0.92
C LYS A 29 10.36 -11.76 0.00
N ASP A 30 9.06 -11.94 -0.20
CA ASP A 30 8.29 -11.03 -1.07
C ASP A 30 8.29 -9.61 -0.51
N LYS A 31 7.83 -9.47 0.73
CA LYS A 31 7.79 -8.16 1.38
C LYS A 31 8.72 -8.12 2.57
N MET A 32 9.60 -7.14 2.61
CA MET A 32 10.57 -6.99 3.69
C MET A 32 11.46 -5.77 3.49
N LYS A 33 11.60 -5.34 2.24
CA LYS A 33 12.42 -4.18 1.91
C LYS A 33 11.60 -2.92 2.13
N MET A 34 12.25 -1.78 2.46
CA MET A 34 11.47 -0.56 2.63
C MET A 34 10.90 -0.18 1.28
N ALA A 35 9.85 0.63 1.23
CA ALA A 35 9.26 0.94 -0.07
C ALA A 35 9.01 2.42 -0.30
N MET A 36 9.24 2.82 -1.54
CA MET A 36 9.01 4.17 -2.01
C MET A 36 7.98 4.09 -3.13
N ALA A 37 7.34 5.20 -3.49
CA ALA A 37 6.34 5.13 -4.55
C ALA A 37 6.14 6.44 -5.29
N ARG A 38 5.62 6.33 -6.51
CA ARG A 38 5.34 7.47 -7.36
C ARG A 38 4.07 7.21 -8.17
N ILE A 39 3.03 7.99 -7.90
CA ILE A 39 1.75 7.82 -8.58
C ILE A 39 1.60 8.78 -9.78
N SER A 40 0.95 8.29 -10.83
CA SER A 40 0.74 9.07 -12.04
C SER A 40 -0.45 8.52 -12.84
N PHE A 41 -1.21 9.42 -13.45
CA PHE A 41 -2.38 9.03 -14.23
C PHE A 41 -2.01 8.61 -15.65
N LEU A 42 -2.48 7.44 -16.07
CA LEU A 42 -2.21 6.94 -17.43
C LEU A 42 -3.51 6.81 -18.22
N GLY A 43 -3.48 7.27 -19.47
CA GLY A 43 -4.65 7.23 -20.32
C GLY A 43 -5.25 5.85 -20.47
N GLU A 44 -5.98 5.65 -21.57
CA GLU A 44 -6.64 4.37 -21.85
C GLU A 44 -7.72 4.08 -20.82
N ASP A 45 -7.28 3.81 -19.60
CA ASP A 45 -8.19 3.50 -18.49
C ASP A 45 -7.41 2.87 -17.35
N GLU A 46 -6.27 3.46 -17.01
CA GLU A 46 -5.43 2.92 -15.94
C GLU A 46 -4.49 3.97 -15.36
N LEU A 47 -4.44 4.02 -14.03
CA LEU A 47 -3.55 4.92 -13.33
C LEU A 47 -2.59 4.06 -12.53
N LYS A 48 -1.28 4.30 -12.66
CA LYS A 48 -0.29 3.47 -11.99
C LYS A 48 0.57 4.21 -10.98
N VAL A 49 1.07 3.46 -10.00
CA VAL A 49 1.94 3.98 -8.96
C VAL A 49 3.18 3.10 -8.83
N SER A 50 4.31 3.61 -9.29
CA SER A 50 5.57 2.85 -9.24
C SER A 50 6.16 2.92 -7.85
N TYR A 51 6.73 1.80 -7.38
CA TYR A 51 7.34 1.76 -6.07
C TYR A 51 8.68 1.01 -6.09
N ALA A 52 9.71 1.68 -5.59
CA ALA A 52 11.05 1.12 -5.55
C ALA A 52 11.42 0.72 -4.13
N VAL A 53 11.51 -0.58 -3.87
CA VAL A 53 11.86 -1.05 -2.54
C VAL A 53 13.36 -1.24 -2.38
N PRO A 54 14.01 -0.37 -1.57
CA PRO A 54 15.46 -0.42 -1.31
C PRO A 54 15.87 -1.48 -0.28
N LYS A 55 16.98 -2.15 -0.60
CA LYS A 55 17.54 -3.23 0.21
C LYS A 55 17.91 -2.85 1.64
N PRO A 56 18.38 -1.61 1.92
CA PRO A 56 18.79 -1.21 3.28
C PRO A 56 17.85 -1.68 4.38
N ASN A 57 16.67 -1.08 4.46
CA ASN A 57 15.68 -1.46 5.48
C ASN A 57 14.98 -2.75 5.10
N GLY A 58 15.76 -3.79 4.82
CA GLY A 58 15.21 -5.07 4.44
C GLY A 58 16.30 -6.05 4.05
N CYS A 59 16.41 -6.32 2.76
CA CYS A 59 17.43 -7.24 2.27
C CYS A 59 17.40 -7.35 0.75
N ARG A 60 17.21 -6.21 0.07
CA ARG A 60 17.19 -6.17 -1.41
C ARG A 60 16.51 -4.92 -1.99
N LYS A 61 16.74 -4.67 -3.28
CA LYS A 61 16.16 -3.52 -3.96
C LYS A 61 15.30 -3.98 -5.13
N TRP A 62 14.13 -3.37 -5.30
CA TRP A 62 13.24 -3.77 -6.40
C TRP A 62 12.26 -2.68 -6.80
N GLU A 63 11.91 -2.67 -8.09
CA GLU A 63 10.97 -1.69 -8.63
C GLU A 63 9.87 -2.38 -9.42
N THR A 64 8.64 -1.89 -9.29
CA THR A 64 7.51 -2.49 -10.00
C THR A 64 6.39 -1.46 -10.22
N THR A 65 5.85 -1.47 -11.43
CA THR A 65 4.76 -0.55 -11.78
C THR A 65 3.40 -1.16 -11.48
N PHE A 66 2.68 -0.58 -10.54
CA PHE A 66 1.34 -1.05 -10.17
C PHE A 66 0.30 -0.19 -10.89
N LYS A 67 -0.61 -0.82 -11.63
CA LYS A 67 -1.62 -0.06 -12.36
C LYS A 67 -2.97 -0.76 -12.41
N LYS A 68 -4.03 0.01 -12.22
CA LYS A 68 -5.39 -0.49 -12.27
C LYS A 68 -6.37 0.69 -12.38
N THR A 69 -7.59 0.52 -11.88
CA THR A 69 -8.58 1.59 -11.91
C THR A 69 -8.63 2.27 -10.55
N SER A 70 -8.73 3.59 -10.54
CA SER A 70 -8.80 4.35 -9.29
C SER A 70 -9.94 5.38 -9.33
N ASP A 71 -11.16 4.91 -9.11
CA ASP A 71 -12.32 5.79 -9.12
C ASP A 71 -13.01 5.80 -7.76
N ASP A 72 -13.86 6.82 -7.54
CA ASP A 72 -14.60 7.00 -6.29
C ASP A 72 -14.12 8.26 -5.57
N GLY A 73 -14.95 8.79 -4.65
CA GLY A 73 -14.56 9.98 -3.91
C GLY A 73 -13.09 9.93 -3.54
N GLU A 74 -12.67 8.76 -3.11
CA GLU A 74 -11.27 8.51 -2.76
C GLU A 74 -10.61 7.75 -3.91
N VAL A 75 -10.04 6.57 -3.65
CA VAL A 75 -9.44 5.79 -4.74
C VAL A 75 -9.69 4.29 -4.59
N TYR A 76 -10.42 3.73 -5.56
CA TYR A 76 -10.72 2.29 -5.57
C TYR A 76 -10.00 1.62 -6.73
N TYR A 77 -9.12 0.67 -6.39
CA TYR A 77 -8.34 -0.06 -7.40
C TYR A 77 -9.02 -1.36 -7.81
N SER A 78 -8.94 -1.66 -9.11
CA SER A 78 -9.53 -2.89 -9.65
C SER A 78 -8.83 -3.32 -10.95
N GLU A 79 -8.48 -4.61 -11.06
CA GLU A 79 -7.81 -5.12 -12.25
C GLU A 79 -7.60 -6.64 -12.18
N GLU A 80 -7.24 -7.23 -13.33
CA GLU A 80 -7.00 -8.67 -13.44
C GLU A 80 -8.30 -9.46 -13.22
N ALA A 81 -8.19 -10.79 -13.20
CA ALA A 81 -9.35 -11.65 -13.00
C ALA A 81 -10.17 -11.21 -11.79
N LYS A 82 -9.68 -11.51 -10.60
CA LYS A 82 -10.38 -11.14 -9.38
C LYS A 82 -9.43 -10.42 -8.42
N LYS A 83 -8.65 -9.48 -8.94
CA LYS A 83 -7.71 -8.74 -8.12
C LYS A 83 -8.18 -7.30 -7.96
N LYS A 84 -8.22 -6.81 -6.73
CA LYS A 84 -8.66 -5.44 -6.48
C LYS A 84 -8.17 -4.94 -5.12
N VAL A 85 -7.81 -3.67 -5.07
CA VAL A 85 -7.32 -3.05 -3.84
C VAL A 85 -7.98 -1.68 -3.62
N GLU A 86 -8.38 -1.39 -2.38
CA GLU A 86 -9.04 -0.13 -2.08
C GLU A 86 -8.12 0.86 -1.38
N VAL A 87 -7.89 2.01 -2.02
CA VAL A 87 -7.05 3.06 -1.43
C VAL A 87 -7.91 3.97 -0.56
N LEU A 88 -7.88 3.71 0.73
CA LEU A 88 -8.66 4.46 1.71
C LEU A 88 -7.87 5.65 2.27
N ASP A 89 -8.28 6.13 3.45
CA ASP A 89 -7.62 7.25 4.10
C ASP A 89 -7.69 8.51 3.22
N THR A 90 -6.57 9.21 3.04
CA THR A 90 -6.57 10.42 2.21
C THR A 90 -5.57 10.28 1.07
N ASP A 91 -6.08 10.24 -0.16
CA ASP A 91 -5.23 10.12 -1.34
C ASP A 91 -4.92 11.49 -1.95
N TYR A 92 -5.03 12.53 -1.13
CA TYR A 92 -4.76 13.89 -1.58
C TYR A 92 -3.40 14.38 -1.04
N LYS A 93 -3.42 15.23 -0.01
CA LYS A 93 -2.17 15.75 0.56
C LYS A 93 -2.17 15.58 2.07
N SER A 94 -1.49 14.52 2.52
CA SER A 94 -1.37 14.20 3.95
C SER A 94 -0.92 12.75 4.13
N TYR A 95 -1.89 11.86 4.31
CA TYR A 95 -1.60 10.44 4.49
C TYR A 95 -2.67 9.57 3.85
N ALA A 96 -2.24 8.51 3.17
CA ALA A 96 -3.16 7.60 2.49
C ALA A 96 -2.87 6.15 2.87
N VAL A 97 -3.91 5.34 2.91
CA VAL A 97 -3.76 3.94 3.23
C VAL A 97 -4.44 3.09 2.16
N ILE A 98 -3.79 2.01 1.74
CA ILE A 98 -4.35 1.16 0.70
C ILE A 98 -4.19 -0.32 1.02
N TYR A 99 -5.33 -1.01 1.17
CA TYR A 99 -5.33 -2.44 1.44
C TYR A 99 -5.51 -3.19 0.12
N ALA A 100 -4.91 -4.36 0.02
CA ALA A 100 -5.01 -5.14 -1.22
C ALA A 100 -5.39 -6.59 -0.97
N THR A 101 -6.31 -7.09 -1.77
CA THR A 101 -6.77 -8.47 -1.70
C THR A 101 -6.83 -9.05 -3.11
N ARG A 102 -5.92 -9.97 -3.41
CA ARG A 102 -5.85 -10.58 -4.72
C ARG A 102 -6.58 -11.92 -4.77
N VAL A 103 -7.24 -12.18 -5.90
CA VAL A 103 -7.96 -13.43 -6.08
C VAL A 103 -7.75 -13.98 -7.49
N LYS A 104 -7.31 -15.23 -7.56
CA LYS A 104 -7.05 -15.89 -8.84
C LYS A 104 -7.05 -17.41 -8.67
N ASP A 105 -7.69 -18.09 -9.61
CA ASP A 105 -7.77 -19.55 -9.56
C ASP A 105 -8.28 -20.02 -8.20
N GLY A 106 -9.15 -19.22 -7.60
CA GLY A 106 -9.70 -19.57 -6.31
C GLY A 106 -8.69 -19.49 -5.18
N ARG A 107 -7.92 -18.40 -5.13
CA ARG A 107 -6.93 -18.21 -4.09
C ARG A 107 -7.04 -16.80 -3.51
N THR A 108 -7.02 -16.69 -2.19
CA THR A 108 -7.13 -15.40 -1.53
C THR A 108 -5.83 -14.99 -0.83
N LEU A 109 -5.44 -13.74 -1.00
CA LEU A 109 -4.22 -13.21 -0.39
C LEU A 109 -4.46 -11.78 0.08
N HIS A 110 -4.03 -11.48 1.31
CA HIS A 110 -4.21 -10.14 1.86
C HIS A 110 -2.88 -9.41 1.95
N MET A 111 -2.89 -8.13 1.58
CA MET A 111 -1.69 -7.29 1.63
C MET A 111 -2.08 -5.82 1.68
N MET A 112 -1.62 -5.13 2.71
CA MET A 112 -1.91 -3.71 2.88
C MET A 112 -0.68 -2.86 2.65
N ARG A 113 -0.91 -1.65 2.16
CA ARG A 113 0.15 -0.70 1.91
C ARG A 113 -0.32 0.69 2.27
N LEU A 114 0.53 1.43 2.98
CA LEU A 114 0.18 2.78 3.41
C LEU A 114 1.07 3.81 2.73
N TYR A 115 0.45 4.71 1.98
CA TYR A 115 1.18 5.75 1.28
C TYR A 115 1.03 7.09 1.99
N SER A 116 2.15 7.70 2.33
CA SER A 116 2.14 9.00 3.00
C SER A 116 2.97 10.01 2.21
N ARG A 117 2.37 11.16 1.92
CA ARG A 117 3.06 12.21 1.16
C ARG A 117 4.08 12.94 2.02
N SER A 118 3.75 13.15 3.29
CA SER A 118 4.64 13.86 4.20
C SER A 118 4.98 12.99 5.41
N PRO A 119 6.24 13.05 5.89
CA PRO A 119 6.69 12.28 7.05
C PRO A 119 5.71 12.38 8.23
N GLU A 120 4.99 13.49 8.29
CA GLU A 120 4.02 13.74 9.36
C GLU A 120 2.87 12.73 9.34
N VAL A 121 3.18 11.46 9.53
CA VAL A 121 2.15 10.43 9.53
C VAL A 121 1.30 10.54 10.80
N SER A 122 0.15 11.20 10.66
CA SER A 122 -0.76 11.39 11.78
C SER A 122 -1.21 10.06 12.39
N PRO A 123 -1.45 10.03 13.71
CA PRO A 123 -1.90 8.83 14.41
C PRO A 123 -3.11 8.21 13.73
N ALA A 124 -3.95 9.06 13.13
CA ALA A 124 -5.15 8.60 12.45
C ALA A 124 -4.81 7.71 11.27
N ALA A 125 -3.95 8.21 10.40
CA ALA A 125 -3.55 7.45 9.22
C ALA A 125 -3.07 6.06 9.59
N THR A 126 -2.17 6.01 10.58
CA THR A 126 -1.62 4.74 11.03
C THR A 126 -2.63 3.94 11.86
N ALA A 127 -3.22 4.59 12.86
CA ALA A 127 -4.20 3.94 13.74
C ALA A 127 -5.49 3.61 13.00
N ILE A 128 -6.08 4.60 12.33
CA ILE A 128 -7.32 4.39 11.61
C ILE A 128 -7.16 3.29 10.56
N PHE A 129 -6.02 3.24 9.89
CA PHE A 129 -5.79 2.20 8.89
C PHE A 129 -5.77 0.84 9.58
N ARG A 130 -5.06 0.79 10.70
CA ARG A 130 -4.97 -0.43 11.48
C ARG A 130 -6.33 -0.76 12.08
N LYS A 131 -6.99 0.25 12.64
CA LYS A 131 -8.30 0.08 13.24
C LYS A 131 -9.30 -0.33 12.15
N LEU A 132 -9.20 0.36 11.02
CA LEU A 132 -10.06 0.08 9.87
C LEU A 132 -9.79 -1.33 9.36
N ALA A 133 -8.52 -1.73 9.44
CA ALA A 133 -8.12 -3.06 9.01
C ALA A 133 -8.88 -4.12 9.80
N GLY A 134 -9.01 -3.89 11.10
CA GLY A 134 -9.72 -4.81 11.96
C GLY A 134 -11.19 -4.91 11.60
N GLU A 135 -11.78 -3.78 11.22
CA GLU A 135 -13.20 -3.73 10.86
C GLU A 135 -13.55 -4.84 9.88
N ARG A 136 -12.61 -5.16 9.00
CA ARG A 136 -12.81 -6.21 8.01
C ARG A 136 -12.87 -7.58 8.68
N ASN A 137 -11.99 -7.79 9.66
CA ASN A 137 -11.95 -9.06 10.37
C ASN A 137 -11.02 -8.97 11.57
N TYR A 138 -9.85 -8.37 11.38
CA TYR A 138 -8.88 -8.24 12.46
C TYR A 138 -7.59 -7.58 11.98
N THR A 139 -6.81 -6.99 12.89
CA THR A 139 -5.57 -6.33 12.50
C THR A 139 -4.40 -7.31 12.48
N ASP A 140 -4.15 -8.01 13.59
CA ASP A 140 -3.05 -8.97 13.64
C ASP A 140 -3.25 -10.04 12.57
N GLU A 141 -4.50 -10.41 12.34
CA GLU A 141 -4.83 -11.39 11.30
C GLU A 141 -4.28 -10.90 9.98
N MET A 142 -4.21 -9.58 9.85
CA MET A 142 -3.70 -8.93 8.66
C MET A 142 -2.84 -7.73 9.07
N VAL A 143 -1.64 -8.01 9.56
CA VAL A 143 -0.74 -6.95 10.03
C VAL A 143 0.65 -7.02 9.38
N ALA A 144 1.28 -5.85 9.29
CA ALA A 144 2.63 -5.71 8.74
C ALA A 144 3.19 -4.34 9.09
N MET A 145 4.43 -4.30 9.56
CA MET A 145 5.05 -3.03 9.95
C MET A 145 6.42 -2.84 9.31
N LEU A 146 6.69 -1.62 8.87
CA LEU A 146 7.97 -1.26 8.24
C LEU A 146 9.13 -2.00 8.93
N PRO A 147 9.97 -2.68 8.13
CA PRO A 147 11.12 -3.41 8.66
C PRO A 147 12.33 -2.50 8.82
N ARG A 148 12.79 -2.35 10.05
CA ARG A 148 13.93 -1.50 10.35
C ARG A 148 15.19 -2.33 10.64
N GLN A 149 15.65 -3.07 9.63
CA GLN A 149 16.84 -3.91 9.79
C GLN A 149 17.47 -4.26 8.45
N GLU A 150 18.80 -4.33 8.44
CA GLU A 150 19.53 -4.68 7.22
C GLU A 150 19.56 -6.19 7.03
N GLU A 151 18.38 -6.80 7.02
CA GLU A 151 18.25 -8.23 6.83
C GLU A 151 16.78 -8.63 6.76
N CYS A 152 16.47 -9.66 5.98
CA CYS A 152 15.09 -10.12 5.82
C CYS A 152 14.45 -10.40 7.18
N THR A 153 14.01 -9.33 7.86
CA THR A 153 13.38 -9.44 9.18
C THR A 153 12.50 -8.22 9.47
N VAL A 154 11.49 -8.40 10.32
CA VAL A 154 10.59 -7.31 10.68
C VAL A 154 10.08 -7.44 12.11
N ASP A 155 9.94 -6.30 12.79
CA ASP A 155 9.46 -6.28 14.17
C ASP A 155 8.11 -6.96 14.28
N GLU A 156 7.94 -7.77 15.33
CA GLU A 156 6.69 -8.49 15.54
C GLU A 156 6.74 -9.27 16.86
N VAL A 157 7.22 -8.62 17.90
CA VAL A 157 7.33 -9.24 19.22
C VAL A 157 7.38 -8.20 20.32
N MET A 1 -9.13 21.67 2.03
CA MET A 1 -10.16 20.61 2.18
C MET A 1 -10.47 19.96 0.82
N THR A 2 -11.73 19.60 0.59
CA THR A 2 -12.13 18.99 -0.68
C THR A 2 -11.84 19.92 -1.85
N VAL A 3 -11.26 19.37 -2.91
CA VAL A 3 -10.94 20.15 -4.10
C VAL A 3 -10.29 19.29 -5.18
N PRO A 4 -10.70 19.47 -6.44
CA PRO A 4 -10.15 18.70 -7.58
C PRO A 4 -8.62 18.70 -7.60
N ASP A 5 -8.01 19.39 -8.58
CA ASP A 5 -6.56 19.46 -8.69
C ASP A 5 -5.97 18.09 -9.00
N ARG A 6 -5.19 18.02 -10.08
CA ARG A 6 -4.56 16.77 -10.49
C ARG A 6 -3.56 16.29 -9.43
N SER A 7 -2.93 17.25 -8.75
CA SER A 7 -1.94 16.94 -7.71
C SER A 7 -2.49 15.92 -6.72
N GLU A 8 -3.80 15.96 -6.49
CA GLU A 8 -4.45 15.04 -5.57
C GLU A 8 -3.92 13.62 -5.75
N ILE A 9 -3.63 13.26 -6.99
CA ILE A 9 -3.11 11.94 -7.31
C ILE A 9 -1.88 12.06 -8.22
N ALA A 10 -0.91 12.84 -7.77
CA ALA A 10 0.32 13.04 -8.53
C ALA A 10 1.45 13.52 -7.62
N GLY A 11 2.47 12.69 -7.47
CA GLY A 11 3.61 13.05 -6.63
C GLY A 11 4.39 11.84 -6.15
N LYS A 12 4.81 11.87 -4.89
CA LYS A 12 5.59 10.78 -4.32
C LYS A 12 4.82 10.04 -3.22
N TRP A 13 4.75 8.72 -3.35
CA TRP A 13 4.07 7.85 -2.39
C TRP A 13 5.10 6.94 -1.70
N TYR A 14 5.14 6.93 -0.37
CA TYR A 14 6.11 6.09 0.35
C TYR A 14 5.43 5.02 1.18
N VAL A 15 5.57 3.76 0.76
CA VAL A 15 4.97 2.65 1.50
C VAL A 15 5.72 2.45 2.82
N VAL A 16 4.96 2.39 3.91
CA VAL A 16 5.53 2.21 5.24
C VAL A 16 4.63 1.32 6.11
N ALA A 17 3.33 1.60 6.11
CA ALA A 17 2.36 0.82 6.89
C ALA A 17 1.71 -0.27 6.05
N LEU A 18 1.52 -1.46 6.62
CA LEU A 18 0.90 -2.57 5.89
C LEU A 18 0.29 -3.62 6.83
N ALA A 19 -0.24 -4.68 6.22
CA ALA A 19 -0.86 -5.80 6.92
C ALA A 19 -1.07 -6.94 5.93
N SER A 20 -0.42 -8.09 6.10
CA SER A 20 -0.57 -9.15 5.10
C SER A 20 -0.86 -10.55 5.67
N ASN A 21 -1.76 -11.25 4.98
CA ASN A 21 -2.11 -12.62 5.33
C ASN A 21 -2.34 -13.44 4.06
N THR A 22 -1.49 -14.45 3.87
CA THR A 22 -1.56 -15.31 2.70
C THR A 22 -0.62 -16.51 2.85
N GLU A 23 0.67 -16.22 3.03
CA GLU A 23 1.68 -17.25 3.20
C GLU A 23 2.93 -16.66 3.84
N PHE A 24 3.10 -16.89 5.14
CA PHE A 24 4.25 -16.38 5.87
C PHE A 24 5.57 -16.94 5.32
N PHE A 25 5.51 -18.14 4.75
CA PHE A 25 6.70 -18.78 4.21
C PHE A 25 7.41 -17.88 3.20
N LEU A 26 6.69 -17.51 2.15
CA LEU A 26 7.25 -16.67 1.10
C LEU A 26 7.04 -15.18 1.39
N ARG A 27 5.85 -14.83 1.86
CA ARG A 27 5.52 -13.44 2.16
C ARG A 27 6.52 -12.82 3.14
N GLU A 28 6.89 -13.58 4.17
CA GLU A 28 7.83 -13.09 5.18
C GLU A 28 9.16 -12.69 4.56
N LYS A 29 9.74 -13.58 3.77
CA LYS A 29 11.02 -13.32 3.12
C LYS A 29 10.88 -12.42 1.90
N ASP A 30 9.80 -12.62 1.14
CA ASP A 30 9.55 -11.85 -0.07
C ASP A 30 9.29 -10.37 0.22
N LYS A 31 8.25 -10.10 1.02
CA LYS A 31 7.88 -8.73 1.35
C LYS A 31 8.95 -8.06 2.24
N MET A 32 8.54 -7.43 3.35
CA MET A 32 9.47 -6.75 4.24
C MET A 32 10.45 -5.89 3.44
N LYS A 33 10.10 -4.62 3.26
CA LYS A 33 10.94 -3.71 2.49
C LYS A 33 10.32 -2.30 2.46
N MET A 34 11.17 -1.27 2.45
CA MET A 34 10.68 0.11 2.39
C MET A 34 10.40 0.46 0.94
N ALA A 35 9.57 1.47 0.66
CA ALA A 35 9.31 1.78 -0.74
C ALA A 35 8.85 3.21 -1.01
N MET A 36 9.37 3.74 -2.13
CA MET A 36 9.05 5.07 -2.62
C MET A 36 8.29 4.91 -3.93
N ALA A 37 7.41 5.83 -4.28
CA ALA A 37 6.63 5.67 -5.50
C ALA A 37 6.17 6.99 -6.10
N ARG A 38 6.01 7.00 -7.42
CA ARG A 38 5.55 8.18 -8.14
C ARG A 38 4.26 7.85 -8.89
N ILE A 39 3.16 8.48 -8.48
CA ILE A 39 1.87 8.22 -9.10
C ILE A 39 1.52 9.26 -10.16
N SER A 40 0.90 8.78 -11.26
CA SER A 40 0.50 9.63 -12.37
C SER A 40 -0.58 8.93 -13.21
N PHE A 41 -1.45 9.72 -13.83
CA PHE A 41 -2.54 9.18 -14.64
C PHE A 41 -2.06 8.68 -16.00
N LEU A 42 -2.44 7.45 -16.35
CA LEU A 42 -2.08 6.87 -17.65
C LEU A 42 -3.33 6.64 -18.49
N GLY A 43 -3.25 7.00 -19.77
CA GLY A 43 -4.38 6.86 -20.67
C GLY A 43 -4.97 5.46 -20.71
N GLU A 44 -5.69 5.17 -21.79
CA GLU A 44 -6.35 3.88 -21.96
C GLU A 44 -7.44 3.68 -20.92
N ASP A 45 -7.03 3.50 -19.67
CA ASP A 45 -7.95 3.29 -18.56
C ASP A 45 -7.19 2.73 -17.36
N GLU A 46 -6.06 3.36 -17.02
CA GLU A 46 -5.26 2.87 -15.90
C GLU A 46 -4.33 3.96 -15.35
N LEU A 47 -4.26 4.02 -14.03
CA LEU A 47 -3.39 4.98 -13.35
C LEU A 47 -2.24 4.17 -12.73
N LYS A 48 -1.00 4.57 -12.99
CA LYS A 48 0.14 3.80 -12.49
C LYS A 48 1.01 4.56 -11.48
N VAL A 49 1.59 3.78 -10.56
CA VAL A 49 2.49 4.31 -9.53
C VAL A 49 3.78 3.49 -9.53
N SER A 50 4.89 4.13 -9.87
CA SER A 50 6.18 3.44 -9.93
C SER A 50 6.85 3.44 -8.57
N TYR A 51 6.68 2.35 -7.81
CA TYR A 51 7.27 2.27 -6.49
C TYR A 51 8.59 1.48 -6.51
N ALA A 52 9.62 2.10 -5.96
CA ALA A 52 10.94 1.48 -5.86
C ALA A 52 11.22 1.09 -4.42
N VAL A 53 11.22 -0.22 -4.15
CA VAL A 53 11.45 -0.72 -2.81
C VAL A 53 12.93 -0.94 -2.50
N PRO A 54 13.55 -0.06 -1.69
CA PRO A 54 14.94 -0.15 -1.31
C PRO A 54 15.16 -0.79 0.06
N LYS A 55 16.42 -1.12 0.34
CA LYS A 55 16.83 -1.72 1.60
C LYS A 55 18.34 -1.95 1.62
N PRO A 56 19.13 -0.86 1.72
CA PRO A 56 20.60 -0.94 1.76
C PRO A 56 21.09 -1.73 2.96
N ASN A 57 22.19 -2.47 2.80
CA ASN A 57 22.73 -3.28 3.87
C ASN A 57 21.85 -4.50 4.12
N GLY A 58 20.54 -4.25 4.26
CA GLY A 58 19.60 -5.33 4.48
C GLY A 58 19.67 -6.35 3.37
N CYS A 59 18.67 -6.34 2.49
CA CYS A 59 18.65 -7.28 1.38
C CYS A 59 17.44 -7.07 0.47
N ARG A 60 17.15 -5.80 0.14
CA ARG A 60 16.02 -5.52 -0.75
C ARG A 60 16.21 -4.24 -1.56
N LYS A 61 15.76 -4.31 -2.81
CA LYS A 61 15.81 -3.19 -3.74
C LYS A 61 15.10 -3.59 -5.03
N TRP A 62 14.02 -2.90 -5.37
CA TRP A 62 13.28 -3.27 -6.59
C TRP A 62 12.33 -2.18 -7.07
N GLU A 63 12.28 -2.04 -8.40
CA GLU A 63 11.40 -1.07 -9.04
C GLU A 63 10.21 -1.81 -9.63
N THR A 64 9.03 -1.18 -9.64
CA THR A 64 7.84 -1.86 -10.16
C THR A 64 6.78 -0.89 -10.67
N THR A 65 6.18 -1.26 -11.79
CA THR A 65 5.13 -0.47 -12.42
C THR A 65 3.76 -1.02 -12.03
N PHE A 66 3.01 -0.27 -11.23
CA PHE A 66 1.70 -0.71 -10.77
C PHE A 66 0.60 0.12 -11.43
N LYS A 67 -0.19 -0.50 -12.32
CA LYS A 67 -1.26 0.22 -13.00
C LYS A 67 -2.59 -0.52 -12.92
N LYS A 68 -3.64 0.20 -12.53
CA LYS A 68 -4.97 -0.37 -12.41
C LYS A 68 -6.04 0.73 -12.45
N THR A 69 -7.15 0.54 -11.75
CA THR A 69 -8.23 1.54 -11.72
C THR A 69 -8.26 2.28 -10.40
N SER A 70 -8.62 3.56 -10.45
CA SER A 70 -8.71 4.41 -9.27
C SER A 70 -9.98 5.26 -9.34
N ASP A 71 -11.12 4.66 -9.01
CA ASP A 71 -12.39 5.37 -9.06
C ASP A 71 -13.10 5.42 -7.71
N ASP A 72 -14.10 6.32 -7.60
CA ASP A 72 -14.89 6.52 -6.38
C ASP A 72 -14.46 7.80 -5.68
N GLY A 73 -15.33 8.33 -4.81
CA GLY A 73 -14.98 9.54 -4.08
C GLY A 73 -13.52 9.52 -3.68
N GLU A 74 -13.13 8.42 -3.08
CA GLU A 74 -11.74 8.20 -2.69
C GLU A 74 -11.04 7.47 -3.85
N VAL A 75 -10.37 6.35 -3.59
CA VAL A 75 -9.72 5.63 -4.69
C VAL A 75 -9.80 4.13 -4.52
N TYR A 76 -10.34 3.46 -5.54
CA TYR A 76 -10.45 2.00 -5.54
C TYR A 76 -9.57 1.45 -6.65
N TYR A 77 -8.54 0.68 -6.27
CA TYR A 77 -7.60 0.11 -7.23
C TYR A 77 -8.01 -1.33 -7.59
N SER A 78 -8.21 -1.59 -8.87
CA SER A 78 -8.60 -2.94 -9.28
C SER A 78 -8.18 -3.25 -10.72
N GLU A 79 -7.85 -4.53 -10.98
CA GLU A 79 -7.43 -4.96 -12.32
C GLU A 79 -7.42 -6.48 -12.48
N GLU A 80 -8.01 -6.93 -13.61
CA GLU A 80 -8.07 -8.35 -13.98
C GLU A 80 -8.46 -9.26 -12.82
N ALA A 81 -9.05 -10.41 -13.16
CA ALA A 81 -9.38 -11.40 -12.14
C ALA A 81 -8.06 -11.99 -11.67
N LYS A 82 -7.31 -11.18 -10.94
CA LYS A 82 -6.01 -11.56 -10.45
C LYS A 82 -5.72 -10.79 -9.15
N LYS A 83 -6.03 -9.49 -9.13
CA LYS A 83 -5.81 -8.71 -7.90
C LYS A 83 -6.73 -7.50 -7.78
N LYS A 84 -7.48 -7.48 -6.68
CA LYS A 84 -8.39 -6.39 -6.37
C LYS A 84 -7.78 -5.53 -5.27
N VAL A 85 -7.99 -4.21 -5.33
CA VAL A 85 -7.39 -3.31 -4.35
C VAL A 85 -8.27 -2.10 -4.05
N GLU A 86 -8.01 -1.42 -2.95
CA GLU A 86 -8.79 -0.25 -2.58
C GLU A 86 -7.98 0.74 -1.76
N VAL A 87 -7.89 1.97 -2.28
CA VAL A 87 -7.16 3.03 -1.60
C VAL A 87 -8.08 3.79 -0.63
N LEU A 88 -7.81 3.62 0.66
CA LEU A 88 -8.58 4.25 1.73
C LEU A 88 -7.90 5.51 2.26
N ASP A 89 -8.37 5.99 3.41
CA ASP A 89 -7.83 7.19 4.07
C ASP A 89 -8.00 8.41 3.17
N THR A 90 -6.91 9.14 2.88
CA THR A 90 -6.99 10.32 2.04
C THR A 90 -5.76 10.46 1.15
N ASP A 91 -5.88 9.97 -0.08
CA ASP A 91 -4.78 10.07 -1.03
C ASP A 91 -4.88 11.36 -1.84
N TYR A 92 -5.40 12.41 -1.21
CA TYR A 92 -5.55 13.70 -1.88
C TYR A 92 -4.90 14.82 -1.07
N LYS A 93 -4.28 14.47 0.06
CA LYS A 93 -3.66 15.48 0.91
C LYS A 93 -2.17 15.17 1.15
N SER A 94 -1.87 14.46 2.23
CA SER A 94 -0.48 14.14 2.57
C SER A 94 -0.31 12.68 3.00
N TYR A 95 -1.38 12.06 3.50
CA TYR A 95 -1.29 10.68 3.95
C TYR A 95 -2.49 9.85 3.45
N ALA A 96 -2.18 8.67 2.91
CA ALA A 96 -3.21 7.78 2.39
C ALA A 96 -2.88 6.32 2.67
N VAL A 97 -3.92 5.51 2.88
CA VAL A 97 -3.74 4.11 3.15
C VAL A 97 -4.48 3.27 2.11
N ILE A 98 -3.77 2.34 1.49
CA ILE A 98 -4.35 1.49 0.47
C ILE A 98 -4.00 0.03 0.71
N TYR A 99 -5.03 -0.81 0.85
CA TYR A 99 -4.78 -2.23 1.08
C TYR A 99 -4.91 -3.01 -0.23
N ALA A 100 -3.89 -3.80 -0.54
CA ALA A 100 -3.87 -4.60 -1.75
C ALA A 100 -4.30 -6.04 -1.46
N THR A 101 -5.15 -6.58 -2.32
CA THR A 101 -5.64 -7.95 -2.14
C THR A 101 -5.68 -8.68 -3.48
N ARG A 102 -5.17 -9.90 -3.50
CA ARG A 102 -5.17 -10.68 -4.73
C ARG A 102 -6.49 -11.42 -4.92
N VAL A 103 -6.95 -11.45 -6.17
CA VAL A 103 -8.20 -12.11 -6.51
C VAL A 103 -8.09 -12.80 -7.85
N LYS A 104 -7.99 -14.13 -7.81
CA LYS A 104 -7.87 -14.93 -9.02
C LYS A 104 -8.48 -16.30 -8.80
N ASP A 105 -9.26 -16.78 -9.76
CA ASP A 105 -9.89 -18.08 -9.63
C ASP A 105 -10.71 -18.13 -8.33
N GLY A 106 -10.54 -19.20 -7.55
CA GLY A 106 -11.26 -19.32 -6.29
C GLY A 106 -10.34 -19.15 -5.10
N ARG A 107 -9.49 -18.14 -5.14
CA ARG A 107 -8.55 -17.88 -4.04
C ARG A 107 -8.41 -16.38 -3.80
N THR A 108 -8.46 -15.98 -2.54
CA THR A 108 -8.37 -14.57 -2.17
C THR A 108 -7.22 -14.34 -1.18
N LEU A 109 -6.57 -13.18 -1.30
CA LEU A 109 -5.47 -12.82 -0.44
C LEU A 109 -5.63 -11.40 0.07
N HIS A 110 -5.26 -11.16 1.33
CA HIS A 110 -5.40 -9.83 1.90
C HIS A 110 -4.06 -9.22 2.29
N MET A 111 -3.90 -7.95 2.00
CA MET A 111 -2.68 -7.22 2.33
C MET A 111 -2.95 -5.72 2.36
N MET A 112 -2.43 -5.05 3.37
CA MET A 112 -2.61 -3.61 3.53
C MET A 112 -1.37 -2.86 3.07
N ARG A 113 -1.56 -1.68 2.54
CA ARG A 113 -0.45 -0.86 2.07
C ARG A 113 -0.74 0.60 2.42
N LEU A 114 0.29 1.34 2.81
CA LEU A 114 0.10 2.73 3.20
C LEU A 114 1.24 3.59 2.69
N TYR A 115 0.91 4.54 1.82
CA TYR A 115 1.91 5.43 1.25
C TYR A 115 1.84 6.81 1.90
N SER A 116 2.96 7.24 2.46
CA SER A 116 3.02 8.55 3.09
C SER A 116 3.85 9.50 2.23
N ARG A 117 3.28 10.65 1.92
CA ARG A 117 3.96 11.64 1.10
C ARG A 117 5.06 12.34 1.90
N SER A 118 4.82 12.54 3.19
CA SER A 118 5.78 13.18 4.06
C SER A 118 6.05 12.32 5.30
N PRO A 119 7.32 12.23 5.73
CA PRO A 119 7.70 11.43 6.90
C PRO A 119 6.78 11.67 8.10
N GLU A 120 6.40 12.93 8.31
CA GLU A 120 5.53 13.30 9.42
C GLU A 120 4.12 12.74 9.23
N VAL A 121 3.98 11.42 9.31
CA VAL A 121 2.68 10.79 9.15
C VAL A 121 1.72 11.25 10.24
N SER A 122 0.59 11.80 9.83
CA SER A 122 -0.41 12.29 10.77
C SER A 122 -0.99 11.14 11.60
N PRO A 123 -1.33 11.40 12.87
CA PRO A 123 -1.90 10.37 13.76
C PRO A 123 -3.13 9.71 13.14
N ALA A 124 -3.93 10.51 12.42
CA ALA A 124 -5.14 10.02 11.78
C ALA A 124 -4.83 8.97 10.73
N ALA A 125 -3.90 9.27 9.85
CA ALA A 125 -3.52 8.36 8.79
C ALA A 125 -3.19 6.98 9.34
N THR A 126 -2.33 6.96 10.35
CA THR A 126 -1.92 5.70 10.97
C THR A 126 -3.02 5.15 11.89
N ALA A 127 -3.58 6.01 12.74
CA ALA A 127 -4.62 5.59 13.68
C ALA A 127 -5.92 5.24 12.95
N ILE A 128 -6.42 6.15 12.13
CA ILE A 128 -7.65 5.90 11.40
C ILE A 128 -7.55 4.64 10.57
N PHE A 129 -6.41 4.42 9.92
CA PHE A 129 -6.24 3.19 9.13
C PHE A 129 -6.40 1.99 10.04
N ARG A 130 -5.79 2.08 11.22
CA ARG A 130 -5.89 1.03 12.22
C ARG A 130 -7.33 0.93 12.70
N LYS A 131 -7.95 2.10 12.91
CA LYS A 131 -9.33 2.18 13.35
C LYS A 131 -10.22 1.52 12.31
N LEU A 132 -9.98 1.87 11.04
CA LEU A 132 -10.72 1.30 9.93
C LEU A 132 -10.47 -0.20 9.86
N ALA A 133 -9.21 -0.58 10.10
CA ALA A 133 -8.83 -1.98 10.09
C ALA A 133 -9.59 -2.74 11.17
N GLY A 134 -9.71 -2.10 12.35
CA GLY A 134 -10.42 -2.72 13.44
C GLY A 134 -11.84 -3.10 13.05
N GLU A 135 -12.54 -2.18 12.38
CA GLU A 135 -13.90 -2.42 11.92
C GLU A 135 -13.92 -3.68 11.06
N ARG A 136 -12.90 -3.81 10.23
CA ARG A 136 -12.75 -4.98 9.36
C ARG A 136 -12.29 -6.20 10.15
N ASN A 137 -11.61 -5.95 11.27
CA ASN A 137 -11.11 -7.02 12.13
C ASN A 137 -9.86 -7.67 11.53
N TYR A 138 -8.88 -6.85 11.19
CA TYR A 138 -7.63 -7.35 10.62
C TYR A 138 -6.42 -6.62 11.19
N THR A 139 -6.51 -6.22 12.46
CA THR A 139 -5.38 -5.53 13.10
C THR A 139 -4.45 -6.54 13.76
N ASP A 140 -5.02 -7.37 14.63
CA ASP A 140 -4.25 -8.41 15.31
C ASP A 140 -4.09 -9.61 14.38
N GLU A 141 -5.06 -9.78 13.49
CA GLU A 141 -5.07 -10.87 12.51
C GLU A 141 -3.69 -11.06 11.90
N MET A 142 -3.38 -10.27 10.88
CA MET A 142 -2.08 -10.33 10.24
C MET A 142 -1.66 -8.93 9.81
N VAL A 143 -0.52 -8.49 10.35
CA VAL A 143 -0.01 -7.14 10.05
C VAL A 143 1.24 -7.21 9.18
N ALA A 144 1.73 -6.03 8.81
CA ALA A 144 2.92 -5.88 8.00
C ALA A 144 3.47 -4.47 8.14
N MET A 145 4.62 -4.33 8.77
CA MET A 145 5.22 -3.02 8.99
C MET A 145 6.62 -2.96 8.41
N LEU A 146 7.01 -1.77 7.97
CA LEU A 146 8.34 -1.55 7.40
C LEU A 146 9.42 -2.06 8.36
N PRO A 147 10.30 -2.96 7.89
CA PRO A 147 11.37 -3.51 8.73
C PRO A 147 12.26 -2.42 9.31
N ARG A 148 12.43 -2.45 10.63
CA ARG A 148 13.25 -1.47 11.31
C ARG A 148 14.67 -1.97 11.58
N GLN A 149 14.90 -3.26 11.33
CA GLN A 149 16.22 -3.84 11.56
C GLN A 149 17.11 -3.70 10.33
N GLU A 150 18.42 -3.64 10.57
CA GLU A 150 19.40 -3.51 9.50
C GLU A 150 19.93 -4.87 9.03
N GLU A 151 19.05 -5.65 8.41
CA GLU A 151 19.41 -6.97 7.89
C GLU A 151 18.27 -7.56 7.04
N CYS A 152 17.61 -8.61 7.54
CA CYS A 152 16.51 -9.24 6.80
C CYS A 152 15.49 -9.82 7.77
N THR A 153 14.66 -8.93 8.33
CA THR A 153 13.64 -9.32 9.30
C THR A 153 12.56 -8.26 9.42
N VAL A 154 11.35 -8.69 9.79
CA VAL A 154 10.22 -7.78 9.94
C VAL A 154 9.26 -8.24 11.04
N ASP A 155 8.61 -7.29 11.72
CA ASP A 155 7.68 -7.62 12.80
C ASP A 155 6.60 -8.59 12.32
N GLU A 156 6.15 -9.47 13.22
CA GLU A 156 5.12 -10.45 12.90
C GLU A 156 4.19 -10.66 14.09
N VAL A 157 2.89 -10.65 13.83
CA VAL A 157 1.89 -10.83 14.87
C VAL A 157 2.04 -9.78 15.96
N MET A 1 -16.16 25.85 -16.14
CA MET A 1 -15.94 25.53 -14.70
C MET A 1 -14.49 25.16 -14.44
N THR A 2 -13.94 25.70 -13.35
CA THR A 2 -12.56 25.43 -12.99
C THR A 2 -12.33 23.95 -12.70
N VAL A 3 -11.27 23.39 -13.28
CA VAL A 3 -10.95 21.98 -13.10
C VAL A 3 -10.33 21.73 -11.72
N PRO A 4 -10.73 20.64 -11.04
CA PRO A 4 -10.21 20.29 -9.72
C PRO A 4 -8.68 20.16 -9.71
N ASP A 5 -8.07 20.58 -8.61
CA ASP A 5 -6.62 20.51 -8.48
C ASP A 5 -6.12 19.08 -8.68
N ARG A 6 -5.18 18.90 -9.61
CA ARG A 6 -4.62 17.60 -9.89
C ARG A 6 -3.79 17.09 -8.70
N SER A 7 -3.15 18.04 -8.01
CA SER A 7 -2.32 17.73 -6.85
C SER A 7 -3.08 16.85 -5.86
N GLU A 8 -4.40 17.03 -5.80
CA GLU A 8 -5.24 16.27 -4.89
C GLU A 8 -4.86 14.79 -4.89
N ILE A 9 -4.38 14.33 -6.04
CA ILE A 9 -3.97 12.95 -6.20
C ILE A 9 -2.73 12.87 -7.10
N ALA A 10 -1.66 13.55 -6.67
CA ALA A 10 -0.41 13.59 -7.42
C ALA A 10 0.75 14.00 -6.53
N GLY A 11 1.80 13.18 -6.51
CA GLY A 11 2.97 13.48 -5.71
C GLY A 11 3.76 12.24 -5.33
N LYS A 12 4.47 12.31 -4.20
CA LYS A 12 5.28 11.20 -3.75
C LYS A 12 4.90 10.76 -2.34
N TRP A 13 4.76 9.45 -2.17
CA TRP A 13 4.44 8.86 -0.87
C TRP A 13 5.06 7.47 -0.78
N TYR A 14 5.74 7.20 0.34
CA TYR A 14 6.45 5.93 0.53
C TYR A 14 5.76 5.00 1.53
N VAL A 15 5.65 3.72 1.12
CA VAL A 15 5.03 2.69 1.96
C VAL A 15 5.91 2.37 3.17
N VAL A 16 5.25 2.29 4.33
CA VAL A 16 5.93 2.00 5.58
C VAL A 16 5.10 1.04 6.45
N ALA A 17 3.79 1.26 6.49
CA ALA A 17 2.88 0.43 7.27
C ALA A 17 2.15 -0.57 6.37
N LEU A 18 2.02 -1.82 6.85
CA LEU A 18 1.34 -2.85 6.09
C LEU A 18 0.80 -3.97 6.98
N ALA A 19 0.22 -4.98 6.35
CA ALA A 19 -0.35 -6.11 7.06
C ALA A 19 -0.80 -7.18 6.08
N SER A 20 -0.33 -8.41 6.24
CA SER A 20 -0.72 -9.46 5.30
C SER A 20 -0.54 -10.87 5.85
N ASN A 21 -1.51 -11.71 5.49
CA ASN A 21 -1.51 -13.13 5.86
C ASN A 21 -2.08 -13.93 4.70
N THR A 22 -1.44 -15.05 4.40
CA THR A 22 -1.87 -15.92 3.32
C THR A 22 -0.89 -17.08 3.15
N GLU A 23 -0.78 -17.61 1.93
CA GLU A 23 0.13 -18.70 1.66
C GLU A 23 1.57 -18.21 1.74
N PHE A 24 1.78 -16.93 1.41
CA PHE A 24 3.11 -16.33 1.43
C PHE A 24 3.49 -15.90 2.86
N PHE A 25 2.71 -16.33 3.85
CA PHE A 25 2.97 -15.97 5.25
C PHE A 25 4.46 -16.06 5.60
N LEU A 26 5.10 -17.12 5.13
CA LEU A 26 6.53 -17.33 5.40
C LEU A 26 7.39 -16.34 4.62
N ARG A 27 7.11 -16.21 3.32
CA ARG A 27 7.87 -15.31 2.46
C ARG A 27 7.63 -13.85 2.85
N GLU A 28 6.40 -13.53 3.22
CA GLU A 28 6.05 -12.17 3.62
C GLU A 28 6.91 -11.72 4.80
N LYS A 29 7.06 -12.60 5.80
CA LYS A 29 7.87 -12.27 6.97
C LYS A 29 9.35 -12.26 6.62
N ASP A 30 9.78 -13.22 5.82
CA ASP A 30 11.18 -13.31 5.41
C ASP A 30 11.57 -12.15 4.50
N LYS A 31 10.78 -11.94 3.45
CA LYS A 31 11.04 -10.85 2.49
C LYS A 31 10.85 -9.49 3.16
N MET A 32 9.82 -8.74 2.76
CA MET A 32 9.55 -7.43 3.31
C MET A 32 10.65 -6.44 2.92
N LYS A 33 10.26 -5.19 2.65
CA LYS A 33 11.20 -4.15 2.26
C LYS A 33 10.54 -2.78 2.31
N MET A 34 11.35 -1.73 2.43
CA MET A 34 10.82 -0.37 2.48
C MET A 34 10.46 0.08 1.07
N ALA A 35 9.65 1.12 0.90
CA ALA A 35 9.32 1.53 -0.46
C ALA A 35 8.76 2.95 -0.58
N MET A 36 9.21 3.64 -1.62
CA MET A 36 8.77 5.00 -1.91
C MET A 36 8.00 4.99 -3.23
N ALA A 37 6.89 5.72 -3.32
CA ALA A 37 6.09 5.71 -4.55
C ALA A 37 5.53 7.08 -4.95
N ARG A 38 5.35 7.28 -6.25
CA ARG A 38 4.79 8.51 -6.79
C ARG A 38 3.50 8.21 -7.54
N ILE A 39 2.42 8.92 -7.19
CA ILE A 39 1.12 8.71 -7.82
C ILE A 39 0.93 9.62 -9.03
N SER A 40 0.43 9.04 -10.12
CA SER A 40 0.19 9.78 -11.37
C SER A 40 -0.81 9.03 -12.25
N PHE A 41 -1.68 9.79 -12.92
CA PHE A 41 -2.71 9.20 -13.79
C PHE A 41 -2.17 8.88 -15.19
N LEU A 42 -2.47 7.68 -15.68
CA LEU A 42 -2.05 7.25 -17.00
C LEU A 42 -3.26 7.15 -17.93
N GLY A 43 -3.11 7.68 -19.14
CA GLY A 43 -4.21 7.68 -20.10
C GLY A 43 -4.82 6.31 -20.33
N GLU A 44 -5.53 6.18 -21.46
CA GLU A 44 -6.19 4.93 -21.83
C GLU A 44 -7.32 4.62 -20.85
N ASP A 45 -6.94 4.21 -19.65
CA ASP A 45 -7.90 3.87 -18.60
C ASP A 45 -7.18 3.16 -17.46
N GLU A 46 -6.05 3.72 -17.03
CA GLU A 46 -5.28 3.11 -15.96
C GLU A 46 -4.38 4.11 -15.27
N LEU A 47 -4.34 4.04 -13.95
CA LEU A 47 -3.50 4.90 -13.14
C LEU A 47 -2.34 4.07 -12.63
N LYS A 48 -1.20 4.70 -12.34
CA LYS A 48 -0.05 3.93 -11.90
C LYS A 48 0.82 4.68 -10.88
N VAL A 49 1.47 3.89 -10.03
CA VAL A 49 2.34 4.42 -9.00
C VAL A 49 3.68 3.68 -9.03
N SER A 50 4.76 4.41 -9.28
CA SER A 50 6.08 3.80 -9.32
C SER A 50 6.74 3.86 -7.95
N TYR A 51 6.91 2.69 -7.33
CA TYR A 51 7.55 2.66 -6.01
C TYR A 51 8.91 1.98 -6.04
N ALA A 52 9.89 2.64 -5.41
CA ALA A 52 11.24 2.11 -5.32
C ALA A 52 11.47 1.47 -3.96
N VAL A 53 11.59 0.15 -3.94
CA VAL A 53 11.79 -0.58 -2.70
C VAL A 53 13.28 -0.76 -2.37
N PRO A 54 13.78 -0.04 -1.33
CA PRO A 54 15.16 -0.12 -0.90
C PRO A 54 15.35 -1.12 0.25
N LYS A 55 16.47 -1.84 0.21
CA LYS A 55 16.83 -2.83 1.22
C LYS A 55 18.24 -3.39 0.96
N PRO A 56 19.26 -2.52 1.03
CA PRO A 56 20.66 -2.91 0.79
C PRO A 56 21.00 -4.29 1.29
N ASN A 57 21.89 -4.98 0.57
CA ASN A 57 22.32 -6.34 0.91
C ASN A 57 21.22 -7.35 0.62
N GLY A 58 21.50 -8.28 -0.27
CA GLY A 58 20.53 -9.31 -0.63
C GLY A 58 19.31 -8.78 -1.34
N CYS A 59 18.55 -7.92 -0.67
CA CYS A 59 17.33 -7.35 -1.24
C CYS A 59 17.63 -6.17 -2.17
N ARG A 60 18.54 -5.29 -1.77
CA ARG A 60 18.89 -4.13 -2.58
C ARG A 60 17.67 -3.24 -2.84
N LYS A 61 17.75 -2.39 -3.86
CA LYS A 61 16.65 -1.49 -4.21
C LYS A 61 15.94 -1.97 -5.48
N TRP A 62 14.63 -1.75 -5.57
CA TRP A 62 13.89 -2.16 -6.76
C TRP A 62 12.66 -1.30 -7.01
N GLU A 63 12.51 -0.84 -8.25
CA GLU A 63 11.38 -0.01 -8.65
C GLU A 63 10.39 -0.82 -9.49
N THR A 64 9.11 -0.57 -9.32
CA THR A 64 8.07 -1.29 -10.06
C THR A 64 6.81 -0.45 -10.25
N THR A 65 6.30 -0.45 -11.49
CA THR A 65 5.10 0.31 -11.80
C THR A 65 3.85 -0.55 -11.65
N PHE A 66 2.95 -0.12 -10.77
CA PHE A 66 1.70 -0.83 -10.52
C PHE A 66 0.54 0.01 -11.04
N LYS A 67 -0.39 -0.60 -11.78
CA LYS A 67 -1.50 0.16 -12.33
C LYS A 67 -2.79 -0.66 -12.43
N LYS A 68 -3.92 0.03 -12.24
CA LYS A 68 -5.25 -0.58 -12.31
C LYS A 68 -6.30 0.51 -12.55
N THR A 69 -7.52 0.31 -12.00
CA THR A 69 -8.59 1.29 -12.16
C THR A 69 -8.80 2.06 -10.85
N SER A 70 -9.38 3.26 -10.94
CA SER A 70 -9.61 4.07 -9.75
C SER A 70 -11.01 4.69 -9.73
N ASP A 71 -11.66 4.66 -8.57
CA ASP A 71 -13.00 5.21 -8.38
C ASP A 71 -12.94 6.61 -7.78
N ASP A 72 -13.95 7.43 -8.08
CA ASP A 72 -14.02 8.81 -7.59
C ASP A 72 -14.22 8.86 -6.07
N GLY A 73 -14.60 10.03 -5.54
CA GLY A 73 -14.81 10.19 -4.11
C GLY A 73 -13.52 10.05 -3.33
N GLU A 74 -12.93 8.86 -3.40
CA GLU A 74 -11.66 8.56 -2.75
C GLU A 74 -10.76 7.88 -3.77
N VAL A 75 -10.02 6.82 -3.39
CA VAL A 75 -9.17 6.14 -4.37
C VAL A 75 -9.24 4.63 -4.22
N TYR A 76 -10.07 4.00 -5.03
CA TYR A 76 -10.22 2.55 -5.01
C TYR A 76 -9.53 1.93 -6.21
N TYR A 77 -8.72 0.91 -5.96
CA TYR A 77 -7.99 0.24 -7.02
C TYR A 77 -8.60 -1.13 -7.34
N SER A 78 -8.59 -1.49 -8.61
CA SER A 78 -9.15 -2.77 -9.04
C SER A 78 -8.64 -3.16 -10.43
N GLU A 79 -8.33 -4.44 -10.63
CA GLU A 79 -7.82 -4.91 -11.93
C GLU A 79 -7.95 -6.44 -12.08
N GLU A 80 -8.63 -6.85 -13.16
CA GLU A 80 -8.85 -8.26 -13.47
C GLU A 80 -9.62 -8.95 -12.34
N ALA A 81 -8.95 -9.08 -11.22
CA ALA A 81 -9.52 -9.70 -10.01
C ALA A 81 -8.36 -9.98 -9.06
N LYS A 82 -7.50 -10.91 -9.47
CA LYS A 82 -6.33 -11.28 -8.70
C LYS A 82 -5.71 -10.05 -8.04
N LYS A 83 -5.80 -8.89 -8.70
CA LYS A 83 -5.23 -7.68 -8.13
C LYS A 83 -6.31 -6.64 -7.85
N LYS A 84 -6.47 -6.30 -6.58
CA LYS A 84 -7.47 -5.33 -6.14
C LYS A 84 -7.04 -4.72 -4.81
N VAL A 85 -6.95 -3.39 -4.78
CA VAL A 85 -6.54 -2.69 -3.56
C VAL A 85 -7.34 -1.40 -3.41
N GLU A 86 -7.74 -1.06 -2.18
CA GLU A 86 -8.52 0.16 -1.95
C GLU A 86 -7.70 1.21 -1.20
N VAL A 87 -7.49 2.35 -1.85
CA VAL A 87 -6.72 3.44 -1.24
C VAL A 87 -7.64 4.31 -0.39
N LEU A 88 -7.45 4.22 0.93
CA LEU A 88 -8.25 4.96 1.88
C LEU A 88 -7.40 6.03 2.59
N ASP A 89 -7.74 6.36 3.83
CA ASP A 89 -7.01 7.36 4.60
C ASP A 89 -7.02 8.71 3.85
N THR A 90 -5.85 9.31 3.63
CA THR A 90 -5.77 10.58 2.93
C THR A 90 -4.84 10.48 1.73
N ASP A 91 -5.41 10.55 0.54
CA ASP A 91 -4.62 10.47 -0.69
C ASP A 91 -4.28 11.86 -1.20
N TYR A 92 -4.20 12.82 -0.28
CA TYR A 92 -3.87 14.19 -0.63
C TYR A 92 -2.51 14.58 -0.04
N LYS A 93 -2.50 15.41 1.01
CA LYS A 93 -1.25 15.85 1.64
C LYS A 93 -1.25 15.52 3.13
N SER A 94 -0.68 14.37 3.47
CA SER A 94 -0.59 13.92 4.86
C SER A 94 -0.16 12.45 4.94
N TYR A 95 -1.15 11.56 4.87
CA TYR A 95 -0.89 10.12 4.92
C TYR A 95 -1.99 9.33 4.23
N ALA A 96 -1.60 8.36 3.40
CA ALA A 96 -2.55 7.54 2.67
C ALA A 96 -2.36 6.06 2.98
N VAL A 97 -3.45 5.30 2.98
CA VAL A 97 -3.38 3.88 3.25
C VAL A 97 -4.05 3.08 2.13
N ILE A 98 -3.34 2.08 1.63
CA ILE A 98 -3.84 1.25 0.56
C ILE A 98 -3.67 -0.24 0.90
N TYR A 99 -4.78 -0.96 1.03
CA TYR A 99 -4.70 -2.38 1.36
C TYR A 99 -4.90 -3.23 0.11
N ALA A 100 -4.07 -4.26 -0.03
CA ALA A 100 -4.15 -5.12 -1.19
C ALA A 100 -4.92 -6.41 -0.90
N THR A 101 -5.81 -6.75 -1.82
CA THR A 101 -6.60 -7.96 -1.72
C THR A 101 -6.53 -8.73 -3.03
N ARG A 102 -6.14 -9.99 -2.96
CA ARG A 102 -6.01 -10.80 -4.16
C ARG A 102 -7.16 -11.77 -4.31
N VAL A 103 -7.60 -11.93 -5.55
CA VAL A 103 -8.69 -12.86 -5.87
C VAL A 103 -8.47 -13.50 -7.24
N LYS A 104 -8.20 -14.79 -7.22
CA LYS A 104 -7.94 -15.55 -8.44
C LYS A 104 -8.15 -17.04 -8.21
N ASP A 105 -8.78 -17.70 -9.18
CA ASP A 105 -9.04 -19.13 -9.07
C ASP A 105 -9.78 -19.44 -7.78
N GLY A 106 -10.62 -18.51 -7.35
CA GLY A 106 -11.40 -18.69 -6.13
C GLY A 106 -10.54 -18.73 -4.88
N ARG A 107 -9.59 -17.80 -4.77
CA ARG A 107 -8.72 -17.75 -3.60
C ARG A 107 -8.57 -16.31 -3.11
N THR A 108 -8.66 -16.11 -1.80
CA THR A 108 -8.55 -14.78 -1.21
C THR A 108 -7.26 -14.61 -0.41
N LEU A 109 -6.69 -13.41 -0.47
CA LEU A 109 -5.46 -13.08 0.26
C LEU A 109 -5.60 -11.71 0.90
N HIS A 110 -5.15 -11.58 2.15
CA HIS A 110 -5.26 -10.30 2.83
C HIS A 110 -3.92 -9.57 2.88
N MET A 111 -3.94 -8.28 2.57
CA MET A 111 -2.74 -7.47 2.58
C MET A 111 -3.07 -5.99 2.76
N MET A 112 -2.23 -5.31 3.51
CA MET A 112 -2.39 -3.89 3.77
C MET A 112 -1.12 -3.14 3.43
N ARG A 113 -1.28 -1.96 2.84
CA ARG A 113 -0.15 -1.14 2.46
C ARG A 113 -0.43 0.30 2.84
N LEU A 114 0.60 1.01 3.32
CA LEU A 114 0.42 2.39 3.76
C LEU A 114 1.63 3.23 3.44
N TYR A 115 1.45 4.25 2.59
CA TYR A 115 2.53 5.14 2.22
C TYR A 115 2.35 6.49 2.91
N SER A 116 3.38 6.94 3.63
CA SER A 116 3.32 8.22 4.31
C SER A 116 3.93 9.31 3.43
N ARG A 117 3.21 10.41 3.26
CA ARG A 117 3.67 11.52 2.44
C ARG A 117 4.67 12.37 3.21
N SER A 118 4.42 12.54 4.50
CA SER A 118 5.30 13.32 5.35
C SER A 118 5.69 12.53 6.59
N PRO A 119 6.93 12.67 7.07
CA PRO A 119 7.43 11.96 8.25
C PRO A 119 6.43 11.97 9.41
N GLU A 120 5.63 13.03 9.48
CA GLU A 120 4.64 13.20 10.54
C GLU A 120 3.52 12.16 10.45
N VAL A 121 3.88 10.89 10.58
CA VAL A 121 2.89 9.81 10.53
C VAL A 121 2.01 9.83 11.77
N SER A 122 0.89 10.54 11.68
CA SER A 122 -0.04 10.66 12.79
C SER A 122 -0.65 9.31 13.18
N PRO A 123 -0.96 9.13 14.47
CA PRO A 123 -1.57 7.90 14.98
C PRO A 123 -2.82 7.52 14.18
N ALA A 124 -3.51 8.52 13.65
CA ALA A 124 -4.71 8.29 12.88
C ALA A 124 -4.42 7.46 11.64
N ALA A 125 -3.46 7.89 10.85
CA ALA A 125 -3.09 7.19 9.64
C ALA A 125 -2.79 5.73 9.93
N THR A 126 -1.96 5.50 10.94
CA THR A 126 -1.58 4.14 11.32
C THR A 126 -2.71 3.41 12.03
N ALA A 127 -3.29 4.05 13.04
CA ALA A 127 -4.37 3.45 13.82
C ALA A 127 -5.66 3.32 13.01
N ILE A 128 -6.08 4.40 12.36
CA ILE A 128 -7.30 4.38 11.58
C ILE A 128 -7.24 3.31 10.49
N PHE A 129 -6.13 3.25 9.75
CA PHE A 129 -5.97 2.26 8.70
C PHE A 129 -6.19 0.87 9.29
N ARG A 130 -5.56 0.65 10.44
CA ARG A 130 -5.69 -0.61 11.15
C ARG A 130 -7.11 -0.73 11.70
N LYS A 131 -7.66 0.40 12.14
CA LYS A 131 -9.00 0.46 12.68
C LYS A 131 -10.01 0.02 11.63
N LEU A 132 -9.87 0.56 10.42
CA LEU A 132 -10.75 0.19 9.32
C LEU A 132 -10.61 -1.29 9.03
N ALA A 133 -9.36 -1.78 9.06
CA ALA A 133 -9.09 -3.18 8.83
C ALA A 133 -9.76 -4.03 9.90
N GLY A 134 -9.68 -3.55 11.15
CA GLY A 134 -10.30 -4.26 12.24
C GLY A 134 -11.78 -4.45 12.06
N GLU A 135 -12.41 -3.49 11.39
CA GLU A 135 -13.85 -3.54 11.13
C GLU A 135 -14.25 -4.86 10.49
N ARG A 136 -13.31 -5.44 9.73
CA ARG A 136 -13.56 -6.72 9.06
C ARG A 136 -13.75 -7.84 10.07
N ASN A 137 -12.81 -7.94 11.02
CA ASN A 137 -12.88 -8.98 12.05
C ASN A 137 -11.74 -8.83 13.04
N TYR A 138 -10.53 -8.67 12.52
CA TYR A 138 -9.35 -8.51 13.35
C TYR A 138 -8.14 -8.27 12.47
N THR A 139 -7.36 -7.24 12.81
CA THR A 139 -6.18 -6.91 12.03
C THR A 139 -5.15 -8.03 12.09
N ASP A 140 -5.16 -8.80 13.19
CA ASP A 140 -4.21 -9.91 13.31
C ASP A 140 -4.32 -10.79 12.07
N GLU A 141 -5.52 -10.82 11.48
CA GLU A 141 -5.77 -11.58 10.25
C GLU A 141 -4.68 -11.27 9.22
N MET A 142 -4.07 -10.08 9.37
CA MET A 142 -3.00 -9.62 8.49
C MET A 142 -2.14 -8.59 9.22
N VAL A 143 -0.86 -8.88 9.38
CA VAL A 143 0.04 -7.97 10.07
C VAL A 143 1.37 -7.80 9.33
N ALA A 144 1.87 -6.56 9.33
CA ALA A 144 3.15 -6.25 8.70
C ALA A 144 3.62 -4.86 9.13
N MET A 145 4.90 -4.74 9.45
CA MET A 145 5.46 -3.48 9.89
C MET A 145 6.77 -3.18 9.17
N LEU A 146 6.99 -1.91 8.83
CA LEU A 146 8.21 -1.51 8.15
C LEU A 146 9.40 -2.35 8.61
N PRO A 147 10.10 -3.01 7.68
CA PRO A 147 11.24 -3.88 7.98
C PRO A 147 12.37 -3.20 8.76
N ARG A 148 12.09 -2.85 10.01
CA ARG A 148 13.08 -2.21 10.90
C ARG A 148 14.12 -1.39 10.12
N GLN A 149 15.41 -1.67 10.34
CA GLN A 149 16.50 -0.95 9.66
C GLN A 149 16.53 -1.29 8.17
N GLU A 150 17.30 -0.52 7.41
CA GLU A 150 17.45 -0.72 5.97
C GLU A 150 18.02 -2.10 5.67
N GLU A 151 17.22 -3.12 5.95
CA GLU A 151 17.62 -4.51 5.72
C GLU A 151 16.43 -5.46 5.96
N CYS A 152 16.16 -6.31 4.98
CA CYS A 152 15.06 -7.27 5.07
C CYS A 152 15.13 -8.08 6.38
N THR A 153 14.43 -7.59 7.41
CA THR A 153 14.40 -8.27 8.72
C THR A 153 13.30 -7.69 9.61
N VAL A 154 12.06 -7.79 9.15
CA VAL A 154 10.92 -7.28 9.90
C VAL A 154 10.55 -8.20 11.08
N ASP A 155 11.26 -8.05 12.19
CA ASP A 155 11.00 -8.86 13.38
C ASP A 155 9.55 -8.76 13.85
N GLU A 156 9.08 -9.79 14.52
CA GLU A 156 7.71 -9.83 15.04
C GLU A 156 7.65 -10.49 16.41
N VAL A 157 6.94 -9.87 17.34
CA VAL A 157 6.80 -10.40 18.69
C VAL A 157 8.17 -10.56 19.35
N MET A 1 -7.71 29.40 -9.72
CA MET A 1 -7.91 28.60 -10.96
C MET A 1 -9.26 27.89 -10.94
N THR A 2 -9.97 27.97 -12.06
CA THR A 2 -11.28 27.34 -12.18
C THR A 2 -11.19 25.83 -11.95
N VAL A 3 -10.24 25.20 -12.64
CA VAL A 3 -10.05 23.76 -12.53
C VAL A 3 -9.36 23.40 -11.22
N PRO A 4 -9.82 22.34 -10.53
CA PRO A 4 -9.24 21.89 -9.26
C PRO A 4 -7.71 21.71 -9.37
N ASP A 5 -7.21 20.48 -9.26
CA ASP A 5 -5.78 20.23 -9.36
C ASP A 5 -5.49 18.73 -9.39
N ARG A 6 -4.92 18.26 -10.49
CA ARG A 6 -4.59 16.85 -10.63
C ARG A 6 -3.46 16.47 -9.68
N SER A 7 -2.55 17.41 -9.44
CA SER A 7 -1.42 17.19 -8.55
C SER A 7 -1.88 16.68 -7.19
N GLU A 8 -3.09 17.07 -6.79
CA GLU A 8 -3.64 16.64 -5.50
C GLU A 8 -3.43 15.15 -5.28
N ILE A 9 -3.42 14.40 -6.38
CA ILE A 9 -3.22 12.96 -6.31
C ILE A 9 -2.10 12.51 -7.26
N ALA A 10 -0.96 13.20 -7.17
CA ALA A 10 0.18 12.88 -8.02
C ALA A 10 1.49 13.29 -7.35
N GLY A 11 2.38 12.31 -7.16
CA GLY A 11 3.65 12.61 -6.52
C GLY A 11 4.29 11.38 -5.92
N LYS A 12 4.81 11.53 -4.70
CA LYS A 12 5.47 10.44 -4.02
C LYS A 12 4.68 9.93 -2.81
N TRP A 13 4.43 8.63 -2.81
CA TRP A 13 3.70 7.96 -1.74
C TRP A 13 4.68 7.04 -0.99
N TYR A 14 4.70 7.11 0.34
CA TYR A 14 5.63 6.29 1.13
C TYR A 14 4.95 5.07 1.75
N VAL A 15 5.25 3.88 1.23
CA VAL A 15 4.69 2.65 1.79
C VAL A 15 5.51 2.21 3.00
N VAL A 16 4.89 2.25 4.19
CA VAL A 16 5.57 1.88 5.42
C VAL A 16 4.73 0.97 6.31
N ALA A 17 3.45 1.30 6.46
CA ALA A 17 2.56 0.51 7.30
C ALA A 17 1.85 -0.58 6.50
N LEU A 18 2.01 -1.84 6.92
CA LEU A 18 1.36 -2.95 6.23
C LEU A 18 0.65 -3.84 7.26
N ALA A 19 -0.12 -4.82 6.81
CA ALA A 19 -0.80 -5.69 7.77
C ALA A 19 -1.50 -6.86 7.08
N SER A 20 -1.02 -8.07 7.36
CA SER A 20 -1.59 -9.31 6.78
C SER A 20 -0.73 -9.82 5.65
N ASN A 21 -0.86 -11.11 5.38
CA ASN A 21 -0.11 -11.77 4.33
C ASN A 21 -0.80 -13.08 3.94
N THR A 22 -0.04 -14.19 3.89
CA THR A 22 -0.60 -15.50 3.54
C THR A 22 0.46 -16.58 3.69
N GLU A 23 1.68 -16.28 3.26
CA GLU A 23 2.79 -17.23 3.35
C GLU A 23 4.11 -16.50 3.43
N PHE A 24 4.91 -16.81 4.44
CA PHE A 24 6.20 -16.18 4.64
C PHE A 24 7.16 -16.45 3.49
N PHE A 25 7.12 -17.68 2.98
CA PHE A 25 7.99 -18.08 1.88
C PHE A 25 7.84 -17.16 0.66
N LEU A 26 6.61 -16.92 0.24
CA LEU A 26 6.36 -16.08 -0.93
C LEU A 26 6.22 -14.60 -0.56
N ARG A 27 5.43 -14.32 0.47
CA ARG A 27 5.20 -12.94 0.91
C ARG A 27 6.49 -12.23 1.32
N GLU A 28 7.42 -12.96 1.94
CA GLU A 28 8.68 -12.36 2.37
C GLU A 28 9.30 -11.54 1.25
N LYS A 29 9.09 -11.98 0.01
CA LYS A 29 9.62 -11.30 -1.16
C LYS A 29 8.92 -9.96 -1.39
N ASP A 30 7.63 -9.90 -1.08
CA ASP A 30 6.86 -8.67 -1.27
C ASP A 30 7.39 -7.54 -0.40
N LYS A 31 7.29 -7.72 0.92
CA LYS A 31 7.76 -6.71 1.87
C LYS A 31 9.18 -7.02 2.33
N MET A 32 10.01 -7.49 1.40
CA MET A 32 11.40 -7.84 1.70
C MET A 32 12.21 -6.63 2.15
N LYS A 33 11.73 -5.42 1.84
CA LYS A 33 12.46 -4.21 2.21
C LYS A 33 11.49 -3.04 2.41
N MET A 34 12.03 -1.86 2.70
CA MET A 34 11.18 -0.67 2.88
C MET A 34 10.45 -0.40 1.58
N ALA A 35 9.30 0.29 1.62
CA ALA A 35 8.55 0.52 0.40
C ALA A 35 8.26 1.99 0.12
N MET A 36 8.64 2.41 -1.08
CA MET A 36 8.40 3.78 -1.54
C MET A 36 7.38 3.73 -2.67
N ALA A 37 6.83 4.86 -3.08
CA ALA A 37 5.83 4.84 -4.15
C ALA A 37 5.66 6.18 -4.85
N ARG A 38 5.17 6.13 -6.09
CA ARG A 38 4.93 7.32 -6.89
C ARG A 38 3.69 7.12 -7.75
N ILE A 39 2.63 7.86 -7.46
CA ILE A 39 1.37 7.75 -8.19
C ILE A 39 1.31 8.68 -9.40
N SER A 40 0.67 8.18 -10.46
CA SER A 40 0.50 8.94 -11.71
C SER A 40 -0.58 8.28 -12.57
N PHE A 41 -1.50 9.09 -13.08
CA PHE A 41 -2.60 8.57 -13.90
C PHE A 41 -2.20 8.40 -15.36
N LEU A 42 -2.36 7.18 -15.89
CA LEU A 42 -2.03 6.91 -17.29
C LEU A 42 -3.16 7.40 -18.19
N GLY A 43 -2.81 8.33 -19.10
CA GLY A 43 -3.77 8.91 -20.02
C GLY A 43 -4.43 7.92 -20.95
N GLU A 44 -5.24 7.04 -20.39
CA GLU A 44 -5.95 6.03 -21.16
C GLU A 44 -7.15 5.54 -20.35
N ASP A 45 -6.84 5.05 -19.16
CA ASP A 45 -7.85 4.54 -18.24
C ASP A 45 -7.18 3.72 -17.15
N GLU A 46 -6.04 4.18 -16.66
CA GLU A 46 -5.32 3.45 -15.62
C GLU A 46 -4.31 4.33 -14.90
N LEU A 47 -4.38 4.35 -13.58
CA LEU A 47 -3.43 5.12 -12.78
C LEU A 47 -2.46 4.15 -12.10
N LYS A 48 -1.16 4.37 -12.31
CA LYS A 48 -0.15 3.47 -11.76
C LYS A 48 0.67 4.13 -10.67
N VAL A 49 1.16 3.29 -9.76
CA VAL A 49 2.01 3.74 -8.67
C VAL A 49 3.32 3.01 -8.72
N SER A 50 4.42 3.74 -8.91
CA SER A 50 5.73 3.14 -8.98
C SER A 50 6.34 3.06 -7.59
N TYR A 51 6.34 1.85 -7.01
CA TYR A 51 6.90 1.69 -5.68
C TYR A 51 8.30 1.10 -5.73
N ALA A 52 9.24 1.84 -5.16
CA ALA A 52 10.63 1.42 -5.12
C ALA A 52 11.04 1.05 -3.70
N VAL A 53 11.22 -0.24 -3.46
CA VAL A 53 11.61 -0.72 -2.15
C VAL A 53 13.13 -0.67 -1.97
N PRO A 54 13.62 0.22 -1.08
CA PRO A 54 15.04 0.39 -0.81
C PRO A 54 15.52 -0.41 0.41
N LYS A 55 16.82 -0.72 0.41
CA LYS A 55 17.45 -1.46 1.50
C LYS A 55 18.91 -1.78 1.14
N PRO A 56 19.70 -0.74 0.83
CA PRO A 56 21.12 -0.90 0.47
C PRO A 56 21.92 -1.58 1.57
N ASN A 57 21.74 -1.13 2.80
CA ASN A 57 22.44 -1.70 3.94
C ASN A 57 21.82 -3.04 4.34
N GLY A 58 21.65 -3.92 3.36
CA GLY A 58 21.06 -5.22 3.62
C GLY A 58 20.93 -6.07 2.37
N CYS A 59 20.47 -5.46 1.29
CA CYS A 59 20.31 -6.19 0.02
C CYS A 59 20.44 -5.24 -1.17
N ARG A 60 19.45 -4.37 -1.36
CA ARG A 60 19.45 -3.42 -2.48
C ARG A 60 18.12 -2.65 -2.53
N LYS A 61 17.56 -2.49 -3.72
CA LYS A 61 16.29 -1.78 -3.88
C LYS A 61 15.55 -2.27 -5.12
N TRP A 62 14.23 -2.43 -5.01
CA TRP A 62 13.44 -2.92 -6.14
C TRP A 62 12.29 -1.98 -6.48
N GLU A 63 12.04 -1.79 -7.77
CA GLU A 63 10.95 -0.93 -8.22
C GLU A 63 10.07 -1.64 -9.24
N THR A 64 8.76 -1.42 -9.13
CA THR A 64 7.80 -2.03 -10.03
C THR A 64 6.56 -1.16 -10.19
N THR A 65 6.09 -1.04 -11.42
CA THR A 65 4.92 -0.20 -11.71
C THR A 65 3.64 -1.03 -11.79
N PHE A 66 2.65 -0.67 -10.98
CA PHE A 66 1.36 -1.35 -10.98
C PHE A 66 0.23 -0.35 -11.25
N LYS A 67 -0.68 -0.70 -12.14
CA LYS A 67 -1.78 0.19 -12.49
C LYS A 67 -3.13 -0.53 -12.46
N LYS A 68 -4.17 0.21 -12.08
CA LYS A 68 -5.53 -0.34 -12.00
C LYS A 68 -6.56 0.75 -12.25
N THR A 69 -7.84 0.44 -12.03
CA THR A 69 -8.90 1.41 -12.21
C THR A 69 -9.44 1.87 -10.85
N SER A 70 -9.58 3.18 -10.66
CA SER A 70 -10.05 3.71 -9.37
C SER A 70 -11.10 4.80 -9.52
N ASP A 71 -11.97 4.90 -8.50
CA ASP A 71 -13.04 5.91 -8.49
C ASP A 71 -12.63 7.14 -7.67
N ASP A 72 -13.33 8.26 -7.89
CA ASP A 72 -13.02 9.50 -7.18
C ASP A 72 -13.55 9.48 -5.75
N GLY A 73 -13.54 10.64 -5.08
CA GLY A 73 -13.99 10.72 -3.69
C GLY A 73 -13.07 9.95 -2.77
N GLU A 74 -13.04 8.64 -2.97
CA GLU A 74 -12.18 7.73 -2.22
C GLU A 74 -11.41 6.92 -3.25
N VAL A 75 -10.18 6.50 -2.95
CA VAL A 75 -9.43 5.76 -3.94
C VAL A 75 -9.47 4.26 -3.70
N TYR A 76 -10.12 3.57 -4.63
CA TYR A 76 -10.24 2.12 -4.60
C TYR A 76 -10.08 1.62 -6.02
N TYR A 77 -9.32 0.54 -6.21
CA TYR A 77 -9.08 0.06 -7.56
C TYR A 77 -9.07 -1.46 -7.66
N SER A 78 -9.61 -1.94 -8.78
CA SER A 78 -9.67 -3.36 -9.08
C SER A 78 -8.66 -3.71 -10.17
N GLU A 79 -8.12 -4.93 -10.11
CA GLU A 79 -7.12 -5.38 -11.09
C GLU A 79 -6.96 -6.90 -11.09
N GLU A 80 -6.37 -7.40 -12.17
CA GLU A 80 -6.13 -8.83 -12.34
C GLU A 80 -7.42 -9.64 -12.24
N ALA A 81 -7.30 -10.97 -12.15
CA ALA A 81 -8.46 -11.84 -12.07
C ALA A 81 -9.42 -11.40 -10.97
N LYS A 82 -9.09 -11.74 -9.72
CA LYS A 82 -9.93 -11.36 -8.61
C LYS A 82 -9.12 -10.71 -7.50
N LYS A 83 -8.31 -9.72 -7.88
CA LYS A 83 -7.49 -9.01 -6.92
C LYS A 83 -8.14 -7.67 -6.57
N LYS A 84 -8.34 -7.44 -5.29
CA LYS A 84 -8.95 -6.19 -4.83
C LYS A 84 -8.03 -5.44 -3.88
N VAL A 85 -7.82 -4.16 -4.20
CA VAL A 85 -6.97 -3.30 -3.40
C VAL A 85 -7.53 -1.88 -3.43
N GLU A 86 -7.59 -1.22 -2.29
CA GLU A 86 -8.15 0.12 -2.24
C GLU A 86 -7.46 1.00 -1.20
N VAL A 87 -7.15 2.24 -1.58
CA VAL A 87 -6.51 3.17 -0.67
C VAL A 87 -7.54 4.12 -0.03
N LEU A 88 -7.70 3.96 1.28
CA LEU A 88 -8.63 4.76 2.06
C LEU A 88 -7.86 5.87 2.80
N ASP A 89 -8.28 6.20 4.01
CA ASP A 89 -7.60 7.23 4.79
C ASP A 89 -7.59 8.55 4.00
N THR A 90 -6.41 9.09 3.71
CA THR A 90 -6.32 10.34 2.94
C THR A 90 -5.52 10.11 1.67
N ASP A 91 -6.21 10.05 0.54
CA ASP A 91 -5.55 9.83 -0.74
C ASP A 91 -5.10 11.14 -1.38
N TYR A 92 -5.06 12.20 -0.59
CA TYR A 92 -4.63 13.51 -1.09
C TYR A 92 -3.22 13.82 -0.59
N LYS A 93 -3.07 14.82 0.29
CA LYS A 93 -1.75 15.19 0.80
C LYS A 93 -1.69 15.03 2.33
N SER A 94 -1.12 13.92 2.78
CA SER A 94 -0.98 13.64 4.22
C SER A 94 -0.57 12.18 4.45
N TYR A 95 -1.54 11.28 4.39
CA TYR A 95 -1.30 9.85 4.59
C TYR A 95 -2.48 9.01 4.09
N ALA A 96 -2.18 8.03 3.23
CA ALA A 96 -3.21 7.16 2.67
C ALA A 96 -2.95 5.71 3.02
N VAL A 97 -4.01 4.96 3.30
CA VAL A 97 -3.88 3.56 3.66
C VAL A 97 -4.60 2.68 2.64
N ILE A 98 -3.89 1.70 2.10
CA ILE A 98 -4.48 0.80 1.12
C ILE A 98 -4.19 -0.65 1.45
N TYR A 99 -5.26 -1.44 1.56
CA TYR A 99 -5.12 -2.86 1.84
C TYR A 99 -5.28 -3.66 0.56
N ALA A 100 -4.36 -4.58 0.33
CA ALA A 100 -4.40 -5.40 -0.88
C ALA A 100 -4.88 -6.81 -0.58
N THR A 101 -5.89 -7.24 -1.33
CA THR A 101 -6.46 -8.57 -1.17
C THR A 101 -6.54 -9.24 -2.54
N ARG A 102 -5.72 -10.26 -2.75
CA ARG A 102 -5.69 -10.97 -4.02
C ARG A 102 -6.46 -12.27 -3.98
N VAL A 103 -7.06 -12.64 -5.11
CA VAL A 103 -7.81 -13.87 -5.22
C VAL A 103 -7.60 -14.49 -6.59
N LYS A 104 -7.23 -15.78 -6.58
CA LYS A 104 -6.96 -16.53 -7.80
C LYS A 104 -7.05 -18.03 -7.55
N ASP A 105 -7.75 -18.75 -8.44
CA ASP A 105 -7.91 -20.19 -8.30
C ASP A 105 -8.52 -20.53 -6.93
N GLY A 106 -9.52 -19.74 -6.53
CA GLY A 106 -10.16 -19.95 -5.24
C GLY A 106 -9.19 -19.85 -4.09
N ARG A 107 -8.23 -18.93 -4.22
CA ARG A 107 -7.23 -18.70 -3.18
C ARG A 107 -7.40 -17.29 -2.63
N THR A 108 -7.30 -17.14 -1.32
CA THR A 108 -7.46 -15.84 -0.69
C THR A 108 -6.23 -15.46 0.12
N LEU A 109 -5.79 -14.22 -0.06
CA LEU A 109 -4.64 -13.70 0.66
C LEU A 109 -4.89 -12.25 1.07
N HIS A 110 -4.65 -11.97 2.34
CA HIS A 110 -4.87 -10.62 2.87
C HIS A 110 -3.56 -9.95 3.22
N MET A 111 -3.46 -8.67 2.86
CA MET A 111 -2.28 -7.87 3.15
C MET A 111 -2.60 -6.39 3.04
N MET A 112 -2.31 -5.66 4.10
CA MET A 112 -2.55 -4.22 4.16
C MET A 112 -1.33 -3.43 3.71
N ARG A 113 -1.58 -2.21 3.23
CA ARG A 113 -0.51 -1.34 2.77
C ARG A 113 -0.83 0.10 3.14
N LEU A 114 0.19 0.88 3.49
CA LEU A 114 0.00 2.27 3.91
C LEU A 114 0.97 3.21 3.21
N TYR A 115 0.43 4.13 2.43
CA TYR A 115 1.24 5.11 1.72
C TYR A 115 1.19 6.48 2.39
N SER A 116 2.33 6.93 2.92
CA SER A 116 2.42 8.23 3.57
C SER A 116 3.01 9.25 2.61
N ARG A 117 2.33 10.39 2.47
CA ARG A 117 2.80 11.44 1.58
C ARG A 117 3.90 12.26 2.23
N SER A 118 3.71 12.61 3.50
CA SER A 118 4.68 13.40 4.23
C SER A 118 5.00 12.77 5.58
N PRO A 119 6.17 13.09 6.15
CA PRO A 119 6.61 12.55 7.45
C PRO A 119 5.52 12.63 8.52
N GLU A 120 4.56 13.52 8.33
CA GLU A 120 3.46 13.71 9.28
C GLU A 120 2.57 12.46 9.41
N VAL A 121 3.16 11.34 9.79
CA VAL A 121 2.41 10.09 9.95
C VAL A 121 1.64 10.08 11.28
N SER A 122 0.68 10.97 11.40
CA SER A 122 -0.14 11.10 12.61
C SER A 122 -0.78 9.76 13.03
N PRO A 123 -1.00 9.59 14.36
CA PRO A 123 -1.62 8.40 14.92
C PRO A 123 -2.90 8.03 14.17
N ALA A 124 -3.58 9.04 13.66
CA ALA A 124 -4.83 8.83 12.93
C ALA A 124 -4.59 7.97 11.71
N ALA A 125 -3.58 8.33 10.93
CA ALA A 125 -3.25 7.57 9.74
C ALA A 125 -3.05 6.10 10.06
N THR A 126 -2.21 5.83 11.05
CA THR A 126 -1.92 4.45 11.45
C THR A 126 -3.08 3.83 12.22
N ALA A 127 -3.61 4.57 13.19
CA ALA A 127 -4.71 4.08 14.01
C ALA A 127 -6.01 3.97 13.22
N ILE A 128 -6.38 5.02 12.51
CA ILE A 128 -7.60 5.01 11.73
C ILE A 128 -7.60 3.86 10.74
N PHE A 129 -6.46 3.63 10.08
CA PHE A 129 -6.37 2.53 9.13
C PHE A 129 -6.76 1.24 9.82
N ARG A 130 -6.21 1.06 11.02
CA ARG A 130 -6.52 -0.11 11.82
C ARG A 130 -7.95 0.00 12.33
N LYS A 131 -8.36 1.24 12.63
CA LYS A 131 -9.70 1.52 13.11
C LYS A 131 -10.72 1.07 12.08
N LEU A 132 -10.46 1.44 10.82
CA LEU A 132 -11.34 1.04 9.73
C LEU A 132 -11.40 -0.47 9.64
N ALA A 133 -10.25 -1.11 9.83
CA ALA A 133 -10.16 -2.55 9.81
C ALA A 133 -10.94 -3.15 10.97
N GLY A 134 -10.92 -2.45 12.12
CA GLY A 134 -11.62 -2.92 13.28
C GLY A 134 -13.12 -2.91 13.10
N GLU A 135 -13.65 -1.78 12.61
CA GLU A 135 -15.08 -1.64 12.38
C GLU A 135 -15.59 -2.77 11.50
N ARG A 136 -14.81 -3.10 10.47
CA ARG A 136 -15.17 -4.17 9.55
C ARG A 136 -14.95 -5.53 10.20
N ASN A 137 -13.89 -5.66 10.97
CA ASN A 137 -13.58 -6.91 11.65
C ASN A 137 -12.36 -6.77 12.57
N TYR A 138 -11.19 -7.22 12.10
CA TYR A 138 -9.96 -7.15 12.88
C TYR A 138 -8.84 -7.87 12.14
N THR A 139 -7.69 -7.22 12.00
CA THR A 139 -6.55 -7.81 11.28
C THR A 139 -5.80 -8.84 12.14
N ASP A 140 -6.51 -9.60 12.95
CA ASP A 140 -5.87 -10.61 13.79
C ASP A 140 -5.17 -11.65 12.92
N GLU A 141 -5.74 -11.90 11.74
CA GLU A 141 -5.18 -12.86 10.79
C GLU A 141 -3.67 -12.72 10.67
N MET A 142 -3.24 -11.54 10.26
CA MET A 142 -1.83 -11.24 10.10
C MET A 142 -1.63 -9.74 9.99
N VAL A 143 -0.57 -9.26 10.61
CA VAL A 143 -0.25 -7.84 10.62
C VAL A 143 1.10 -7.62 9.95
N ALA A 144 1.56 -6.36 9.86
CA ALA A 144 2.84 -6.08 9.24
C ALA A 144 3.31 -4.65 9.54
N MET A 145 4.60 -4.51 9.86
CA MET A 145 5.16 -3.21 10.16
C MET A 145 6.48 -3.03 9.44
N LEU A 146 6.67 -1.84 8.86
CA LEU A 146 7.90 -1.52 8.13
C LEU A 146 9.08 -2.33 8.64
N PRO A 147 9.91 -2.88 7.75
CA PRO A 147 11.08 -3.66 8.13
C PRO A 147 11.86 -3.02 9.28
N ARG A 148 12.30 -3.87 10.21
CA ARG A 148 13.06 -3.41 11.37
C ARG A 148 14.07 -4.44 11.81
N GLN A 149 14.99 -4.78 10.91
CA GLN A 149 16.04 -5.75 11.19
C GLN A 149 17.31 -5.43 10.41
N GLU A 150 18.45 -5.79 10.99
CA GLU A 150 19.74 -5.54 10.36
C GLU A 150 19.99 -6.51 9.21
N GLU A 151 19.13 -6.43 8.20
CA GLU A 151 19.21 -7.26 7.00
C GLU A 151 18.08 -6.92 6.02
N CYS A 152 17.16 -7.85 5.77
CA CYS A 152 16.06 -7.61 4.84
C CYS A 152 14.84 -8.44 5.24
N THR A 153 14.08 -7.95 6.23
CA THR A 153 12.90 -8.66 6.71
C THR A 153 11.92 -7.71 7.42
N VAL A 154 10.63 -7.96 7.21
CA VAL A 154 9.57 -7.14 7.82
C VAL A 154 9.21 -7.65 9.22
N ASP A 155 8.74 -6.74 10.07
CA ASP A 155 8.34 -7.12 11.44
C ASP A 155 7.30 -8.22 11.42
N GLU A 156 7.48 -9.23 12.27
CA GLU A 156 6.55 -10.34 12.35
C GLU A 156 6.94 -11.32 13.45
N VAL A 157 5.95 -11.81 14.19
CA VAL A 157 6.19 -12.75 15.28
C VAL A 157 7.01 -12.10 16.39
N MET A 1 -19.07 21.93 -4.70
CA MET A 1 -18.71 23.04 -5.62
C MET A 1 -17.28 22.91 -6.12
N THR A 2 -17.10 23.11 -7.42
CA THR A 2 -15.78 23.02 -8.06
C THR A 2 -15.08 21.71 -7.74
N VAL A 3 -14.60 21.03 -8.77
CA VAL A 3 -13.90 19.77 -8.61
C VAL A 3 -12.47 19.98 -8.10
N PRO A 4 -12.01 19.16 -7.14
CA PRO A 4 -10.66 19.27 -6.58
C PRO A 4 -9.59 19.30 -7.69
N ASP A 5 -8.74 18.29 -7.75
CA ASP A 5 -7.70 18.23 -8.77
C ASP A 5 -6.98 16.89 -8.76
N ARG A 6 -6.94 16.24 -9.92
CA ARG A 6 -6.28 14.95 -10.05
C ARG A 6 -4.78 15.10 -9.84
N SER A 7 -4.24 16.24 -10.25
CA SER A 7 -2.81 16.52 -10.11
C SER A 7 -2.34 16.26 -8.69
N GLU A 8 -3.22 16.50 -7.71
CA GLU A 8 -2.88 16.30 -6.30
C GLU A 8 -2.28 14.91 -6.10
N ILE A 9 -2.91 13.92 -6.73
CA ILE A 9 -2.46 12.54 -6.63
C ILE A 9 -1.02 12.41 -7.13
N ALA A 10 -0.72 13.06 -8.25
CA ALA A 10 0.62 13.00 -8.83
C ALA A 10 1.68 13.41 -7.81
N GLY A 11 2.69 12.56 -7.61
CA GLY A 11 3.74 12.87 -6.65
C GLY A 11 4.55 11.64 -6.23
N LYS A 12 5.01 11.64 -4.98
CA LYS A 12 5.78 10.53 -4.46
C LYS A 12 5.12 9.91 -3.23
N TRP A 13 4.81 8.63 -3.33
CA TRP A 13 4.18 7.88 -2.24
C TRP A 13 5.19 6.95 -1.58
N TYR A 14 5.27 6.99 -0.24
CA TYR A 14 6.19 6.11 0.48
C TYR A 14 5.43 5.03 1.23
N VAL A 15 5.53 3.79 0.78
CA VAL A 15 4.87 2.69 1.44
C VAL A 15 5.70 2.22 2.64
N VAL A 16 5.13 2.41 3.83
CA VAL A 16 5.82 2.08 5.08
C VAL A 16 4.94 1.25 6.03
N ALA A 17 3.65 1.54 6.06
CA ALA A 17 2.73 0.82 6.93
C ALA A 17 1.94 -0.22 6.14
N LEU A 18 2.11 -1.50 6.49
CA LEU A 18 1.40 -2.58 5.80
C LEU A 18 0.81 -3.54 6.84
N ALA A 19 -0.06 -4.45 6.41
CA ALA A 19 -0.63 -5.39 7.37
C ALA A 19 -1.42 -6.50 6.71
N SER A 20 -0.93 -7.74 6.86
CA SER A 20 -1.57 -8.92 6.27
C SER A 20 -0.81 -9.38 5.04
N ASN A 21 -0.99 -10.64 4.67
CA ASN A 21 -0.29 -11.21 3.53
C ASN A 21 -1.05 -12.44 3.00
N THR A 22 -0.35 -13.56 2.79
CA THR A 22 -0.99 -14.77 2.30
C THR A 22 -0.54 -15.99 3.11
N GLU A 23 -0.41 -17.14 2.46
CA GLU A 23 0.01 -18.36 3.14
C GLU A 23 1.50 -18.32 3.51
N PHE A 24 2.34 -18.91 2.66
CA PHE A 24 3.78 -18.97 2.92
C PHE A 24 4.46 -17.63 2.60
N PHE A 25 3.89 -16.90 1.65
CA PHE A 25 4.45 -15.61 1.23
C PHE A 25 4.84 -14.75 2.44
N LEU A 26 4.02 -14.80 3.49
CA LEU A 26 4.28 -14.02 4.70
C LEU A 26 5.65 -14.34 5.27
N ARG A 27 6.04 -15.61 5.21
CA ARG A 27 7.33 -16.04 5.73
C ARG A 27 8.46 -15.30 5.03
N GLU A 28 8.37 -15.21 3.70
CA GLU A 28 9.39 -14.52 2.91
C GLU A 28 9.18 -13.01 2.94
N LYS A 29 7.91 -12.59 2.87
CA LYS A 29 7.57 -11.17 2.87
C LYS A 29 7.86 -10.53 4.23
N ASP A 30 7.56 -11.25 5.30
CA ASP A 30 7.76 -10.75 6.67
C ASP A 30 9.24 -10.44 6.93
N LYS A 31 10.12 -11.34 6.50
CA LYS A 31 11.56 -11.14 6.71
C LYS A 31 12.04 -9.83 6.12
N MET A 32 11.87 -8.74 6.87
CA MET A 32 12.29 -7.42 6.42
C MET A 32 11.54 -7.02 5.16
N LYS A 33 11.10 -5.77 5.11
CA LYS A 33 10.36 -5.27 3.95
C LYS A 33 10.13 -3.77 4.03
N MET A 34 10.56 -3.07 2.99
CA MET A 34 10.39 -1.61 2.91
C MET A 34 10.10 -1.25 1.46
N ALA A 35 9.39 -0.15 1.21
CA ALA A 35 9.11 0.20 -0.18
C ALA A 35 8.73 1.66 -0.38
N MET A 36 9.13 2.17 -1.54
CA MET A 36 8.87 3.55 -1.95
C MET A 36 8.07 3.54 -3.24
N ALA A 37 7.40 4.64 -3.56
CA ALA A 37 6.59 4.68 -4.78
C ALA A 37 6.33 6.09 -5.29
N ARG A 38 6.11 6.18 -6.60
CA ARG A 38 5.80 7.43 -7.28
C ARG A 38 4.61 7.21 -8.21
N ILE A 39 3.54 7.96 -8.00
CA ILE A 39 2.33 7.78 -8.80
C ILE A 39 2.23 8.79 -9.96
N SER A 40 1.69 8.30 -11.09
CA SER A 40 1.51 9.11 -12.29
C SER A 40 0.38 8.52 -13.14
N PHE A 41 -0.34 9.39 -13.84
CA PHE A 41 -1.47 8.96 -14.67
C PHE A 41 -1.02 8.46 -16.05
N LEU A 42 -1.43 7.24 -16.41
CA LEU A 42 -1.07 6.68 -17.71
C LEU A 42 -2.04 7.20 -18.79
N GLY A 43 -1.47 7.96 -19.73
CA GLY A 43 -2.24 8.57 -20.80
C GLY A 43 -2.92 7.57 -21.72
N GLU A 44 -3.95 6.91 -21.20
CA GLU A 44 -4.71 5.94 -21.98
C GLU A 44 -6.05 5.69 -21.30
N ASP A 45 -5.97 5.29 -20.05
CA ASP A 45 -7.14 5.02 -19.22
C ASP A 45 -6.71 4.26 -17.99
N GLU A 46 -5.58 4.67 -17.40
CA GLU A 46 -5.07 3.98 -16.22
C GLU A 46 -4.08 4.86 -15.46
N LEU A 47 -4.09 4.74 -14.13
CA LEU A 47 -3.18 5.50 -13.29
C LEU A 47 -2.19 4.53 -12.66
N LYS A 48 -0.91 4.67 -13.02
CA LYS A 48 0.12 3.78 -12.52
C LYS A 48 1.01 4.42 -11.46
N VAL A 49 1.61 3.56 -10.63
CA VAL A 49 2.50 4.02 -9.57
C VAL A 49 3.76 3.16 -9.55
N SER A 50 4.88 3.78 -9.89
CA SER A 50 6.16 3.08 -9.89
C SER A 50 6.70 3.04 -8.47
N TYR A 51 6.92 1.86 -7.93
CA TYR A 51 7.41 1.74 -6.57
C TYR A 51 8.74 0.97 -6.52
N ALA A 52 9.72 1.60 -5.87
CA ALA A 52 11.03 0.99 -5.68
C ALA A 52 11.08 0.37 -4.29
N VAL A 53 11.02 -0.95 -4.23
CA VAL A 53 10.98 -1.64 -2.97
C VAL A 53 12.31 -2.30 -2.57
N PRO A 54 12.99 -1.76 -1.53
CA PRO A 54 14.24 -2.31 -1.03
C PRO A 54 13.97 -3.55 -0.16
N LYS A 55 14.63 -4.66 -0.51
CA LYS A 55 14.48 -5.92 0.21
C LYS A 55 14.98 -7.10 -0.63
N PRO A 56 14.47 -7.24 -1.88
CA PRO A 56 14.85 -8.31 -2.79
C PRO A 56 16.31 -8.70 -2.66
N ASN A 57 16.60 -9.99 -2.82
CA ASN A 57 17.97 -10.48 -2.71
C ASN A 57 18.53 -10.18 -1.32
N GLY A 58 17.73 -10.48 -0.29
CA GLY A 58 18.15 -10.23 1.07
C GLY A 58 17.79 -8.84 1.53
N CYS A 59 18.41 -7.83 0.92
CA CYS A 59 18.13 -6.43 1.27
C CYS A 59 18.49 -5.50 0.11
N ARG A 60 18.17 -5.94 -1.11
CA ARG A 60 18.47 -5.13 -2.30
C ARG A 60 17.31 -4.17 -2.60
N LYS A 61 16.80 -4.16 -3.84
CA LYS A 61 15.70 -3.26 -4.22
C LYS A 61 15.02 -3.74 -5.49
N TRP A 62 13.70 -3.60 -5.56
CA TRP A 62 12.95 -3.99 -6.75
C TRP A 62 11.99 -2.88 -7.19
N GLU A 63 11.76 -2.78 -8.49
CA GLU A 63 10.85 -1.76 -9.01
C GLU A 63 9.82 -2.38 -9.95
N THR A 64 8.58 -1.91 -9.84
CA THR A 64 7.50 -2.42 -10.67
C THR A 64 6.40 -1.37 -10.82
N THR A 65 5.90 -1.22 -12.04
CA THR A 65 4.85 -0.26 -12.33
C THR A 65 3.47 -0.90 -12.31
N PHE A 66 2.60 -0.45 -11.42
CA PHE A 66 1.24 -0.98 -11.33
C PHE A 66 0.22 0.06 -11.81
N LYS A 67 -0.46 -0.26 -12.92
CA LYS A 67 -1.47 0.65 -13.48
C LYS A 67 -2.88 0.09 -13.29
N LYS A 68 -3.86 0.98 -13.21
CA LYS A 68 -5.24 0.55 -13.02
C LYS A 68 -6.21 1.74 -13.05
N THR A 69 -7.42 1.57 -12.49
CA THR A 69 -8.41 2.62 -12.47
C THR A 69 -8.81 2.98 -11.03
N SER A 70 -9.30 4.19 -10.82
CA SER A 70 -9.71 4.64 -9.50
C SER A 70 -11.06 5.38 -9.53
N ASP A 71 -11.89 5.12 -8.53
CA ASP A 71 -13.21 5.74 -8.43
C ASP A 71 -13.16 7.03 -7.62
N ASP A 72 -14.17 7.89 -7.80
CA ASP A 72 -14.25 9.16 -7.08
C ASP A 72 -14.67 8.94 -5.62
N GLY A 73 -15.22 9.99 -4.99
CA GLY A 73 -15.64 9.90 -3.59
C GLY A 73 -14.48 9.66 -2.66
N GLU A 74 -13.87 8.49 -2.78
CA GLU A 74 -12.71 8.12 -1.98
C GLU A 74 -11.59 7.73 -2.94
N VAL A 75 -10.77 6.75 -2.59
CA VAL A 75 -9.73 6.34 -3.51
C VAL A 75 -9.51 4.84 -3.43
N TYR A 76 -9.88 4.15 -4.49
CA TYR A 76 -9.74 2.70 -4.55
C TYR A 76 -9.40 2.29 -5.98
N TYR A 77 -8.37 1.47 -6.12
CA TYR A 77 -7.93 1.03 -7.43
C TYR A 77 -8.17 -0.46 -7.62
N SER A 78 -8.47 -0.83 -8.84
CA SER A 78 -8.73 -2.22 -9.19
C SER A 78 -8.31 -2.50 -10.63
N GLU A 79 -7.89 -3.74 -10.89
CA GLU A 79 -7.44 -4.12 -12.23
C GLU A 79 -7.45 -5.65 -12.43
N GLU A 80 -8.06 -6.07 -13.54
CA GLU A 80 -8.17 -7.49 -13.90
C GLU A 80 -8.93 -8.27 -12.83
N ALA A 81 -8.28 -8.49 -11.71
CA ALA A 81 -8.83 -9.22 -10.59
C ALA A 81 -7.74 -9.41 -9.55
N LYS A 82 -6.69 -10.12 -9.96
CA LYS A 82 -5.53 -10.36 -9.12
C LYS A 82 -5.18 -9.11 -8.32
N LYS A 83 -5.42 -7.93 -8.91
CA LYS A 83 -5.12 -6.68 -8.24
C LYS A 83 -6.40 -5.87 -8.00
N LYS A 84 -6.79 -5.76 -6.74
CA LYS A 84 -7.97 -5.02 -6.34
C LYS A 84 -7.74 -4.47 -4.94
N VAL A 85 -7.85 -3.16 -4.77
CA VAL A 85 -7.59 -2.54 -3.48
C VAL A 85 -8.44 -1.30 -3.24
N GLU A 86 -8.60 -0.94 -1.96
CA GLU A 86 -9.37 0.24 -1.59
C GLU A 86 -8.54 1.16 -0.69
N VAL A 87 -8.19 2.33 -1.23
CA VAL A 87 -7.38 3.31 -0.49
C VAL A 87 -8.27 4.20 0.39
N LEU A 88 -7.93 4.24 1.67
CA LEU A 88 -8.65 5.02 2.66
C LEU A 88 -7.76 6.12 3.24
N ASP A 89 -8.07 6.58 4.45
CA ASP A 89 -7.29 7.62 5.10
C ASP A 89 -7.28 8.90 4.26
N THR A 90 -6.10 9.42 3.92
CA THR A 90 -6.00 10.62 3.11
C THR A 90 -5.02 10.41 1.96
N ASP A 91 -5.55 10.31 0.74
CA ASP A 91 -4.72 10.11 -0.43
C ASP A 91 -4.40 11.43 -1.11
N TYR A 92 -4.29 12.50 -0.32
CA TYR A 92 -4.00 13.83 -0.85
C TYR A 92 -2.58 14.28 -0.48
N LYS A 93 -2.44 15.04 0.62
CA LYS A 93 -1.11 15.51 1.02
C LYS A 93 -0.90 15.41 2.53
N SER A 94 -0.56 14.21 3.00
CA SER A 94 -0.31 13.99 4.42
C SER A 94 0.00 12.51 4.66
N TYR A 95 -1.06 11.71 4.81
CA TYR A 95 -0.91 10.29 5.04
C TYR A 95 -2.05 9.52 4.38
N ALA A 96 -1.72 8.45 3.67
CA ALA A 96 -2.72 7.65 2.98
C ALA A 96 -2.54 6.17 3.28
N VAL A 97 -3.67 5.46 3.43
CA VAL A 97 -3.61 4.04 3.71
C VAL A 97 -4.39 3.27 2.64
N ILE A 98 -3.78 2.22 2.11
CA ILE A 98 -4.41 1.42 1.07
C ILE A 98 -4.31 -0.08 1.35
N TYR A 99 -5.46 -0.70 1.56
CA TYR A 99 -5.53 -2.13 1.81
C TYR A 99 -5.55 -2.89 0.49
N ALA A 100 -4.55 -3.74 0.26
CA ALA A 100 -4.46 -4.49 -0.98
C ALA A 100 -4.96 -5.94 -0.82
N THR A 101 -5.74 -6.39 -1.79
CA THR A 101 -6.26 -7.74 -1.79
C THR A 101 -6.12 -8.38 -3.17
N ARG A 102 -5.59 -9.60 -3.20
CA ARG A 102 -5.39 -10.32 -4.46
C ARG A 102 -6.62 -11.15 -4.82
N VAL A 103 -6.91 -11.23 -6.12
CA VAL A 103 -8.04 -12.01 -6.60
C VAL A 103 -7.67 -12.79 -7.87
N LYS A 104 -7.56 -14.11 -7.73
CA LYS A 104 -7.22 -14.97 -8.85
C LYS A 104 -7.83 -16.36 -8.65
N ASP A 105 -8.53 -16.86 -9.66
CA ASP A 105 -9.16 -18.17 -9.56
C ASP A 105 -9.97 -18.29 -8.26
N GLY A 106 -9.82 -19.39 -7.54
CA GLY A 106 -10.54 -19.58 -6.30
C GLY A 106 -9.68 -19.33 -5.08
N ARG A 107 -8.87 -18.28 -5.11
CA ARG A 107 -8.01 -17.95 -3.98
C ARG A 107 -7.97 -16.45 -3.72
N THR A 108 -8.07 -16.10 -2.44
CA THR A 108 -8.07 -14.70 -2.02
C THR A 108 -6.89 -14.42 -1.10
N LEU A 109 -6.37 -13.20 -1.15
CA LEU A 109 -5.24 -12.81 -0.32
C LEU A 109 -5.52 -11.49 0.38
N HIS A 110 -5.04 -11.37 1.62
CA HIS A 110 -5.25 -10.16 2.39
C HIS A 110 -3.91 -9.50 2.76
N MET A 111 -3.79 -8.22 2.44
CA MET A 111 -2.58 -7.48 2.73
C MET A 111 -2.82 -5.97 2.70
N MET A 112 -2.50 -5.32 3.81
CA MET A 112 -2.67 -3.87 3.93
C MET A 112 -1.44 -3.13 3.42
N ARG A 113 -1.66 -1.92 2.93
CA ARG A 113 -0.58 -1.09 2.43
C ARG A 113 -0.85 0.36 2.81
N LEU A 114 0.20 1.15 3.04
CA LEU A 114 0.03 2.54 3.44
C LEU A 114 1.15 3.43 2.89
N TYR A 115 0.76 4.45 2.14
CA TYR A 115 1.71 5.37 1.55
C TYR A 115 1.75 6.70 2.32
N SER A 116 2.93 7.04 2.83
CA SER A 116 3.11 8.29 3.56
C SER A 116 3.88 9.30 2.70
N ARG A 117 3.41 10.54 2.69
CA ARG A 117 4.06 11.58 1.89
C ARG A 117 5.48 11.85 2.38
N SER A 118 5.61 12.01 3.69
CA SER A 118 6.91 12.28 4.31
C SER A 118 7.03 11.51 5.62
N PRO A 119 8.25 11.37 6.16
CA PRO A 119 8.48 10.65 7.41
C PRO A 119 7.39 10.93 8.44
N GLU A 120 6.84 12.14 8.40
CA GLU A 120 5.78 12.54 9.32
C GLU A 120 4.53 11.69 9.10
N VAL A 121 3.94 11.23 10.19
CA VAL A 121 2.73 10.42 10.12
C VAL A 121 1.95 10.51 11.43
N SER A 122 0.72 10.98 11.33
CA SER A 122 -0.14 11.13 12.50
C SER A 122 -0.54 9.78 13.08
N PRO A 123 -0.68 9.69 14.41
CA PRO A 123 -1.06 8.46 15.08
C PRO A 123 -2.34 7.87 14.49
N ALA A 124 -3.21 8.75 13.99
CA ALA A 124 -4.47 8.32 13.39
C ALA A 124 -4.23 7.46 12.17
N ALA A 125 -3.46 7.98 11.23
CA ALA A 125 -3.17 7.26 9.99
C ALA A 125 -2.65 5.86 10.28
N THR A 126 -1.72 5.75 11.21
CA THR A 126 -1.15 4.47 11.56
C THR A 126 -2.09 3.64 12.44
N ALA A 127 -2.61 4.25 13.51
CA ALA A 127 -3.51 3.55 14.42
C ALA A 127 -4.87 3.29 13.78
N ILE A 128 -5.51 4.34 13.27
CA ILE A 128 -6.82 4.19 12.64
C ILE A 128 -6.77 3.20 11.48
N PHE A 129 -5.71 3.26 10.67
CA PHE A 129 -5.60 2.33 9.54
C PHE A 129 -5.61 0.90 10.06
N ARG A 130 -4.93 0.70 11.19
CA ARG A 130 -4.87 -0.60 11.83
C ARG A 130 -6.25 -1.01 12.32
N LYS A 131 -6.90 -0.10 13.05
CA LYS A 131 -8.24 -0.34 13.58
C LYS A 131 -9.21 -0.52 12.42
N LEU A 132 -9.14 0.39 11.46
CA LEU A 132 -9.99 0.35 10.27
C LEU A 132 -9.72 -0.93 9.47
N ALA A 133 -8.45 -1.34 9.46
CA ALA A 133 -8.05 -2.55 8.75
C ALA A 133 -8.82 -3.75 9.27
N GLY A 134 -8.94 -3.83 10.60
CA GLY A 134 -9.66 -4.94 11.20
C GLY A 134 -11.12 -4.99 10.78
N GLU A 135 -11.77 -3.82 10.78
CA GLU A 135 -13.18 -3.73 10.40
C GLU A 135 -13.38 -4.27 8.99
N ARG A 136 -12.35 -4.14 8.16
CA ARG A 136 -12.39 -4.60 6.77
C ARG A 136 -12.48 -6.12 6.68
N ASN A 137 -11.74 -6.81 7.55
CA ASN A 137 -11.74 -8.26 7.55
C ASN A 137 -11.18 -8.82 8.85
N TYR A 138 -9.97 -8.38 9.21
CA TYR A 138 -9.32 -8.83 10.44
C TYR A 138 -7.84 -8.47 10.44
N THR A 139 -7.41 -7.68 11.42
CA THR A 139 -6.01 -7.32 11.53
C THR A 139 -5.20 -8.47 12.12
N ASP A 140 -5.81 -9.19 13.05
CA ASP A 140 -5.16 -10.32 13.69
C ASP A 140 -4.67 -11.32 12.64
N GLU A 141 -5.43 -11.41 11.56
CA GLU A 141 -5.10 -12.31 10.44
C GLU A 141 -3.59 -12.29 10.12
N MET A 142 -3.12 -11.12 9.69
CA MET A 142 -1.72 -10.93 9.35
C MET A 142 -1.43 -9.43 9.37
N VAL A 143 -0.26 -9.06 9.86
CA VAL A 143 0.12 -7.64 9.98
C VAL A 143 1.44 -7.37 9.26
N ALA A 144 1.89 -6.10 9.29
CA ALA A 144 3.14 -5.69 8.68
C ALA A 144 3.49 -4.28 9.14
N MET A 145 4.69 -4.07 9.64
CA MET A 145 5.07 -2.74 10.12
C MET A 145 6.42 -2.29 9.59
N LEU A 146 6.45 -1.04 9.12
CA LEU A 146 7.65 -0.41 8.58
C LEU A 146 8.95 -0.94 9.22
N PRO A 147 10.06 -0.83 8.48
CA PRO A 147 11.38 -1.28 8.95
C PRO A 147 11.96 -0.36 10.02
N ARG A 148 12.87 -0.91 10.82
CA ARG A 148 13.51 -0.15 11.88
C ARG A 148 14.66 0.69 11.31
N GLN A 149 15.90 0.38 11.72
CA GLN A 149 17.07 1.11 11.25
C GLN A 149 17.42 0.75 9.80
N GLU A 150 18.19 1.64 9.16
CA GLU A 150 18.61 1.45 7.77
C GLU A 150 19.53 0.24 7.62
N GLU A 151 18.98 -0.95 7.88
CA GLU A 151 19.74 -2.19 7.76
C GLU A 151 18.87 -3.29 7.13
N CYS A 152 18.39 -4.22 7.96
CA CYS A 152 17.54 -5.32 7.49
C CYS A 152 16.69 -5.82 8.66
N THR A 153 15.59 -5.12 8.92
CA THR A 153 14.69 -5.46 10.02
C THR A 153 13.30 -4.89 9.80
N VAL A 154 12.31 -5.45 10.51
CA VAL A 154 10.93 -5.00 10.38
C VAL A 154 10.19 -5.04 11.72
N ASP A 155 9.45 -3.97 12.01
CA ASP A 155 8.71 -3.89 13.28
C ASP A 155 7.69 -5.01 13.40
N GLU A 156 7.66 -5.65 14.57
CA GLU A 156 6.74 -6.75 14.82
C GLU A 156 6.90 -7.25 16.26
N VAL A 157 5.78 -7.61 16.88
CA VAL A 157 5.79 -8.10 18.26
C VAL A 157 6.09 -6.97 19.24
N MET A 1 -16.39 26.10 -4.44
CA MET A 1 -16.12 26.68 -5.78
C MET A 1 -14.84 26.09 -6.38
N THR A 2 -14.91 25.73 -7.66
CA THR A 2 -13.76 25.16 -8.36
C THR A 2 -13.33 23.84 -7.73
N VAL A 3 -13.12 22.83 -8.58
CA VAL A 3 -12.71 21.52 -8.13
C VAL A 3 -11.23 21.49 -7.74
N PRO A 4 -10.88 20.84 -6.62
CA PRO A 4 -9.49 20.75 -6.15
C PRO A 4 -8.56 20.16 -7.20
N ASP A 5 -7.33 20.67 -7.25
CA ASP A 5 -6.34 20.20 -8.22
C ASP A 5 -6.12 18.69 -8.08
N ARG A 6 -6.27 17.98 -9.19
CA ARG A 6 -6.07 16.53 -9.19
C ARG A 6 -4.60 16.19 -8.97
N SER A 7 -3.73 17.06 -9.45
CA SER A 7 -2.28 16.87 -9.31
C SER A 7 -1.90 16.59 -7.87
N GLU A 8 -2.67 17.13 -6.92
CA GLU A 8 -2.39 16.94 -5.50
C GLU A 8 -2.12 15.47 -5.20
N ILE A 9 -2.97 14.60 -5.73
CA ILE A 9 -2.82 13.16 -5.54
C ILE A 9 -1.54 12.67 -6.19
N ALA A 10 -1.26 13.17 -7.38
CA ALA A 10 -0.07 12.78 -8.12
C ALA A 10 1.19 13.22 -7.36
N GLY A 11 2.11 12.30 -7.14
CA GLY A 11 3.33 12.64 -6.42
C GLY A 11 4.05 11.43 -5.86
N LYS A 12 4.66 11.60 -4.69
CA LYS A 12 5.41 10.53 -4.05
C LYS A 12 4.64 9.94 -2.87
N TRP A 13 4.57 8.60 -2.85
CA TRP A 13 3.89 7.86 -1.80
C TRP A 13 4.91 7.02 -1.01
N TYR A 14 4.89 7.12 0.31
CA TYR A 14 5.83 6.34 1.12
C TYR A 14 5.11 5.25 1.90
N VAL A 15 5.29 4.00 1.49
CA VAL A 15 4.64 2.87 2.17
C VAL A 15 5.52 2.28 3.27
N VAL A 16 4.90 2.15 4.46
CA VAL A 16 5.57 1.61 5.63
C VAL A 16 4.61 0.75 6.47
N ALA A 17 3.37 1.24 6.65
CA ALA A 17 2.36 0.51 7.42
C ALA A 17 1.60 -0.46 6.51
N LEU A 18 1.34 -1.67 6.99
CA LEU A 18 0.62 -2.67 6.20
C LEU A 18 -0.13 -3.68 7.06
N ALA A 19 -0.72 -4.66 6.39
CA ALA A 19 -1.47 -5.74 7.02
C ALA A 19 -1.79 -6.80 5.98
N SER A 20 -1.23 -8.00 6.11
CA SER A 20 -1.48 -9.02 5.08
C SER A 20 -1.69 -10.42 5.61
N ASN A 21 -2.55 -11.17 4.91
CA ASN A 21 -2.83 -12.56 5.26
C ASN A 21 -2.26 -13.49 4.19
N THR A 22 -1.32 -14.35 4.58
CA THR A 22 -0.69 -15.29 3.64
C THR A 22 0.49 -16.02 4.29
N GLU A 23 1.38 -16.58 3.46
CA GLU A 23 2.55 -17.29 3.96
C GLU A 23 3.54 -16.31 4.57
N PHE A 24 3.83 -16.48 5.85
CA PHE A 24 4.74 -15.61 6.56
C PHE A 24 6.19 -16.09 6.44
N PHE A 25 6.39 -17.39 6.44
CA PHE A 25 7.72 -17.97 6.35
C PHE A 25 8.47 -17.53 5.09
N LEU A 26 7.78 -17.60 3.95
CA LEU A 26 8.39 -17.23 2.67
C LEU A 26 8.78 -15.75 2.64
N ARG A 27 7.88 -14.89 3.09
CA ARG A 27 8.12 -13.44 3.08
C ARG A 27 9.31 -13.04 3.96
N GLU A 28 9.50 -13.72 5.09
CA GLU A 28 10.59 -13.38 6.00
C GLU A 28 11.91 -13.17 5.26
N LYS A 29 12.34 -14.18 4.51
CA LYS A 29 13.58 -14.10 3.76
C LYS A 29 13.37 -13.43 2.41
N ASP A 30 12.23 -13.71 1.78
CA ASP A 30 11.91 -13.14 0.47
C ASP A 30 11.55 -11.65 0.56
N LYS A 31 10.45 -11.36 1.25
CA LYS A 31 9.99 -9.98 1.39
C LYS A 31 10.71 -9.26 2.54
N MET A 32 9.99 -8.39 3.26
CA MET A 32 10.57 -7.63 4.38
C MET A 32 11.60 -6.62 3.91
N LYS A 33 11.12 -5.46 3.45
CA LYS A 33 11.97 -4.38 2.97
C LYS A 33 11.21 -3.06 2.98
N MET A 34 11.93 -1.94 3.06
CA MET A 34 11.29 -0.62 3.06
C MET A 34 10.49 -0.45 1.77
N ALA A 35 9.37 0.29 1.81
CA ALA A 35 8.58 0.44 0.61
C ALA A 35 8.34 1.90 0.24
N MET A 36 8.49 2.18 -1.04
CA MET A 36 8.27 3.52 -1.60
C MET A 36 7.29 3.42 -2.75
N ALA A 37 6.63 4.51 -3.08
CA ALA A 37 5.64 4.50 -4.17
C ALA A 37 5.49 5.85 -4.82
N ARG A 38 5.02 5.85 -6.07
CA ARG A 38 4.82 7.08 -6.83
C ARG A 38 3.56 6.94 -7.69
N ILE A 39 2.55 7.75 -7.40
CA ILE A 39 1.29 7.69 -8.15
C ILE A 39 1.27 8.64 -9.35
N SER A 40 0.65 8.18 -10.44
CA SER A 40 0.55 8.95 -11.66
C SER A 40 -0.65 8.49 -12.50
N PHE A 41 -1.44 9.43 -12.96
CA PHE A 41 -2.64 9.13 -13.76
C PHE A 41 -2.30 9.07 -15.25
N LEU A 42 -2.59 7.94 -15.90
CA LEU A 42 -2.33 7.79 -17.32
C LEU A 42 -3.59 8.11 -18.13
N GLY A 43 -3.48 9.12 -18.98
CA GLY A 43 -4.61 9.57 -19.80
C GLY A 43 -5.01 8.59 -20.90
N GLU A 44 -5.35 7.37 -20.53
CA GLU A 44 -5.78 6.36 -21.50
C GLU A 44 -6.57 5.27 -20.80
N ASP A 45 -7.32 5.66 -19.78
CA ASP A 45 -8.14 4.73 -19.01
C ASP A 45 -7.28 3.84 -18.12
N GLU A 46 -6.23 4.42 -17.52
CA GLU A 46 -5.38 3.64 -16.63
C GLU A 46 -4.51 4.54 -15.76
N LEU A 47 -4.33 4.12 -14.52
CA LEU A 47 -3.53 4.87 -13.55
C LEU A 47 -2.55 3.91 -12.87
N LYS A 48 -1.33 4.36 -12.62
CA LYS A 48 -0.33 3.48 -12.01
C LYS A 48 0.46 4.15 -10.90
N VAL A 49 1.00 3.33 -10.01
CA VAL A 49 1.82 3.79 -8.91
C VAL A 49 3.11 2.99 -8.87
N SER A 50 4.24 3.67 -9.10
CA SER A 50 5.53 3.00 -9.10
C SER A 50 6.08 2.89 -7.70
N TYR A 51 6.12 1.67 -7.16
CA TYR A 51 6.64 1.46 -5.82
C TYR A 51 8.00 0.79 -5.87
N ALA A 52 8.96 1.36 -5.16
CA ALA A 52 10.31 0.83 -5.12
C ALA A 52 10.68 0.38 -3.72
N VAL A 53 10.88 -0.92 -3.56
CA VAL A 53 11.24 -1.49 -2.27
C VAL A 53 12.75 -1.72 -2.15
N PRO A 54 13.44 -0.86 -1.36
CA PRO A 54 14.87 -0.92 -1.16
C PRO A 54 15.26 -1.59 0.16
N LYS A 55 16.50 -2.08 0.22
CA LYS A 55 17.01 -2.73 1.44
C LYS A 55 18.48 -3.12 1.24
N PRO A 56 19.41 -2.44 1.93
CA PRO A 56 20.85 -2.71 1.83
C PRO A 56 21.26 -4.00 2.53
N ASN A 57 21.02 -5.14 1.87
CA ASN A 57 21.38 -6.43 2.44
C ASN A 57 21.06 -7.56 1.47
N GLY A 58 21.58 -7.44 0.25
CA GLY A 58 21.35 -8.45 -0.76
C GLY A 58 20.05 -8.23 -1.53
N CYS A 59 18.98 -7.93 -0.80
CA CYS A 59 17.68 -7.69 -1.43
C CYS A 59 17.79 -6.57 -2.47
N ARG A 60 18.63 -5.58 -2.19
CA ARG A 60 18.84 -4.47 -3.13
C ARG A 60 17.59 -3.58 -3.19
N LYS A 61 16.98 -3.47 -4.38
CA LYS A 61 15.78 -2.64 -4.53
C LYS A 61 14.84 -3.25 -5.57
N TRP A 62 13.55 -3.29 -5.23
CA TRP A 62 12.55 -3.84 -6.15
C TRP A 62 11.61 -2.75 -6.64
N GLU A 63 11.21 -2.84 -7.89
CA GLU A 63 10.30 -1.86 -8.48
C GLU A 63 9.25 -2.54 -9.34
N THR A 64 8.01 -2.09 -9.21
CA THR A 64 6.90 -2.67 -9.98
C THR A 64 5.80 -1.63 -10.18
N THR A 65 5.25 -1.62 -11.38
CA THR A 65 4.20 -0.67 -11.72
C THR A 65 2.81 -1.29 -11.63
N PHE A 66 2.03 -0.86 -10.63
CA PHE A 66 0.67 -1.34 -10.46
C PHE A 66 -0.26 -0.41 -11.24
N LYS A 67 -0.95 -0.95 -12.25
CA LYS A 67 -1.82 -0.12 -13.09
C LYS A 67 -3.07 -0.84 -13.56
N LYS A 68 -4.17 -0.09 -13.62
CA LYS A 68 -5.45 -0.59 -14.10
C LYS A 68 -6.52 0.51 -14.04
N THR A 69 -7.71 0.23 -13.48
CA THR A 69 -8.79 1.23 -13.40
C THR A 69 -8.83 1.92 -12.05
N SER A 70 -9.52 3.07 -12.00
CA SER A 70 -9.66 3.84 -10.76
C SER A 70 -11.04 4.46 -10.63
N ASP A 71 -11.59 4.45 -9.41
CA ASP A 71 -12.92 5.01 -9.15
C ASP A 71 -12.84 6.49 -8.76
N ASP A 72 -13.95 7.20 -8.94
CA ASP A 72 -14.01 8.62 -8.59
C ASP A 72 -14.20 8.81 -7.09
N GLY A 73 -14.51 10.03 -6.66
CA GLY A 73 -14.71 10.31 -5.25
C GLY A 73 -13.44 10.14 -4.44
N GLU A 74 -12.99 8.89 -4.33
CA GLU A 74 -11.77 8.56 -3.61
C GLU A 74 -10.77 7.94 -4.60
N VAL A 75 -10.04 6.91 -4.19
CA VAL A 75 -9.11 6.28 -5.11
C VAL A 75 -9.13 4.77 -4.96
N TYR A 76 -9.80 4.11 -5.91
CA TYR A 76 -9.93 2.66 -5.92
C TYR A 76 -9.11 2.07 -7.04
N TYR A 77 -8.23 1.13 -6.73
CA TYR A 77 -7.39 0.50 -7.73
C TYR A 77 -7.82 -0.95 -7.97
N SER A 78 -8.45 -1.19 -9.13
CA SER A 78 -8.90 -2.53 -9.46
C SER A 78 -8.05 -3.13 -10.56
N GLU A 79 -7.30 -4.17 -10.21
CA GLU A 79 -6.45 -4.85 -11.17
C GLU A 79 -7.08 -6.18 -11.58
N GLU A 80 -8.41 -6.14 -11.77
CA GLU A 80 -9.20 -7.30 -12.17
C GLU A 80 -8.71 -8.60 -11.52
N ALA A 81 -9.55 -9.17 -10.66
CA ALA A 81 -9.22 -10.43 -9.99
C ALA A 81 -7.77 -10.44 -9.48
N LYS A 82 -6.90 -11.18 -10.19
CA LYS A 82 -5.48 -11.30 -9.85
C LYS A 82 -5.02 -10.29 -8.80
N LYS A 83 -5.33 -9.02 -9.02
CA LYS A 83 -4.95 -7.99 -8.05
C LYS A 83 -6.08 -6.97 -7.83
N LYS A 84 -6.68 -7.05 -6.65
CA LYS A 84 -7.75 -6.13 -6.28
C LYS A 84 -7.18 -5.11 -5.30
N VAL A 85 -7.41 -3.83 -5.54
CA VAL A 85 -6.85 -2.81 -4.67
C VAL A 85 -7.86 -1.71 -4.32
N GLU A 86 -7.70 -1.13 -3.13
CA GLU A 86 -8.57 -0.08 -2.65
C GLU A 86 -7.79 0.97 -1.88
N VAL A 87 -7.82 2.22 -2.34
CA VAL A 87 -7.11 3.30 -1.67
C VAL A 87 -8.12 4.22 -0.98
N LEU A 88 -8.05 4.26 0.35
CA LEU A 88 -8.97 5.07 1.15
C LEU A 88 -8.22 6.04 2.08
N ASP A 89 -8.86 6.41 3.20
CA ASP A 89 -8.24 7.34 4.15
C ASP A 89 -7.95 8.66 3.44
N THR A 90 -6.74 8.77 2.88
CA THR A 90 -6.33 9.95 2.14
C THR A 90 -6.80 11.27 2.77
N ASP A 91 -5.85 12.03 3.30
CA ASP A 91 -6.14 13.33 3.88
C ASP A 91 -6.39 14.32 2.76
N TYR A 92 -6.00 13.94 1.55
CA TYR A 92 -6.15 14.77 0.36
C TYR A 92 -5.04 15.82 0.29
N LYS A 93 -3.98 15.64 1.09
CA LYS A 93 -2.88 16.60 1.08
C LYS A 93 -1.63 16.14 1.82
N SER A 94 -1.70 15.09 2.65
CA SER A 94 -0.51 14.66 3.39
C SER A 94 -0.44 13.17 3.69
N TYR A 95 -1.56 12.52 4.01
CA TYR A 95 -1.52 11.09 4.35
C TYR A 95 -2.64 10.30 3.68
N ALA A 96 -2.36 9.04 3.35
CA ALA A 96 -3.34 8.16 2.71
C ALA A 96 -3.05 6.69 2.99
N VAL A 97 -4.10 5.89 3.05
CA VAL A 97 -3.97 4.46 3.30
C VAL A 97 -4.58 3.68 2.14
N ILE A 98 -3.94 2.58 1.77
CA ILE A 98 -4.44 1.77 0.66
C ILE A 98 -4.37 0.28 0.95
N TYR A 99 -5.51 -0.39 0.86
CA TYR A 99 -5.60 -1.83 1.09
C TYR A 99 -5.74 -2.56 -0.25
N ALA A 100 -5.08 -3.70 -0.39
CA ALA A 100 -5.17 -4.45 -1.64
C ALA A 100 -5.26 -5.96 -1.39
N THR A 101 -6.14 -6.61 -2.15
CA THR A 101 -6.33 -8.05 -2.04
C THR A 101 -6.19 -8.69 -3.42
N ARG A 102 -5.37 -9.74 -3.49
CA ARG A 102 -5.15 -10.43 -4.76
C ARG A 102 -6.00 -11.69 -4.87
N VAL A 103 -6.51 -11.96 -6.08
CA VAL A 103 -7.32 -13.15 -6.32
C VAL A 103 -7.06 -13.72 -7.71
N LYS A 104 -6.59 -14.97 -7.72
CA LYS A 104 -6.28 -15.65 -8.98
C LYS A 104 -6.30 -17.16 -8.79
N ASP A 105 -6.87 -17.87 -9.76
CA ASP A 105 -6.95 -19.32 -9.69
C ASP A 105 -7.62 -19.76 -8.39
N GLY A 106 -8.63 -19.00 -7.98
CA GLY A 106 -9.34 -19.32 -6.75
C GLY A 106 -8.48 -19.22 -5.51
N ARG A 107 -7.67 -18.16 -5.42
CA ARG A 107 -6.80 -17.96 -4.26
C ARG A 107 -6.95 -16.52 -3.75
N THR A 108 -7.05 -16.36 -2.43
CA THR A 108 -7.21 -15.03 -1.84
C THR A 108 -5.96 -14.58 -1.09
N LEU A 109 -5.67 -13.29 -1.16
CA LEU A 109 -4.51 -12.70 -0.49
C LEU A 109 -4.87 -11.35 0.09
N HIS A 110 -4.57 -11.15 1.36
CA HIS A 110 -4.86 -9.88 2.02
C HIS A 110 -3.57 -9.09 2.25
N MET A 111 -3.62 -7.79 2.00
CA MET A 111 -2.46 -6.93 2.20
C MET A 111 -2.85 -5.45 2.24
N MET A 112 -2.49 -4.80 3.34
CA MET A 112 -2.77 -3.39 3.54
C MET A 112 -1.51 -2.57 3.29
N ARG A 113 -1.68 -1.36 2.78
CA ARG A 113 -0.56 -0.48 2.49
C ARG A 113 -0.88 0.93 2.96
N LEU A 114 0.10 1.56 3.60
CA LEU A 114 -0.08 2.92 4.11
C LEU A 114 0.99 3.85 3.55
N TYR A 115 0.58 4.79 2.73
CA TYR A 115 1.52 5.73 2.13
C TYR A 115 1.17 7.17 2.44
N SER A 116 2.16 7.94 2.86
CA SER A 116 1.96 9.34 3.18
C SER A 116 2.37 10.22 2.00
N ARG A 117 1.56 11.23 1.72
CA ARG A 117 1.84 12.16 0.62
C ARG A 117 3.19 12.83 0.85
N SER A 118 3.47 13.14 2.10
CA SER A 118 4.73 13.78 2.48
C SER A 118 5.41 12.98 3.58
N PRO A 119 6.74 13.14 3.76
CA PRO A 119 7.50 12.43 4.78
C PRO A 119 6.75 12.30 6.11
N GLU A 120 6.07 13.39 6.48
CA GLU A 120 5.31 13.41 7.73
C GLU A 120 4.04 12.56 7.62
N VAL A 121 3.71 11.87 8.71
CA VAL A 121 2.52 11.04 8.75
C VAL A 121 1.71 11.35 10.00
N SER A 122 0.50 11.88 9.81
CA SER A 122 -0.37 12.23 10.92
C SER A 122 -0.84 10.99 11.69
N PRO A 123 -1.00 11.11 13.02
CA PRO A 123 -1.46 10.01 13.86
C PRO A 123 -2.75 9.40 13.33
N ALA A 124 -3.60 10.25 12.75
CA ALA A 124 -4.87 9.80 12.20
C ALA A 124 -4.67 8.81 11.07
N ALA A 125 -3.80 9.16 10.13
CA ALA A 125 -3.53 8.29 8.99
C ALA A 125 -3.18 6.89 9.45
N THR A 126 -2.23 6.79 10.38
CA THR A 126 -1.81 5.50 10.90
C THR A 126 -2.83 4.91 11.86
N ALA A 127 -3.33 5.73 12.79
CA ALA A 127 -4.31 5.27 13.77
C ALA A 127 -5.66 5.00 13.14
N ILE A 128 -6.21 5.98 12.44
CA ILE A 128 -7.51 5.81 11.80
C ILE A 128 -7.50 4.60 10.88
N PHE A 129 -6.41 4.39 10.15
CA PHE A 129 -6.31 3.24 9.26
C PHE A 129 -6.43 1.97 10.10
N ARG A 130 -5.69 1.94 11.21
CA ARG A 130 -5.73 0.82 12.13
C ARG A 130 -7.13 0.69 12.71
N LYS A 131 -7.69 1.83 13.10
CA LYS A 131 -9.03 1.88 13.67
C LYS A 131 -10.05 1.39 12.65
N LEU A 132 -9.92 1.89 11.43
CA LEU A 132 -10.80 1.50 10.34
C LEU A 132 -10.61 0.01 10.04
N ALA A 133 -9.37 -0.42 10.14
CA ALA A 133 -9.02 -1.82 9.91
C ALA A 133 -9.77 -2.73 10.89
N GLY A 134 -9.83 -2.29 12.14
CA GLY A 134 -10.52 -3.06 13.16
C GLY A 134 -12.00 -3.23 12.87
N GLU A 135 -12.62 -2.16 12.37
CA GLU A 135 -14.04 -2.17 12.05
C GLU A 135 -14.39 -3.37 11.16
N ARG A 136 -13.44 -3.77 10.32
CA ARG A 136 -13.64 -4.90 9.41
C ARG A 136 -13.72 -6.20 10.19
N ASN A 137 -12.71 -6.46 11.01
CA ASN A 137 -12.67 -7.67 11.84
C ASN A 137 -11.43 -7.67 12.71
N TYR A 138 -10.27 -7.53 12.06
CA TYR A 138 -8.98 -7.50 12.77
C TYR A 138 -7.83 -7.76 11.82
N THR A 139 -7.02 -6.75 11.57
CA THR A 139 -5.86 -6.91 10.69
C THR A 139 -4.73 -7.59 11.44
N ASP A 140 -4.71 -7.42 12.76
CA ASP A 140 -3.69 -8.06 13.58
C ASP A 140 -3.67 -9.56 13.27
N GLU A 141 -4.86 -10.11 13.00
CA GLU A 141 -5.01 -11.52 12.64
C GLU A 141 -3.92 -11.92 11.65
N MET A 142 -3.55 -10.97 10.81
CA MET A 142 -2.52 -11.16 9.80
C MET A 142 -2.06 -9.82 9.24
N VAL A 143 -1.35 -9.06 10.08
CA VAL A 143 -0.85 -7.72 9.74
C VAL A 143 0.51 -7.77 8.98
N ALA A 144 1.06 -6.59 8.69
CA ALA A 144 2.34 -6.43 8.00
C ALA A 144 2.92 -5.07 8.36
N MET A 145 4.11 -5.04 8.98
CA MET A 145 4.72 -3.77 9.38
C MET A 145 6.12 -3.58 8.77
N LEU A 146 6.48 -2.31 8.57
CA LEU A 146 7.78 -1.94 8.01
C LEU A 146 8.94 -2.60 8.77
N PRO A 147 9.88 -3.25 8.05
CA PRO A 147 11.03 -3.91 8.67
C PRO A 147 11.90 -2.92 9.45
N ARG A 148 12.63 -3.42 10.43
CA ARG A 148 13.49 -2.56 11.24
C ARG A 148 14.77 -3.24 11.69
N GLN A 149 15.00 -4.47 11.24
CA GLN A 149 16.21 -5.19 11.60
C GLN A 149 17.24 -5.10 10.50
N GLU A 150 18.51 -5.12 10.88
CA GLU A 150 19.61 -5.06 9.92
C GLU A 150 19.62 -6.30 9.03
N GLU A 151 18.50 -6.54 8.36
CA GLU A 151 18.34 -7.69 7.47
C GLU A 151 16.89 -7.77 6.99
N CYS A 152 16.70 -8.11 5.72
CA CYS A 152 15.37 -8.21 5.13
C CYS A 152 14.45 -9.09 6.00
N THR A 153 13.96 -8.52 7.11
CA THR A 153 13.08 -9.25 8.03
C THR A 153 12.21 -8.29 8.84
N VAL A 154 11.18 -8.83 9.48
CA VAL A 154 10.28 -8.02 10.30
C VAL A 154 9.70 -8.83 11.44
N ASP A 155 9.59 -8.21 12.61
CA ASP A 155 9.04 -8.89 13.79
C ASP A 155 7.68 -9.49 13.49
N GLU A 156 7.46 -10.71 13.99
CA GLU A 156 6.20 -11.41 13.77
C GLU A 156 6.19 -12.74 14.51
N VAL A 157 6.62 -12.72 15.77
CA VAL A 157 6.67 -13.91 16.60
C VAL A 157 6.65 -13.54 18.08
N MET A 1 -18.25 25.26 -8.45
CA MET A 1 -17.82 24.16 -7.55
C MET A 1 -16.34 23.84 -7.74
N THR A 2 -15.63 23.68 -6.62
CA THR A 2 -14.21 23.37 -6.66
C THR A 2 -13.94 22.05 -7.37
N VAL A 3 -12.99 22.07 -8.29
CA VAL A 3 -12.64 20.87 -9.04
C VAL A 3 -11.80 19.91 -8.19
N PRO A 4 -12.10 18.60 -8.25
CA PRO A 4 -11.36 17.59 -7.48
C PRO A 4 -9.86 17.68 -7.70
N ASP A 5 -9.46 18.23 -8.85
CA ASP A 5 -8.05 18.38 -9.20
C ASP A 5 -7.42 17.01 -9.47
N ARG A 6 -6.72 16.91 -10.60
CA ARG A 6 -6.05 15.68 -10.98
C ARG A 6 -4.93 15.35 -9.99
N SER A 7 -4.27 16.39 -9.48
CA SER A 7 -3.18 16.22 -8.52
C SER A 7 -3.58 15.33 -7.36
N GLU A 8 -4.86 15.39 -7.00
CA GLU A 8 -5.40 14.58 -5.90
C GLU A 8 -4.89 13.15 -5.99
N ILE A 9 -4.65 12.69 -7.21
CA ILE A 9 -4.16 11.34 -7.45
C ILE A 9 -3.10 11.35 -8.55
N ALA A 10 -2.03 12.12 -8.33
CA ALA A 10 -0.95 12.21 -9.30
C ALA A 10 0.31 12.76 -8.66
N GLY A 11 1.34 11.92 -8.57
CA GLY A 11 2.60 12.34 -7.98
C GLY A 11 3.38 11.20 -7.37
N LYS A 12 3.95 11.43 -6.20
CA LYS A 12 4.74 10.41 -5.52
C LYS A 12 4.11 10.01 -4.19
N TRP A 13 3.81 8.73 -4.07
CA TRP A 13 3.21 8.16 -2.87
C TRP A 13 4.24 7.33 -2.11
N TYR A 14 4.33 7.53 -0.80
CA TYR A 14 5.28 6.77 0.01
C TYR A 14 4.58 5.71 0.86
N VAL A 15 4.99 4.46 0.69
CA VAL A 15 4.41 3.37 1.46
C VAL A 15 5.24 3.09 2.72
N VAL A 16 4.59 3.16 3.88
CA VAL A 16 5.27 2.96 5.15
C VAL A 16 4.49 2.02 6.09
N ALA A 17 3.16 2.20 6.15
CA ALA A 17 2.31 1.39 7.01
C ALA A 17 1.80 0.13 6.30
N LEU A 18 1.67 -0.97 7.04
CA LEU A 18 1.18 -2.23 6.45
C LEU A 18 0.79 -3.27 7.51
N ALA A 19 0.42 -4.47 7.04
CA ALA A 19 0.00 -5.57 7.91
C ALA A 19 -0.22 -6.82 7.08
N SER A 20 0.52 -7.89 7.32
CA SER A 20 0.35 -9.09 6.48
C SER A 20 0.12 -10.39 7.23
N ASN A 21 -0.84 -11.18 6.74
CA ASN A 21 -1.16 -12.51 7.29
C ASN A 21 -0.85 -13.57 6.25
N THR A 22 -0.46 -14.77 6.71
CA THR A 22 -0.14 -15.89 5.82
C THR A 22 1.37 -16.06 5.69
N GLU A 23 1.90 -17.11 6.33
CA GLU A 23 3.32 -17.42 6.29
C GLU A 23 4.18 -16.22 6.66
N PHE A 24 4.83 -16.29 7.81
CA PHE A 24 5.69 -15.21 8.29
C PHE A 24 7.11 -15.34 7.74
N PHE A 25 7.54 -16.59 7.55
CA PHE A 25 8.89 -16.86 7.05
C PHE A 25 9.09 -16.33 5.63
N LEU A 26 8.12 -16.59 4.75
CA LEU A 26 8.22 -16.15 3.37
C LEU A 26 7.98 -14.66 3.22
N ARG A 27 6.98 -14.13 3.92
CA ARG A 27 6.65 -12.72 3.83
C ARG A 27 7.82 -11.84 4.28
N GLU A 28 8.55 -12.29 5.30
CA GLU A 28 9.69 -11.52 5.80
C GLU A 28 10.84 -11.52 4.80
N LYS A 29 11.16 -12.69 4.26
CA LYS A 29 12.25 -12.81 3.29
C LYS A 29 11.83 -12.28 1.92
N ASP A 30 10.59 -12.59 1.52
CA ASP A 30 10.07 -12.16 0.22
C ASP A 30 9.86 -10.64 0.20
N LYS A 31 9.08 -10.13 1.15
CA LYS A 31 8.81 -8.70 1.23
C LYS A 31 9.35 -8.13 2.55
N MET A 32 10.27 -7.17 2.43
CA MET A 32 10.87 -6.55 3.61
C MET A 32 11.82 -5.43 3.22
N LYS A 33 11.26 -4.31 2.78
CA LYS A 33 12.04 -3.16 2.37
C LYS A 33 11.22 -1.89 2.46
N MET A 34 11.87 -0.74 2.41
CA MET A 34 11.15 0.53 2.45
C MET A 34 10.24 0.59 1.23
N ALA A 35 9.07 1.22 1.35
CA ALA A 35 8.18 1.25 0.21
C ALA A 35 7.89 2.66 -0.29
N MET A 36 8.23 2.88 -1.55
CA MET A 36 8.01 4.16 -2.22
C MET A 36 7.20 3.88 -3.49
N ALA A 37 6.39 4.83 -3.93
CA ALA A 37 5.56 4.59 -5.11
C ALA A 37 5.16 5.88 -5.83
N ARG A 38 4.97 5.77 -7.14
CA ARG A 38 4.56 6.90 -7.96
C ARG A 38 3.29 6.54 -8.73
N ILE A 39 2.20 7.27 -8.47
CA ILE A 39 0.92 7.01 -9.11
C ILE A 39 0.69 7.87 -10.35
N SER A 40 0.04 7.27 -11.36
CA SER A 40 -0.27 7.94 -12.61
C SER A 40 -1.44 7.26 -13.30
N PHE A 41 -2.46 8.03 -13.67
CA PHE A 41 -3.65 7.47 -14.33
C PHE A 41 -3.46 7.38 -15.85
N LEU A 42 -3.89 6.25 -16.42
CA LEU A 42 -3.79 6.03 -17.87
C LEU A 42 -5.19 5.94 -18.49
N GLY A 43 -5.33 6.48 -19.69
CA GLY A 43 -6.62 6.47 -20.36
C GLY A 43 -7.22 5.07 -20.50
N GLU A 44 -8.21 4.95 -21.39
CA GLU A 44 -8.88 3.68 -21.63
C GLU A 44 -9.63 3.21 -20.38
N ASP A 45 -8.87 2.75 -19.38
CA ASP A 45 -9.45 2.28 -18.12
C ASP A 45 -8.35 1.65 -17.27
N GLU A 46 -7.23 2.35 -17.14
CA GLU A 46 -6.12 1.83 -16.35
C GLU A 46 -5.30 2.94 -15.71
N LEU A 47 -4.85 2.68 -14.49
CA LEU A 47 -4.01 3.61 -13.74
C LEU A 47 -2.94 2.81 -13.02
N LYS A 48 -1.76 3.39 -12.81
CA LYS A 48 -0.68 2.63 -12.18
C LYS A 48 0.06 3.39 -11.08
N VAL A 49 0.69 2.61 -10.21
CA VAL A 49 1.49 3.14 -9.13
C VAL A 49 2.80 2.35 -9.08
N SER A 50 3.89 2.98 -9.51
CA SER A 50 5.19 2.33 -9.55
C SER A 50 5.90 2.48 -8.21
N TYR A 51 5.94 1.40 -7.44
CA TYR A 51 6.59 1.43 -6.14
C TYR A 51 7.96 0.79 -6.20
N ALA A 52 8.93 1.47 -5.59
CA ALA A 52 10.30 0.98 -5.56
C ALA A 52 10.71 0.60 -4.15
N VAL A 53 11.10 -0.65 -3.96
CA VAL A 53 11.52 -1.13 -2.66
C VAL A 53 13.04 -1.13 -2.56
N PRO A 54 13.62 -0.24 -1.73
CA PRO A 54 15.04 -0.10 -1.54
C PRO A 54 15.55 -0.76 -0.24
N LYS A 55 16.72 -1.39 -0.33
CA LYS A 55 17.38 -2.05 0.79
C LYS A 55 18.75 -2.59 0.35
N PRO A 56 19.66 -1.70 -0.11
CA PRO A 56 20.99 -2.08 -0.58
C PRO A 56 22.00 -2.30 0.54
N ASN A 57 21.55 -2.86 1.66
CA ASN A 57 22.43 -3.13 2.80
C ASN A 57 22.13 -4.50 3.37
N GLY A 58 21.79 -5.43 2.49
CA GLY A 58 21.47 -6.78 2.90
C GLY A 58 20.61 -7.48 1.87
N CYS A 59 19.55 -6.79 1.45
CA CYS A 59 18.63 -7.32 0.45
C CYS A 59 18.97 -6.76 -0.94
N ARG A 60 18.28 -5.71 -1.37
CA ARG A 60 18.54 -5.11 -2.68
C ARG A 60 17.57 -3.95 -2.95
N LYS A 61 16.97 -3.91 -4.14
CA LYS A 61 16.03 -2.86 -4.49
C LYS A 61 15.17 -3.34 -5.66
N TRP A 62 13.87 -3.03 -5.63
CA TRP A 62 13.00 -3.48 -6.72
C TRP A 62 11.86 -2.53 -7.00
N GLU A 63 11.49 -2.43 -8.27
CA GLU A 63 10.40 -1.56 -8.69
C GLU A 63 9.39 -2.35 -9.53
N THR A 64 8.11 -2.10 -9.33
CA THR A 64 7.07 -2.80 -10.06
C THR A 64 5.87 -1.90 -10.31
N THR A 65 5.32 -1.98 -11.51
CA THR A 65 4.18 -1.16 -11.90
C THR A 65 2.86 -1.91 -11.74
N PHE A 66 2.05 -1.51 -10.77
CA PHE A 66 0.75 -2.14 -10.58
C PHE A 66 -0.32 -1.30 -11.28
N LYS A 67 -1.00 -1.90 -12.26
CA LYS A 67 -1.99 -1.16 -13.05
C LYS A 67 -3.22 -2.00 -13.38
N LYS A 68 -4.39 -1.36 -13.29
CA LYS A 68 -5.66 -2.00 -13.63
C LYS A 68 -6.84 -1.02 -13.45
N THR A 69 -7.91 -1.42 -12.74
CA THR A 69 -9.06 -0.54 -12.56
C THR A 69 -9.14 0.06 -11.15
N SER A 70 -9.78 1.22 -11.06
CA SER A 70 -9.97 1.92 -9.78
C SER A 70 -11.32 2.63 -9.77
N ASP A 71 -12.10 2.45 -8.70
CA ASP A 71 -13.43 3.07 -8.62
C ASP A 71 -13.39 4.54 -8.19
N ASP A 72 -14.44 5.28 -8.55
CA ASP A 72 -14.55 6.71 -8.21
C ASP A 72 -15.02 6.88 -6.76
N GLY A 73 -15.40 8.11 -6.40
CA GLY A 73 -15.85 8.39 -5.05
C GLY A 73 -14.73 8.16 -4.05
N GLU A 74 -14.36 6.89 -3.91
CA GLU A 74 -13.25 6.48 -3.05
C GLU A 74 -12.23 5.80 -3.94
N VAL A 75 -11.56 4.74 -3.49
CA VAL A 75 -10.61 4.07 -4.36
C VAL A 75 -10.40 2.61 -3.99
N TYR A 76 -10.64 1.74 -4.96
CA TYR A 76 -10.44 0.33 -4.79
C TYR A 76 -9.65 -0.16 -6.00
N TYR A 77 -8.59 -0.91 -5.73
CA TYR A 77 -7.72 -1.40 -6.78
C TYR A 77 -7.95 -2.88 -7.05
N SER A 78 -8.29 -3.20 -8.29
CA SER A 78 -8.50 -4.56 -8.71
C SER A 78 -7.60 -4.86 -9.89
N GLU A 79 -6.60 -5.72 -9.66
CA GLU A 79 -5.64 -6.05 -10.71
C GLU A 79 -5.71 -7.51 -11.13
N GLU A 80 -6.18 -7.74 -12.36
CA GLU A 80 -6.29 -9.08 -12.93
C GLU A 80 -7.10 -10.00 -12.02
N ALA A 81 -6.50 -10.34 -10.89
CA ALA A 81 -7.11 -11.19 -9.89
C ALA A 81 -6.15 -11.29 -8.71
N LYS A 82 -5.14 -12.13 -8.85
CA LYS A 82 -4.11 -12.31 -7.83
C LYS A 82 -3.82 -11.01 -7.08
N LYS A 83 -3.91 -9.87 -7.76
CA LYS A 83 -3.69 -8.58 -7.09
C LYS A 83 -5.01 -7.89 -6.79
N LYS A 84 -5.33 -7.80 -5.50
CA LYS A 84 -6.54 -7.13 -5.04
C LYS A 84 -6.16 -6.09 -4.01
N VAL A 85 -6.80 -4.93 -4.05
CA VAL A 85 -6.47 -3.86 -3.12
C VAL A 85 -7.64 -2.89 -2.93
N GLU A 86 -7.82 -2.42 -1.70
CA GLU A 86 -8.90 -1.48 -1.39
C GLU A 86 -8.33 -0.22 -0.75
N VAL A 87 -8.46 0.91 -1.45
CA VAL A 87 -7.94 2.19 -0.96
C VAL A 87 -9.01 2.97 -0.22
N LEU A 88 -8.76 3.22 1.07
CA LEU A 88 -9.69 3.96 1.91
C LEU A 88 -8.93 5.07 2.67
N ASP A 89 -9.38 5.40 3.89
CA ASP A 89 -8.74 6.44 4.67
C ASP A 89 -8.97 7.81 4.02
N THR A 90 -7.93 8.40 3.43
CA THR A 90 -8.08 9.69 2.78
C THR A 90 -7.19 9.78 1.55
N ASP A 91 -7.55 9.03 0.50
CA ASP A 91 -6.78 9.01 -0.74
C ASP A 91 -7.08 10.24 -1.61
N TYR A 92 -7.47 11.33 -0.98
CA TYR A 92 -7.78 12.58 -1.69
C TYR A 92 -7.31 13.80 -0.90
N LYS A 93 -6.40 13.59 0.05
CA LYS A 93 -5.89 14.68 0.88
C LYS A 93 -4.36 14.64 0.99
N SER A 94 -3.84 13.95 2.00
CA SER A 94 -2.39 13.85 2.20
C SER A 94 -1.98 12.47 2.68
N TYR A 95 -2.93 11.69 3.20
CA TYR A 95 -2.65 10.35 3.69
C TYR A 95 -3.76 9.37 3.32
N ALA A 96 -3.36 8.22 2.79
CA ALA A 96 -4.31 7.20 2.38
C ALA A 96 -3.81 5.81 2.74
N VAL A 97 -4.74 4.90 2.99
CA VAL A 97 -4.38 3.53 3.34
C VAL A 97 -4.94 2.57 2.29
N ILE A 98 -4.12 1.61 1.90
CA ILE A 98 -4.51 0.65 0.89
C ILE A 98 -4.00 -0.75 1.25
N TYR A 99 -4.93 -1.68 1.49
CA TYR A 99 -4.54 -3.04 1.83
C TYR A 99 -4.66 -3.97 0.63
N ALA A 100 -3.63 -4.78 0.40
CA ALA A 100 -3.61 -5.70 -0.72
C ALA A 100 -3.95 -7.13 -0.30
N THR A 101 -4.71 -7.81 -1.14
CA THR A 101 -5.10 -9.19 -0.90
C THR A 101 -4.90 -10.00 -2.17
N ARG A 102 -4.27 -11.16 -2.07
CA ARG A 102 -4.00 -11.97 -3.25
C ARG A 102 -5.09 -13.01 -3.51
N VAL A 103 -5.40 -13.20 -4.79
CA VAL A 103 -6.40 -14.18 -5.22
C VAL A 103 -5.98 -14.80 -6.56
N LYS A 104 -5.54 -16.06 -6.49
CA LYS A 104 -5.09 -16.80 -7.66
C LYS A 104 -5.20 -18.31 -7.42
N ASP A 105 -5.92 -18.99 -8.30
CA ASP A 105 -6.11 -20.43 -8.17
C ASP A 105 -6.70 -20.77 -6.80
N GLY A 106 -7.63 -19.93 -6.35
CA GLY A 106 -8.26 -20.15 -5.06
C GLY A 106 -7.30 -20.00 -3.89
N ARG A 107 -6.37 -19.05 -3.99
CA ARG A 107 -5.40 -18.81 -2.93
C ARG A 107 -5.54 -17.38 -2.41
N THR A 108 -5.62 -17.24 -1.09
CA THR A 108 -5.79 -15.93 -0.47
C THR A 108 -4.55 -15.50 0.32
N LEU A 109 -4.29 -14.20 0.28
CA LEU A 109 -3.17 -13.60 0.99
C LEU A 109 -3.61 -12.29 1.63
N HIS A 110 -3.19 -12.05 2.86
CA HIS A 110 -3.58 -10.82 3.54
C HIS A 110 -2.36 -9.91 3.76
N MET A 111 -2.50 -8.66 3.36
CA MET A 111 -1.43 -7.70 3.51
C MET A 111 -1.94 -6.27 3.31
N MET A 112 -1.63 -5.42 4.27
CA MET A 112 -2.04 -4.02 4.24
C MET A 112 -0.90 -3.14 3.74
N ARG A 113 -1.25 -2.00 3.16
CA ARG A 113 -0.26 -1.06 2.67
C ARG A 113 -0.79 0.36 2.83
N LEU A 114 0.09 1.31 3.16
CA LEU A 114 -0.35 2.68 3.38
C LEU A 114 0.54 3.67 2.62
N TYR A 115 -0.06 4.43 1.71
CA TYR A 115 0.67 5.42 0.93
C TYR A 115 0.46 6.83 1.47
N SER A 116 1.54 7.47 1.91
CA SER A 116 1.47 8.83 2.42
C SER A 116 1.88 9.81 1.33
N ARG A 117 1.02 10.78 1.06
CA ARG A 117 1.30 11.78 0.03
C ARG A 117 2.45 12.69 0.46
N SER A 118 2.52 12.94 1.76
CA SER A 118 3.57 13.79 2.30
C SER A 118 4.31 13.07 3.43
N PRO A 119 5.62 13.32 3.60
CA PRO A 119 6.41 12.68 4.66
C PRO A 119 5.65 12.64 5.98
N GLU A 120 4.85 13.67 6.21
CA GLU A 120 4.03 13.77 7.41
C GLU A 120 2.80 12.88 7.31
N VAL A 121 2.40 12.30 8.43
CA VAL A 121 1.22 11.44 8.46
C VAL A 121 0.39 11.71 9.71
N SER A 122 -0.81 12.23 9.51
CA SER A 122 -1.70 12.56 10.60
C SER A 122 -2.03 11.32 11.44
N PRO A 123 -2.21 11.49 12.75
CA PRO A 123 -2.54 10.39 13.66
C PRO A 123 -3.74 9.60 13.16
N ALA A 124 -4.66 10.29 12.49
CA ALA A 124 -5.86 9.66 11.95
C ALA A 124 -5.51 8.65 10.88
N ALA A 125 -4.71 9.08 9.91
CA ALA A 125 -4.31 8.21 8.82
C ALA A 125 -3.76 6.88 9.34
N THR A 126 -2.82 6.97 10.27
CA THR A 126 -2.22 5.77 10.85
C THR A 126 -3.16 5.09 11.83
N ALA A 127 -3.72 5.86 12.77
CA ALA A 127 -4.62 5.31 13.76
C ALA A 127 -5.92 4.81 13.14
N ILE A 128 -6.60 5.68 12.40
CA ILE A 128 -7.85 5.30 11.75
C ILE A 128 -7.64 4.06 10.90
N PHE A 129 -6.49 3.97 10.22
CA PHE A 129 -6.22 2.79 9.40
C PHE A 129 -6.27 1.55 10.29
N ARG A 130 -5.71 1.69 11.48
CA ARG A 130 -5.71 0.62 12.46
C ARG A 130 -7.12 0.42 12.99
N LYS A 131 -7.82 1.55 13.18
CA LYS A 131 -9.20 1.52 13.68
C LYS A 131 -10.11 0.84 12.67
N LEU A 132 -10.05 1.28 11.42
CA LEU A 132 -10.86 0.69 10.36
C LEU A 132 -10.47 -0.76 10.17
N ALA A 133 -9.19 -1.05 10.37
CA ALA A 133 -8.68 -2.41 10.25
C ALA A 133 -9.42 -3.33 11.21
N GLY A 134 -9.59 -2.89 12.45
CA GLY A 134 -10.28 -3.69 13.43
C GLY A 134 -11.71 -4.01 13.01
N GLU A 135 -12.45 -2.99 12.62
CA GLU A 135 -13.84 -3.17 12.19
C GLU A 135 -13.88 -4.09 10.98
N ARG A 136 -12.99 -3.83 10.02
CA ARG A 136 -12.90 -4.64 8.80
C ARG A 136 -12.06 -5.89 9.07
N ASN A 137 -12.49 -6.69 10.05
CA ASN A 137 -11.77 -7.90 10.42
C ASN A 137 -10.41 -7.54 11.01
N TYR A 138 -10.10 -8.14 12.16
CA TYR A 138 -8.84 -7.87 12.86
C TYR A 138 -7.62 -7.92 11.94
N THR A 139 -7.01 -6.76 11.73
CA THR A 139 -5.79 -6.65 10.94
C THR A 139 -4.59 -6.95 11.83
N ASP A 140 -4.71 -6.54 13.09
CA ASP A 140 -3.64 -6.76 14.07
C ASP A 140 -3.25 -8.23 14.09
N GLU A 141 -4.21 -9.10 13.75
CA GLU A 141 -3.96 -10.54 13.69
C GLU A 141 -2.56 -10.79 13.13
N MET A 142 -2.19 -9.96 12.17
CA MET A 142 -0.87 -10.00 11.56
C MET A 142 -0.55 -8.60 11.05
N VAL A 143 0.50 -8.01 11.58
CA VAL A 143 0.87 -6.66 11.22
C VAL A 143 2.13 -6.61 10.33
N ALA A 144 2.48 -5.40 9.93
CA ALA A 144 3.66 -5.12 9.11
C ALA A 144 3.94 -3.62 9.18
N MET A 145 5.10 -3.24 9.71
CA MET A 145 5.42 -1.82 9.85
C MET A 145 6.75 -1.45 9.23
N LEU A 146 6.84 -0.19 8.79
CA LEU A 146 8.05 0.35 8.17
C LEU A 146 9.33 -0.20 8.80
N PRO A 147 10.25 -0.73 7.98
CA PRO A 147 11.52 -1.29 8.45
C PRO A 147 12.32 -0.26 9.25
N ARG A 148 13.34 -0.74 9.95
CA ARG A 148 14.19 0.13 10.76
C ARG A 148 15.13 0.95 9.87
N GLN A 149 16.44 0.82 10.09
CA GLN A 149 17.42 1.57 9.31
C GLN A 149 17.56 1.00 7.90
N GLU A 150 18.32 1.70 7.06
CA GLU A 150 18.53 1.27 5.67
C GLU A 150 19.11 -0.14 5.63
N GLU A 151 18.27 -1.10 6.00
CA GLU A 151 18.68 -2.51 6.03
C GLU A 151 17.51 -3.39 6.48
N CYS A 152 17.30 -4.50 5.77
CA CYS A 152 16.22 -5.42 6.11
C CYS A 152 16.28 -5.83 7.59
N THR A 153 15.54 -5.10 8.43
CA THR A 153 15.49 -5.39 9.87
C THR A 153 14.36 -4.60 10.55
N VAL A 154 13.12 -4.90 10.19
CA VAL A 154 11.97 -4.22 10.75
C VAL A 154 11.71 -4.66 12.19
N ASP A 155 11.24 -3.73 13.02
CA ASP A 155 10.96 -4.03 14.43
C ASP A 155 9.97 -5.18 14.55
N GLU A 156 9.46 -5.38 15.77
CA GLU A 156 8.49 -6.45 16.06
C GLU A 156 8.95 -7.81 15.52
N VAL A 157 8.87 -8.82 16.36
CA VAL A 157 9.27 -10.19 15.99
C VAL A 157 10.59 -10.20 15.22
N MET A 1 -11.99 30.11 -6.78
CA MET A 1 -11.95 28.70 -7.23
C MET A 1 -11.31 27.80 -6.18
N THR A 2 -11.93 26.65 -5.93
CA THR A 2 -11.42 25.71 -4.94
C THR A 2 -11.98 24.30 -5.18
N VAL A 3 -12.06 23.92 -6.45
CA VAL A 3 -12.59 22.61 -6.82
C VAL A 3 -11.56 21.50 -6.52
N PRO A 4 -12.01 20.37 -5.96
CA PRO A 4 -11.12 19.24 -5.64
C PRO A 4 -10.33 18.77 -6.85
N ASP A 5 -9.18 19.39 -7.07
CA ASP A 5 -8.33 19.04 -8.21
C ASP A 5 -7.88 17.58 -8.12
N ARG A 6 -8.12 16.82 -9.18
CA ARG A 6 -7.74 15.42 -9.22
C ARG A 6 -6.23 15.28 -9.25
N SER A 7 -5.56 16.25 -9.89
CA SER A 7 -4.11 16.24 -9.99
C SER A 7 -3.46 16.09 -8.61
N GLU A 8 -4.12 16.58 -7.58
CA GLU A 8 -3.60 16.50 -6.22
C GLU A 8 -3.12 15.08 -5.91
N ILE A 9 -3.91 14.09 -6.34
CA ILE A 9 -3.56 12.70 -6.12
C ILE A 9 -2.18 12.40 -6.70
N ALA A 10 -1.90 12.97 -7.87
CA ALA A 10 -0.62 12.78 -8.53
C ALA A 10 0.50 13.36 -7.67
N GLY A 11 1.54 12.55 -7.42
CA GLY A 11 2.65 13.02 -6.61
C GLY A 11 3.51 11.88 -6.10
N LYS A 12 4.07 12.07 -4.90
CA LYS A 12 4.93 11.06 -4.29
C LYS A 12 4.25 10.39 -3.09
N TRP A 13 4.29 9.06 -3.06
CA TRP A 13 3.69 8.28 -1.98
C TRP A 13 4.76 7.53 -1.18
N TYR A 14 4.77 7.70 0.14
CA TYR A 14 5.75 7.00 0.97
C TYR A 14 5.12 5.78 1.65
N VAL A 15 5.45 4.58 1.17
CA VAL A 15 4.88 3.36 1.74
C VAL A 15 5.81 2.69 2.76
N VAL A 16 5.23 2.42 3.93
CA VAL A 16 5.95 1.78 5.02
C VAL A 16 4.99 1.04 5.97
N ALA A 17 3.81 1.62 6.21
CA ALA A 17 2.81 1.00 7.08
C ALA A 17 2.04 -0.09 6.34
N LEU A 18 1.81 -1.24 6.98
CA LEU A 18 1.09 -2.36 6.35
C LEU A 18 0.46 -3.31 7.37
N ALA A 19 -0.19 -4.34 6.84
CA ALA A 19 -0.84 -5.39 7.64
C ALA A 19 -1.07 -6.60 6.74
N SER A 20 -0.34 -7.70 6.99
CA SER A 20 -0.46 -8.87 6.11
C SER A 20 -0.71 -10.19 6.83
N ASN A 21 -1.38 -11.09 6.13
CA ASN A 21 -1.68 -12.43 6.64
C ASN A 21 -1.85 -13.39 5.48
N THR A 22 -1.03 -14.45 5.48
CA THR A 22 -1.06 -15.44 4.42
C THR A 22 0.04 -16.49 4.63
N GLU A 23 -0.31 -17.75 4.45
CA GLU A 23 0.65 -18.85 4.61
C GLU A 23 1.80 -18.68 3.63
N PHE A 24 1.54 -18.08 2.47
CA PHE A 24 2.56 -17.85 1.46
C PHE A 24 3.41 -16.63 1.78
N PHE A 25 3.40 -16.19 3.04
CA PHE A 25 4.18 -15.03 3.44
C PHE A 25 5.67 -15.25 3.16
N LEU A 26 6.07 -16.51 3.15
CA LEU A 26 7.46 -16.86 2.89
C LEU A 26 7.97 -16.19 1.61
N ARG A 27 7.22 -16.34 0.53
CA ARG A 27 7.59 -15.75 -0.76
C ARG A 27 7.54 -14.22 -0.68
N GLU A 28 6.54 -13.72 0.03
CA GLU A 28 6.36 -12.28 0.19
C GLU A 28 7.58 -11.63 0.81
N LYS A 29 8.30 -12.39 1.63
CA LYS A 29 9.51 -11.88 2.31
C LYS A 29 10.60 -11.49 1.31
N ASP A 30 10.82 -12.33 0.31
CA ASP A 30 11.86 -12.09 -0.68
C ASP A 30 11.60 -10.83 -1.52
N LYS A 31 10.41 -10.25 -1.40
CA LYS A 31 10.07 -9.05 -2.17
C LYS A 31 9.96 -7.81 -1.30
N MET A 32 9.50 -7.98 -0.07
CA MET A 32 9.30 -6.86 0.86
C MET A 32 10.62 -6.20 1.29
N LYS A 33 10.58 -4.87 1.39
CA LYS A 33 11.71 -4.04 1.83
C LYS A 33 11.16 -2.65 2.16
N MET A 34 12.03 -1.65 2.37
CA MET A 34 11.52 -0.30 2.63
C MET A 34 10.77 0.12 1.37
N ALA A 35 9.68 0.89 1.47
CA ALA A 35 8.95 1.20 0.25
C ALA A 35 8.70 2.69 0.01
N MET A 36 8.95 3.09 -1.23
CA MET A 36 8.71 4.44 -1.71
C MET A 36 7.75 4.34 -2.88
N ALA A 37 7.01 5.40 -3.18
CA ALA A 37 6.04 5.32 -4.28
C ALA A 37 5.84 6.65 -5.00
N ARG A 38 5.42 6.54 -6.26
CA ARG A 38 5.16 7.70 -7.12
C ARG A 38 3.93 7.42 -7.99
N ILE A 39 2.83 8.11 -7.72
CA ILE A 39 1.58 7.91 -8.47
C ILE A 39 1.47 8.84 -9.67
N SER A 40 0.96 8.29 -10.78
CA SER A 40 0.77 9.04 -12.01
C SER A 40 -0.26 8.35 -12.92
N PHE A 41 -1.20 9.14 -13.43
CA PHE A 41 -2.25 8.60 -14.30
C PHE A 41 -1.81 8.58 -15.77
N LEU A 42 -2.07 7.48 -16.47
CA LEU A 42 -1.68 7.36 -17.87
C LEU A 42 -2.86 6.85 -18.72
N GLY A 43 -2.69 6.97 -20.05
CA GLY A 43 -3.75 6.54 -20.96
C GLY A 43 -4.18 5.10 -20.78
N GLU A 44 -4.70 4.52 -21.85
CA GLU A 44 -5.17 3.13 -21.82
C GLU A 44 -6.12 2.92 -20.65
N ASP A 45 -6.82 3.99 -20.25
CA ASP A 45 -7.75 3.92 -19.14
C ASP A 45 -7.08 3.26 -17.93
N GLU A 46 -5.90 3.76 -17.56
CA GLU A 46 -5.17 3.19 -16.44
C GLU A 46 -4.23 4.19 -15.79
N LEU A 47 -4.25 4.22 -14.46
CA LEU A 47 -3.37 5.09 -13.69
C LEU A 47 -2.37 4.22 -12.95
N LYS A 48 -1.09 4.60 -12.97
CA LYS A 48 -0.07 3.78 -12.34
C LYS A 48 0.71 4.50 -11.24
N VAL A 49 1.20 3.71 -10.29
CA VAL A 49 2.01 4.21 -9.20
C VAL A 49 3.22 3.30 -9.01
N SER A 50 4.41 3.85 -9.25
CA SER A 50 5.66 3.09 -9.14
C SER A 50 6.17 3.12 -7.71
N TYR A 51 6.66 2.00 -7.22
CA TYR A 51 7.19 1.95 -5.86
C TYR A 51 8.62 1.43 -5.86
N ALA A 52 9.53 2.24 -5.35
CA ALA A 52 10.94 1.84 -5.28
C ALA A 52 11.29 1.44 -3.86
N VAL A 53 11.44 0.14 -3.63
CA VAL A 53 11.77 -0.35 -2.30
C VAL A 53 13.29 -0.40 -2.09
N PRO A 54 13.82 0.46 -1.19
CA PRO A 54 15.26 0.54 -0.89
C PRO A 54 15.76 -0.56 0.03
N LYS A 55 17.00 -1.00 -0.25
CA LYS A 55 17.68 -2.05 0.49
C LYS A 55 17.83 -1.79 1.98
N PRO A 56 18.09 -0.54 2.43
CA PRO A 56 18.27 -0.20 3.84
C PRO A 56 17.67 -1.22 4.79
N ASN A 57 18.46 -1.56 5.81
CA ASN A 57 18.08 -2.55 6.82
C ASN A 57 18.46 -3.95 6.35
N GLY A 58 19.58 -4.02 5.61
CA GLY A 58 20.06 -5.30 5.11
C GLY A 58 19.02 -6.08 4.34
N CYS A 59 18.50 -5.50 3.26
CA CYS A 59 17.48 -6.16 2.45
C CYS A 59 17.80 -6.08 0.96
N ARG A 60 17.39 -5.00 0.30
CA ARG A 60 17.64 -4.83 -1.15
C ARG A 60 16.83 -3.68 -1.78
N LYS A 61 17.07 -3.44 -3.06
CA LYS A 61 16.36 -2.37 -3.77
C LYS A 61 15.55 -2.92 -4.93
N TRP A 62 14.29 -2.48 -5.04
CA TRP A 62 13.43 -2.94 -6.14
C TRP A 62 12.40 -1.89 -6.54
N GLU A 63 11.92 -2.00 -7.77
CA GLU A 63 10.93 -1.07 -8.31
C GLU A 63 9.91 -1.82 -9.15
N THR A 64 8.66 -1.41 -9.07
CA THR A 64 7.59 -2.06 -9.84
C THR A 64 6.50 -1.07 -10.22
N THR A 65 5.98 -1.21 -11.43
CA THR A 65 4.93 -0.33 -11.92
C THR A 65 3.55 -0.98 -11.84
N PHE A 66 2.70 -0.45 -10.96
CA PHE A 66 1.34 -0.95 -10.83
C PHE A 66 0.37 0.01 -11.53
N LYS A 67 -0.59 -0.53 -12.28
CA LYS A 67 -1.52 0.31 -13.01
C LYS A 67 -2.80 -0.44 -13.40
N LYS A 68 -3.93 0.26 -13.36
CA LYS A 68 -5.22 -0.33 -13.74
C LYS A 68 -6.36 0.70 -13.62
N THR A 69 -7.38 0.43 -12.79
CA THR A 69 -8.50 1.37 -12.65
C THR A 69 -8.74 1.79 -11.20
N SER A 70 -9.56 2.84 -11.03
CA SER A 70 -9.89 3.37 -9.71
C SER A 70 -11.36 3.79 -9.62
N ASP A 71 -11.97 3.50 -8.47
CA ASP A 71 -13.38 3.83 -8.23
C ASP A 71 -13.56 5.31 -7.85
N ASP A 72 -14.76 5.84 -8.11
CA ASP A 72 -15.05 7.25 -7.80
C ASP A 72 -15.25 7.45 -6.29
N GLY A 73 -15.89 8.57 -5.92
CA GLY A 73 -16.12 8.88 -4.52
C GLY A 73 -14.81 9.04 -3.77
N GLU A 74 -14.13 7.93 -3.55
CA GLU A 74 -12.83 7.92 -2.90
C GLU A 74 -11.82 7.40 -3.91
N VAL A 75 -10.92 6.50 -3.51
CA VAL A 75 -9.98 5.96 -4.48
C VAL A 75 -9.76 4.48 -4.24
N TYR A 76 -10.26 3.66 -5.15
CA TYR A 76 -10.13 2.21 -5.06
C TYR A 76 -9.17 1.72 -6.12
N TYR A 77 -8.26 0.84 -5.75
CA TYR A 77 -7.28 0.34 -6.70
C TYR A 77 -7.48 -1.15 -6.96
N SER A 78 -7.62 -1.49 -8.24
CA SER A 78 -7.81 -2.88 -8.64
C SER A 78 -6.98 -3.17 -9.89
N GLU A 79 -6.25 -4.30 -9.89
CA GLU A 79 -5.41 -4.64 -11.04
C GLU A 79 -5.07 -6.13 -11.12
N GLU A 80 -4.26 -6.46 -12.13
CA GLU A 80 -3.82 -7.83 -12.38
C GLU A 80 -5.01 -8.80 -12.44
N ALA A 81 -4.75 -10.08 -12.23
CA ALA A 81 -5.80 -11.08 -12.27
C ALA A 81 -6.95 -10.70 -11.35
N LYS A 82 -6.96 -11.23 -10.13
CA LYS A 82 -8.01 -10.94 -9.18
C LYS A 82 -7.46 -10.20 -7.97
N LYS A 83 -6.72 -9.12 -8.20
CA LYS A 83 -6.16 -8.34 -7.10
C LYS A 83 -7.01 -7.11 -6.81
N LYS A 84 -7.62 -7.10 -5.62
CA LYS A 84 -8.45 -5.99 -5.21
C LYS A 84 -7.73 -5.14 -4.15
N VAL A 85 -7.79 -3.83 -4.31
CA VAL A 85 -7.14 -2.92 -3.37
C VAL A 85 -7.98 -1.66 -3.18
N GLU A 86 -8.07 -1.18 -1.93
CA GLU A 86 -8.86 0.00 -1.64
C GLU A 86 -8.00 1.14 -1.10
N VAL A 87 -8.03 2.28 -1.79
CA VAL A 87 -7.27 3.45 -1.36
C VAL A 87 -8.17 4.32 -0.48
N LEU A 88 -7.88 4.31 0.83
CA LEU A 88 -8.67 5.04 1.82
C LEU A 88 -7.88 6.21 2.44
N ASP A 89 -8.21 6.54 3.70
CA ASP A 89 -7.57 7.63 4.43
C ASP A 89 -7.61 8.95 3.64
N THR A 90 -6.47 9.65 3.54
CA THR A 90 -6.43 10.92 2.81
C THR A 90 -5.34 10.94 1.76
N ASP A 91 -5.69 10.58 0.54
CA ASP A 91 -4.75 10.57 -0.57
C ASP A 91 -4.79 11.91 -1.31
N TYR A 92 -5.11 12.98 -0.60
CA TYR A 92 -5.19 14.30 -1.21
C TYR A 92 -4.02 15.20 -0.83
N LYS A 93 -3.65 15.23 0.44
CA LYS A 93 -2.55 16.09 0.87
C LYS A 93 -1.81 15.53 2.10
N SER A 94 -2.56 15.08 3.10
CA SER A 94 -1.93 14.55 4.31
C SER A 94 -1.34 13.16 4.08
N TYR A 95 -2.09 12.12 4.43
CA TYR A 95 -1.63 10.75 4.27
C TYR A 95 -2.77 9.84 3.84
N ALA A 96 -2.46 8.86 2.99
CA ALA A 96 -3.45 7.93 2.50
C ALA A 96 -3.11 6.49 2.88
N VAL A 97 -4.14 5.68 3.07
CA VAL A 97 -3.95 4.28 3.43
C VAL A 97 -4.65 3.39 2.41
N ILE A 98 -3.93 2.39 1.92
CA ILE A 98 -4.50 1.50 0.93
C ILE A 98 -4.09 0.06 1.19
N TYR A 99 -5.08 -0.82 1.35
CA TYR A 99 -4.80 -2.23 1.59
C TYR A 99 -5.01 -3.02 0.31
N ALA A 100 -4.05 -3.88 -0.01
CA ALA A 100 -4.12 -4.68 -1.22
C ALA A 100 -4.45 -6.15 -0.91
N THR A 101 -5.40 -6.69 -1.66
CA THR A 101 -5.80 -8.08 -1.53
C THR A 101 -5.67 -8.77 -2.87
N ARG A 102 -4.71 -9.69 -2.98
CA ARG A 102 -4.47 -10.40 -4.22
C ARG A 102 -5.14 -11.76 -4.25
N VAL A 103 -5.63 -12.14 -5.42
CA VAL A 103 -6.27 -13.42 -5.61
C VAL A 103 -5.83 -14.06 -6.93
N LYS A 104 -5.44 -15.32 -6.87
CA LYS A 104 -4.98 -16.05 -8.04
C LYS A 104 -5.03 -17.56 -7.79
N ASP A 105 -5.55 -18.31 -8.76
CA ASP A 105 -5.66 -19.76 -8.64
C ASP A 105 -6.50 -20.10 -7.40
N GLY A 106 -7.57 -19.34 -7.18
CA GLY A 106 -8.42 -19.57 -6.02
C GLY A 106 -7.65 -19.41 -4.72
N ARG A 107 -6.71 -18.47 -4.71
CA ARG A 107 -5.91 -18.19 -3.52
C ARG A 107 -6.23 -16.79 -3.01
N THR A 108 -6.27 -16.64 -1.70
CA THR A 108 -6.56 -15.35 -1.09
C THR A 108 -5.41 -14.88 -0.21
N LEU A 109 -5.05 -13.61 -0.35
CA LEU A 109 -3.97 -13.04 0.43
C LEU A 109 -4.32 -11.61 0.83
N HIS A 110 -4.19 -11.31 2.12
CA HIS A 110 -4.50 -9.99 2.62
C HIS A 110 -3.25 -9.23 3.02
N MET A 111 -3.21 -7.94 2.68
CA MET A 111 -2.07 -7.10 3.01
C MET A 111 -2.44 -5.63 2.91
N MET A 112 -2.17 -4.89 3.99
CA MET A 112 -2.45 -3.47 4.05
C MET A 112 -1.24 -2.64 3.62
N ARG A 113 -1.50 -1.48 3.05
CA ARG A 113 -0.45 -0.58 2.60
C ARG A 113 -0.83 0.85 2.94
N LEU A 114 0.15 1.68 3.27
CA LEU A 114 -0.12 3.07 3.64
C LEU A 114 0.96 3.98 3.10
N TYR A 115 0.56 5.13 2.57
CA TYR A 115 1.52 6.08 2.02
C TYR A 115 1.18 7.50 2.42
N SER A 116 2.18 8.21 2.96
CA SER A 116 2.00 9.60 3.38
C SER A 116 2.67 10.54 2.39
N ARG A 117 1.97 11.62 2.05
CA ARG A 117 2.50 12.62 1.14
C ARG A 117 3.76 13.26 1.70
N SER A 118 3.76 13.49 3.01
CA SER A 118 4.90 14.09 3.69
C SER A 118 5.36 13.22 4.85
N PRO A 119 6.66 13.28 5.18
CA PRO A 119 7.25 12.51 6.28
C PRO A 119 6.43 12.57 7.57
N GLU A 120 5.67 13.66 7.73
CA GLU A 120 4.84 13.87 8.91
C GLU A 120 3.74 12.81 9.06
N VAL A 121 4.14 11.54 9.20
CA VAL A 121 3.18 10.46 9.35
C VAL A 121 2.58 10.46 10.76
N SER A 122 1.50 11.23 10.92
CA SER A 122 0.83 11.34 12.21
C SER A 122 0.25 10.01 12.69
N PRO A 123 0.20 9.83 14.03
CA PRO A 123 -0.34 8.61 14.63
C PRO A 123 -1.72 8.26 14.07
N ALA A 124 -2.45 9.29 13.65
CA ALA A 124 -3.78 9.11 13.08
C ALA A 124 -3.73 8.24 11.84
N ALA A 125 -2.89 8.64 10.90
CA ALA A 125 -2.73 7.90 9.65
C ALA A 125 -2.46 6.43 9.92
N THR A 126 -1.49 6.17 10.79
CA THR A 126 -1.11 4.80 11.12
C THR A 126 -2.15 4.12 12.02
N ALA A 127 -2.56 4.81 13.07
CA ALA A 127 -3.52 4.27 14.02
C ALA A 127 -4.94 4.20 13.42
N ILE A 128 -5.42 5.32 12.90
CA ILE A 128 -6.76 5.35 12.32
C ILE A 128 -6.90 4.30 11.23
N PHE A 129 -5.87 4.11 10.41
CA PHE A 129 -5.93 3.12 9.35
C PHE A 129 -6.09 1.74 9.97
N ARG A 130 -5.32 1.50 11.04
CA ARG A 130 -5.38 0.24 11.76
C ARG A 130 -6.71 0.10 12.48
N LYS A 131 -7.12 1.18 13.14
CA LYS A 131 -8.39 1.21 13.87
C LYS A 131 -9.54 1.04 12.88
N LEU A 132 -9.48 1.81 11.79
CA LEU A 132 -10.49 1.75 10.74
C LEU A 132 -10.47 0.37 10.09
N ALA A 133 -9.26 -0.15 9.88
CA ALA A 133 -9.09 -1.46 9.28
C ALA A 133 -9.71 -2.53 10.15
N GLY A 134 -9.53 -2.40 11.46
CA GLY A 134 -10.08 -3.37 12.38
C GLY A 134 -11.58 -3.50 12.27
N GLU A 135 -12.27 -2.36 12.21
CA GLU A 135 -13.73 -2.35 12.11
C GLU A 135 -14.19 -3.10 10.86
N ARG A 136 -13.62 -2.76 9.71
CA ARG A 136 -13.98 -3.41 8.46
C ARG A 136 -13.05 -4.57 8.13
N ASN A 137 -11.80 -4.25 7.78
CA ASN A 137 -10.82 -5.28 7.44
C ASN A 137 -10.35 -6.03 8.70
N TYR A 138 -9.08 -5.91 9.06
CA TYR A 138 -8.56 -6.61 10.24
C TYR A 138 -7.55 -5.74 11.00
N THR A 139 -7.67 -5.73 12.32
CA THR A 139 -6.77 -4.96 13.17
C THR A 139 -5.71 -5.88 13.82
N ASP A 140 -5.91 -6.21 15.10
CA ASP A 140 -4.96 -7.06 15.83
C ASP A 140 -4.64 -8.36 15.09
N GLU A 141 -5.57 -8.80 14.23
CA GLU A 141 -5.40 -10.04 13.47
C GLU A 141 -3.95 -10.27 13.02
N MET A 142 -3.53 -9.51 12.02
CA MET A 142 -2.17 -9.62 11.50
C MET A 142 -1.74 -8.29 10.91
N VAL A 143 -0.61 -7.79 11.37
CA VAL A 143 -0.08 -6.50 10.92
C VAL A 143 1.18 -6.70 10.08
N ALA A 144 1.72 -5.60 9.57
CA ALA A 144 2.93 -5.63 8.76
C ALA A 144 3.56 -4.25 8.75
N MET A 145 4.67 -4.10 9.48
CA MET A 145 5.36 -2.81 9.56
C MET A 145 6.79 -2.92 9.06
N LEU A 146 7.10 -2.22 7.97
CA LEU A 146 8.44 -2.24 7.39
C LEU A 146 9.01 -3.66 7.33
N PRO A 147 8.22 -4.64 6.84
CA PRO A 147 8.66 -6.03 6.73
C PRO A 147 9.54 -6.25 5.51
N ARG A 148 10.45 -7.22 5.58
CA ARG A 148 11.32 -7.51 4.46
C ARG A 148 11.62 -9.02 4.38
N GLN A 149 12.85 -9.37 4.02
CA GLN A 149 13.25 -10.77 3.88
C GLN A 149 13.48 -11.43 5.23
N GLU A 150 13.62 -12.76 5.22
CA GLU A 150 13.86 -13.50 6.44
C GLU A 150 15.19 -13.08 7.07
N GLU A 151 16.10 -12.57 6.23
CA GLU A 151 17.40 -12.10 6.70
C GLU A 151 17.26 -10.74 7.39
N CYS A 152 16.21 -10.01 7.02
CA CYS A 152 15.95 -8.69 7.60
C CYS A 152 14.45 -8.50 7.80
N THR A 153 14.01 -8.28 9.03
CA THR A 153 12.59 -8.12 9.31
C THR A 153 12.34 -7.51 10.69
N VAL A 154 11.18 -6.86 10.82
CA VAL A 154 10.78 -6.21 12.06
C VAL A 154 10.42 -7.21 13.15
N ASP A 155 10.71 -6.84 14.40
CA ASP A 155 10.43 -7.69 15.55
C ASP A 155 8.94 -8.02 15.64
N GLU A 156 8.63 -9.14 16.31
CA GLU A 156 7.25 -9.60 16.50
C GLU A 156 6.46 -9.57 15.19
N VAL A 157 7.09 -10.07 14.12
CA VAL A 157 6.44 -10.12 12.81
C VAL A 157 7.13 -11.14 11.91
N MET A 1 -14.40 23.49 -1.35
CA MET A 1 -13.34 24.46 -0.99
C MET A 1 -12.01 24.09 -1.63
N THR A 2 -12.04 23.79 -2.93
CA THR A 2 -10.83 23.41 -3.65
C THR A 2 -11.15 23.16 -5.13
N VAL A 3 -10.33 23.74 -6.00
CA VAL A 3 -10.52 23.59 -7.44
C VAL A 3 -10.03 22.22 -7.92
N PRO A 4 -10.81 21.55 -8.80
CA PRO A 4 -10.45 20.24 -9.33
C PRO A 4 -9.07 20.22 -9.99
N ASP A 5 -8.35 19.12 -9.83
CA ASP A 5 -7.02 19.00 -10.41
C ASP A 5 -6.47 17.60 -10.20
N ARG A 6 -6.06 16.94 -11.29
CA ARG A 6 -5.51 15.60 -11.22
C ARG A 6 -4.17 15.61 -10.48
N SER A 7 -3.43 16.71 -10.63
CA SER A 7 -2.13 16.86 -9.99
C SER A 7 -2.21 16.55 -8.50
N GLU A 8 -3.35 16.90 -7.89
CA GLU A 8 -3.56 16.66 -6.46
C GLU A 8 -3.11 15.25 -6.09
N ILE A 9 -3.50 14.28 -6.90
CA ILE A 9 -3.14 12.89 -6.68
C ILE A 9 -1.70 12.63 -7.14
N ALA A 10 -1.32 13.25 -8.25
CA ALA A 10 0.03 13.08 -8.79
C ALA A 10 1.08 13.63 -7.82
N GLY A 11 2.08 12.82 -7.52
CA GLY A 11 3.13 13.26 -6.61
C GLY A 11 3.95 12.11 -6.04
N LYS A 12 4.33 12.23 -4.78
CA LYS A 12 5.13 11.19 -4.12
C LYS A 12 4.35 10.50 -3.02
N TRP A 13 4.29 9.18 -3.10
CA TRP A 13 3.59 8.36 -2.11
C TRP A 13 4.60 7.57 -1.28
N TYR A 14 4.47 7.63 0.04
CA TYR A 14 5.38 6.90 0.93
C TYR A 14 4.67 5.73 1.59
N VAL A 15 5.26 4.55 1.51
CA VAL A 15 4.67 3.35 2.10
C VAL A 15 5.55 2.77 3.19
N VAL A 16 4.96 2.67 4.39
CA VAL A 16 5.64 2.15 5.56
C VAL A 16 4.70 1.26 6.39
N ALA A 17 3.46 1.73 6.58
CA ALA A 17 2.45 0.98 7.33
C ALA A 17 1.81 -0.07 6.44
N LEU A 18 1.61 -1.29 6.98
CA LEU A 18 1.01 -2.37 6.19
C LEU A 18 0.30 -3.41 7.08
N ALA A 19 -0.20 -4.46 6.43
CA ALA A 19 -0.89 -5.55 7.10
C ALA A 19 -1.15 -6.69 6.12
N SER A 20 -0.43 -7.82 6.27
CA SER A 20 -0.60 -8.92 5.32
C SER A 20 -0.92 -10.28 5.95
N ASN A 21 -1.91 -10.97 5.38
CA ASN A 21 -2.29 -12.32 5.83
C ASN A 21 -2.14 -13.31 4.69
N THR A 22 -1.44 -14.42 4.96
CA THR A 22 -1.20 -15.45 3.94
C THR A 22 -0.35 -16.59 4.52
N GLU A 23 0.54 -17.16 3.70
CA GLU A 23 1.40 -18.25 4.15
C GLU A 23 2.35 -17.76 5.24
N PHE A 24 2.40 -18.50 6.34
CA PHE A 24 3.24 -18.14 7.46
C PHE A 24 4.70 -18.55 7.24
N PHE A 25 4.90 -19.57 6.41
CA PHE A 25 6.25 -20.08 6.14
C PHE A 25 7.05 -19.17 5.19
N LEU A 26 6.69 -19.16 3.91
CA LEU A 26 7.41 -18.37 2.93
C LEU A 26 6.90 -16.94 2.80
N ARG A 27 5.60 -16.78 2.55
CA ARG A 27 5.01 -15.45 2.38
C ARG A 27 5.30 -14.54 3.57
N GLU A 28 5.20 -15.07 4.78
CA GLU A 28 5.45 -14.27 5.98
C GLU A 28 6.84 -13.64 5.93
N LYS A 29 7.84 -14.45 5.61
CA LYS A 29 9.22 -13.98 5.51
C LYS A 29 9.45 -13.22 4.22
N ASP A 30 8.82 -13.68 3.14
CA ASP A 30 8.97 -13.04 1.84
C ASP A 30 8.48 -11.59 1.87
N LYS A 31 7.27 -11.38 2.37
CA LYS A 31 6.70 -10.04 2.45
C LYS A 31 7.49 -9.17 3.43
N MET A 32 6.84 -8.17 4.03
CA MET A 32 7.52 -7.28 4.96
C MET A 32 8.71 -6.62 4.28
N LYS A 33 8.54 -5.37 3.86
CA LYS A 33 9.61 -4.66 3.16
C LYS A 33 9.41 -3.15 3.23
N MET A 34 10.53 -2.41 3.22
CA MET A 34 10.45 -0.95 3.22
C MET A 34 9.95 -0.51 1.86
N ALA A 35 9.23 0.61 1.76
CA ALA A 35 8.71 0.99 0.46
C ALA A 35 8.52 2.48 0.25
N MET A 36 8.71 2.87 -1.01
CA MET A 36 8.54 4.25 -1.46
C MET A 36 7.62 4.21 -2.67
N ALA A 37 6.96 5.31 -3.00
CA ALA A 37 6.05 5.29 -4.13
C ALA A 37 5.88 6.65 -4.81
N ARG A 38 5.55 6.61 -6.09
CA ARG A 38 5.32 7.79 -6.90
C ARG A 38 4.19 7.52 -7.87
N ILE A 39 3.12 8.32 -7.80
CA ILE A 39 1.95 8.12 -8.65
C ILE A 39 1.90 9.10 -9.82
N SER A 40 1.35 8.61 -10.94
CA SER A 40 1.21 9.41 -12.16
C SER A 40 0.11 8.82 -13.04
N PHE A 41 -0.74 9.69 -13.59
CA PHE A 41 -1.85 9.25 -14.44
C PHE A 41 -1.40 8.98 -15.87
N LEU A 42 -1.77 7.80 -16.40
CA LEU A 42 -1.42 7.42 -17.76
C LEU A 42 -2.63 7.67 -18.68
N GLY A 43 -2.36 8.24 -19.85
CA GLY A 43 -3.43 8.54 -20.80
C GLY A 43 -4.31 7.35 -21.12
N GLU A 44 -3.74 6.16 -21.08
CA GLU A 44 -4.48 4.93 -21.39
C GLU A 44 -5.54 4.62 -20.34
N ASP A 45 -6.40 5.59 -20.03
CA ASP A 45 -7.46 5.39 -19.04
C ASP A 45 -6.95 4.59 -17.85
N GLU A 46 -5.77 4.96 -17.36
CA GLU A 46 -5.16 4.27 -16.23
C GLU A 46 -4.12 5.12 -15.53
N LEU A 47 -4.17 5.10 -14.20
CA LEU A 47 -3.20 5.85 -13.39
C LEU A 47 -2.27 4.84 -12.72
N LYS A 48 -0.97 5.14 -12.68
CA LYS A 48 -0.01 4.21 -12.11
C LYS A 48 0.80 4.81 -10.96
N VAL A 49 1.28 3.93 -10.08
CA VAL A 49 2.10 4.33 -8.94
C VAL A 49 3.29 3.39 -8.80
N SER A 50 4.48 3.89 -9.09
CA SER A 50 5.70 3.08 -9.00
C SER A 50 6.20 3.07 -7.57
N TYR A 51 6.76 1.95 -7.13
CA TYR A 51 7.26 1.85 -5.78
C TYR A 51 8.53 1.01 -5.69
N ALA A 52 9.47 1.47 -4.88
CA ALA A 52 10.73 0.76 -4.66
C ALA A 52 10.71 0.18 -3.25
N VAL A 53 11.07 -1.09 -3.11
CA VAL A 53 11.02 -1.71 -1.78
C VAL A 53 12.13 -2.71 -1.52
N PRO A 54 12.92 -2.50 -0.44
CA PRO A 54 13.98 -3.41 -0.05
C PRO A 54 13.39 -4.64 0.62
N LYS A 55 13.66 -5.81 0.03
CA LYS A 55 13.13 -7.07 0.56
C LYS A 55 14.12 -7.76 1.50
N PRO A 56 13.60 -8.40 2.57
CA PRO A 56 14.43 -9.12 3.55
C PRO A 56 15.16 -10.29 2.90
N ASN A 57 14.41 -11.15 2.20
CA ASN A 57 15.02 -12.29 1.54
C ASN A 57 16.05 -11.81 0.53
N GLY A 58 17.30 -12.19 0.74
CA GLY A 58 18.35 -11.75 -0.17
C GLY A 58 18.87 -10.37 0.19
N CYS A 59 18.01 -9.54 0.78
CA CYS A 59 18.38 -8.19 1.18
C CYS A 59 18.67 -7.32 -0.05
N ARG A 60 17.66 -7.19 -0.91
CA ARG A 60 17.80 -6.39 -2.12
C ARG A 60 16.69 -5.33 -2.20
N LYS A 61 16.14 -5.11 -3.41
CA LYS A 61 15.08 -4.12 -3.59
C LYS A 61 14.20 -4.48 -4.77
N TRP A 62 12.89 -4.34 -4.59
CA TRP A 62 11.93 -4.65 -5.64
C TRP A 62 11.21 -3.40 -6.10
N GLU A 63 10.93 -3.34 -7.40
CA GLU A 63 10.23 -2.20 -7.98
C GLU A 63 9.14 -2.69 -8.93
N THR A 64 7.96 -2.09 -8.82
CA THR A 64 6.84 -2.49 -9.67
C THR A 64 5.86 -1.33 -9.85
N THR A 65 5.33 -1.21 -11.05
CA THR A 65 4.39 -0.15 -11.37
C THR A 65 2.94 -0.64 -11.41
N PHE A 66 2.17 -0.24 -10.41
CA PHE A 66 0.76 -0.60 -10.34
C PHE A 66 -0.04 0.37 -11.19
N LYS A 67 -0.74 -0.14 -12.19
CA LYS A 67 -1.52 0.73 -13.09
C LYS A 67 -2.82 0.08 -13.52
N LYS A 68 -3.88 0.87 -13.49
CA LYS A 68 -5.21 0.42 -13.91
C LYS A 68 -6.26 1.49 -13.61
N THR A 69 -7.25 1.19 -12.75
CA THR A 69 -8.30 2.16 -12.42
C THR A 69 -8.35 2.44 -10.92
N SER A 70 -8.73 3.67 -10.57
CA SER A 70 -8.83 4.08 -9.18
C SER A 70 -10.05 4.97 -8.99
N ASP A 71 -11.24 4.39 -9.11
CA ASP A 71 -12.48 5.14 -8.98
C ASP A 71 -13.40 4.54 -7.90
N ASP A 72 -14.03 5.42 -7.14
CA ASP A 72 -14.94 5.05 -6.05
C ASP A 72 -15.22 6.27 -5.20
N GLY A 73 -16.23 6.21 -4.32
CA GLY A 73 -16.53 7.35 -3.45
C GLY A 73 -15.24 8.01 -2.99
N GLU A 74 -14.29 7.17 -2.63
CA GLU A 74 -12.96 7.62 -2.22
C GLU A 74 -11.98 7.26 -3.35
N VAL A 75 -10.92 6.51 -3.05
CA VAL A 75 -9.99 6.11 -4.10
C VAL A 75 -9.82 4.59 -4.10
N TYR A 76 -10.62 3.93 -4.94
CA TYR A 76 -10.60 2.47 -5.06
C TYR A 76 -9.86 2.03 -6.31
N TYR A 77 -8.77 1.29 -6.13
CA TYR A 77 -7.97 0.81 -7.26
C TYR A 77 -8.12 -0.70 -7.48
N SER A 78 -7.87 -1.12 -8.71
CA SER A 78 -7.95 -2.54 -9.10
C SER A 78 -7.10 -2.74 -10.34
N GLU A 79 -6.46 -3.92 -10.49
CA GLU A 79 -5.60 -4.14 -11.65
C GLU A 79 -5.40 -5.63 -11.97
N GLU A 80 -4.46 -5.90 -12.89
CA GLU A 80 -4.14 -7.25 -13.33
C GLU A 80 -5.41 -8.01 -13.72
N ALA A 81 -5.61 -9.22 -13.16
CA ALA A 81 -6.80 -10.01 -13.47
C ALA A 81 -7.89 -9.79 -12.44
N LYS A 82 -7.79 -10.50 -11.31
CA LYS A 82 -8.79 -10.36 -10.26
C LYS A 82 -8.21 -9.64 -9.05
N LYS A 83 -7.44 -8.58 -9.32
CA LYS A 83 -6.84 -7.81 -8.25
C LYS A 83 -7.66 -6.56 -7.96
N LYS A 84 -7.95 -6.34 -6.68
CA LYS A 84 -8.73 -5.19 -6.25
C LYS A 84 -8.18 -4.63 -4.95
N VAL A 85 -8.08 -3.31 -4.88
CA VAL A 85 -7.55 -2.66 -3.68
C VAL A 85 -8.31 -1.38 -3.38
N GLU A 86 -8.65 -1.16 -2.11
CA GLU A 86 -9.38 0.04 -1.74
C GLU A 86 -8.47 1.01 -0.99
N VAL A 87 -8.30 2.21 -1.56
CA VAL A 87 -7.48 3.22 -0.92
C VAL A 87 -8.35 4.12 -0.05
N LEU A 88 -8.15 4.00 1.26
CA LEU A 88 -8.92 4.76 2.24
C LEU A 88 -8.13 5.97 2.74
N ASP A 89 -8.54 6.51 3.89
CA ASP A 89 -7.86 7.64 4.50
C ASP A 89 -7.85 8.85 3.54
N THR A 90 -6.74 9.58 3.46
CA THR A 90 -6.66 10.74 2.57
C THR A 90 -5.55 10.57 1.55
N ASP A 91 -5.93 10.39 0.29
CA ASP A 91 -4.96 10.21 -0.78
C ASP A 91 -4.75 11.52 -1.55
N TYR A 92 -4.87 12.65 -0.85
CA TYR A 92 -4.70 13.95 -1.48
C TYR A 92 -3.49 14.70 -0.93
N LYS A 93 -3.68 15.46 0.16
CA LYS A 93 -2.59 16.22 0.77
C LYS A 93 -2.56 16.03 2.28
N SER A 94 -1.85 15.00 2.72
CA SER A 94 -1.72 14.68 4.13
C SER A 94 -1.23 13.24 4.32
N TYR A 95 -2.16 12.32 4.55
CA TYR A 95 -1.82 10.92 4.75
C TYR A 95 -2.87 10.01 4.11
N ALA A 96 -2.42 8.93 3.47
CA ALA A 96 -3.34 8.01 2.81
C ALA A 96 -3.04 6.56 3.17
N VAL A 97 -4.09 5.75 3.20
CA VAL A 97 -3.94 4.33 3.52
C VAL A 97 -4.59 3.50 2.42
N ILE A 98 -3.90 2.45 1.99
CA ILE A 98 -4.42 1.61 0.91
C ILE A 98 -4.23 0.13 1.20
N TYR A 99 -5.35 -0.59 1.30
CA TYR A 99 -5.32 -2.02 1.52
C TYR A 99 -5.34 -2.74 0.18
N ALA A 100 -4.29 -3.51 -0.10
CA ALA A 100 -4.20 -4.21 -1.37
C ALA A 100 -4.52 -5.69 -1.25
N THR A 101 -5.42 -6.14 -2.12
CA THR A 101 -5.82 -7.54 -2.19
C THR A 101 -5.82 -7.97 -3.65
N ARG A 102 -5.22 -9.12 -3.94
CA ARG A 102 -5.13 -9.58 -5.32
C ARG A 102 -5.22 -11.09 -5.46
N VAL A 103 -5.89 -11.53 -6.52
CA VAL A 103 -6.04 -12.95 -6.79
C VAL A 103 -5.89 -13.25 -8.28
N LYS A 104 -5.20 -14.35 -8.57
CA LYS A 104 -4.97 -14.77 -9.95
C LYS A 104 -4.70 -16.27 -9.99
N ASP A 105 -5.33 -16.96 -10.94
CA ASP A 105 -5.18 -18.40 -11.07
C ASP A 105 -5.48 -19.09 -9.74
N GLY A 106 -6.43 -18.54 -8.99
CA GLY A 106 -6.81 -19.11 -7.72
C GLY A 106 -5.78 -18.90 -6.62
N ARG A 107 -5.20 -17.70 -6.56
CA ARG A 107 -4.21 -17.40 -5.51
C ARG A 107 -4.48 -16.02 -4.92
N THR A 108 -5.15 -16.00 -3.77
CA THR A 108 -5.49 -14.74 -3.09
C THR A 108 -4.47 -14.37 -2.03
N LEU A 109 -4.17 -13.08 -1.93
CA LEU A 109 -3.22 -12.57 -0.95
C LEU A 109 -3.71 -11.26 -0.34
N HIS A 110 -3.60 -11.15 0.98
CA HIS A 110 -4.03 -9.94 1.67
C HIS A 110 -2.83 -9.11 2.12
N MET A 111 -2.87 -7.81 1.86
CA MET A 111 -1.76 -6.93 2.25
C MET A 111 -2.21 -5.46 2.31
N MET A 112 -1.89 -4.81 3.43
CA MET A 112 -2.23 -3.41 3.61
C MET A 112 -1.04 -2.52 3.30
N ARG A 113 -1.31 -1.35 2.75
CA ARG A 113 -0.26 -0.39 2.40
C ARG A 113 -0.64 1.02 2.82
N LEU A 114 0.33 1.79 3.30
CA LEU A 114 0.06 3.16 3.75
C LEU A 114 0.77 4.17 2.86
N TYR A 115 0.00 4.94 2.10
CA TYR A 115 0.58 5.96 1.22
C TYR A 115 0.49 7.34 1.85
N SER A 116 1.64 7.91 2.20
CA SER A 116 1.71 9.23 2.82
C SER A 116 2.22 10.27 1.80
N ARG A 117 1.57 11.43 1.75
CA ARG A 117 2.00 12.48 0.83
C ARG A 117 3.39 12.98 1.15
N SER A 118 3.61 13.30 2.43
CA SER A 118 4.89 13.80 2.89
C SER A 118 5.37 13.00 4.10
N PRO A 119 6.68 13.08 4.43
CA PRO A 119 7.24 12.36 5.57
C PRO A 119 6.33 12.34 6.79
N GLU A 120 5.57 13.42 6.95
CA GLU A 120 4.64 13.55 8.07
C GLU A 120 3.48 12.56 7.96
N VAL A 121 3.03 12.05 9.10
CA VAL A 121 1.92 11.11 9.13
C VAL A 121 1.16 11.23 10.45
N SER A 122 -0.01 11.85 10.38
CA SER A 122 -0.85 12.07 11.55
C SER A 122 -1.19 10.75 12.24
N PRO A 123 -1.32 10.78 13.58
CA PRO A 123 -1.67 9.59 14.36
C PRO A 123 -2.93 8.93 13.83
N ALA A 124 -3.81 9.74 13.24
CA ALA A 124 -5.05 9.23 12.66
C ALA A 124 -4.79 8.31 11.49
N ALA A 125 -3.93 8.75 10.59
CA ALA A 125 -3.59 7.98 9.41
C ALA A 125 -3.14 6.58 9.81
N THR A 126 -2.23 6.51 10.77
CA THR A 126 -1.71 5.23 11.24
C THR A 126 -2.69 4.53 12.17
N ALA A 127 -3.23 5.28 13.13
CA ALA A 127 -4.16 4.73 14.10
C ALA A 127 -5.51 4.37 13.47
N ILE A 128 -6.09 5.31 12.74
CA ILE A 128 -7.37 5.08 12.10
C ILE A 128 -7.27 3.95 11.09
N PHE A 129 -6.15 3.88 10.37
CA PHE A 129 -5.97 2.82 9.39
C PHE A 129 -5.90 1.48 10.11
N ARG A 130 -5.14 1.46 11.21
CA ARG A 130 -4.99 0.28 12.02
C ARG A 130 -6.32 -0.04 12.70
N LYS A 131 -6.95 1.00 13.25
CA LYS A 131 -8.24 0.87 13.90
C LYS A 131 -9.28 0.39 12.89
N LEU A 132 -9.23 1.01 11.71
CA LEU A 132 -10.12 0.65 10.62
C LEU A 132 -9.82 -0.77 10.16
N ALA A 133 -8.54 -1.12 10.15
CA ALA A 133 -8.11 -2.45 9.76
C ALA A 133 -8.66 -3.49 10.72
N GLY A 134 -8.56 -3.19 12.02
CA GLY A 134 -9.05 -4.11 13.03
C GLY A 134 -10.54 -4.34 12.91
N GLU A 135 -11.31 -3.25 12.86
CA GLU A 135 -12.76 -3.34 12.74
C GLU A 135 -13.15 -4.04 11.45
N ARG A 136 -12.27 -3.99 10.46
CA ARG A 136 -12.52 -4.63 9.17
C ARG A 136 -12.36 -6.14 9.27
N ASN A 137 -11.39 -6.58 10.06
CA ASN A 137 -11.14 -7.99 10.25
C ASN A 137 -10.32 -8.23 11.51
N TYR A 138 -9.17 -7.57 11.61
CA TYR A 138 -8.27 -7.69 12.77
C TYR A 138 -6.85 -7.28 12.41
N THR A 139 -6.27 -6.37 13.19
CA THR A 139 -4.90 -5.95 12.96
C THR A 139 -3.95 -7.00 13.52
N ASP A 140 -4.28 -7.50 14.70
CA ASP A 140 -3.48 -8.52 15.36
C ASP A 140 -3.41 -9.78 14.48
N GLU A 141 -4.48 -10.01 13.73
CA GLU A 141 -4.58 -11.16 12.84
C GLU A 141 -3.29 -11.38 12.05
N MET A 142 -3.06 -10.51 11.08
CA MET A 142 -1.85 -10.57 10.26
C MET A 142 -1.51 -9.17 9.79
N VAL A 143 -0.47 -8.59 10.36
CA VAL A 143 -0.05 -7.24 10.03
C VAL A 143 1.27 -7.23 9.22
N ALA A 144 1.73 -6.03 8.88
CA ALA A 144 2.97 -5.81 8.14
C ALA A 144 3.49 -4.41 8.48
N MET A 145 4.75 -4.33 8.90
CA MET A 145 5.33 -3.04 9.31
C MET A 145 6.63 -2.72 8.60
N LEU A 146 6.89 -1.42 8.45
CA LEU A 146 8.09 -0.92 7.77
C LEU A 146 9.37 -1.35 8.49
N PRO A 147 10.43 -1.73 7.74
CA PRO A 147 11.72 -2.15 8.30
C PRO A 147 12.43 -1.01 9.02
N ARG A 148 13.08 -1.31 10.13
CA ARG A 148 13.80 -0.31 10.91
C ARG A 148 15.19 -0.02 10.32
N GLN A 149 15.44 -0.49 9.09
CA GLN A 149 16.73 -0.26 8.45
C GLN A 149 16.61 -0.43 6.93
N GLU A 150 17.42 0.34 6.21
CA GLU A 150 17.41 0.32 4.75
C GLU A 150 17.92 -1.01 4.15
N GLU A 151 18.43 -1.90 4.99
CA GLU A 151 18.93 -3.19 4.50
C GLU A 151 17.82 -4.26 4.51
N CYS A 152 17.79 -5.08 5.55
CA CYS A 152 16.81 -6.15 5.69
C CYS A 152 16.61 -6.51 7.15
N THR A 153 15.57 -5.94 7.76
CA THR A 153 15.28 -6.18 9.17
C THR A 153 13.92 -5.59 9.55
N VAL A 154 12.85 -6.22 9.07
CA VAL A 154 11.50 -5.75 9.35
C VAL A 154 11.12 -5.99 10.81
N ASP A 155 10.53 -4.99 11.46
CA ASP A 155 10.13 -5.12 12.86
C ASP A 155 9.10 -6.23 13.02
N GLU A 156 9.28 -7.06 14.05
CA GLU A 156 8.38 -8.18 14.31
C GLU A 156 8.41 -9.20 13.17
N VAL A 157 8.49 -10.48 13.54
CA VAL A 157 8.54 -11.56 12.55
C VAL A 157 7.26 -11.57 11.71
N MET A 1 -5.51 25.49 2.95
CA MET A 1 -5.82 26.29 1.74
C MET A 1 -6.87 25.60 0.87
N THR A 2 -6.71 24.30 0.68
CA THR A 2 -7.65 23.52 -0.12
C THR A 2 -7.66 24.00 -1.57
N VAL A 3 -7.63 23.06 -2.51
CA VAL A 3 -7.65 23.39 -3.93
C VAL A 3 -7.62 22.13 -4.78
N PRO A 4 -8.43 22.10 -5.86
CA PRO A 4 -8.50 20.95 -6.77
C PRO A 4 -7.12 20.49 -7.25
N ASP A 5 -6.79 20.69 -8.52
CA ASP A 5 -5.50 20.29 -9.06
C ASP A 5 -5.37 18.78 -9.07
N ARG A 6 -5.03 18.23 -10.23
CA ARG A 6 -4.87 16.79 -10.38
C ARG A 6 -3.67 16.30 -9.57
N SER A 7 -2.66 17.16 -9.46
CA SER A 7 -1.45 16.83 -8.71
C SER A 7 -1.79 16.26 -7.34
N GLU A 8 -2.88 16.77 -6.74
CA GLU A 8 -3.30 16.31 -5.42
C GLU A 8 -3.14 14.80 -5.29
N ILE A 9 -3.55 14.08 -6.31
CA ILE A 9 -3.45 12.62 -6.31
C ILE A 9 -2.09 12.18 -6.88
N ALA A 10 -1.61 12.91 -7.88
CA ALA A 10 -0.33 12.59 -8.53
C ALA A 10 0.85 13.02 -7.66
N GLY A 11 1.83 12.13 -7.50
CA GLY A 11 3.00 12.46 -6.69
C GLY A 11 3.73 11.23 -6.18
N LYS A 12 4.21 11.32 -4.93
CA LYS A 12 4.93 10.21 -4.32
C LYS A 12 4.25 9.73 -3.05
N TRP A 13 4.05 8.42 -2.97
CA TRP A 13 3.40 7.80 -1.81
C TRP A 13 4.43 7.07 -0.94
N TYR A 14 4.44 7.38 0.35
CA TYR A 14 5.37 6.73 1.28
C TYR A 14 4.78 5.44 1.83
N VAL A 15 5.41 4.31 1.47
CA VAL A 15 4.94 3.01 1.93
C VAL A 15 5.72 2.52 3.15
N VAL A 16 4.99 2.23 4.23
CA VAL A 16 5.59 1.76 5.48
C VAL A 16 4.63 0.89 6.28
N ALA A 17 3.39 1.38 6.45
CA ALA A 17 2.39 0.63 7.19
C ALA A 17 1.73 -0.40 6.29
N LEU A 18 1.61 -1.64 6.76
CA LEU A 18 0.98 -2.69 5.97
C LEU A 18 0.03 -3.54 6.84
N ALA A 19 -0.48 -4.60 6.25
CA ALA A 19 -1.37 -5.53 6.94
C ALA A 19 -1.65 -6.73 6.04
N SER A 20 -1.20 -7.91 6.46
CA SER A 20 -1.41 -9.10 5.63
C SER A 20 -1.29 -10.39 6.41
N ASN A 21 -1.86 -11.43 5.81
CA ASN A 21 -1.85 -12.77 6.37
C ASN A 21 -2.20 -13.77 5.27
N THR A 22 -1.34 -14.75 5.08
CA THR A 22 -1.53 -15.77 4.06
C THR A 22 -0.40 -16.79 4.11
N GLU A 23 0.82 -16.30 4.22
CA GLU A 23 1.99 -17.17 4.27
C GLU A 23 3.26 -16.33 4.46
N PHE A 24 4.14 -16.79 5.34
CA PHE A 24 5.38 -16.07 5.61
C PHE A 24 6.28 -16.03 4.39
N PHE A 25 6.36 -17.15 3.67
CA PHE A 25 7.19 -17.24 2.48
C PHE A 25 6.82 -16.16 1.46
N LEU A 26 5.52 -15.98 1.24
CA LEU A 26 5.04 -14.98 0.30
C LEU A 26 5.53 -13.58 0.67
N ARG A 27 5.53 -13.30 1.96
CA ARG A 27 5.98 -12.00 2.47
C ARG A 27 7.42 -11.72 2.04
N GLU A 28 8.25 -12.76 2.06
CA GLU A 28 9.65 -12.62 1.69
C GLU A 28 9.78 -12.01 0.29
N LYS A 29 9.06 -12.56 -0.67
CA LYS A 29 9.10 -12.07 -2.04
C LYS A 29 8.31 -10.77 -2.19
N ASP A 30 7.14 -10.71 -1.55
CA ASP A 30 6.30 -9.53 -1.62
C ASP A 30 6.98 -8.33 -0.99
N LYS A 31 7.32 -8.43 0.29
CA LYS A 31 7.98 -7.34 1.00
C LYS A 31 9.37 -7.78 1.47
N MET A 32 10.37 -6.93 1.27
CA MET A 32 11.73 -7.26 1.67
C MET A 32 12.51 -6.03 2.14
N LYS A 33 12.02 -4.84 1.82
CA LYS A 33 12.70 -3.60 2.22
C LYS A 33 11.70 -2.46 2.33
N MET A 34 12.17 -1.27 2.73
CA MET A 34 11.28 -0.12 2.83
C MET A 34 10.59 0.10 1.50
N ALA A 35 9.43 0.75 1.49
CA ALA A 35 8.73 0.94 0.23
C ALA A 35 8.32 2.38 -0.03
N MET A 36 8.55 2.81 -1.26
CA MET A 36 8.20 4.14 -1.72
C MET A 36 7.26 3.99 -2.91
N ALA A 37 6.56 5.05 -3.30
CA ALA A 37 5.63 4.93 -4.43
C ALA A 37 5.43 6.25 -5.17
N ARG A 38 5.04 6.14 -6.44
CA ARG A 38 4.80 7.31 -7.29
C ARG A 38 3.61 7.05 -8.21
N ILE A 39 2.47 7.65 -7.89
CA ILE A 39 1.25 7.47 -8.68
C ILE A 39 1.18 8.44 -9.88
N SER A 40 0.68 7.92 -11.00
CA SER A 40 0.53 8.69 -12.24
C SER A 40 -0.48 8.03 -13.16
N PHE A 41 -1.37 8.82 -13.76
CA PHE A 41 -2.40 8.29 -14.65
C PHE A 41 -1.90 8.14 -16.09
N LEU A 42 -2.07 6.93 -16.64
CA LEU A 42 -1.66 6.65 -18.01
C LEU A 42 -2.87 6.68 -18.96
N GLY A 43 -2.65 7.16 -20.18
CA GLY A 43 -3.74 7.25 -21.15
C GLY A 43 -4.50 5.95 -21.35
N GLU A 44 -5.28 5.89 -22.42
CA GLU A 44 -6.07 4.71 -22.75
C GLU A 44 -7.14 4.47 -21.69
N ASP A 45 -6.72 4.01 -20.52
CA ASP A 45 -7.63 3.72 -19.42
C ASP A 45 -6.89 2.97 -18.31
N GLU A 46 -5.73 3.47 -17.93
CA GLU A 46 -4.94 2.80 -16.90
C GLU A 46 -4.03 3.78 -16.16
N LEU A 47 -3.89 3.55 -14.86
CA LEU A 47 -3.03 4.37 -14.03
C LEU A 47 -2.10 3.46 -13.23
N LYS A 48 -0.88 3.92 -12.98
CA LYS A 48 0.09 3.09 -12.28
C LYS A 48 0.86 3.86 -11.22
N VAL A 49 1.35 3.11 -10.23
CA VAL A 49 2.15 3.69 -9.16
C VAL A 49 3.52 3.00 -9.12
N SER A 50 4.58 3.78 -9.34
CA SER A 50 5.93 3.23 -9.33
C SER A 50 6.48 3.19 -7.91
N TYR A 51 6.50 2.01 -7.32
CA TYR A 51 7.01 1.88 -5.96
C TYR A 51 8.45 1.39 -5.96
N ALA A 52 9.31 2.12 -5.26
CA ALA A 52 10.71 1.78 -5.18
C ALA A 52 11.10 1.45 -3.75
N VAL A 53 11.37 0.17 -3.49
CA VAL A 53 11.75 -0.26 -2.16
C VAL A 53 13.26 -0.17 -1.96
N PRO A 54 13.71 0.77 -1.09
CA PRO A 54 15.12 0.99 -0.80
C PRO A 54 15.59 0.33 0.50
N LYS A 55 16.90 0.12 0.61
CA LYS A 55 17.52 -0.50 1.78
C LYS A 55 18.96 -0.90 1.47
N PRO A 56 19.85 0.08 1.22
CA PRO A 56 21.25 -0.18 0.90
C PRO A 56 21.97 -0.94 2.01
N ASN A 57 21.75 -0.54 3.26
CA ASN A 57 22.39 -1.19 4.38
C ASN A 57 21.99 -2.66 4.49
N GLY A 58 22.98 -3.55 4.42
CA GLY A 58 22.74 -4.97 4.51
C GLY A 58 21.54 -5.43 3.68
N CYS A 59 21.26 -4.71 2.60
CA CYS A 59 20.14 -5.04 1.72
C CYS A 59 20.35 -4.39 0.34
N ARG A 60 19.27 -3.92 -0.29
CA ARG A 60 19.38 -3.29 -1.61
C ARG A 60 18.15 -2.42 -1.91
N LYS A 61 17.66 -2.46 -3.15
CA LYS A 61 16.49 -1.68 -3.54
C LYS A 61 15.78 -2.32 -4.72
N TRP A 62 14.50 -2.00 -4.92
CA TRP A 62 13.76 -2.58 -6.03
C TRP A 62 12.60 -1.68 -6.48
N GLU A 63 12.24 -1.78 -7.75
CA GLU A 63 11.17 -0.98 -8.31
C GLU A 63 10.24 -1.83 -9.18
N THR A 64 8.94 -1.54 -9.10
CA THR A 64 7.95 -2.27 -9.89
C THR A 64 6.73 -1.40 -10.16
N THR A 65 6.20 -1.48 -11.37
CA THR A 65 5.05 -0.67 -11.75
C THR A 65 3.74 -1.44 -11.70
N PHE A 66 2.83 -0.99 -10.83
CA PHE A 66 1.51 -1.60 -10.73
C PHE A 66 0.53 -0.74 -11.52
N LYS A 67 -0.27 -1.36 -12.39
CA LYS A 67 -1.20 -0.60 -13.22
C LYS A 67 -2.47 -1.37 -13.55
N LYS A 68 -3.57 -0.63 -13.65
CA LYS A 68 -4.87 -1.22 -14.00
C LYS A 68 -5.97 -0.14 -14.00
N THR A 69 -7.03 -0.31 -13.20
CA THR A 69 -8.12 0.67 -13.18
C THR A 69 -8.33 1.30 -11.81
N SER A 70 -9.11 2.41 -11.78
CA SER A 70 -9.38 3.13 -10.53
C SER A 70 -10.77 3.78 -10.57
N ASP A 71 -11.40 3.92 -9.40
CA ASP A 71 -12.73 4.53 -9.31
C ASP A 71 -12.66 6.00 -8.85
N ASP A 72 -13.75 6.73 -9.06
CA ASP A 72 -13.83 8.14 -8.68
C ASP A 72 -14.09 8.27 -7.17
N GLY A 73 -14.54 9.45 -6.74
CA GLY A 73 -14.81 9.68 -5.31
C GLY A 73 -13.56 9.57 -4.47
N GLU A 74 -13.03 8.37 -4.37
CA GLU A 74 -11.81 8.10 -3.63
C GLU A 74 -10.81 7.49 -4.60
N VAL A 75 -10.09 6.44 -4.20
CA VAL A 75 -9.16 5.83 -5.14
C VAL A 75 -9.02 4.32 -4.90
N TYR A 76 -9.89 3.57 -5.56
CA TYR A 76 -9.88 2.11 -5.47
C TYR A 76 -9.44 1.54 -6.81
N TYR A 77 -8.35 0.79 -6.83
CA TYR A 77 -7.86 0.24 -8.08
C TYR A 77 -7.80 -1.29 -8.07
N SER A 78 -8.23 -1.88 -9.17
CA SER A 78 -8.22 -3.32 -9.35
C SER A 78 -6.99 -3.70 -10.17
N GLU A 79 -6.50 -4.92 -10.02
CA GLU A 79 -5.31 -5.34 -10.77
C GLU A 79 -5.04 -6.84 -10.64
N GLU A 80 -4.17 -7.35 -11.53
CA GLU A 80 -3.82 -8.77 -11.55
C GLU A 80 -5.04 -9.63 -11.89
N ALA A 81 -4.91 -10.95 -11.72
CA ALA A 81 -6.01 -11.87 -12.02
C ALA A 81 -7.29 -11.45 -11.31
N LYS A 82 -7.37 -11.74 -10.02
CA LYS A 82 -8.54 -11.37 -9.24
C LYS A 82 -8.11 -10.67 -7.96
N LYS A 83 -7.27 -9.65 -8.10
CA LYS A 83 -6.80 -8.89 -6.96
C LYS A 83 -7.56 -7.59 -6.83
N LYS A 84 -8.35 -7.46 -5.77
CA LYS A 84 -9.11 -6.24 -5.53
C LYS A 84 -8.37 -5.32 -4.59
N VAL A 85 -8.00 -4.14 -5.07
CA VAL A 85 -7.27 -3.17 -4.25
C VAL A 85 -8.06 -1.89 -4.10
N GLU A 86 -8.03 -1.33 -2.90
CA GLU A 86 -8.77 -0.10 -2.62
C GLU A 86 -8.01 0.79 -1.64
N VAL A 87 -7.62 1.98 -2.10
CA VAL A 87 -6.92 2.92 -1.24
C VAL A 87 -7.85 4.07 -0.83
N LEU A 88 -7.89 4.30 0.48
CA LEU A 88 -8.74 5.34 1.06
C LEU A 88 -7.90 6.35 1.85
N ASP A 89 -8.46 6.88 2.95
CA ASP A 89 -7.76 7.87 3.78
C ASP A 89 -7.81 9.25 3.10
N THR A 90 -7.68 9.24 1.76
CA THR A 90 -7.73 10.46 0.94
C THR A 90 -6.36 11.01 0.58
N ASP A 91 -5.83 10.58 -0.56
CA ASP A 91 -4.55 11.06 -1.06
C ASP A 91 -4.75 12.36 -1.84
N TYR A 92 -5.74 13.13 -1.43
CA TYR A 92 -6.07 14.39 -2.08
C TYR A 92 -5.42 15.58 -1.39
N LYS A 93 -4.98 15.41 -0.14
CA LYS A 93 -4.38 16.52 0.59
C LYS A 93 -3.02 16.18 1.21
N SER A 94 -2.85 14.98 1.80
CA SER A 94 -1.56 14.67 2.41
C SER A 94 -1.40 13.21 2.88
N TYR A 95 -2.49 12.48 3.09
CA TYR A 95 -2.37 11.10 3.58
C TYR A 95 -3.30 10.13 2.87
N ALA A 96 -2.81 8.90 2.69
CA ALA A 96 -3.59 7.85 2.02
C ALA A 96 -3.26 6.48 2.61
N VAL A 97 -4.28 5.66 2.80
CA VAL A 97 -4.11 4.32 3.33
C VAL A 97 -4.79 3.33 2.39
N ILE A 98 -4.11 2.24 2.06
CA ILE A 98 -4.69 1.27 1.13
C ILE A 98 -4.74 -0.14 1.71
N TYR A 99 -5.87 -0.80 1.43
CA TYR A 99 -6.09 -2.16 1.86
C TYR A 99 -6.55 -2.98 0.66
N ALA A 100 -5.99 -4.17 0.48
CA ALA A 100 -6.34 -4.97 -0.67
C ALA A 100 -6.17 -6.47 -0.42
N THR A 101 -7.15 -7.24 -0.87
CA THR A 101 -7.12 -8.68 -0.75
C THR A 101 -6.94 -9.32 -2.12
N ARG A 102 -5.82 -9.99 -2.32
CA ARG A 102 -5.52 -10.63 -3.60
C ARG A 102 -6.00 -12.08 -3.64
N VAL A 103 -6.53 -12.47 -4.80
CA VAL A 103 -7.00 -13.83 -4.99
C VAL A 103 -6.78 -14.27 -6.44
N LYS A 104 -6.44 -15.55 -6.61
CA LYS A 104 -6.18 -16.08 -7.94
C LYS A 104 -6.57 -17.55 -8.01
N ASP A 105 -7.75 -17.79 -8.58
CA ASP A 105 -8.31 -19.14 -8.77
C ASP A 105 -7.55 -20.22 -8.00
N GLY A 106 -7.38 -20.04 -6.69
CA GLY A 106 -6.68 -21.04 -5.92
C GLY A 106 -6.36 -20.60 -4.49
N ARG A 107 -5.86 -19.38 -4.33
CA ARG A 107 -5.51 -18.89 -2.99
C ARG A 107 -5.88 -17.43 -2.79
N THR A 108 -6.32 -17.12 -1.58
CA THR A 108 -6.71 -15.76 -1.20
C THR A 108 -5.74 -15.22 -0.16
N LEU A 109 -5.37 -13.95 -0.28
CA LEU A 109 -4.43 -13.34 0.65
C LEU A 109 -4.81 -11.90 0.96
N HIS A 110 -4.65 -11.50 2.21
CA HIS A 110 -4.96 -10.13 2.61
C HIS A 110 -3.69 -9.29 2.68
N MET A 111 -3.77 -8.05 2.20
CA MET A 111 -2.61 -7.16 2.21
C MET A 111 -3.04 -5.70 2.26
N MET A 112 -2.32 -4.93 3.08
CA MET A 112 -2.58 -3.51 3.26
C MET A 112 -1.30 -2.72 3.08
N ARG A 113 -1.43 -1.48 2.65
CA ARG A 113 -0.28 -0.60 2.45
C ARG A 113 -0.66 0.85 2.80
N LEU A 114 0.22 1.54 3.52
CA LEU A 114 -0.05 2.93 3.92
C LEU A 114 0.76 3.91 3.08
N TYR A 115 0.08 4.94 2.57
CA TYR A 115 0.73 5.95 1.76
C TYR A 115 0.76 7.29 2.47
N SER A 116 1.97 7.87 2.57
CA SER A 116 2.15 9.17 3.21
C SER A 116 3.00 10.06 2.31
N ARG A 117 2.51 11.27 2.05
CA ARG A 117 3.22 12.20 1.17
C ARG A 117 4.40 12.84 1.88
N SER A 118 4.27 13.06 3.19
CA SER A 118 5.33 13.67 3.97
C SER A 118 5.62 12.84 5.22
N PRO A 119 6.86 12.91 5.74
CA PRO A 119 7.25 12.16 6.95
C PRO A 119 6.16 12.18 8.01
N GLU A 120 5.54 13.35 8.19
CA GLU A 120 4.47 13.50 9.15
C GLU A 120 3.19 12.85 8.66
N VAL A 121 2.46 12.20 9.55
CA VAL A 121 1.21 11.54 9.19
C VAL A 121 0.07 11.96 10.12
N SER A 122 -0.99 12.50 9.53
CA SER A 122 -2.15 12.95 10.28
C SER A 122 -2.73 11.84 11.14
N PRO A 123 -3.28 12.19 12.31
CA PRO A 123 -3.89 11.20 13.21
C PRO A 123 -4.90 10.32 12.48
N ALA A 124 -5.64 10.92 11.56
CA ALA A 124 -6.64 10.19 10.79
C ALA A 124 -5.99 9.12 9.93
N ALA A 125 -4.95 9.50 9.21
CA ALA A 125 -4.25 8.57 8.35
C ALA A 125 -3.86 7.31 9.11
N THR A 126 -3.21 7.48 10.25
CA THR A 126 -2.77 6.36 11.07
C THR A 126 -3.93 5.74 11.86
N ALA A 127 -4.72 6.60 12.49
CA ALA A 127 -5.86 6.15 13.29
C ALA A 127 -6.96 5.53 12.43
N ILE A 128 -7.33 6.22 11.35
CA ILE A 128 -8.38 5.71 10.47
C ILE A 128 -7.99 4.35 9.88
N PHE A 129 -6.77 4.26 9.33
CA PHE A 129 -6.33 2.99 8.77
C PHE A 129 -6.54 1.90 9.80
N ARG A 130 -6.09 2.16 11.02
CA ARG A 130 -6.26 1.24 12.13
C ARG A 130 -7.73 1.15 12.48
N LYS A 131 -8.43 2.28 12.34
CA LYS A 131 -9.86 2.35 12.63
C LYS A 131 -10.59 1.34 11.76
N LEU A 132 -10.17 1.27 10.49
CA LEU A 132 -10.74 0.31 9.55
C LEU A 132 -10.62 -1.09 10.14
N ALA A 133 -9.43 -1.39 10.64
CA ALA A 133 -9.17 -2.68 11.27
C ALA A 133 -9.98 -2.80 12.55
N GLY A 134 -10.13 -1.67 13.25
CA GLY A 134 -10.88 -1.65 14.49
C GLY A 134 -12.34 -1.98 14.29
N GLU A 135 -12.90 -1.53 13.17
CA GLU A 135 -14.31 -1.78 12.87
C GLU A 135 -14.64 -3.24 13.11
N ARG A 136 -13.88 -4.13 12.49
CA ARG A 136 -14.07 -5.56 12.65
C ARG A 136 -13.11 -6.10 13.69
N ASN A 137 -12.96 -5.35 14.78
CA ASN A 137 -12.08 -5.72 15.87
C ASN A 137 -10.63 -5.78 15.40
N TYR A 138 -9.73 -5.14 16.14
CA TYR A 138 -8.31 -5.14 15.79
C TYR A 138 -7.80 -6.58 15.69
N THR A 139 -7.90 -7.14 14.49
CA THR A 139 -7.49 -8.52 14.25
C THR A 139 -6.12 -8.63 13.58
N ASP A 140 -5.29 -9.52 14.11
CA ASP A 140 -3.98 -9.75 13.53
C ASP A 140 -4.16 -10.41 12.16
N GLU A 141 -5.33 -11.00 11.94
CA GLU A 141 -5.64 -11.66 10.68
C GLU A 141 -5.30 -10.76 9.49
N MET A 142 -5.25 -9.45 9.73
CA MET A 142 -4.93 -8.49 8.68
C MET A 142 -4.14 -7.33 9.27
N VAL A 143 -2.97 -7.66 9.82
CA VAL A 143 -2.10 -6.66 10.44
C VAL A 143 -0.65 -6.86 10.00
N ALA A 144 0.09 -5.75 9.88
CA ALA A 144 1.49 -5.81 9.49
C ALA A 144 2.17 -4.45 9.64
N MET A 145 3.31 -4.43 10.32
CA MET A 145 4.08 -3.21 10.52
C MET A 145 5.46 -3.35 9.90
N LEU A 146 5.69 -2.68 8.76
CA LEU A 146 6.97 -2.77 8.08
C LEU A 146 7.38 -4.25 7.93
N PRO A 147 6.42 -5.10 7.49
CA PRO A 147 6.61 -6.55 7.30
C PRO A 147 7.98 -6.91 6.72
N ARG A 148 8.01 -7.90 5.82
CA ARG A 148 9.26 -8.33 5.18
C ARG A 148 9.99 -9.35 6.06
N GLN A 149 10.89 -10.09 5.43
CA GLN A 149 11.69 -11.10 6.13
C GLN A 149 12.96 -11.38 5.34
N GLU A 150 14.01 -10.62 5.66
CA GLU A 150 15.31 -10.76 4.98
C GLU A 150 16.43 -10.30 5.91
N GLU A 151 17.46 -9.68 5.35
CA GLU A 151 18.58 -9.19 6.15
C GLU A 151 18.18 -7.94 6.95
N CYS A 152 17.18 -7.22 6.44
CA CYS A 152 16.70 -6.01 7.10
C CYS A 152 15.17 -5.98 7.10
N THR A 153 14.56 -6.64 8.08
CA THR A 153 13.10 -6.70 8.15
C THR A 153 12.61 -6.91 9.58
N VAL A 154 11.30 -6.74 9.76
CA VAL A 154 10.67 -6.91 11.06
C VAL A 154 10.72 -8.37 11.52
N ASP A 155 11.83 -8.75 12.12
CA ASP A 155 12.01 -10.10 12.62
C ASP A 155 10.95 -10.42 13.68
N GLU A 156 10.46 -11.65 13.68
CA GLU A 156 9.45 -12.06 14.64
C GLU A 156 9.58 -13.54 14.96
N VAL A 157 9.46 -13.89 16.24
CA VAL A 157 9.56 -15.28 16.67
C VAL A 157 10.96 -15.82 16.39
N MET A 1 -12.89 27.77 -13.45
CA MET A 1 -13.80 27.24 -12.39
C MET A 1 -13.02 26.51 -11.30
N THR A 2 -13.38 26.79 -10.06
CA THR A 2 -12.71 26.16 -8.92
C THR A 2 -12.87 24.64 -8.96
N VAL A 3 -11.78 23.93 -8.72
CA VAL A 3 -11.78 22.48 -8.73
C VAL A 3 -10.60 21.92 -7.94
N PRO A 4 -10.84 20.88 -7.12
CA PRO A 4 -9.78 20.25 -6.32
C PRO A 4 -8.61 19.77 -7.18
N ASP A 5 -8.89 19.52 -8.46
CA ASP A 5 -7.87 19.04 -9.39
C ASP A 5 -7.44 17.63 -9.04
N ARG A 6 -7.53 16.74 -10.02
CA ARG A 6 -7.15 15.34 -9.82
C ARG A 6 -5.64 15.23 -9.60
N SER A 7 -4.89 16.12 -10.23
CA SER A 7 -3.44 16.13 -10.12
C SER A 7 -2.99 16.14 -8.66
N GLU A 8 -3.82 16.74 -7.79
CA GLU A 8 -3.50 16.81 -6.36
C GLU A 8 -3.01 15.46 -5.84
N ILE A 9 -3.71 14.40 -6.25
CA ILE A 9 -3.35 13.05 -5.83
C ILE A 9 -2.01 12.64 -6.42
N ALA A 10 -1.69 13.18 -7.59
CA ALA A 10 -0.42 12.89 -8.25
C ALA A 10 0.73 13.41 -7.39
N GLY A 11 1.82 12.65 -7.30
CA GLY A 11 2.95 13.09 -6.51
C GLY A 11 3.79 11.94 -5.97
N LYS A 12 4.23 12.06 -4.72
CA LYS A 12 5.06 11.03 -4.08
C LYS A 12 4.34 10.34 -2.94
N TRP A 13 4.40 9.01 -2.93
CA TRP A 13 3.78 8.19 -1.88
C TRP A 13 4.85 7.55 -0.99
N TYR A 14 4.74 7.75 0.32
CA TYR A 14 5.70 7.17 1.25
C TYR A 14 5.04 6.05 2.06
N VAL A 15 5.27 4.81 1.65
CA VAL A 15 4.67 3.66 2.33
C VAL A 15 5.60 2.98 3.35
N VAL A 16 5.00 2.57 4.45
CA VAL A 16 5.70 1.90 5.53
C VAL A 16 4.72 1.12 6.42
N ALA A 17 3.52 1.67 6.59
CA ALA A 17 2.49 1.02 7.42
C ALA A 17 1.69 -0.03 6.62
N LEU A 18 1.63 -1.26 7.15
CA LEU A 18 0.89 -2.35 6.50
C LEU A 18 0.03 -3.10 7.53
N ALA A 19 -0.80 -4.04 7.08
CA ALA A 19 -1.65 -4.78 8.02
C ALA A 19 -2.38 -5.96 7.37
N SER A 20 -2.02 -7.18 7.82
CA SER A 20 -2.62 -8.43 7.33
C SER A 20 -1.54 -9.31 6.67
N ASN A 21 -1.89 -10.55 6.37
CA ASN A 21 -0.94 -11.48 5.76
C ASN A 21 -1.49 -12.14 4.50
N THR A 22 -0.60 -12.41 3.56
CA THR A 22 -0.96 -13.05 2.30
C THR A 22 -0.12 -14.29 2.07
N GLU A 23 -0.76 -15.40 1.70
CA GLU A 23 -0.05 -16.65 1.45
C GLU A 23 1.11 -16.41 0.48
N PHE A 24 0.96 -15.41 -0.38
CA PHE A 24 2.00 -15.07 -1.34
C PHE A 24 3.14 -14.29 -0.68
N PHE A 25 3.20 -14.31 0.65
CA PHE A 25 4.24 -13.61 1.37
C PHE A 25 5.62 -13.99 0.84
N LEU A 26 5.74 -15.21 0.35
CA LEU A 26 7.01 -15.69 -0.20
C LEU A 26 7.53 -14.73 -1.26
N ARG A 27 6.65 -14.30 -2.15
CA ARG A 27 7.01 -13.37 -3.21
C ARG A 27 7.42 -12.03 -2.60
N GLU A 28 6.71 -11.63 -1.56
CA GLU A 28 6.97 -10.38 -0.87
C GLU A 28 8.25 -10.46 -0.03
N LYS A 29 8.83 -11.65 0.06
CA LYS A 29 10.06 -11.85 0.83
C LYS A 29 11.23 -11.09 0.20
N ASP A 30 11.32 -11.16 -1.13
CA ASP A 30 12.40 -10.48 -1.85
C ASP A 30 12.31 -8.96 -1.68
N LYS A 31 11.11 -8.41 -1.86
CA LYS A 31 10.89 -6.96 -1.72
C LYS A 31 10.73 -6.56 -0.26
N MET A 32 11.64 -7.01 0.59
CA MET A 32 11.59 -6.71 2.02
C MET A 32 12.46 -5.51 2.41
N LYS A 33 11.94 -4.30 2.17
CA LYS A 33 12.67 -3.08 2.50
C LYS A 33 11.70 -1.94 2.79
N MET A 34 12.23 -0.76 3.14
CA MET A 34 11.38 0.40 3.39
C MET A 34 10.58 0.68 2.12
N ALA A 35 9.34 1.14 2.24
CA ALA A 35 8.55 1.35 1.05
C ALA A 35 8.41 2.82 0.64
N MET A 36 8.71 3.05 -0.63
CA MET A 36 8.60 4.37 -1.25
C MET A 36 7.74 4.22 -2.49
N ALA A 37 7.00 5.25 -2.89
CA ALA A 37 6.13 5.10 -4.05
C ALA A 37 5.91 6.40 -4.83
N ARG A 38 5.65 6.24 -6.12
CA ARG A 38 5.39 7.36 -7.02
C ARG A 38 4.03 7.18 -7.70
N ILE A 39 3.11 8.11 -7.44
CA ILE A 39 1.77 8.04 -8.02
C ILE A 39 1.67 8.85 -9.33
N SER A 40 1.02 8.26 -10.32
CA SER A 40 0.85 8.90 -11.62
C SER A 40 -0.29 8.24 -12.41
N PHE A 41 -1.15 9.06 -13.00
CA PHE A 41 -2.30 8.55 -13.76
C PHE A 41 -1.91 8.23 -15.22
N LEU A 42 -2.11 6.98 -15.63
CA LEU A 42 -1.79 6.57 -16.99
C LEU A 42 -2.96 6.85 -17.94
N GLY A 43 -2.68 7.58 -19.01
CA GLY A 43 -3.70 7.93 -19.99
C GLY A 43 -4.36 6.73 -20.66
N GLU A 44 -5.62 6.91 -21.06
CA GLU A 44 -6.44 5.90 -21.75
C GLU A 44 -7.50 5.32 -20.82
N ASP A 45 -7.07 4.60 -19.78
CA ASP A 45 -7.99 4.00 -18.83
C ASP A 45 -7.26 3.20 -17.76
N GLU A 46 -6.22 3.79 -17.17
CA GLU A 46 -5.48 3.08 -16.13
C GLU A 46 -4.63 4.01 -15.29
N LEU A 47 -4.58 3.72 -14.00
CA LEU A 47 -3.81 4.49 -13.06
C LEU A 47 -2.83 3.57 -12.34
N LYS A 48 -1.63 4.04 -12.08
CA LYS A 48 -0.63 3.19 -11.44
C LYS A 48 0.30 3.98 -10.54
N VAL A 49 0.87 3.27 -9.57
CA VAL A 49 1.82 3.85 -8.63
C VAL A 49 2.95 2.87 -8.38
N SER A 50 4.17 3.30 -8.69
CA SER A 50 5.34 2.45 -8.53
C SER A 50 5.91 2.59 -7.13
N TYR A 51 6.27 1.48 -6.50
CA TYR A 51 6.83 1.52 -5.16
C TYR A 51 8.26 1.02 -5.15
N ALA A 52 9.20 1.88 -4.77
CA ALA A 52 10.60 1.50 -4.68
C ALA A 52 10.98 1.20 -3.24
N VAL A 53 11.26 -0.07 -2.96
CA VAL A 53 11.64 -0.48 -1.61
C VAL A 53 13.14 -0.72 -1.47
N PRO A 54 13.87 0.23 -0.83
CA PRO A 54 15.31 0.18 -0.61
C PRO A 54 15.69 -0.13 0.84
N LYS A 55 16.81 -0.82 1.04
CA LYS A 55 17.30 -1.14 2.40
C LYS A 55 18.54 -2.04 2.32
N PRO A 56 19.66 -1.63 2.95
CA PRO A 56 20.90 -2.41 2.94
C PRO A 56 20.81 -3.65 3.84
N ASN A 57 21.94 -4.08 4.39
CA ASN A 57 21.97 -5.23 5.28
C ASN A 57 21.34 -6.46 4.63
N GLY A 58 21.71 -6.75 3.39
CA GLY A 58 21.17 -7.89 2.69
C GLY A 58 19.71 -7.74 2.32
N CYS A 59 19.34 -6.56 1.83
CA CYS A 59 17.96 -6.30 1.42
C CYS A 59 17.92 -5.70 0.02
N ARG A 60 18.83 -4.77 -0.26
CA ARG A 60 18.92 -4.13 -1.57
C ARG A 60 17.73 -3.18 -1.81
N LYS A 61 17.20 -3.17 -3.04
CA LYS A 61 16.08 -2.30 -3.38
C LYS A 61 15.20 -2.96 -4.45
N TRP A 62 13.90 -2.69 -4.42
CA TRP A 62 12.99 -3.27 -5.40
C TRP A 62 11.90 -2.29 -5.83
N GLU A 63 11.38 -2.49 -7.04
CA GLU A 63 10.32 -1.64 -7.56
C GLU A 63 9.19 -2.46 -8.17
N THR A 64 7.96 -1.97 -8.01
CA THR A 64 6.79 -2.66 -8.56
C THR A 64 5.74 -1.64 -9.00
N THR A 65 5.09 -1.93 -10.12
CA THR A 65 4.10 -1.01 -10.67
C THR A 65 2.68 -1.60 -10.63
N PHE A 66 1.83 -1.04 -9.78
CA PHE A 66 0.43 -1.49 -9.70
C PHE A 66 -0.38 -0.67 -10.70
N LYS A 67 -1.09 -1.33 -11.62
CA LYS A 67 -1.83 -0.59 -12.65
C LYS A 67 -3.08 -1.31 -13.18
N LYS A 68 -4.15 -0.52 -13.36
CA LYS A 68 -5.42 -1.01 -13.93
C LYS A 68 -6.54 0.02 -13.76
N THR A 69 -7.55 -0.26 -12.92
CA THR A 69 -8.66 0.68 -12.76
C THR A 69 -8.94 1.00 -11.28
N SER A 70 -9.71 2.07 -11.05
CA SER A 70 -10.06 2.51 -9.70
C SER A 70 -11.27 3.46 -9.74
N ASP A 71 -12.14 3.37 -8.72
CA ASP A 71 -13.32 4.23 -8.67
C ASP A 71 -12.94 5.70 -8.48
N ASP A 72 -13.74 6.60 -9.08
CA ASP A 72 -13.48 8.04 -9.02
C ASP A 72 -13.09 8.48 -7.61
N GLY A 73 -12.21 9.47 -7.54
CA GLY A 73 -11.75 9.96 -6.26
C GLY A 73 -11.02 8.90 -5.47
N GLU A 74 -11.32 8.81 -4.18
CA GLU A 74 -10.69 7.83 -3.30
C GLU A 74 -11.59 6.60 -3.13
N VAL A 75 -11.06 5.41 -3.46
CA VAL A 75 -11.84 4.17 -3.34
C VAL A 75 -10.94 2.92 -3.34
N TYR A 76 -10.90 2.19 -4.48
CA TYR A 76 -10.08 0.97 -4.59
C TYR A 76 -9.64 0.75 -6.02
N TYR A 77 -8.47 0.12 -6.21
CA TYR A 77 -7.97 -0.17 -7.55
C TYR A 77 -7.52 -1.62 -7.66
N SER A 78 -8.08 -2.32 -8.65
CA SER A 78 -7.75 -3.71 -8.89
C SER A 78 -6.82 -3.82 -10.08
N GLU A 79 -6.07 -4.91 -10.18
CA GLU A 79 -5.15 -5.08 -11.31
C GLU A 79 -4.90 -6.56 -11.64
N GLU A 80 -5.04 -6.88 -12.94
CA GLU A 80 -4.86 -8.24 -13.48
C GLU A 80 -5.73 -9.27 -12.77
N ALA A 81 -5.57 -9.39 -11.47
CA ALA A 81 -6.31 -10.32 -10.64
C ALA A 81 -5.61 -10.45 -9.30
N LYS A 82 -4.63 -11.35 -9.24
CA LYS A 82 -3.84 -11.57 -8.04
C LYS A 82 -3.52 -10.27 -7.31
N LYS A 83 -3.48 -9.14 -8.04
CA LYS A 83 -3.18 -7.86 -7.41
C LYS A 83 -4.40 -6.93 -7.40
N LYS A 84 -4.85 -6.59 -6.20
CA LYS A 84 -6.00 -5.72 -6.01
C LYS A 84 -5.86 -5.00 -4.67
N VAL A 85 -6.13 -3.70 -4.65
CA VAL A 85 -5.99 -2.94 -3.41
C VAL A 85 -7.06 -1.85 -3.29
N GLU A 86 -7.36 -1.45 -2.05
CA GLU A 86 -8.35 -0.41 -1.78
C GLU A 86 -7.70 0.87 -1.26
N VAL A 87 -7.79 1.95 -2.06
CA VAL A 87 -7.21 3.23 -1.68
C VAL A 87 -8.25 4.08 -0.95
N LEU A 88 -8.05 4.28 0.35
CA LEU A 88 -8.95 5.10 1.15
C LEU A 88 -8.17 6.09 2.02
N ASP A 89 -8.76 6.52 3.14
CA ASP A 89 -8.11 7.47 4.02
C ASP A 89 -8.01 8.86 3.34
N THR A 90 -6.80 9.34 3.09
CA THR A 90 -6.62 10.65 2.44
C THR A 90 -5.49 10.61 1.42
N ASP A 91 -5.81 10.26 0.19
CA ASP A 91 -4.81 10.19 -0.88
C ASP A 91 -4.74 11.52 -1.63
N TYR A 92 -4.97 12.63 -0.92
CA TYR A 92 -4.94 13.94 -1.54
C TYR A 92 -3.69 14.72 -1.14
N LYS A 93 -3.72 15.36 0.03
CA LYS A 93 -2.58 16.14 0.51
C LYS A 93 -2.34 15.99 2.00
N SER A 94 -1.92 14.79 2.40
CA SER A 94 -1.63 14.52 3.81
C SER A 94 -1.09 13.10 3.99
N TYR A 95 -1.99 12.12 4.00
CA TYR A 95 -1.60 10.72 4.16
C TYR A 95 -2.72 9.80 3.68
N ALA A 96 -2.34 8.76 2.92
CA ALA A 96 -3.32 7.82 2.38
C ALA A 96 -3.00 6.40 2.78
N VAL A 97 -4.04 5.57 2.83
CA VAL A 97 -3.87 4.18 3.20
C VAL A 97 -4.39 3.29 2.07
N ILE A 98 -3.67 2.22 1.77
CA ILE A 98 -4.05 1.33 0.69
C ILE A 98 -3.99 -0.14 1.11
N TYR A 99 -5.17 -0.74 1.26
CA TYR A 99 -5.28 -2.15 1.65
C TYR A 99 -5.13 -3.03 0.42
N ALA A 100 -4.20 -3.97 0.46
CA ALA A 100 -3.99 -4.85 -0.68
C ALA A 100 -4.57 -6.25 -0.45
N THR A 101 -5.31 -6.72 -1.46
CA THR A 101 -5.92 -8.05 -1.43
C THR A 101 -5.59 -8.78 -2.73
N ARG A 102 -5.12 -10.01 -2.61
CA ARG A 102 -4.75 -10.79 -3.79
C ARG A 102 -5.85 -11.76 -4.19
N VAL A 103 -6.04 -11.92 -5.50
CA VAL A 103 -7.06 -12.84 -6.03
C VAL A 103 -6.53 -13.61 -7.25
N LYS A 104 -6.59 -14.94 -7.15
CA LYS A 104 -6.10 -15.81 -8.22
C LYS A 104 -6.74 -17.20 -8.12
N ASP A 105 -7.18 -17.72 -9.27
CA ASP A 105 -7.82 -19.04 -9.31
C ASP A 105 -8.77 -19.25 -8.14
N GLY A 106 -9.44 -18.17 -7.73
CA GLY A 106 -10.37 -18.25 -6.62
C GLY A 106 -9.69 -18.36 -5.27
N ARG A 107 -8.73 -17.48 -5.01
CA ARG A 107 -8.01 -17.50 -3.74
C ARG A 107 -7.90 -16.07 -3.20
N THR A 108 -8.17 -15.88 -1.91
CA THR A 108 -8.11 -14.56 -1.31
C THR A 108 -6.93 -14.41 -0.35
N LEU A 109 -6.35 -13.21 -0.34
CA LEU A 109 -5.22 -12.88 0.53
C LEU A 109 -5.43 -11.50 1.13
N HIS A 110 -5.01 -11.30 2.37
CA HIS A 110 -5.21 -10.01 3.03
C HIS A 110 -3.89 -9.38 3.49
N MET A 111 -3.66 -8.14 3.05
CA MET A 111 -2.47 -7.40 3.41
C MET A 111 -2.69 -5.91 3.19
N MET A 112 -2.43 -5.10 4.22
CA MET A 112 -2.61 -3.66 4.12
C MET A 112 -1.34 -2.94 3.76
N ARG A 113 -1.50 -1.72 3.25
CA ARG A 113 -0.39 -0.88 2.86
C ARG A 113 -0.80 0.57 3.12
N LEU A 114 0.15 1.41 3.48
CA LEU A 114 -0.15 2.81 3.78
C LEU A 114 0.99 3.72 3.36
N TYR A 115 0.65 4.74 2.57
CA TYR A 115 1.65 5.69 2.08
C TYR A 115 1.27 7.12 2.47
N SER A 116 2.20 7.83 3.12
CA SER A 116 1.97 9.20 3.54
C SER A 116 2.47 10.19 2.50
N ARG A 117 1.70 11.24 2.26
CA ARG A 117 2.07 12.27 1.29
C ARG A 117 3.39 12.92 1.68
N SER A 118 3.54 13.16 2.98
CA SER A 118 4.74 13.79 3.51
C SER A 118 5.18 13.10 4.81
N PRO A 119 6.47 13.23 5.17
CA PRO A 119 7.02 12.62 6.39
C PRO A 119 6.11 12.77 7.60
N GLU A 120 5.31 13.84 7.61
CA GLU A 120 4.40 14.13 8.72
C GLU A 120 3.30 13.06 8.86
N VAL A 121 3.70 11.82 9.11
CA VAL A 121 2.73 10.73 9.27
C VAL A 121 2.02 10.84 10.61
N SER A 122 0.89 11.53 10.61
CA SER A 122 0.10 11.73 11.82
C SER A 122 -0.43 10.39 12.37
N PRO A 123 -0.58 10.29 13.70
CA PRO A 123 -1.08 9.08 14.35
C PRO A 123 -2.40 8.60 13.72
N ALA A 124 -3.19 9.55 13.23
CA ALA A 124 -4.47 9.22 12.62
C ALA A 124 -4.28 8.33 11.40
N ALA A 125 -3.44 8.77 10.48
CA ALA A 125 -3.17 8.02 9.26
C ALA A 125 -2.77 6.59 9.57
N THR A 126 -1.83 6.43 10.49
CA THR A 126 -1.35 5.11 10.86
C THR A 126 -2.34 4.38 11.78
N ALA A 127 -2.80 5.08 12.82
CA ALA A 127 -3.73 4.49 13.78
C ALA A 127 -5.10 4.23 13.16
N ILE A 128 -5.65 5.23 12.48
CA ILE A 128 -6.96 5.07 11.85
C ILE A 128 -6.94 3.93 10.84
N PHE A 129 -5.89 3.86 10.03
CA PHE A 129 -5.78 2.78 9.05
C PHE A 129 -5.84 1.45 9.79
N ARG A 130 -5.02 1.33 10.83
CA ARG A 130 -5.00 0.14 11.65
C ARG A 130 -6.35 0.00 12.35
N LYS A 131 -6.93 1.16 12.70
CA LYS A 131 -8.23 1.20 13.36
C LYS A 131 -9.26 0.50 12.48
N LEU A 132 -9.21 0.78 11.19
CA LEU A 132 -10.10 0.14 10.24
C LEU A 132 -10.00 -1.36 10.43
N ALA A 133 -8.77 -1.83 10.56
CA ALA A 133 -8.51 -3.24 10.81
C ALA A 133 -9.03 -3.60 12.19
N GLY A 134 -8.88 -2.66 13.12
CA GLY A 134 -9.34 -2.87 14.48
C GLY A 134 -10.85 -3.05 14.55
N GLU A 135 -11.57 -2.25 13.77
CA GLU A 135 -13.04 -2.33 13.73
C GLU A 135 -13.48 -3.79 13.71
N ARG A 136 -12.85 -4.57 12.85
CA ARG A 136 -13.13 -5.99 12.74
C ARG A 136 -12.24 -6.76 13.72
N ASN A 137 -12.22 -6.30 14.97
CA ASN A 137 -11.39 -6.92 16.01
C ASN A 137 -9.91 -6.73 15.68
N TYR A 138 -9.16 -6.16 16.62
CA TYR A 138 -7.73 -5.94 16.43
C TYR A 138 -7.01 -7.27 16.24
N THR A 139 -7.08 -7.79 15.02
CA THR A 139 -6.48 -9.08 14.69
C THR A 139 -5.11 -8.92 14.05
N ASP A 140 -4.16 -9.75 14.50
CA ASP A 140 -2.84 -9.73 13.91
C ASP A 140 -2.98 -10.07 12.43
N GLU A 141 -4.05 -10.79 12.11
CA GLU A 141 -4.34 -11.17 10.73
C GLU A 141 -4.49 -9.93 9.86
N MET A 142 -4.59 -8.76 10.50
CA MET A 142 -4.72 -7.49 9.80
C MET A 142 -3.85 -6.46 10.50
N VAL A 143 -2.60 -6.84 10.75
CA VAL A 143 -1.64 -5.97 11.40
C VAL A 143 -0.25 -6.16 10.78
N ALA A 144 0.47 -5.05 10.62
CA ALA A 144 1.82 -5.10 10.05
C ALA A 144 2.55 -3.77 10.21
N MET A 145 3.81 -3.84 10.64
CA MET A 145 4.63 -2.66 10.82
C MET A 145 5.99 -2.86 10.18
N LEU A 146 6.27 -2.12 9.12
CA LEU A 146 7.55 -2.25 8.43
C LEU A 146 7.71 -3.66 7.86
N PRO A 147 8.71 -3.88 6.98
CA PRO A 147 8.95 -5.18 6.35
C PRO A 147 8.66 -6.36 7.28
N ARG A 148 8.46 -7.55 6.71
CA ARG A 148 8.15 -8.74 7.52
C ARG A 148 8.80 -10.01 6.99
N GLN A 149 10.13 -10.10 7.10
CA GLN A 149 10.86 -11.28 6.65
C GLN A 149 11.88 -11.71 7.71
N GLU A 150 12.32 -12.96 7.63
CA GLU A 150 13.29 -13.49 8.59
C GLU A 150 14.67 -12.88 8.41
N GLU A 151 14.86 -12.12 7.32
CA GLU A 151 16.14 -11.47 7.05
C GLU A 151 16.16 -10.05 7.65
N CYS A 152 16.38 -9.04 6.80
CA CYS A 152 16.40 -7.66 7.25
C CYS A 152 15.01 -7.03 7.12
N THR A 153 14.29 -6.93 8.24
CA THR A 153 12.93 -6.35 8.23
C THR A 153 12.50 -5.88 9.62
N VAL A 154 11.19 -5.99 9.92
CA VAL A 154 10.65 -5.57 11.21
C VAL A 154 11.12 -6.48 12.35
N ASP A 155 11.24 -5.90 13.54
CA ASP A 155 11.65 -6.64 14.71
C ASP A 155 10.55 -7.60 15.18
N GLU A 156 10.12 -8.49 14.30
CA GLU A 156 9.07 -9.46 14.63
C GLU A 156 8.79 -10.38 13.45
N VAL A 157 8.70 -11.68 13.73
CA VAL A 157 8.43 -12.69 12.70
C VAL A 157 9.29 -12.45 11.46
N MET A 1 -3.03 26.30 -7.23
CA MET A 1 -3.41 25.64 -5.95
C MET A 1 -4.88 25.87 -5.63
N THR A 2 -5.31 27.11 -5.78
CA THR A 2 -6.70 27.47 -5.49
C THR A 2 -7.66 26.68 -6.38
N VAL A 3 -7.36 26.63 -7.67
CA VAL A 3 -8.19 25.90 -8.63
C VAL A 3 -7.95 24.40 -8.53
N PRO A 4 -9.03 23.59 -8.57
CA PRO A 4 -8.94 22.13 -8.48
C PRO A 4 -8.01 21.55 -9.55
N ASP A 5 -7.30 20.49 -9.19
CA ASP A 5 -6.38 19.84 -10.13
C ASP A 5 -6.13 18.38 -9.72
N ARG A 6 -6.36 17.47 -10.66
CA ARG A 6 -6.15 16.05 -10.42
C ARG A 6 -4.66 15.75 -10.19
N SER A 7 -3.82 16.51 -10.90
CA SER A 7 -2.38 16.34 -10.80
C SER A 7 -1.90 16.37 -9.35
N GLU A 8 -2.62 17.10 -8.50
CA GLU A 8 -2.27 17.20 -7.08
C GLU A 8 -1.98 15.81 -6.50
N ILE A 9 -2.83 14.85 -6.84
CA ILE A 9 -2.66 13.48 -6.38
C ILE A 9 -1.35 12.91 -6.88
N ALA A 10 -1.00 13.22 -8.12
CA ALA A 10 0.23 12.75 -8.72
C ALA A 10 1.43 13.24 -7.93
N GLY A 11 2.33 12.33 -7.56
CA GLY A 11 3.50 12.71 -6.81
C GLY A 11 4.20 11.54 -6.15
N LYS A 12 4.64 11.73 -4.91
CA LYS A 12 5.35 10.67 -4.18
C LYS A 12 4.54 10.20 -2.98
N TRP A 13 4.34 8.89 -2.92
CA TRP A 13 3.62 8.26 -1.82
C TRP A 13 4.57 7.37 -1.02
N TYR A 14 4.58 7.52 0.30
CA TYR A 14 5.48 6.73 1.14
C TYR A 14 4.76 5.57 1.84
N VAL A 15 5.06 4.34 1.43
CA VAL A 15 4.46 3.17 2.05
C VAL A 15 5.20 2.80 3.34
N VAL A 16 4.50 2.80 4.46
CA VAL A 16 5.13 2.48 5.74
C VAL A 16 4.23 1.62 6.63
N ALA A 17 2.93 1.88 6.61
CA ALA A 17 1.99 1.11 7.42
C ALA A 17 1.37 -0.01 6.58
N LEU A 18 1.56 -1.25 7.00
CA LEU A 18 1.01 -2.40 6.27
C LEU A 18 0.44 -3.41 7.25
N ALA A 19 -0.34 -4.36 6.77
CA ALA A 19 -0.91 -5.34 7.70
C ALA A 19 -1.60 -6.50 6.99
N SER A 20 -1.03 -7.69 7.18
CA SER A 20 -1.55 -8.93 6.59
C SER A 20 -0.65 -9.40 5.44
N ASN A 21 -0.75 -10.68 5.12
CA ASN A 21 0.04 -11.29 4.07
C ASN A 21 -0.67 -12.53 3.51
N THR A 22 0.05 -13.65 3.40
CA THR A 22 -0.55 -14.88 2.90
C THR A 22 0.47 -16.02 2.91
N GLU A 23 1.70 -15.71 2.53
CA GLU A 23 2.77 -16.69 2.51
C GLU A 23 4.12 -16.03 2.64
N PHE A 24 4.87 -16.43 3.66
CA PHE A 24 6.20 -15.86 3.93
C PHE A 24 7.27 -16.58 3.12
N PHE A 25 7.04 -17.84 2.80
CA PHE A 25 8.02 -18.65 2.06
C PHE A 25 8.63 -17.88 0.89
N LEU A 26 7.80 -17.23 0.07
CA LEU A 26 8.29 -16.48 -1.07
C LEU A 26 8.51 -15.01 -0.73
N ARG A 27 7.56 -14.42 -0.02
CA ARG A 27 7.63 -13.01 0.36
C ARG A 27 8.82 -12.72 1.30
N GLU A 28 9.17 -13.70 2.12
CA GLU A 28 10.27 -13.54 3.08
C GLU A 28 11.51 -12.91 2.44
N LYS A 29 11.93 -13.42 1.29
CA LYS A 29 13.11 -12.88 0.63
C LYS A 29 12.77 -11.69 -0.26
N ASP A 30 11.59 -11.71 -0.87
CA ASP A 30 11.16 -10.64 -1.76
C ASP A 30 10.72 -9.37 -1.02
N LYS A 31 9.65 -9.47 -0.24
CA LYS A 31 9.10 -8.31 0.48
C LYS A 31 9.95 -7.95 1.72
N MET A 32 9.30 -7.74 2.88
CA MET A 32 9.99 -7.36 4.12
C MET A 32 11.04 -6.29 3.87
N LYS A 33 10.59 -5.04 3.83
CA LYS A 33 11.49 -3.91 3.58
C LYS A 33 10.72 -2.59 3.53
N MET A 34 11.43 -1.46 3.66
CA MET A 34 10.80 -0.15 3.61
C MET A 34 10.10 0.01 2.26
N ALA A 35 8.99 0.73 2.21
CA ALA A 35 8.26 0.86 0.96
C ALA A 35 8.03 2.32 0.55
N MET A 36 8.42 2.62 -0.68
CA MET A 36 8.25 3.95 -1.26
C MET A 36 7.25 3.83 -2.41
N ALA A 37 6.70 4.96 -2.88
CA ALA A 37 5.71 4.90 -3.96
C ALA A 37 5.59 6.19 -4.76
N ARG A 38 5.19 6.03 -6.03
CA ARG A 38 5.01 7.16 -6.95
C ARG A 38 3.71 6.98 -7.75
N ILE A 39 2.72 7.82 -7.50
CA ILE A 39 1.45 7.72 -8.21
C ILE A 39 1.45 8.55 -9.50
N SER A 40 0.86 7.97 -10.55
CA SER A 40 0.77 8.62 -11.86
C SER A 40 -0.35 7.97 -12.67
N PHE A 41 -1.24 8.79 -13.22
CA PHE A 41 -2.37 8.30 -14.00
C PHE A 41 -2.00 8.07 -15.47
N LEU A 42 -2.21 6.84 -15.95
CA LEU A 42 -1.92 6.52 -17.34
C LEU A 42 -2.99 7.14 -18.25
N GLY A 43 -2.54 8.11 -19.05
CA GLY A 43 -3.43 8.84 -19.96
C GLY A 43 -4.13 7.97 -20.99
N GLU A 44 -5.00 7.09 -20.52
CA GLU A 44 -5.76 6.21 -21.40
C GLU A 44 -6.99 5.69 -20.66
N ASP A 45 -6.74 4.80 -19.72
CA ASP A 45 -7.77 4.21 -18.89
C ASP A 45 -7.12 3.43 -17.77
N GLU A 46 -6.04 3.98 -17.22
CA GLU A 46 -5.33 3.30 -16.14
C GLU A 46 -4.59 4.27 -15.23
N LEU A 47 -4.38 3.82 -14.00
CA LEU A 47 -3.67 4.58 -12.98
C LEU A 47 -2.71 3.64 -12.25
N LYS A 48 -1.47 4.05 -12.10
CA LYS A 48 -0.48 3.19 -11.46
C LYS A 48 0.40 3.93 -10.46
N VAL A 49 0.93 3.20 -9.49
CA VAL A 49 1.82 3.75 -8.48
C VAL A 49 3.10 2.93 -8.42
N SER A 50 4.23 3.56 -8.75
CA SER A 50 5.50 2.86 -8.74
C SER A 50 6.10 2.87 -7.34
N TYR A 51 6.08 1.71 -6.68
CA TYR A 51 6.63 1.62 -5.33
C TYR A 51 7.97 0.89 -5.32
N ALA A 52 8.99 1.58 -4.80
CA ALA A 52 10.32 1.02 -4.71
C ALA A 52 10.67 0.70 -3.26
N VAL A 53 10.75 -0.59 -2.94
CA VAL A 53 11.05 -1.02 -1.60
C VAL A 53 12.54 -1.28 -1.40
N PRO A 54 13.23 -0.43 -0.62
CA PRO A 54 14.66 -0.55 -0.34
C PRO A 54 14.95 -1.27 0.97
N LYS A 55 16.08 -2.00 0.98
CA LYS A 55 16.56 -2.74 2.14
C LYS A 55 17.80 -3.56 1.77
N PRO A 56 18.97 -2.90 1.64
CA PRO A 56 20.23 -3.56 1.28
C PRO A 56 20.53 -4.77 2.15
N ASN A 57 21.78 -5.20 2.15
CA ASN A 57 22.20 -6.35 2.94
C ASN A 57 21.49 -7.61 2.44
N GLY A 58 21.61 -7.88 1.14
CA GLY A 58 20.98 -9.05 0.55
C GLY A 58 19.55 -8.77 0.13
N CYS A 59 18.75 -8.19 1.04
CA CYS A 59 17.36 -7.89 0.75
C CYS A 59 17.25 -6.86 -0.38
N ARG A 60 18.27 -6.01 -0.52
CA ARG A 60 18.33 -4.99 -1.56
C ARG A 60 17.00 -4.22 -1.71
N LYS A 61 16.82 -3.57 -2.87
CA LYS A 61 15.62 -2.80 -3.15
C LYS A 61 14.82 -3.42 -4.28
N TRP A 62 13.49 -3.25 -4.26
CA TRP A 62 12.65 -3.81 -5.33
C TRP A 62 11.62 -2.80 -5.80
N GLU A 63 11.47 -2.70 -7.12
CA GLU A 63 10.52 -1.78 -7.73
C GLU A 63 9.42 -2.54 -8.47
N THR A 64 8.20 -2.04 -8.40
CA THR A 64 7.07 -2.68 -9.06
C THR A 64 5.94 -1.68 -9.34
N THR A 65 5.41 -1.74 -10.56
CA THR A 65 4.33 -0.85 -10.97
C THR A 65 2.95 -1.45 -10.68
N PHE A 66 2.15 -0.73 -9.91
CA PHE A 66 0.80 -1.18 -9.55
C PHE A 66 -0.23 -0.49 -10.44
N LYS A 67 -0.37 -0.95 -11.68
CA LYS A 67 -1.31 -0.33 -12.62
C LYS A 67 -2.59 -1.13 -12.79
N LYS A 68 -3.72 -0.45 -12.61
CA LYS A 68 -5.06 -1.05 -12.77
C LYS A 68 -6.10 0.07 -12.91
N THR A 69 -7.27 -0.07 -12.29
CA THR A 69 -8.31 0.97 -12.38
C THR A 69 -8.58 1.62 -11.03
N SER A 70 -8.93 2.91 -11.04
CA SER A 70 -9.20 3.65 -9.80
C SER A 70 -10.41 4.57 -9.93
N ASP A 71 -11.22 4.61 -8.87
CA ASP A 71 -12.43 5.45 -8.85
C ASP A 71 -12.10 6.88 -8.40
N ASP A 72 -12.99 7.83 -8.73
CA ASP A 72 -12.80 9.23 -8.36
C ASP A 72 -13.12 9.47 -6.88
N GLY A 73 -13.21 10.75 -6.49
CA GLY A 73 -13.48 11.08 -5.10
C GLY A 73 -12.36 10.60 -4.19
N GLU A 74 -12.28 9.29 -4.02
CA GLU A 74 -11.25 8.65 -3.23
C GLU A 74 -10.46 7.73 -4.16
N VAL A 75 -10.07 6.53 -3.72
CA VAL A 75 -9.34 5.65 -4.62
C VAL A 75 -9.63 4.17 -4.34
N TYR A 76 -10.38 3.55 -5.25
CA TYR A 76 -10.71 2.14 -5.17
C TYR A 76 -10.00 1.42 -6.31
N TYR A 77 -9.23 0.40 -5.98
CA TYR A 77 -8.45 -0.31 -6.99
C TYR A 77 -9.05 -1.67 -7.35
N SER A 78 -9.54 -1.78 -8.57
CA SER A 78 -10.08 -3.04 -9.07
C SER A 78 -9.03 -3.67 -10.00
N GLU A 79 -8.74 -4.95 -9.78
CA GLU A 79 -7.72 -5.62 -10.57
C GLU A 79 -8.05 -7.09 -10.81
N GLU A 80 -9.29 -7.34 -11.21
CA GLU A 80 -9.78 -8.70 -11.49
C GLU A 80 -9.27 -9.74 -10.49
N ALA A 81 -10.22 -10.40 -9.82
CA ALA A 81 -9.94 -11.46 -8.83
C ALA A 81 -8.50 -11.38 -8.27
N LYS A 82 -7.57 -12.07 -8.94
CA LYS A 82 -6.16 -12.13 -8.53
C LYS A 82 -5.70 -10.89 -7.78
N LYS A 83 -6.16 -9.72 -8.21
CA LYS A 83 -5.74 -8.48 -7.55
C LYS A 83 -6.93 -7.54 -7.30
N LYS A 84 -6.96 -6.97 -6.12
CA LYS A 84 -8.01 -6.03 -5.71
C LYS A 84 -7.60 -5.31 -4.44
N VAL A 85 -7.64 -3.98 -4.48
CA VAL A 85 -7.24 -3.19 -3.31
C VAL A 85 -8.05 -1.89 -3.21
N GLU A 86 -8.43 -1.52 -1.99
CA GLU A 86 -9.21 -0.30 -1.77
C GLU A 86 -8.38 0.78 -1.08
N VAL A 87 -8.09 1.87 -1.79
CA VAL A 87 -7.31 2.96 -1.21
C VAL A 87 -8.22 3.93 -0.45
N LEU A 88 -8.17 3.82 0.88
CA LEU A 88 -8.98 4.65 1.76
C LEU A 88 -8.16 5.80 2.36
N ASP A 89 -8.58 6.28 3.53
CA ASP A 89 -7.88 7.37 4.21
C ASP A 89 -7.85 8.62 3.30
N THR A 90 -6.68 9.26 3.19
CA THR A 90 -6.57 10.45 2.34
C THR A 90 -5.57 10.22 1.22
N ASP A 91 -6.08 10.16 -0.01
CA ASP A 91 -5.22 9.95 -1.17
C ASP A 91 -4.84 11.28 -1.81
N TYR A 92 -4.82 12.34 -1.00
CA TYR A 92 -4.46 13.66 -1.47
C TYR A 92 -3.12 14.11 -0.86
N LYS A 93 -3.14 15.09 0.05
CA LYS A 93 -1.90 15.58 0.66
C LYS A 93 -1.95 15.43 2.19
N SER A 94 -1.44 14.31 2.70
CA SER A 94 -1.41 14.05 4.14
C SER A 94 -0.99 12.61 4.43
N TYR A 95 -1.95 11.68 4.33
CA TYR A 95 -1.67 10.26 4.57
C TYR A 95 -2.79 9.39 3.98
N ALA A 96 -2.39 8.33 3.28
CA ALA A 96 -3.36 7.44 2.65
C ALA A 96 -3.16 5.99 3.06
N VAL A 97 -4.25 5.23 3.08
CA VAL A 97 -4.19 3.82 3.44
C VAL A 97 -4.82 2.97 2.35
N ILE A 98 -4.12 1.92 1.94
CA ILE A 98 -4.60 1.04 0.88
C ILE A 98 -4.44 -0.43 1.27
N TYR A 99 -5.58 -1.11 1.42
CA TYR A 99 -5.59 -2.53 1.77
C TYR A 99 -5.62 -3.38 0.51
N ALA A 100 -4.58 -4.16 0.31
CA ALA A 100 -4.49 -5.01 -0.87
C ALA A 100 -4.88 -6.45 -0.56
N THR A 101 -5.59 -7.07 -1.51
CA THR A 101 -6.02 -8.45 -1.35
C THR A 101 -6.11 -9.15 -2.71
N ARG A 102 -5.45 -10.29 -2.82
CA ARG A 102 -5.46 -11.06 -4.05
C ARG A 102 -6.49 -12.17 -3.97
N VAL A 103 -7.12 -12.49 -5.10
CA VAL A 103 -8.14 -13.53 -5.11
C VAL A 103 -8.05 -14.41 -6.35
N LYS A 104 -8.08 -15.72 -6.13
CA LYS A 104 -8.01 -16.68 -7.21
C LYS A 104 -8.79 -17.93 -6.80
N ASP A 105 -9.35 -18.63 -7.78
CA ASP A 105 -10.12 -19.84 -7.51
C ASP A 105 -9.25 -20.92 -6.88
N GLY A 106 -8.77 -20.66 -5.66
CA GLY A 106 -7.93 -21.63 -4.98
C GLY A 106 -7.17 -21.05 -3.80
N ARG A 107 -6.77 -19.78 -3.88
CA ARG A 107 -6.01 -19.15 -2.80
C ARG A 107 -6.42 -17.71 -2.57
N THR A 108 -6.45 -17.33 -1.28
CA THR A 108 -6.83 -15.96 -0.89
C THR A 108 -5.66 -15.27 -0.20
N LEU A 109 -5.53 -13.95 -0.41
CA LEU A 109 -4.44 -13.19 0.20
C LEU A 109 -4.93 -11.87 0.77
N HIS A 110 -4.52 -11.61 2.02
CA HIS A 110 -4.89 -10.37 2.68
C HIS A 110 -3.63 -9.58 3.06
N MET A 111 -3.59 -8.31 2.65
CA MET A 111 -2.43 -7.47 2.94
C MET A 111 -2.82 -5.99 2.98
N MET A 112 -2.39 -5.32 4.04
CA MET A 112 -2.66 -3.90 4.19
C MET A 112 -1.46 -3.08 3.78
N ARG A 113 -1.73 -1.90 3.23
CA ARG A 113 -0.67 -1.01 2.78
C ARG A 113 -1.09 0.43 3.08
N LEU A 114 -0.12 1.28 3.42
CA LEU A 114 -0.43 2.67 3.75
C LEU A 114 0.62 3.61 3.17
N TYR A 115 0.16 4.54 2.34
CA TYR A 115 1.06 5.51 1.71
C TYR A 115 0.93 6.89 2.36
N SER A 116 1.98 7.31 3.06
CA SER A 116 1.98 8.62 3.71
C SER A 116 2.60 9.67 2.79
N ARG A 117 1.95 10.83 2.70
CA ARG A 117 2.45 11.91 1.86
C ARG A 117 3.51 12.71 2.58
N SER A 118 3.28 12.96 3.87
CA SER A 118 4.21 13.72 4.68
C SER A 118 4.55 12.98 5.97
N PRO A 119 5.80 13.07 6.45
CA PRO A 119 6.25 12.39 7.67
C PRO A 119 5.25 12.54 8.81
N GLU A 120 4.53 13.66 8.83
CA GLU A 120 3.54 13.94 9.87
C GLU A 120 2.37 12.96 9.83
N VAL A 121 2.65 11.68 10.08
CA VAL A 121 1.60 10.67 10.08
C VAL A 121 0.73 10.80 11.34
N SER A 122 -0.39 11.49 11.21
CA SER A 122 -1.31 11.71 12.32
C SER A 122 -1.87 10.40 12.84
N PRO A 123 -2.17 10.33 14.16
CA PRO A 123 -2.73 9.12 14.78
C PRO A 123 -3.94 8.61 14.02
N ALA A 124 -4.69 9.54 13.42
CA ALA A 124 -5.88 9.17 12.66
C ALA A 124 -5.53 8.28 11.48
N ALA A 125 -4.56 8.71 10.68
CA ALA A 125 -4.14 7.94 9.52
C ALA A 125 -3.81 6.51 9.90
N THR A 126 -2.96 6.36 10.91
CA THR A 126 -2.56 5.04 11.37
C THR A 126 -3.68 4.33 12.15
N ALA A 127 -4.28 5.05 13.11
CA ALA A 127 -5.35 4.49 13.92
C ALA A 127 -6.62 4.23 13.12
N ILE A 128 -7.06 5.22 12.36
CA ILE A 128 -8.27 5.08 11.55
C ILE A 128 -8.16 3.90 10.60
N PHE A 129 -7.03 3.78 9.91
CA PHE A 129 -6.83 2.67 8.98
C PHE A 129 -7.10 1.36 9.72
N ARG A 130 -6.53 1.26 10.91
CA ARG A 130 -6.72 0.10 11.77
C ARG A 130 -8.15 0.11 12.31
N LYS A 131 -8.66 1.31 12.57
CA LYS A 131 -10.02 1.48 13.09
C LYS A 131 -11.01 0.90 12.10
N LEU A 132 -10.80 1.18 10.82
CA LEU A 132 -11.65 0.66 9.77
C LEU A 132 -11.64 -0.86 9.84
N ALA A 133 -10.46 -1.42 10.10
CA ALA A 133 -10.31 -2.85 10.23
C ALA A 133 -11.11 -3.37 11.43
N GLY A 134 -11.07 -2.62 12.53
CA GLY A 134 -11.78 -3.01 13.72
C GLY A 134 -13.28 -3.08 13.49
N GLU A 135 -13.85 -2.04 12.88
CA GLU A 135 -15.28 -2.00 12.62
C GLU A 135 -15.73 -3.25 11.87
N ARG A 136 -14.98 -3.64 10.84
CA ARG A 136 -15.30 -4.83 10.07
C ARG A 136 -14.85 -6.09 10.80
N ASN A 137 -13.59 -6.09 11.25
CA ASN A 137 -13.01 -7.22 11.97
C ASN A 137 -11.51 -7.01 12.14
N TYR A 138 -11.02 -7.20 13.36
CA TYR A 138 -9.59 -7.01 13.62
C TYR A 138 -8.74 -7.93 12.74
N THR A 139 -7.71 -7.37 12.11
CA THR A 139 -6.84 -8.15 11.22
C THR A 139 -5.89 -9.08 11.98
N ASP A 140 -6.44 -9.86 12.92
CA ASP A 140 -5.61 -10.79 13.68
C ASP A 140 -4.83 -11.71 12.74
N GLU A 141 -5.42 -12.01 11.59
CA GLU A 141 -4.80 -12.88 10.59
C GLU A 141 -3.31 -12.59 10.43
N MET A 142 -3.00 -11.38 10.00
CA MET A 142 -1.62 -10.97 9.79
C MET A 142 -1.53 -9.44 9.78
N VAL A 143 -0.47 -8.93 10.37
CA VAL A 143 -0.25 -7.49 10.46
C VAL A 143 1.09 -7.10 9.84
N ALA A 144 1.44 -5.81 9.87
CA ALA A 144 2.69 -5.33 9.31
C ALA A 144 2.95 -3.89 9.77
N MET A 145 4.17 -3.62 10.22
CA MET A 145 4.51 -2.28 10.68
C MET A 145 5.90 -1.86 10.23
N LEU A 146 5.99 -0.61 9.76
CA LEU A 146 7.25 -0.02 9.30
C LEU A 146 8.47 -0.83 9.75
N PRO A 147 9.41 -1.09 8.83
CA PRO A 147 10.63 -1.86 9.13
C PRO A 147 11.39 -1.32 10.34
N ARG A 148 11.70 -2.22 11.29
CA ARG A 148 12.42 -1.84 12.49
C ARG A 148 13.94 -1.98 12.30
N GLN A 149 14.39 -1.92 11.05
CA GLN A 149 15.81 -2.05 10.75
C GLN A 149 16.14 -1.49 9.37
N GLU A 150 17.39 -1.11 9.19
CA GLU A 150 17.84 -0.56 7.92
C GLU A 150 18.53 -1.63 7.07
N GLU A 151 17.79 -2.71 6.82
CA GLU A 151 18.26 -3.83 6.03
C GLU A 151 17.16 -4.91 5.96
N CYS A 152 17.47 -6.17 6.26
CA CYS A 152 16.44 -7.21 6.23
C CYS A 152 15.56 -7.13 7.47
N THR A 153 14.58 -6.23 7.41
CA THR A 153 13.67 -5.99 8.53
C THR A 153 12.72 -7.18 8.79
N VAL A 154 11.49 -6.86 9.25
CA VAL A 154 10.49 -7.88 9.54
C VAL A 154 10.31 -8.85 8.39
N ASP A 155 11.08 -9.94 8.42
CA ASP A 155 10.99 -10.96 7.39
C ASP A 155 9.69 -11.75 7.51
N GLU A 156 8.56 -11.07 7.31
CA GLU A 156 7.27 -11.71 7.40
C GLU A 156 6.18 -10.81 6.84
N VAL A 157 6.45 -10.21 5.69
CA VAL A 157 5.49 -9.33 5.04
C VAL A 157 6.03 -8.82 3.70
#